data_9FAK
#
_entry.id   9FAK
#
_cell.length_a   1.00
_cell.length_b   1.00
_cell.length_c   1.00
_cell.angle_alpha   90.00
_cell.angle_beta   90.00
_cell.angle_gamma   90.00
#
_symmetry.space_group_name_H-M   'P 1'
#
loop_
_entity.id
_entity.type
_entity.pdbx_description
1 polymer 'Gamma-aminobutyric acid receptor subunit alpha-1'
2 polymer 'Gamma-aminobutyric acid receptor subunit beta-3'
3 polymer 'Isoform 2 of Gamma-aminobutyric acid receptor subunit gamma-2'
4 polymer Neuroligin-2
5 polymer 'LHFPL tetraspan subfamily member 4 protein'
6 polymer Megabody38
7 branched alpha-D-mannopyranose-(1-2)-alpha-D-mannopyranose-(1-2)-alpha-D-mannopyranose-(1-3)-[alpha-D-mannopyranose-(1-2)-alpha-D-mannopyranose-(1-6)-[alpha-D-mannopyranose-(1-3)]alpha-D-mannopyranose-(1-6)]beta-D-mannopyranose-(1-4)-2-acetamido-2-deoxy-beta-D-glucopyranose-(1-4)-2-acetamido-2-deoxy-beta-D-glucopyranose
8 branched beta-D-mannopyranose-(1-4)-2-acetamido-2-deoxy-beta-D-glucopyranose-(1-4)-2-acetamido-2-deoxy-beta-D-glucopyranose
9 branched alpha-D-mannopyranose-(1-3)-alpha-D-mannopyranose-(1-6)-[alpha-D-mannopyranose-(1-3)]beta-D-mannopyranose-(1-4)-2-acetamido-2-deoxy-beta-D-glucopyranose-(1-4)-2-acetamido-2-deoxy-beta-D-glucopyranose
10 branched 2-acetamido-2-deoxy-beta-D-glucopyranose-(1-4)-2-acetamido-2-deoxy-beta-D-glucopyranose
11 branched alpha-D-mannopyranose-(1-2)-alpha-D-mannopyranose-(1-3)-[alpha-D-mannopyranose-(1-6)-alpha-D-mannopyranose-(1-6)]beta-D-mannopyranose-(1-4)-2-acetamido-2-deoxy-beta-D-glucopyranose-(1-4)-2-acetamido-2-deoxy-beta-D-glucopyranose
12 non-polymer HEXANE
13 non-polymer '[(2R)-2-octanoyloxy-3-[oxidanyl-[(1R,2R,3S,4R,5R,6S)-2,3,6-tris(oxidanyl)-4,5-diphosphonooxy-cyclohexyl]oxy-phosphoryl]oxy-propyl] octanoate'
14 non-polymer '(1R)-2-{[(S)-{[(2S)-2,3-dihydroxypropyl]oxy}(hydroxy)phosphoryl]oxy}-1-[(hexadecanoyloxy)methyl]ethyl (9Z)-octadec-9-enoate'
15 non-polymer 1,2-DILAUROYL-SN-GLYCERO-3-PHOSPHATE
16 non-polymer DECANE
17 non-polymer 'PALMITIC ACID'
18 non-polymer 'CHLORIDE ION'
19 non-polymer 'GAMMA-AMINO-BUTANOIC ACID'
20 non-polymer HEXADECANE
21 non-polymer '(2R)-2,3-dihydroxypropyl (9Z)-octadec-9-enoate'
22 non-polymer CHOLESTEROL
23 water water
#
loop_
_entity_poly.entity_id
_entity_poly.type
_entity_poly.pdbx_seq_one_letter_code
_entity_poly.pdbx_strand_id
1 'polypeptide(L)'
;DNTTVFTRILDRLLDGYDNRLRPGLGERVTEVKTDIFVTSFGPVSDHDMEYTIDVFFRQSWKDERLKFKGPMTVLRLNNL
MASKIWTPDTFFHNGKKSVAHNMTMPNKLLRITEDGTLLYTMRLTVRAECPMHLEDFPMDAHACPLKFGSYAYTRAEVVY
EWTREPARSVVVAEDGSRLNQYDLLGQTVDSGIVQSSTGEYVVMTTHFHLKRKIGYFVIQTYLPCIMTVILSQVSFWLNR
ESVPARTVFGVTTVLTMTTLSISARNSLPKVAYATAMDWFIAVCYAFVFSALIEFATVNYFTKRGYAWDGKSVVPEKPKK
VKDPLIKKNNTYAPTATSYTPNLARGDPGLATIAKSATIEPKEVKPETKPPEPKKTFNSVSKIDRLSRIAFPLLFGIFNL
VYWATYLNREPQL
;
A,D
2 'polypeptide(L)'
;GNMSFVKETVDKLLKGYDIRLRPDFGGPPVCVGMNIDIASIDMVSEVNMDYTLTMYFQQYWRDKRLAYSGIPLNLTLDNR
VADQLWVPDTYFLNDKKSFVHGVTVKNRMIRLHPDGTVLYGLRITTTAACMMDLRRYPLDEQNCTLEIESYGYTTDDIEF
YWRGGDKAVTGVERIELPQFSIVEHRLVSRNVVFATGAYPRLSLSFRLKRNIGYFILQTYMPSILITILSWVSFWINYDA
SAARVALGITTVLTMTTINTHLRETLPKIPYVKAIDMYLMGCFVFVFLALLEYAFVNYIFFGRGPQRQKKLAEKTAKAKN
DRSKSESNRVDAHGNILLTSLEVHNEMNEVSGGIGDTRNSAISFDNSGIQYRKQSMPREGHGRFLGDRSLPHKKTHLRRR
SSQLKIKIPDLTDVNAIDRWSRIVFPFTFSLFNLVYWLYYV
;
B,E
3 'polypeptide(L)'
;GDVTVILNNLLEGYDNKLRPDIGVKPTLIHTDMYVNSIGPVNAINMEYTIDIFFAQTWYDRRLKFNSTIKVLRLNSNMVG
KIWIPDTFFRNSKKADAHWITTPNRMLRIWNDGRVLYTLRLTIDAECQLQLHNFPMDEHSCPLEFSSYGYPREEIVYQWK
RSSVEVGDTRSWRLYQFSFVGLRNTTEVVKTTSGDYVVMSVYFDLSRRMGYFTIQTYIPCTLIVVLSWVSFWINKDAVPA
RTSLGITTVLTMTTLSTIARKSLPKVSYVTAMDLFVSVCFIFVFSALVEYGTLHYFVSNRKPSKDKDKKKKNPAPTIDIR
PRSATIQMNNATHLQERDEEYGYECLDGKDCASFF(P1L)(P1L)FED(P1L)RTGAWRHGRIHIRIAKMDSYARIFFPT
AFCLFNLVYWVSYLYLG
;
C
4 'polypeptide(L)' DSRDYSTELSVTVAVGASLLFLNILAFAALYYK H
5 'polypeptide(L)'
;YHEHYMRNSRAIGVLWAIFTICFAIINVVVFIQPYWVGDSVSTPKPGYFGLFHYCVGSGLAGRELTCRGSFTDFSTIPSS
AFKAAAFFVLLSMVLILGCITCFSLFFFCNTATVYKICAWMQLLAALCLVLGCMIFPDGWDAETIRDMCGAKTGKYSLGD
CSVRWAYILAIIGILNALILSFLAFVLGNRQTD
;
L
6 'polypeptide(L)'
;QVQLQESGGGLVQTKTTTSVIDTTNDAQNLLTQAQTIVNTLKDYCPILIAKSSSSNGGTNNANTPSWQTAGGGKNSCATF
GAEFSAASDMINNAQKIVQETQQLSANQPKNITQPHNLNLNSPSSLTALAQKMLKNAQSQAEILKLANQVESDFNKLSSG
HLKDYIGKCDASAISSANMTMQNQKNNWGNGCAGVEETQSLLKTSAADFNNQTPQINQAQNLANTLIQELGNNPFRASGG
GSGGGGSGKLSDTYEQLSRLLTNDNGTNSKTSAQAINQAVNNLNERAKTLAGGTTNSPAYQATLLALRSVLGLWNSMGYA
VICGGYTKSPGENNQKDFHYTDENGNGTTINCGGSTNSNGTHSYNGTNTLKADKNVSLSIEQYEKIHEAYQILSKALKQA
GLAPLNSKGEKLEAHVTTSKYGSLRVSCAASGRTFTTYIMAWFRQAPGKEREFLAAMDQGRIQYYGDSVRGRFTISRDYA
KNSVDLQLDGLRPEDTAVYYCAAGAGFWGLRTASSYHYWGQGTQVTVSSHHHHHHEPEA
;
G,P
#
loop_
_chem_comp.id
_chem_comp.type
_chem_comp.name
_chem_comp.formula
ABU non-polymer 'GAMMA-AMINO-BUTANOIC ACID' 'C4 H9 N O2'
BMA D-saccharide, beta linking beta-D-mannopyranose 'C6 H12 O6'
CL non-polymer 'CHLORIDE ION' 'Cl -1'
CLR non-polymer CHOLESTEROL 'C27 H46 O'
D10 non-polymer DECANE 'C10 H22'
HEX non-polymer HEXANE 'C6 H14'
MAN D-saccharide, alpha linking alpha-D-mannopyranose 'C6 H12 O6'
NAG D-saccharide, beta linking 2-acetamido-2-deoxy-beta-D-glucopyranose 'C8 H15 N O6'
OLC non-polymer '(2R)-2,3-dihydroxypropyl (9Z)-octadec-9-enoate' 'C21 H40 O4'
PGW non-polymer '(1R)-2-{[(S)-{[(2S)-2,3-dihydroxypropyl]oxy}(hydroxy)phosphoryl]oxy}-1-[(hexadecanoyloxy)methyl]ethyl (9Z)-octadec-9-enoate' 'C40 H77 O10 P'
PIO non-polymer '[(2R)-2-octanoyloxy-3-[oxidanyl-[(1R,2R,3S,4R,5R,6S)-2,3,6-tris(oxidanyl)-4,5-diphosphonooxy-cyclohexyl]oxy-phosphoryl]oxy-propyl] octanoate' 'C25 H49 O19 P3'
PLM non-polymer 'PALMITIC ACID' 'C16 H32 O2'
PX2 non-polymer 1,2-DILAUROYL-SN-GLYCERO-3-PHOSPHATE 'C27 H52 O8 P -1'
R16 non-polymer HEXADECANE 'C16 H34'
#
# COMPACT_ATOMS: atom_id res chain seq x y z
N ASP A 1 22.95 -54.10 8.85
CA ASP A 1 23.07 -52.74 9.38
C ASP A 1 22.28 -52.61 10.67
N ASN A 2 22.70 -51.67 11.52
CA ASN A 2 22.05 -51.50 12.82
C ASN A 2 20.68 -50.86 12.71
N THR A 3 20.37 -50.20 11.60
CA THR A 3 19.07 -49.53 11.45
C THR A 3 17.95 -50.48 11.04
N THR A 4 18.28 -51.69 10.59
CA THR A 4 17.23 -52.61 10.16
C THR A 4 16.35 -53.05 11.32
N VAL A 5 16.92 -53.14 12.53
CA VAL A 5 16.11 -53.54 13.68
C VAL A 5 15.08 -52.45 14.01
N PHE A 6 15.48 -51.18 13.91
CA PHE A 6 14.54 -50.09 14.14
C PHE A 6 13.50 -50.02 13.04
N THR A 7 13.91 -50.30 11.80
CA THR A 7 12.95 -50.37 10.70
C THR A 7 11.91 -51.47 10.95
N ARG A 8 12.37 -52.63 11.41
CA ARG A 8 11.44 -53.72 11.71
C ARG A 8 10.52 -53.35 12.86
N ILE A 9 11.05 -52.66 13.88
CA ILE A 9 10.21 -52.25 15.00
C ILE A 9 9.12 -51.29 14.53
N LEU A 10 9.49 -50.32 13.68
CA LEU A 10 8.49 -49.38 13.19
C LEU A 10 7.46 -50.07 12.30
N ASP A 11 7.90 -51.00 11.45
CA ASP A 11 6.95 -51.73 10.62
C ASP A 11 6.01 -52.56 11.47
N ARG A 12 6.52 -53.18 12.53
CA ARG A 12 5.66 -53.94 13.43
CA ARG A 12 5.66 -53.94 13.43
C ARG A 12 4.65 -53.03 14.12
N LEU A 13 5.09 -51.86 14.57
CA LEU A 13 4.17 -50.94 15.23
C LEU A 13 3.07 -50.48 14.29
N LEU A 14 3.42 -50.13 13.06
CA LEU A 14 2.42 -49.64 12.12
C LEU A 14 1.61 -50.75 11.46
N ASP A 15 2.01 -52.01 11.61
CA ASP A 15 1.26 -53.11 11.03
C ASP A 15 -0.06 -53.28 11.76
N GLY A 16 -1.15 -53.36 11.00
CA GLY A 16 -2.46 -53.51 11.59
C GLY A 16 -2.88 -52.35 12.46
N TYR A 17 -2.34 -51.17 12.21
CA TYR A 17 -2.64 -49.97 12.97
C TYR A 17 -3.64 -49.12 12.20
N ASP A 18 -4.72 -48.72 12.87
CA ASP A 18 -5.74 -47.85 12.30
C ASP A 18 -5.64 -46.50 12.98
N ASN A 19 -5.11 -45.51 12.24
CA ASN A 19 -5.01 -44.16 12.78
C ASN A 19 -6.35 -43.43 12.81
N ARG A 20 -7.40 -44.02 12.22
CA ARG A 20 -8.73 -43.40 12.29
C ARG A 20 -9.34 -43.51 13.67
N LEU A 21 -8.98 -44.54 14.43
CA LEU A 21 -9.55 -44.80 15.74
C LEU A 21 -8.64 -44.25 16.83
N ARG A 22 -9.23 -43.54 17.79
CA ARG A 22 -8.46 -43.00 18.89
C ARG A 22 -8.04 -44.11 19.84
N PRO A 23 -7.01 -43.89 20.66
CA PRO A 23 -6.64 -44.91 21.65
C PRO A 23 -7.76 -45.17 22.62
N GLY A 24 -7.96 -46.45 22.94
CA GLY A 24 -8.99 -46.83 23.90
C GLY A 24 -10.39 -46.47 23.46
N LEU A 25 -10.68 -46.57 22.17
CA LEU A 25 -12.01 -46.23 21.67
C LEU A 25 -13.02 -47.23 22.21
N GLY A 26 -14.12 -46.72 22.75
CA GLY A 26 -15.19 -47.57 23.25
C GLY A 26 -14.89 -48.29 24.54
N GLU A 27 -13.74 -48.02 25.17
CA GLU A 27 -13.37 -48.64 26.44
C GLU A 27 -12.81 -47.68 27.47
N ARG A 28 -12.25 -46.58 27.00
CA ARG A 28 -11.81 -45.55 28.04
CA ARG A 28 -11.73 -45.55 27.94
C ARG A 28 -11.70 -44.15 27.31
N VAL A 29 -11.28 -43.20 28.12
CA VAL A 29 -11.22 -41.81 27.69
C VAL A 29 -9.76 -41.47 27.43
N THR A 30 -9.48 -40.89 26.26
CA THR A 30 -8.13 -40.47 25.92
C THR A 30 -7.80 -39.19 26.69
N GLU A 31 -6.80 -39.27 27.55
CA GLU A 31 -6.34 -38.15 28.35
C GLU A 31 -5.12 -37.54 27.67
N VAL A 32 -5.23 -36.27 27.28
CA VAL A 32 -4.18 -35.55 26.58
C VAL A 32 -3.61 -34.53 27.55
N LYS A 33 -2.35 -34.70 27.94
CA LYS A 33 -1.65 -33.74 28.79
C LYS A 33 -0.94 -32.74 27.90
N THR A 34 -1.34 -31.48 28.01
CA THR A 34 -0.92 -30.42 27.09
C THR A 34 -0.20 -29.32 27.85
N ASP A 35 0.71 -28.65 27.17
CA ASP A 35 1.23 -27.38 27.65
C ASP A 35 1.85 -26.61 26.49
N ILE A 36 2.17 -25.35 26.79
CA ILE A 36 2.53 -24.35 25.79
C ILE A 36 3.80 -23.65 26.26
N PHE A 37 4.69 -23.38 25.31
CA PHE A 37 5.83 -22.49 25.54
C PHE A 37 5.73 -21.34 24.54
N VAL A 38 5.45 -20.15 25.03
CA VAL A 38 5.28 -18.98 24.17
C VAL A 38 6.66 -18.48 23.78
N THR A 39 7.06 -18.73 22.53
CA THR A 39 8.35 -18.25 22.06
C THR A 39 8.36 -16.74 21.89
N SER A 40 7.23 -16.16 21.49
CA SER A 40 7.12 -14.71 21.37
C SER A 40 5.65 -14.33 21.40
N PHE A 41 5.25 -13.54 22.40
CA PHE A 41 3.91 -12.99 22.44
C PHE A 41 3.85 -11.85 21.43
N GLY A 42 3.07 -12.05 20.37
CA GLY A 42 3.10 -11.17 19.23
C GLY A 42 2.41 -9.86 19.49
N PRO A 43 2.31 -9.04 18.45
CA PRO A 43 1.66 -7.73 18.59
C PRO A 43 0.15 -7.86 18.71
N VAL A 44 -0.44 -6.78 19.22
CA VAL A 44 -1.88 -6.65 19.40
C VAL A 44 -2.37 -5.62 18.40
N SER A 45 -3.39 -5.99 17.62
CA SER A 45 -4.04 -5.10 16.67
C SER A 45 -5.37 -4.64 17.27
N ASP A 46 -5.44 -3.36 17.63
CA ASP A 46 -6.68 -2.82 18.19
C ASP A 46 -7.77 -2.72 17.15
N HIS A 47 -7.42 -2.41 15.90
CA HIS A 47 -8.42 -2.24 14.86
C HIS A 47 -9.20 -3.52 14.62
N ASP A 48 -8.50 -4.66 14.60
CA ASP A 48 -9.14 -5.95 14.41
C ASP A 48 -9.53 -6.63 15.71
N MET A 49 -9.17 -6.07 16.87
CA MET A 49 -9.35 -6.71 18.16
C MET A 49 -8.73 -8.11 18.13
N GLU A 50 -7.45 -8.13 17.80
CA GLU A 50 -6.73 -9.36 17.50
C GLU A 50 -5.38 -9.31 18.20
N TYR A 51 -4.79 -10.47 18.44
CA TYR A 51 -3.42 -10.51 18.93
C TYR A 51 -2.74 -11.77 18.41
N THR A 52 -1.45 -11.66 18.10
CA THR A 52 -0.67 -12.78 17.58
C THR A 52 0.18 -13.39 18.68
N ILE A 53 0.42 -14.69 18.58
CA ILE A 53 1.24 -15.41 19.54
C ILE A 53 1.91 -16.59 18.84
N ASP A 54 3.19 -16.76 19.11
CA ASP A 54 3.98 -17.88 18.58
C ASP A 54 4.28 -18.84 19.70
N VAL A 55 3.97 -20.12 19.50
CA VAL A 55 4.00 -21.11 20.57
C VAL A 55 4.61 -22.41 20.07
N PHE A 56 5.40 -23.05 20.93
CA PHE A 56 5.61 -24.50 20.89
C PHE A 56 4.46 -25.11 21.68
N PHE A 57 3.51 -25.69 20.97
CA PHE A 57 2.33 -26.30 21.55
C PHE A 57 2.57 -27.81 21.57
N ARG A 58 2.70 -28.39 22.76
CA ARG A 58 3.07 -29.79 22.88
C ARG A 58 2.06 -30.56 23.72
N GLN A 59 1.61 -31.68 23.16
CA GLN A 59 0.63 -32.56 23.74
C GLN A 59 1.28 -33.91 24.00
N SER A 60 0.65 -34.70 24.87
CA SER A 60 1.17 -36.02 25.20
C SER A 60 0.02 -36.94 25.57
N TRP A 61 0.12 -38.20 25.16
CA TRP A 61 -0.94 -39.16 25.49
C TRP A 61 -0.40 -40.57 25.33
N LYS A 62 -1.11 -41.52 25.94
CA LYS A 62 -0.71 -42.92 25.93
C LYS A 62 -1.49 -43.66 24.85
N ASP A 63 -0.77 -44.29 23.92
CA ASP A 63 -1.35 -45.17 22.91
C ASP A 63 -0.80 -46.57 23.17
N GLU A 64 -1.65 -47.45 23.70
CA GLU A 64 -1.20 -48.80 24.03
C GLU A 64 -0.76 -49.58 22.80
N ARG A 65 -1.29 -49.22 21.62
CA ARG A 65 -0.94 -49.94 20.41
C ARG A 65 0.51 -49.72 19.98
N LEU A 66 1.17 -48.68 20.48
CA LEU A 66 2.49 -48.27 20.00
C LEU A 66 3.61 -48.59 21.00
N LYS A 67 3.37 -49.49 21.95
CA LYS A 67 4.46 -49.91 22.81
C LYS A 67 5.41 -50.83 22.05
N PHE A 68 6.67 -50.84 22.49
CA PHE A 68 7.70 -51.61 21.79
C PHE A 68 8.80 -51.94 22.78
N LYS A 69 9.65 -52.89 22.39
CA LYS A 69 10.87 -53.23 23.11
C LYS A 69 12.02 -53.15 22.13
N GLY A 70 13.09 -52.47 22.52
CA GLY A 70 14.24 -52.29 21.66
C GLY A 70 15.46 -51.84 22.41
N PRO A 71 16.56 -51.60 21.68
CA PRO A 71 17.78 -51.11 22.34
C PRO A 71 17.60 -49.78 23.07
N MET A 72 16.79 -48.89 22.52
CA MET A 72 16.65 -47.52 23.01
C MET A 72 15.19 -47.25 23.36
N THR A 73 14.97 -46.65 24.53
CA THR A 73 13.63 -46.57 25.08
C THR A 73 12.75 -45.57 24.32
N VAL A 74 13.30 -44.40 24.00
CA VAL A 74 12.55 -43.32 23.35
C VAL A 74 13.01 -43.25 21.90
N LEU A 75 12.06 -43.34 20.97
CA LEU A 75 12.34 -43.23 19.54
C LEU A 75 12.03 -41.82 19.09
N ARG A 76 13.06 -41.03 18.84
CA ARG A 76 12.92 -39.66 18.34
C ARG A 76 12.81 -39.74 16.83
N LEU A 77 11.59 -39.85 16.34
CA LEU A 77 11.32 -40.16 14.94
C LEU A 77 11.07 -38.88 14.14
N ASN A 78 11.10 -39.05 12.82
CA ASN A 78 10.74 -37.97 11.91
C ASN A 78 9.27 -37.61 12.08
N ASN A 79 8.94 -36.34 11.80
CA ASN A 79 7.56 -35.89 11.94
C ASN A 79 6.62 -36.55 10.94
N LEU A 80 7.15 -37.22 9.91
CA LEU A 80 6.30 -37.97 8.99
C LEU A 80 5.53 -39.06 9.71
N MET A 81 6.09 -39.61 10.79
CA MET A 81 5.38 -40.63 11.57
C MET A 81 4.09 -40.08 12.17
N ALA A 82 4.02 -38.77 12.42
CA ALA A 82 2.84 -38.21 13.07
C ALA A 82 1.59 -38.42 12.23
N SER A 83 1.72 -38.26 10.91
CA SER A 83 0.58 -38.46 10.03
C SER A 83 0.14 -39.92 9.95
N LYS A 84 1.01 -40.86 10.32
CA LYS A 84 0.70 -42.28 10.21
C LYS A 84 0.02 -42.86 11.44
N ILE A 85 -0.18 -42.08 12.50
CA ILE A 85 -0.82 -42.53 13.72
C ILE A 85 -1.91 -41.54 14.09
N TRP A 86 -2.75 -41.93 15.05
CA TRP A 86 -3.76 -41.04 15.57
C TRP A 86 -3.10 -39.93 16.40
N THR A 87 -3.59 -38.71 16.23
CA THR A 87 -3.18 -37.57 17.03
C THR A 87 -4.42 -36.76 17.36
N PRO A 88 -4.40 -35.98 18.45
CA PRO A 88 -5.58 -35.18 18.78
C PRO A 88 -5.87 -34.14 17.70
N ASP A 89 -7.16 -33.89 17.48
CA ASP A 89 -7.61 -32.87 16.53
C ASP A 89 -7.84 -31.54 17.24
N THR A 90 -6.81 -31.10 17.97
CA THR A 90 -6.93 -29.87 18.74
C THR A 90 -7.06 -28.67 17.82
N PHE A 91 -7.91 -27.73 18.21
CA PHE A 91 -8.13 -26.49 17.48
C PHE A 91 -8.39 -25.38 18.48
N PHE A 92 -8.19 -24.15 18.02
CA PHE A 92 -8.33 -22.96 18.85
C PHE A 92 -9.71 -22.35 18.61
N HIS A 93 -10.50 -22.24 19.68
CA HIS A 93 -11.87 -21.79 19.57
C HIS A 93 -11.94 -20.35 19.06
N ASN A 94 -11.09 -19.47 19.59
CA ASN A 94 -11.08 -18.07 19.23
C ASN A 94 -9.99 -17.72 18.21
N GLY A 95 -9.40 -18.72 17.56
CA GLY A 95 -8.43 -18.43 16.52
C GLY A 95 -9.08 -17.90 15.26
N LYS A 96 -8.36 -17.01 14.58
CA LYS A 96 -8.85 -16.37 13.37
C LYS A 96 -8.23 -16.97 12.11
N LYS A 97 -6.90 -16.97 12.01
CA LYS A 97 -6.22 -17.58 10.88
CA LYS A 97 -6.22 -17.58 10.88
C LYS A 97 -4.81 -17.93 11.35
N SER A 98 -4.61 -19.19 11.71
CA SER A 98 -3.36 -19.65 12.28
C SER A 98 -2.48 -20.31 11.23
N VAL A 99 -1.20 -20.43 11.57
CA VAL A 99 -0.18 -20.98 10.68
C VAL A 99 0.55 -22.09 11.43
N ALA A 100 0.63 -23.25 10.81
CA ALA A 100 1.50 -24.34 11.26
C ALA A 100 2.74 -24.29 10.38
N HIS A 101 3.83 -23.77 10.94
CA HIS A 101 5.03 -23.53 10.14
C HIS A 101 5.61 -24.84 9.64
N ASN A 102 6.03 -24.81 8.37
CA ASN A 102 6.61 -26.01 7.72
C ASN A 102 7.84 -25.63 6.91
N MET A 103 8.66 -24.71 7.40
CA MET A 103 9.92 -24.31 6.77
C MET A 103 11.06 -24.72 7.71
N THR A 104 12.05 -25.48 7.22
CA THR A 104 12.16 -26.10 5.91
C THR A 104 11.24 -27.31 5.79
N MET A 105 11.14 -28.05 6.88
CA MET A 105 10.27 -29.20 7.02
C MET A 105 9.13 -28.85 7.97
N PRO A 106 8.09 -29.72 8.07
CA PRO A 106 7.04 -29.49 9.07
C PRO A 106 7.58 -29.33 10.48
N ASN A 107 7.37 -28.16 11.09
CA ASN A 107 7.92 -27.91 12.41
C ASN A 107 7.14 -28.68 13.47
N LYS A 108 7.37 -29.98 13.50
CA LYS A 108 6.75 -30.88 14.45
C LYS A 108 7.80 -31.88 14.93
N LEU A 109 7.54 -32.48 16.09
CA LEU A 109 8.34 -33.60 16.55
C LEU A 109 7.44 -34.60 17.25
N LEU A 110 7.73 -35.88 17.02
CA LEU A 110 7.02 -36.99 17.63
C LEU A 110 8.03 -37.90 18.30
N ARG A 111 7.76 -38.27 19.55
CA ARG A 111 8.61 -39.18 20.31
C ARG A 111 7.75 -40.23 20.96
N ILE A 112 8.15 -41.49 20.79
CA ILE A 112 7.41 -42.64 21.31
C ILE A 112 8.28 -43.31 22.36
N THR A 113 7.77 -43.38 23.58
CA THR A 113 8.42 -44.12 24.64
C THR A 113 8.02 -45.59 24.57
N GLU A 114 8.87 -46.45 25.14
CA GLU A 114 8.64 -47.89 25.04
C GLU A 114 7.33 -48.32 25.68
N ASP A 115 6.88 -47.61 26.72
CA ASP A 115 5.64 -47.97 27.39
C ASP A 115 4.39 -47.54 26.63
N GLY A 116 4.54 -46.85 25.50
CA GLY A 116 3.41 -46.39 24.72
C GLY A 116 3.07 -44.93 24.90
N THR A 117 3.81 -44.20 25.73
CA THR A 117 3.58 -42.77 25.88
C THR A 117 4.16 -42.02 24.69
N LEU A 118 3.37 -41.11 24.14
CA LEU A 118 3.73 -40.32 22.97
C LEU A 118 3.77 -38.85 23.36
N LEU A 119 4.82 -38.18 22.90
CA LEU A 119 4.94 -36.73 22.96
C LEU A 119 4.91 -36.18 21.55
N TYR A 120 4.17 -35.08 21.35
CA TYR A 120 3.91 -34.55 20.02
C TYR A 120 3.88 -33.03 20.13
N THR A 121 4.89 -32.37 19.58
CA THR A 121 5.01 -30.91 19.64
C THR A 121 4.89 -30.32 18.24
N MET A 122 4.31 -29.12 18.20
CA MET A 122 4.11 -28.35 16.98
C MET A 122 4.58 -26.92 17.21
N ARG A 123 5.05 -26.27 16.15
CA ARG A 123 5.28 -24.82 16.18
C ARG A 123 4.13 -24.13 15.48
N LEU A 124 3.48 -23.20 16.18
CA LEU A 124 2.27 -22.55 15.71
C LEU A 124 2.39 -21.04 15.85
N THR A 125 1.73 -20.33 14.93
CA THR A 125 1.49 -18.90 15.04
C THR A 125 -0.02 -18.70 14.98
N VAL A 126 -0.61 -18.34 16.12
CA VAL A 126 -2.05 -18.17 16.25
C VAL A 126 -2.34 -16.69 16.39
N ARG A 127 -3.18 -16.15 15.50
CA ARG A 127 -3.76 -14.84 15.68
C ARG A 127 -5.20 -15.03 16.15
N ALA A 128 -5.48 -14.57 17.36
CA ALA A 128 -6.71 -14.89 18.07
C ALA A 128 -7.47 -13.63 18.44
N GLU A 129 -8.77 -13.80 18.61
CA GLU A 129 -9.66 -12.68 18.93
C GLU A 129 -9.50 -12.29 20.40
N CYS A 130 -9.40 -10.98 20.64
CA CYS A 130 -9.30 -10.42 21.99
C CYS A 130 -10.30 -9.26 22.06
N PRO A 131 -11.57 -9.53 22.39
CA PRO A 131 -12.54 -8.43 22.43
C PRO A 131 -12.18 -7.41 23.50
N MET A 132 -12.29 -6.14 23.13
CA MET A 132 -11.76 -5.04 23.92
C MET A 132 -12.88 -4.08 24.30
N HIS A 133 -12.83 -3.59 25.53
CA HIS A 133 -13.73 -2.56 26.03
C HIS A 133 -12.91 -1.28 26.13
N LEU A 134 -13.11 -0.38 25.17
CA LEU A 134 -12.28 0.81 25.02
C LEU A 134 -12.89 2.04 25.68
N GLU A 135 -13.67 1.86 26.74
CA GLU A 135 -14.21 3.00 27.47
C GLU A 135 -13.10 3.81 28.12
N ASP A 136 -12.08 3.13 28.68
CA ASP A 136 -10.98 3.77 29.37
C ASP A 136 -9.77 3.98 28.48
N PHE A 137 -9.92 3.87 27.16
CA PHE A 137 -8.81 4.06 26.25
C PHE A 137 -8.28 5.49 26.38
N PRO A 138 -6.95 5.70 26.37
CA PRO A 138 -5.79 4.78 26.36
C PRO A 138 -5.41 4.21 27.71
N MET A 139 -6.21 4.46 28.76
CA MET A 139 -5.92 3.98 30.10
C MET A 139 -6.51 2.59 30.35
N ASP A 140 -6.76 1.83 29.30
CA ASP A 140 -7.48 0.56 29.38
C ASP A 140 -6.52 -0.61 29.48
N ALA A 141 -7.02 -1.72 30.02
CA ALA A 141 -6.30 -2.97 30.11
C ALA A 141 -7.24 -4.10 29.73
N HIS A 142 -6.67 -5.17 29.18
CA HIS A 142 -7.45 -6.26 28.60
C HIS A 142 -6.93 -7.60 29.08
N ALA A 143 -7.77 -8.61 28.94
CA ALA A 143 -7.41 -10.00 29.21
C ALA A 143 -7.73 -10.79 27.96
N CYS A 144 -6.72 -11.00 27.12
CA CYS A 144 -6.92 -11.66 25.84
C CYS A 144 -6.92 -13.18 26.04
N PRO A 145 -7.96 -13.89 25.61
CA PRO A 145 -7.96 -15.35 25.80
C PRO A 145 -7.16 -16.10 24.73
N LEU A 146 -6.85 -17.35 25.08
CA LEU A 146 -6.35 -18.36 24.15
C LEU A 146 -6.99 -19.66 24.58
N LYS A 147 -8.00 -20.10 23.85
CA LYS A 147 -8.82 -21.25 24.21
C LYS A 147 -8.64 -22.32 23.15
N PHE A 148 -8.38 -23.56 23.58
CA PHE A 148 -8.21 -24.65 22.64
C PHE A 148 -8.86 -25.92 23.18
N GLY A 149 -9.17 -26.83 22.26
CA GLY A 149 -9.78 -28.08 22.64
C GLY A 149 -10.00 -28.95 21.43
N SER A 150 -10.51 -30.15 21.67
CA SER A 150 -10.79 -31.08 20.59
C SER A 150 -11.95 -30.58 19.75
N TYR A 151 -11.82 -30.72 18.42
CA TYR A 151 -12.88 -30.29 17.53
C TYR A 151 -13.98 -31.34 17.39
N ALA A 152 -13.60 -32.63 17.37
CA ALA A 152 -14.52 -33.71 17.08
C ALA A 152 -14.93 -34.52 18.29
N TYR A 153 -14.04 -34.73 19.26
CA TYR A 153 -14.29 -35.64 20.35
C TYR A 153 -14.86 -34.89 21.55
N THR A 154 -15.97 -35.40 22.08
CA THR A 154 -16.64 -34.79 23.22
C THR A 154 -15.89 -35.13 24.50
N ARG A 155 -16.42 -34.64 25.63
CA ARG A 155 -15.79 -34.89 26.92
C ARG A 155 -15.81 -36.37 27.28
N ALA A 156 -16.77 -37.12 26.74
CA ALA A 156 -16.83 -38.55 27.00
C ALA A 156 -15.79 -39.35 26.24
N GLU A 157 -15.05 -38.73 25.31
CA GLU A 157 -14.06 -39.40 24.48
C GLU A 157 -12.65 -38.88 24.71
N VAL A 158 -12.45 -37.56 24.69
CA VAL A 158 -11.13 -36.95 24.86
C VAL A 158 -11.24 -35.89 25.94
N VAL A 159 -10.28 -35.89 26.86
CA VAL A 159 -10.21 -34.88 27.92
C VAL A 159 -8.79 -34.35 28.00
N TYR A 160 -8.67 -33.03 28.16
CA TYR A 160 -7.39 -32.35 28.22
C TYR A 160 -7.04 -31.99 29.66
N GLU A 161 -5.79 -32.27 30.03
CA GLU A 161 -5.23 -31.86 31.32
C GLU A 161 -3.94 -31.10 31.05
N TRP A 162 -3.44 -30.41 32.06
CA TRP A 162 -2.17 -29.71 31.97
C TRP A 162 -1.05 -30.64 32.43
N THR A 163 0.09 -30.55 31.73
CA THR A 163 1.20 -31.46 32.01
C THR A 163 1.70 -31.29 33.44
N ARG A 164 1.82 -30.05 33.89
CA ARG A 164 2.22 -29.69 35.25
C ARG A 164 1.05 -28.98 35.90
N GLU A 165 1.31 -28.36 37.05
CA GLU A 165 0.29 -27.51 37.64
C GLU A 165 -0.06 -26.39 36.66
N PRO A 166 -1.33 -25.96 36.63
CA PRO A 166 -1.76 -25.07 35.53
C PRO A 166 -0.99 -23.76 35.44
N ALA A 167 -0.56 -23.21 36.57
CA ALA A 167 0.21 -21.97 36.54
C ALA A 167 1.54 -22.17 35.80
N ARG A 168 2.22 -23.28 36.06
CA ARG A 168 3.51 -23.55 35.46
C ARG A 168 3.40 -24.24 34.10
N SER A 169 2.20 -24.61 33.66
CA SER A 169 2.03 -25.28 32.38
C SER A 169 1.89 -24.32 31.20
N VAL A 170 2.13 -23.02 31.41
CA VAL A 170 2.23 -22.06 30.31
C VAL A 170 3.41 -21.17 30.64
N VAL A 171 4.47 -21.26 29.84
CA VAL A 171 5.72 -20.56 30.08
C VAL A 171 5.97 -19.60 28.92
N VAL A 172 6.36 -18.37 29.26
CA VAL A 172 6.65 -17.33 28.28
C VAL A 172 8.15 -17.08 28.29
N ALA A 173 8.74 -17.04 27.10
CA ALA A 173 10.16 -16.78 26.98
C ALA A 173 10.49 -15.36 27.47
N GLU A 174 11.66 -15.22 28.10
CA GLU A 174 12.05 -13.93 28.65
C GLU A 174 12.21 -12.89 27.54
N ASP A 175 12.82 -13.27 26.42
CA ASP A 175 13.03 -12.36 25.30
C ASP A 175 11.86 -12.34 24.33
N GLY A 176 10.81 -13.13 24.58
CA GLY A 176 9.75 -13.28 23.60
C GLY A 176 8.59 -12.32 23.76
N SER A 177 8.83 -11.04 23.48
CA SER A 177 7.76 -10.04 23.48
C SER A 177 7.91 -9.19 22.23
N ARG A 178 6.83 -9.07 21.46
CA ARG A 178 6.76 -8.19 20.31
C ARG A 178 5.68 -7.13 20.48
N LEU A 179 5.40 -6.77 21.73
CA LEU A 179 4.40 -5.76 22.05
C LEU A 179 5.02 -4.38 21.98
N ASN A 180 4.40 -3.48 21.22
CA ASN A 180 4.87 -2.11 21.09
C ASN A 180 4.20 -1.20 22.11
N GLN A 181 2.88 -1.17 22.13
CA GLN A 181 2.10 -0.28 22.99
C GLN A 181 1.40 -1.03 24.12
N TYR A 182 1.86 -2.23 24.46
CA TYR A 182 1.24 -3.04 25.50
C TYR A 182 2.34 -3.64 26.37
N ASP A 183 1.98 -3.91 27.63
CA ASP A 183 2.84 -4.59 28.59
C ASP A 183 2.10 -5.81 29.11
N LEU A 184 2.76 -6.97 29.03
CA LEU A 184 2.16 -8.23 29.47
C LEU A 184 2.44 -8.41 30.95
N LEU A 185 1.42 -8.16 31.77
CA LEU A 185 1.60 -8.27 33.22
C LEU A 185 1.71 -9.72 33.66
N GLY A 186 1.03 -10.63 32.98
CA GLY A 186 1.09 -12.03 33.33
C GLY A 186 -0.01 -12.80 32.62
N GLN A 187 -0.24 -14.02 33.09
CA GLN A 187 -1.28 -14.86 32.52
C GLN A 187 -1.91 -15.71 33.61
N THR A 188 -3.15 -16.11 33.37
CA THR A 188 -3.85 -17.06 34.22
C THR A 188 -4.32 -18.24 33.38
N VAL A 189 -4.19 -19.45 33.93
CA VAL A 189 -4.46 -20.69 33.23
C VAL A 189 -5.65 -21.36 33.88
N ASP A 190 -6.58 -21.86 33.07
CA ASP A 190 -7.82 -22.42 33.57
C ASP A 190 -8.35 -23.42 32.54
N SER A 191 -9.44 -24.09 32.89
CA SER A 191 -10.11 -25.01 31.97
C SER A 191 -11.60 -24.99 32.28
N GLY A 192 -12.38 -25.39 31.29
CA GLY A 192 -13.82 -25.39 31.45
C GLY A 192 -14.48 -26.29 30.43
N ILE A 193 -15.80 -26.17 30.35
CA ILE A 193 -16.64 -26.98 29.49
C ILE A 193 -17.39 -26.05 28.56
N VAL A 194 -17.68 -26.53 27.35
CA VAL A 194 -18.54 -25.82 26.40
C VAL A 194 -19.57 -26.79 25.86
N GLN A 195 -20.82 -26.35 25.81
CA GLN A 195 -21.93 -27.10 25.23
C GLN A 195 -22.20 -26.58 23.84
N SER A 196 -22.30 -27.48 22.87
CA SER A 196 -22.59 -27.14 21.48
C SER A 196 -23.71 -28.04 20.97
N SER A 197 -24.09 -27.82 19.72
CA SER A 197 -25.08 -28.69 19.10
C SER A 197 -24.56 -30.11 18.92
N THR A 198 -23.23 -30.30 18.89
CA THR A 198 -22.65 -31.62 18.70
C THR A 198 -22.39 -32.34 20.02
N GLY A 199 -22.14 -31.62 21.11
CA GLY A 199 -21.92 -32.25 22.39
C GLY A 199 -21.14 -31.33 23.32
N GLU A 200 -20.67 -31.93 24.42
CA GLU A 200 -19.88 -31.23 25.41
C GLU A 200 -18.40 -31.43 25.13
N TYR A 201 -17.63 -30.35 25.22
CA TYR A 201 -16.21 -30.38 24.91
C TYR A 201 -15.42 -29.68 26.00
N VAL A 202 -14.29 -30.27 26.37
CA VAL A 202 -13.36 -29.63 27.30
C VAL A 202 -12.61 -28.54 26.55
N VAL A 203 -12.52 -27.37 27.16
CA VAL A 203 -11.85 -26.21 26.59
C VAL A 203 -10.81 -25.72 27.59
N MET A 204 -9.54 -25.82 27.21
CA MET A 204 -8.45 -25.36 28.05
C MET A 204 -8.11 -23.94 27.63
N THR A 205 -8.09 -23.03 28.61
CA THR A 205 -7.99 -21.61 28.35
C THR A 205 -6.80 -21.01 29.09
N THR A 206 -6.16 -20.05 28.44
CA THR A 206 -5.22 -19.14 29.07
C THR A 206 -5.76 -17.73 28.84
N HIS A 207 -5.41 -16.82 29.73
CA HIS A 207 -5.81 -15.42 29.61
C HIS A 207 -4.57 -14.58 29.89
N PHE A 208 -4.09 -13.88 28.86
CA PHE A 208 -2.93 -13.01 28.97
C PHE A 208 -3.42 -11.61 29.29
N HIS A 209 -2.92 -11.06 30.40
CA HIS A 209 -3.38 -9.77 30.89
C HIS A 209 -2.41 -8.70 30.42
N LEU A 210 -2.93 -7.73 29.67
CA LEU A 210 -2.14 -6.70 29.01
C LEU A 210 -2.61 -5.33 29.45
N LYS A 211 -1.66 -4.43 29.65
CA LYS A 211 -1.92 -3.04 30.02
C LYS A 211 -1.34 -2.13 28.95
N ARG A 212 -2.15 -1.24 28.41
CA ARG A 212 -1.68 -0.35 27.37
C ARG A 212 -0.72 0.67 27.94
N LYS A 213 0.35 0.95 27.19
CA LYS A 213 1.29 2.01 27.54
C LYS A 213 0.79 3.32 26.94
N ILE A 214 0.75 4.36 27.77
CA ILE A 214 0.09 5.61 27.42
C ILE A 214 0.98 6.60 26.67
N GLY A 215 2.28 6.33 26.58
CA GLY A 215 3.21 7.35 26.11
C GLY A 215 2.96 7.78 24.68
N TYR A 216 2.63 6.84 23.81
CA TYR A 216 2.39 7.18 22.41
C TYR A 216 1.25 8.18 22.28
N PHE A 217 0.13 7.89 22.94
CA PHE A 217 -1.01 8.79 22.82
C PHE A 217 -0.77 10.09 23.57
N VAL A 218 0.02 10.06 24.63
CA VAL A 218 0.40 11.30 25.30
C VAL A 218 1.14 12.21 24.34
N ILE A 219 2.07 11.65 23.57
CA ILE A 219 2.83 12.47 22.63
C ILE A 219 1.98 12.83 21.41
N GLN A 220 1.03 11.97 21.02
CA GLN A 220 0.33 12.15 19.75
C GLN A 220 -0.87 13.09 19.89
N THR A 221 -1.65 12.98 20.95
CA THR A 221 -2.93 13.66 21.08
C THR A 221 -2.99 14.60 22.27
N TYR A 222 -2.57 14.16 23.45
CA TYR A 222 -2.75 14.97 24.64
C TYR A 222 -1.91 16.24 24.60
N LEU A 223 -0.61 16.11 24.33
CA LEU A 223 0.24 17.30 24.32
C LEU A 223 -0.13 18.29 23.23
N PRO A 224 -0.38 17.91 21.98
CA PRO A 224 -0.89 18.89 21.02
C PRO A 224 -2.19 19.56 21.44
N CYS A 225 -3.11 18.82 22.05
CA CYS A 225 -4.35 19.43 22.52
C CYS A 225 -4.08 20.44 23.63
N ILE A 226 -3.21 20.09 24.58
CA ILE A 226 -2.89 21.00 25.67
C ILE A 226 -2.21 22.25 25.14
N MET A 227 -1.28 22.09 24.19
CA MET A 227 -0.61 23.25 23.61
C MET A 227 -1.59 24.11 22.84
N THR A 228 -2.55 23.50 22.15
CA THR A 228 -3.56 24.30 21.45
C THR A 228 -4.42 25.08 22.44
N VAL A 229 -4.77 24.48 23.57
CA VAL A 229 -5.55 25.19 24.58
C VAL A 229 -4.76 26.37 25.12
N ILE A 230 -3.48 26.15 25.44
CA ILE A 230 -2.64 27.22 25.96
C ILE A 230 -2.48 28.33 24.91
N LEU A 231 -2.30 27.93 23.65
CA LEU A 231 -2.17 28.89 22.56
C LEU A 231 -3.42 29.74 22.42
N SER A 232 -4.60 29.12 22.54
CA SER A 232 -5.84 29.88 22.50
C SER A 232 -5.92 30.85 23.68
N GLN A 233 -5.51 30.40 24.86
CA GLN A 233 -5.56 31.27 26.03
C GLN A 233 -4.54 32.40 25.98
N VAL A 234 -3.51 32.28 25.14
CA VAL A 234 -2.52 33.36 25.01
C VAL A 234 -3.19 34.64 24.50
N SER A 235 -4.28 34.53 23.74
CA SER A 235 -4.88 35.70 23.13
C SER A 235 -5.46 36.67 24.15
N PHE A 236 -5.72 36.24 25.38
CA PHE A 236 -6.28 37.15 26.39
C PHE A 236 -5.31 38.26 26.75
N TRP A 237 -4.01 38.09 26.50
CA TRP A 237 -3.01 39.06 26.93
C TRP A 237 -2.73 40.13 25.88
N LEU A 238 -3.35 40.06 24.71
CA LEU A 238 -3.19 41.09 23.69
C LEU A 238 -4.25 42.16 23.87
N ASN A 239 -3.93 43.37 23.41
CA ASN A 239 -4.86 44.49 23.54
C ASN A 239 -6.13 44.22 22.74
N ARG A 240 -7.26 44.71 23.26
CA ARG A 240 -8.56 44.41 22.67
C ARG A 240 -8.72 45.00 21.27
N GLU A 241 -7.89 45.96 20.88
CA GLU A 241 -7.97 46.57 19.56
C GLU A 241 -7.24 45.75 18.49
N SER A 242 -6.56 44.67 18.87
CA SER A 242 -5.94 43.76 17.90
C SER A 242 -6.95 42.72 17.44
N VAL A 243 -8.03 43.22 16.83
CA VAL A 243 -9.15 42.35 16.46
C VAL A 243 -8.74 41.29 15.45
N PRO A 244 -8.04 41.60 14.35
CA PRO A 244 -7.63 40.52 13.44
C PRO A 244 -6.70 39.50 14.08
N ALA A 245 -5.79 39.95 14.95
CA ALA A 245 -4.85 39.02 15.57
C ALA A 245 -5.57 38.06 16.51
N ARG A 246 -6.47 38.59 17.34
CA ARG A 246 -7.19 37.73 18.28
C ARG A 246 -8.15 36.80 17.54
N THR A 247 -8.76 37.30 16.45
CA THR A 247 -9.57 36.42 15.62
C THR A 247 -8.73 35.30 15.01
N VAL A 248 -7.50 35.63 14.59
CA VAL A 248 -6.61 34.61 14.04
C VAL A 248 -6.32 33.55 15.09
N PHE A 249 -6.02 33.98 16.31
CA PHE A 249 -5.84 33.04 17.42
C PHE A 249 -7.04 32.10 17.55
N GLY A 250 -8.23 32.67 17.64
CA GLY A 250 -9.41 31.85 17.86
C GLY A 250 -9.65 30.86 16.73
N VAL A 251 -9.62 31.35 15.49
CA VAL A 251 -9.98 30.50 14.36
C VAL A 251 -8.92 29.43 14.13
N THR A 252 -7.65 29.79 14.24
CA THR A 252 -6.60 28.79 14.01
C THR A 252 -6.62 27.73 15.10
N THR A 253 -6.88 28.12 16.36
CA THR A 253 -6.94 27.12 17.41
C THR A 253 -8.16 26.21 17.24
N VAL A 254 -9.29 26.76 16.77
CA VAL A 254 -10.45 25.92 16.50
C VAL A 254 -10.14 24.94 15.37
N LEU A 255 -9.46 25.41 14.33
CA LEU A 255 -9.06 24.52 13.24
C LEU A 255 -8.15 23.40 13.75
N THR A 256 -7.17 23.74 14.58
CA THR A 256 -6.25 22.73 15.10
C THR A 256 -7.00 21.71 15.95
N MET A 257 -7.92 22.18 16.80
CA MET A 257 -8.68 21.26 17.64
C MET A 257 -9.56 20.35 16.79
N THR A 258 -10.18 20.90 15.74
CA THR A 258 -10.99 20.07 14.85
C THR A 258 -10.15 19.01 14.16
N THR A 259 -8.96 19.39 13.69
CA THR A 259 -8.09 18.41 13.05
C THR A 259 -7.66 17.31 14.02
N LEU A 260 -7.29 17.69 15.24
CA LEU A 260 -6.88 16.71 16.24
C LEU A 260 -8.04 15.77 16.58
N SER A 261 -9.24 16.31 16.77
CA SER A 261 -10.39 15.47 17.05
C SER A 261 -10.68 14.51 15.90
N ILE A 262 -10.56 15.01 14.67
CA ILE A 262 -10.85 14.18 13.51
C ILE A 262 -9.85 13.04 13.39
N SER A 263 -8.56 13.32 13.64
CA SER A 263 -7.52 12.32 13.44
C SER A 263 -7.24 11.48 14.69
N ALA A 264 -7.90 11.76 15.81
CA ALA A 264 -7.59 11.02 17.04
C ALA A 264 -7.93 9.54 16.94
N ARG A 265 -9.04 9.19 16.31
CA ARG A 265 -9.54 7.81 16.28
CA ARG A 265 -9.54 7.81 16.28
C ARG A 265 -9.13 7.08 15.01
N ASN A 266 -7.96 7.39 14.46
CA ASN A 266 -7.54 6.75 13.22
C ASN A 266 -7.28 5.26 13.44
N SER A 267 -6.69 4.89 14.57
CA SER A 267 -6.23 3.52 14.81
C SER A 267 -7.28 2.61 15.45
N LEU A 268 -8.41 3.15 15.87
CA LEU A 268 -9.37 2.40 16.68
C LEU A 268 -10.46 1.80 15.81
N PRO A 269 -11.21 0.83 16.33
CA PRO A 269 -12.47 0.46 15.69
C PRO A 269 -13.53 1.52 15.94
N LYS A 270 -14.55 1.50 15.09
CA LYS A 270 -15.59 2.54 15.10
C LYS A 270 -16.63 2.21 16.16
N VAL A 271 -16.19 2.25 17.42
CA VAL A 271 -17.09 2.00 18.53
C VAL A 271 -18.04 3.19 18.71
N ALA A 272 -19.26 2.89 19.13
CA ALA A 272 -20.27 3.94 19.29
C ALA A 272 -19.98 4.81 20.50
N TYR A 273 -19.63 4.20 21.62
CA TYR A 273 -19.43 4.94 22.86
C TYR A 273 -18.20 5.83 22.77
N ALA A 274 -18.14 6.80 23.68
CA ALA A 274 -17.03 7.74 23.76
C ALA A 274 -15.98 7.24 24.74
N THR A 275 -14.72 7.51 24.41
CA THR A 275 -13.58 7.09 25.22
C THR A 275 -13.06 8.26 26.06
N ALA A 276 -12.08 7.94 26.91
CA ALA A 276 -11.47 8.97 27.75
C ALA A 276 -10.78 10.03 26.89
N MET A 277 -10.09 9.60 25.83
CA MET A 277 -9.46 10.55 24.92
C MET A 277 -10.51 11.41 24.23
N ASP A 278 -11.65 10.81 23.89
CA ASP A 278 -12.73 11.60 23.29
C ASP A 278 -13.23 12.65 24.25
N TRP A 279 -13.40 12.30 25.53
CA TRP A 279 -13.83 13.29 26.52
C TRP A 279 -12.78 14.40 26.68
N PHE A 280 -11.50 14.04 26.72
CA PHE A 280 -10.46 15.03 26.85
C PHE A 280 -10.45 15.99 25.67
N ILE A 281 -10.58 15.45 24.45
CA ILE A 281 -10.60 16.29 23.25
C ILE A 281 -11.82 17.19 23.26
N ALA A 282 -12.97 16.67 23.70
CA ALA A 282 -14.18 17.47 23.76
C ALA A 282 -14.02 18.63 24.73
N VAL A 283 -13.43 18.37 25.90
CA VAL A 283 -13.25 19.43 26.88
C VAL A 283 -12.27 20.48 26.36
N CYS A 284 -11.18 20.05 25.72
CA CYS A 284 -10.22 21.00 25.19
C CYS A 284 -10.84 21.84 24.08
N TYR A 285 -11.66 21.22 23.22
CA TYR A 285 -12.34 21.98 22.17
C TYR A 285 -13.30 22.98 22.80
N ALA A 286 -13.97 22.58 23.88
CA ALA A 286 -14.84 23.52 24.59
C ALA A 286 -14.05 24.70 25.12
N PHE A 287 -12.85 24.45 25.65
CA PHE A 287 -12.01 25.54 26.14
C PHE A 287 -11.63 26.51 25.01
N VAL A 288 -11.24 25.97 23.86
CA VAL A 288 -10.85 26.83 22.74
C VAL A 288 -12.05 27.63 22.23
N PHE A 289 -13.21 26.97 22.10
CA PHE A 289 -14.42 27.64 21.67
C PHE A 289 -14.79 28.75 22.65
N SER A 290 -14.68 28.48 23.95
CA SER A 290 -14.99 29.48 24.96
C SER A 290 -14.03 30.65 24.87
N ALA A 291 -12.75 30.39 24.58
CA ALA A 291 -11.80 31.49 24.43
C ALA A 291 -12.18 32.40 23.27
N LEU A 292 -12.55 31.80 22.14
CA LEU A 292 -12.94 32.63 21.00
C LEU A 292 -14.23 33.40 21.28
N ILE A 293 -15.20 32.77 21.94
CA ILE A 293 -16.43 33.47 22.30
C ILE A 293 -16.14 34.58 23.30
N GLU A 294 -15.17 34.37 24.19
CA GLU A 294 -14.75 35.41 25.12
C GLU A 294 -14.18 36.61 24.37
N PHE A 295 -13.36 36.36 23.35
CA PHE A 295 -12.86 37.48 22.56
C PHE A 295 -13.99 38.19 21.84
N ALA A 296 -14.97 37.44 21.33
CA ALA A 296 -16.11 38.08 20.67
C ALA A 296 -16.87 38.98 21.63
N THR A 297 -17.08 38.50 22.86
CA THR A 297 -17.76 39.31 23.86
C THR A 297 -16.95 40.55 24.21
N VAL A 298 -15.63 40.41 24.32
CA VAL A 298 -14.79 41.57 24.61
C VAL A 298 -14.88 42.59 23.49
N ASN A 299 -14.81 42.13 22.24
CA ASN A 299 -14.85 43.05 21.10
C ASN A 299 -16.21 43.71 20.96
N TYR A 300 -17.28 43.05 21.41
CA TYR A 300 -18.60 43.67 21.33
C TYR A 300 -18.69 44.94 22.16
N PHE A 301 -17.90 45.05 23.22
CA PHE A 301 -17.93 46.18 24.13
C PHE A 301 -16.80 47.19 23.88
N THR A 302 -16.02 47.02 22.81
CA THR A 302 -14.98 47.97 22.48
C THR A 302 -15.60 49.16 21.75
N LYS A 303 -15.34 50.36 22.28
CA LYS A 303 -15.95 51.58 21.75
C LYS A 303 -15.12 52.23 20.65
N ARG A 304 -13.81 52.27 20.81
CA ARG A 304 -12.92 53.02 19.94
C ARG A 304 -12.08 52.07 19.11
N GLY A 305 -11.94 52.38 17.82
CA GLY A 305 -11.22 51.53 16.90
C GLY A 305 -9.72 51.69 16.90
N TYR A 306 -9.16 52.57 17.73
CA TYR A 306 -7.74 52.83 17.80
C TYR A 306 -7.20 52.44 19.17
N ALA A 307 -6.01 51.86 19.18
CA ALA A 307 -5.36 51.46 20.42
C ALA A 307 -4.64 52.64 21.06
N TRP A 308 -4.13 52.41 22.26
CA TRP A 308 -3.38 53.43 22.97
C TRP A 308 -2.10 53.78 22.23
N ASP A 309 -1.81 55.07 22.15
CA ASP A 309 -0.56 55.54 21.55
C ASP A 309 0.48 55.74 22.64
N GLY A 310 1.75 55.54 22.26
CA GLY A 310 2.83 55.50 23.24
C GLY A 310 3.04 56.80 24.00
N LYS A 311 2.54 57.92 23.48
CA LYS A 311 2.84 59.22 24.05
C LYS A 311 1.80 59.70 25.06
N SER A 312 0.52 59.45 24.80
CA SER A 312 -0.54 60.05 25.61
C SER A 312 -0.61 59.38 26.98
N VAL A 313 -1.34 60.03 27.89
CA VAL A 313 -1.56 59.57 29.25
C VAL A 313 -3.04 59.28 29.42
N VAL A 314 -3.37 58.06 29.84
CA VAL A 314 -4.76 57.63 30.00
C VAL A 314 -5.31 58.25 31.30
N PRO A 315 -6.38 59.04 31.26
CA PRO A 315 -7.01 59.44 32.52
C PRO A 315 -7.61 58.25 33.24
N GLU A 316 -7.63 58.32 34.56
CA GLU A 316 -8.19 57.28 35.41
C GLU A 316 -9.68 57.56 35.61
N LYS A 317 -10.52 56.66 35.13
CA LYS A 317 -11.98 56.82 35.22
C LYS A 317 -12.43 56.86 36.68
N LYS A 375 -8.35 63.41 23.97
CA LYS A 375 -8.48 62.11 23.32
C LYS A 375 -8.52 61.00 24.36
N THR A 376 -9.61 60.25 24.36
CA THR A 376 -9.81 59.13 25.27
C THR A 376 -9.40 57.82 24.60
N PHE A 377 -9.15 56.81 25.43
CA PHE A 377 -8.72 55.49 24.98
C PHE A 377 -9.51 54.42 25.72
N ASN A 378 -9.58 53.25 25.11
CA ASN A 378 -10.24 52.12 25.74
C ASN A 378 -9.46 51.66 26.97
N SER A 379 -10.20 51.18 27.97
CA SER A 379 -9.61 50.56 29.14
C SER A 379 -9.44 49.07 28.90
N VAL A 380 -8.51 48.47 29.65
CA VAL A 380 -8.29 47.03 29.55
C VAL A 380 -9.56 46.31 30.00
N SER A 381 -10.01 45.36 29.19
CA SER A 381 -11.28 44.70 29.45
C SER A 381 -11.22 43.88 30.74
N LYS A 382 -12.20 44.10 31.62
CA LYS A 382 -12.27 43.29 32.82
C LYS A 382 -12.61 41.84 32.48
N ILE A 383 -13.28 41.61 31.35
CA ILE A 383 -13.46 40.24 30.89
C ILE A 383 -12.11 39.58 30.63
N ASP A 384 -11.20 40.31 29.96
CA ASP A 384 -9.86 39.78 29.73
C ASP A 384 -9.12 39.57 31.04
N ARG A 385 -9.23 40.53 31.96
CA ARG A 385 -8.52 40.41 33.23
C ARG A 385 -8.99 39.20 34.01
N LEU A 386 -10.29 38.94 34.03
CA LEU A 386 -10.81 37.77 34.74
C LEU A 386 -10.48 36.49 34.00
N SER A 387 -10.52 36.52 32.66
CA SER A 387 -10.25 35.32 31.88
C SER A 387 -8.80 34.86 32.05
N ARG A 388 -7.87 35.82 32.16
CA ARG A 388 -6.46 35.49 32.32
C ARG A 388 -6.21 34.59 33.51
N ILE A 389 -7.03 34.73 34.56
CA ILE A 389 -6.93 33.86 35.73
C ILE A 389 -7.84 32.65 35.59
N ALA A 390 -9.06 32.85 35.09
CA ALA A 390 -10.07 31.79 35.12
C ALA A 390 -9.70 30.65 34.18
N PHE A 391 -9.34 30.96 32.93
CA PHE A 391 -9.14 29.91 31.94
C PHE A 391 -8.00 28.97 32.30
N PRO A 392 -6.78 29.44 32.60
CA PRO A 392 -5.73 28.49 33.00
C PRO A 392 -6.06 27.72 34.26
N LEU A 393 -6.70 28.36 35.23
CA LEU A 393 -7.05 27.68 36.48
C LEU A 393 -8.06 26.56 36.23
N LEU A 394 -9.09 26.84 35.44
CA LEU A 394 -10.09 25.83 35.15
C LEU A 394 -9.50 24.69 34.32
N PHE A 395 -8.62 25.01 33.37
CA PHE A 395 -7.98 23.95 32.60
C PHE A 395 -7.10 23.07 33.49
N GLY A 396 -6.36 23.69 34.41
CA GLY A 396 -5.55 22.92 35.32
C GLY A 396 -6.37 22.04 36.24
N ILE A 397 -7.49 22.56 36.74
CA ILE A 397 -8.34 21.76 37.60
C ILE A 397 -8.96 20.59 36.82
N PHE A 398 -9.35 20.84 35.57
CA PHE A 398 -9.87 19.76 34.75
C PHE A 398 -8.81 18.69 34.53
N ASN A 399 -7.57 19.10 34.27
CA ASN A 399 -6.51 18.13 34.09
C ASN A 399 -6.28 17.32 35.36
N LEU A 400 -6.29 18.00 36.52
CA LEU A 400 -6.12 17.31 37.79
C LEU A 400 -7.19 16.24 37.97
N VAL A 401 -8.46 16.61 37.79
CA VAL A 401 -9.54 15.66 38.00
C VAL A 401 -9.47 14.53 36.99
N TYR A 402 -9.19 14.84 35.73
CA TYR A 402 -9.15 13.83 34.68
C TYR A 402 -8.05 12.81 34.93
N TRP A 403 -6.83 13.28 35.18
CA TRP A 403 -5.73 12.35 35.39
C TRP A 403 -5.82 11.65 36.74
N ALA A 404 -6.52 12.23 37.71
CA ALA A 404 -6.74 11.53 38.96
C ALA A 404 -7.78 10.43 38.81
N THR A 405 -8.82 10.65 38.01
CA THR A 405 -9.93 9.71 37.93
C THR A 405 -9.76 8.67 36.82
N TYR A 406 -8.77 8.80 35.93
CA TYR A 406 -8.57 7.81 34.88
C TYR A 406 -7.32 6.96 35.02
N LEU A 407 -6.27 7.43 35.70
CA LEU A 407 -5.04 6.64 35.77
C LEU A 407 -5.20 5.41 36.65
N ASN A 408 -5.98 5.50 37.71
CA ASN A 408 -6.19 4.40 38.66
C ASN A 408 -7.66 3.97 38.57
N ARG A 409 -7.95 3.07 37.62
CA ARG A 409 -9.30 2.56 37.42
C ARG A 409 -9.33 1.04 37.29
N GLU A 410 -8.24 0.44 36.80
CA GLU A 410 -8.24 -0.98 36.50
C GLU A 410 -8.03 -1.82 37.76
N PRO A 411 -8.33 -3.12 37.71
CA PRO A 411 -8.02 -3.98 38.85
C PRO A 411 -6.52 -4.17 39.02
N GLN A 412 -6.12 -4.48 40.25
CA GLN A 412 -4.74 -4.76 40.60
C GLN A 412 -4.67 -6.07 41.37
N LEU A 413 -3.49 -6.67 41.38
CA LEU A 413 -3.28 -7.93 42.08
C LEU A 413 -3.49 -7.75 43.59
N ASN B 2 27.40 -45.16 -18.45
CA ASN B 2 26.22 -45.93 -18.83
C ASN B 2 25.00 -45.47 -18.04
N MET B 3 24.02 -44.92 -18.76
CA MET B 3 22.86 -44.35 -18.08
C MET B 3 22.01 -45.44 -17.44
N SER B 4 21.95 -46.63 -18.04
CA SER B 4 21.26 -47.74 -17.40
C SER B 4 21.96 -48.14 -16.10
N PHE B 5 23.29 -48.10 -16.10
CA PHE B 5 24.03 -48.39 -14.87
C PHE B 5 23.74 -47.34 -13.80
N VAL B 6 23.67 -46.07 -14.20
CA VAL B 6 23.33 -45.01 -13.24
C VAL B 6 21.93 -45.24 -12.70
N LYS B 7 20.99 -45.60 -13.58
CA LYS B 7 19.62 -45.85 -13.16
C LYS B 7 19.54 -46.99 -12.15
N GLU B 8 20.21 -48.10 -12.44
CA GLU B 8 20.13 -49.23 -11.52
C GLU B 8 20.85 -48.93 -10.21
N THR B 9 21.94 -48.17 -10.26
CA THR B 9 22.60 -47.76 -9.02
C THR B 9 21.69 -46.91 -8.16
N VAL B 10 21.00 -45.93 -8.77
CA VAL B 10 20.10 -45.08 -7.99
C VAL B 10 18.93 -45.90 -7.45
N ASP B 11 18.42 -46.83 -8.25
CA ASP B 11 17.33 -47.68 -7.77
C ASP B 11 17.77 -48.52 -6.59
N LYS B 12 19.00 -49.06 -6.65
CA LYS B 12 19.54 -49.80 -5.52
C LYS B 12 19.68 -48.92 -4.28
N LEU B 13 20.12 -47.66 -4.48
CA LEU B 13 20.28 -46.75 -3.36
C LEU B 13 18.94 -46.49 -2.68
N LEU B 14 17.90 -46.24 -3.47
CA LEU B 14 16.58 -45.95 -2.91
C LEU B 14 15.80 -47.18 -2.50
N LYS B 15 16.28 -48.39 -2.84
CA LYS B 15 15.60 -49.62 -2.46
C LYS B 15 15.84 -49.89 -0.98
N GLY B 16 14.77 -50.05 -0.22
CA GLY B 16 14.91 -50.36 1.19
C GLY B 16 15.38 -49.21 2.04
N TYR B 17 15.26 -47.98 1.56
CA TYR B 17 15.68 -46.80 2.30
C TYR B 17 14.54 -46.38 3.23
N ASP B 18 14.84 -46.27 4.53
CA ASP B 18 13.86 -45.91 5.54
C ASP B 18 13.98 -44.40 5.81
N ILE B 19 13.10 -43.62 5.20
CA ILE B 19 13.10 -42.18 5.38
C ILE B 19 12.79 -41.77 6.80
N ARG B 20 12.11 -42.64 7.57
CA ARG B 20 11.71 -42.28 8.93
C ARG B 20 12.93 -42.12 9.85
N LEU B 21 13.97 -42.90 9.63
CA LEU B 21 15.14 -42.91 10.50
C LEU B 21 16.22 -41.98 9.95
N ARG B 22 16.92 -41.30 10.85
CA ARG B 22 18.01 -40.42 10.47
C ARG B 22 19.22 -41.28 10.08
N PRO B 23 20.27 -40.66 9.51
CA PRO B 23 21.37 -41.47 8.95
C PRO B 23 22.03 -42.45 9.92
N ASP B 24 22.20 -42.08 11.18
CA ASP B 24 22.74 -42.98 12.21
C ASP B 24 21.78 -42.95 13.38
N PHE B 25 20.72 -43.75 13.32
CA PHE B 25 19.62 -43.61 14.27
C PHE B 25 20.06 -43.96 15.68
N GLY B 26 20.69 -45.11 15.87
CA GLY B 26 21.22 -45.49 17.16
C GLY B 26 22.64 -45.05 17.41
N GLY B 27 23.25 -44.34 16.47
CA GLY B 27 24.67 -44.01 16.54
C GLY B 27 24.93 -42.61 17.02
N PRO B 28 26.13 -42.09 16.76
CA PRO B 28 26.46 -40.73 17.18
C PRO B 28 25.67 -39.71 16.38
N PRO B 29 25.68 -38.45 16.78
CA PRO B 29 24.87 -37.45 16.06
C PRO B 29 25.39 -37.20 14.65
N VAL B 30 24.47 -36.80 13.79
CA VAL B 30 24.80 -36.45 12.40
C VAL B 30 25.24 -35.00 12.36
N CYS B 31 26.43 -34.76 11.81
CA CYS B 31 26.93 -33.41 11.64
C CYS B 31 26.37 -32.81 10.35
N VAL B 32 25.88 -31.58 10.44
CA VAL B 32 25.27 -30.87 9.33
C VAL B 32 25.98 -29.54 9.20
N GLY B 33 26.68 -29.34 8.08
CA GLY B 33 27.22 -28.05 7.76
C GLY B 33 26.20 -27.22 7.01
N MET B 34 26.23 -25.91 7.26
CA MET B 34 25.28 -24.99 6.65
C MET B 34 26.02 -23.81 6.06
N ASN B 35 25.59 -23.38 4.88
CA ASN B 35 26.07 -22.12 4.35
C ASN B 35 24.96 -21.46 3.55
N ILE B 36 25.00 -20.13 3.53
CA ILE B 36 23.93 -19.31 3.00
C ILE B 36 24.54 -18.36 1.98
N ASP B 37 23.79 -18.09 0.91
CA ASP B 37 24.13 -17.05 -0.06
C ASP B 37 22.97 -16.07 -0.09
N ILE B 38 23.17 -14.86 0.42
CA ILE B 38 22.10 -13.89 0.54
C ILE B 38 21.90 -13.24 -0.83
N ALA B 39 20.70 -13.37 -1.38
CA ALA B 39 20.36 -12.74 -2.65
C ALA B 39 19.91 -11.30 -2.46
N SER B 40 19.14 -11.02 -1.41
CA SER B 40 18.65 -9.67 -1.17
C SER B 40 18.01 -9.58 0.20
N ILE B 41 17.99 -8.38 0.76
CA ILE B 41 17.19 -8.04 1.92
C ILE B 41 16.27 -6.91 1.49
N ASP B 42 14.95 -7.18 1.48
CA ASP B 42 14.02 -6.34 0.74
C ASP B 42 13.40 -5.22 1.57
N MET B 43 12.65 -5.58 2.62
CA MET B 43 11.77 -4.65 3.32
C MET B 43 12.06 -4.67 4.82
N VAL B 44 13.02 -3.86 5.26
CA VAL B 44 13.29 -3.68 6.67
C VAL B 44 12.23 -2.72 7.21
N SER B 45 11.19 -3.28 7.84
CA SER B 45 10.00 -2.52 8.23
C SER B 45 10.05 -2.22 9.72
N GLU B 46 9.97 -0.95 10.07
CA GLU B 46 9.88 -0.56 11.47
C GLU B 46 8.49 -0.81 12.02
N VAL B 47 7.45 -0.53 11.23
CA VAL B 47 6.08 -0.67 11.71
C VAL B 47 5.74 -2.14 11.97
N ASN B 48 6.28 -3.04 11.16
CA ASN B 48 6.03 -4.48 11.32
C ASN B 48 7.10 -5.17 12.15
N MET B 49 8.24 -4.52 12.43
CA MET B 49 9.34 -5.10 13.20
C MET B 49 9.80 -6.42 12.58
N ASP B 50 10.19 -6.34 11.31
CA ASP B 50 10.66 -7.53 10.60
C ASP B 50 11.44 -7.10 9.38
N TYR B 51 12.07 -8.07 8.73
CA TYR B 51 12.81 -7.85 7.49
C TYR B 51 12.66 -9.09 6.63
N THR B 52 12.57 -8.88 5.33
CA THR B 52 12.46 -9.98 4.37
C THR B 52 13.84 -10.31 3.83
N LEU B 53 14.10 -11.62 3.69
CA LEU B 53 15.43 -12.13 3.36
C LEU B 53 15.28 -13.24 2.34
N THR B 54 15.85 -13.06 1.16
CA THR B 54 15.91 -14.09 0.13
C THR B 54 17.32 -14.67 0.10
N MET B 55 17.40 -15.99 0.04
CA MET B 55 18.69 -16.64 0.19
C MET B 55 18.68 -18.03 -0.44
N TYR B 56 19.88 -18.48 -0.78
CA TYR B 56 20.14 -19.88 -1.12
C TYR B 56 20.72 -20.53 0.14
N PHE B 57 19.93 -21.40 0.75
CA PHE B 57 20.28 -22.06 2.00
C PHE B 57 20.67 -23.49 1.67
N GLN B 58 21.92 -23.86 2.00
CA GLN B 58 22.48 -25.14 1.60
C GLN B 58 22.94 -25.90 2.85
N GLN B 59 22.52 -27.15 2.94
CA GLN B 59 22.89 -28.06 4.01
C GLN B 59 23.73 -29.20 3.44
N TYR B 60 24.69 -29.65 4.25
CA TYR B 60 25.69 -30.64 3.86
CA TYR B 60 25.69 -30.63 3.86
C TYR B 60 25.77 -31.68 4.96
N TRP B 61 25.59 -32.95 4.59
CA TRP B 61 25.71 -34.00 5.60
C TRP B 61 26.13 -35.29 4.92
N ARG B 62 26.23 -36.36 5.71
CA ARG B 62 26.68 -37.66 5.26
C ARG B 62 25.60 -38.69 5.57
N ASP B 63 25.28 -39.51 4.58
CA ASP B 63 24.34 -40.61 4.74
C ASP B 63 24.97 -41.85 4.10
N LYS B 64 25.45 -42.77 4.94
CA LYS B 64 26.12 -43.97 4.43
C LYS B 64 25.19 -44.84 3.61
N ARG B 65 23.87 -44.74 3.84
CA ARG B 65 22.93 -45.51 3.04
C ARG B 65 22.95 -45.09 1.58
N LEU B 66 23.34 -43.84 1.30
CA LEU B 66 23.33 -43.29 -0.05
C LEU B 66 24.69 -43.33 -0.73
N ALA B 67 25.67 -44.02 -0.13
CA ALA B 67 26.97 -44.16 -0.78
C ALA B 67 26.87 -45.13 -1.96
N TYR B 68 27.57 -44.79 -3.04
CA TYR B 68 27.60 -45.62 -4.24
C TYR B 68 29.02 -45.66 -4.79
N SER B 69 29.28 -46.66 -5.63
CA SER B 69 30.61 -46.88 -6.17
C SER B 69 30.49 -47.27 -7.65
N GLY B 70 31.59 -47.12 -8.37
CA GLY B 70 31.63 -47.42 -9.78
C GLY B 70 31.13 -46.32 -10.69
N ILE B 71 30.67 -45.20 -10.14
CA ILE B 71 30.19 -44.06 -10.92
C ILE B 71 31.01 -42.85 -10.50
N PRO B 72 32.11 -42.51 -11.21
CA PRO B 72 32.90 -41.34 -10.77
C PRO B 72 32.23 -40.02 -11.14
N LEU B 73 31.11 -39.74 -10.47
CA LEU B 73 30.34 -38.54 -10.73
C LEU B 73 29.65 -38.10 -9.46
N ASN B 74 29.33 -36.82 -9.40
CA ASN B 74 28.52 -36.24 -8.34
C ASN B 74 27.11 -36.14 -8.88
N LEU B 75 26.25 -37.07 -8.48
CA LEU B 75 24.94 -37.22 -9.11
C LEU B 75 24.03 -36.09 -8.65
N THR B 76 23.76 -35.13 -9.53
CA THR B 76 22.74 -34.13 -9.28
C THR B 76 21.41 -34.71 -9.72
N LEU B 77 20.53 -34.99 -8.78
CA LEU B 77 19.27 -35.64 -9.06
C LEU B 77 18.14 -34.62 -9.14
N ASP B 78 17.03 -35.03 -9.75
CA ASP B 78 15.86 -34.17 -9.80
C ASP B 78 15.38 -33.86 -8.40
N ASN B 79 14.86 -32.65 -8.21
CA ASN B 79 14.55 -32.16 -6.87
C ASN B 79 13.45 -32.98 -6.18
N ARG B 80 12.68 -33.75 -6.94
CA ARG B 80 11.61 -34.55 -6.33
C ARG B 80 12.13 -35.67 -5.44
N VAL B 81 13.40 -36.07 -5.60
CA VAL B 81 13.95 -37.17 -4.81
C VAL B 81 14.12 -36.78 -3.34
N ALA B 82 14.08 -35.48 -3.02
CA ALA B 82 14.15 -35.08 -1.62
C ALA B 82 12.96 -35.59 -0.84
N ASP B 83 11.80 -35.76 -1.50
CA ASP B 83 10.65 -36.33 -0.83
C ASP B 83 10.90 -37.77 -0.41
N GLN B 84 11.75 -38.49 -1.14
CA GLN B 84 12.10 -39.86 -0.80
C GLN B 84 13.27 -39.94 0.17
N LEU B 85 14.15 -38.95 0.15
CA LEU B 85 15.33 -38.94 1.01
C LEU B 85 15.04 -38.26 2.34
N TRP B 86 15.83 -38.64 3.36
CA TRP B 86 15.81 -37.95 4.64
C TRP B 86 16.54 -36.62 4.52
N VAL B 87 16.02 -35.60 5.19
CA VAL B 87 16.68 -34.29 5.30
C VAL B 87 16.49 -33.76 6.71
N PRO B 88 17.36 -32.85 7.15
CA PRO B 88 17.22 -32.33 8.51
C PRO B 88 15.94 -31.54 8.70
N ASP B 89 15.44 -31.53 9.93
CA ASP B 89 14.25 -30.77 10.29
C ASP B 89 14.65 -29.37 10.76
N THR B 90 15.27 -28.64 9.84
CA THR B 90 15.75 -27.30 10.12
C THR B 90 14.61 -26.29 9.99
N TYR B 91 14.65 -25.27 10.86
CA TYR B 91 13.65 -24.22 10.84
C TYR B 91 14.27 -22.96 11.41
N PHE B 92 13.60 -21.83 11.18
CA PHE B 92 14.04 -20.54 11.66
C PHE B 92 13.08 -20.09 12.76
N LEU B 93 13.64 -19.89 13.97
CA LEU B 93 12.79 -19.67 15.13
C LEU B 93 12.02 -18.36 15.04
N ASN B 94 12.67 -17.30 14.59
CA ASN B 94 12.05 -15.98 14.51
C ASN B 94 11.36 -15.74 13.17
N ASP B 95 10.94 -16.82 12.49
CA ASP B 95 10.23 -16.69 11.23
C ASP B 95 8.77 -16.32 11.45
N LYS B 96 8.29 -15.39 10.63
CA LYS B 96 6.88 -15.02 10.58
C LYS B 96 6.17 -15.56 9.35
N LYS B 97 6.85 -15.59 8.21
CA LYS B 97 6.27 -16.04 6.96
C LYS B 97 7.40 -16.35 6.00
N SER B 98 7.36 -17.54 5.40
CA SER B 98 8.43 -17.96 4.51
C SER B 98 7.89 -18.97 3.50
N PHE B 99 8.61 -19.11 2.40
CA PHE B 99 8.22 -20.03 1.34
C PHE B 99 9.42 -20.38 0.49
N VAL B 100 9.42 -21.59 -0.04
CA VAL B 100 10.39 -22.00 -1.05
C VAL B 100 9.85 -21.60 -2.41
N HIS B 101 10.68 -20.91 -3.19
CA HIS B 101 10.26 -20.47 -4.51
C HIS B 101 9.97 -21.67 -5.40
N GLY B 102 8.95 -21.54 -6.24
CA GLY B 102 8.39 -22.67 -6.96
C GLY B 102 8.14 -22.47 -8.45
N VAL B 103 8.99 -21.68 -9.11
CA VAL B 103 8.91 -21.44 -10.55
C VAL B 103 10.31 -21.61 -11.12
N THR B 104 10.47 -22.37 -12.23
CA THR B 104 9.45 -23.15 -12.94
C THR B 104 9.07 -24.40 -12.14
N VAL B 105 10.02 -24.92 -11.37
CA VAL B 105 9.80 -26.03 -10.45
C VAL B 105 10.20 -25.57 -9.06
N LYS B 106 10.10 -26.47 -8.08
CA LYS B 106 10.53 -26.15 -6.73
C LYS B 106 12.04 -25.94 -6.72
N ASN B 107 12.46 -24.72 -6.35
CA ASN B 107 13.88 -24.37 -6.40
C ASN B 107 14.60 -25.07 -5.26
N ARG B 108 14.88 -26.34 -5.50
CA ARG B 108 15.46 -27.26 -4.53
C ARG B 108 16.51 -28.10 -5.24
N MET B 109 17.59 -28.38 -4.54
CA MET B 109 18.74 -29.11 -5.06
C MET B 109 18.99 -30.35 -4.20
N ILE B 110 19.23 -31.48 -4.86
CA ILE B 110 19.76 -32.67 -4.23
C ILE B 110 20.94 -33.14 -5.06
N ARG B 111 22.12 -33.23 -4.43
CA ARG B 111 23.32 -33.74 -5.07
C ARG B 111 23.95 -34.78 -4.16
N LEU B 112 24.05 -36.01 -4.64
CA LEU B 112 24.69 -37.10 -3.93
C LEU B 112 26.12 -37.25 -4.43
N HIS B 113 26.99 -37.69 -3.53
CA HIS B 113 28.39 -37.93 -3.81
C HIS B 113 28.70 -39.41 -3.60
N PRO B 114 29.79 -39.92 -4.18
CA PRO B 114 30.07 -41.36 -4.07
C PRO B 114 30.21 -41.87 -2.64
N ASP B 115 30.71 -41.04 -1.72
CA ASP B 115 30.92 -41.45 -0.34
C ASP B 115 29.67 -41.25 0.52
N GLY B 116 28.50 -41.10 -0.09
CA GLY B 116 27.27 -40.93 0.65
C GLY B 116 26.97 -39.51 1.08
N THR B 117 27.84 -38.55 0.77
CA THR B 117 27.59 -37.16 1.14
C THR B 117 26.41 -36.62 0.35
N VAL B 118 25.59 -35.80 1.03
CA VAL B 118 24.40 -35.19 0.47
C VAL B 118 24.52 -33.68 0.60
N LEU B 119 24.32 -32.98 -0.51
CA LEU B 119 24.18 -31.53 -0.56
C LEU B 119 22.74 -31.22 -0.91
N TYR B 120 22.08 -30.44 -0.04
CA TYR B 120 20.65 -30.16 -0.14
C TYR B 120 20.46 -28.66 -0.14
N GLY B 121 19.99 -28.10 -1.25
CA GLY B 121 19.85 -26.67 -1.40
C GLY B 121 18.38 -26.27 -1.51
N LEU B 122 18.07 -25.07 -1.02
CA LEU B 122 16.72 -24.53 -1.10
C LEU B 122 16.80 -23.03 -1.32
N ARG B 123 15.99 -22.51 -2.25
CA ARG B 123 15.85 -21.06 -2.40
C ARG B 123 14.67 -20.62 -1.54
N ILE B 124 14.96 -19.82 -0.51
CA ILE B 124 14.00 -19.48 0.53
C ILE B 124 13.89 -17.98 0.63
N THR B 125 12.66 -17.46 0.61
CA THR B 125 12.34 -16.12 1.05
C THR B 125 11.63 -16.23 2.39
N THR B 126 12.09 -15.45 3.36
CA THR B 126 11.59 -15.54 4.73
C THR B 126 11.46 -14.15 5.32
N THR B 127 10.31 -13.88 5.95
CA THR B 127 10.08 -12.65 6.70
C THR B 127 10.34 -12.95 8.18
N ALA B 128 11.48 -12.47 8.69
CA ALA B 128 11.92 -12.76 10.04
C ALA B 128 11.68 -11.56 10.94
N ALA B 129 11.29 -11.84 12.18
CA ALA B 129 11.04 -10.78 13.14
C ALA B 129 12.33 -10.14 13.61
N CYS B 130 12.34 -8.81 13.69
CA CYS B 130 13.48 -8.04 14.19
C CYS B 130 12.91 -6.89 15.02
N MET B 131 12.92 -7.06 16.33
CA MET B 131 12.44 -6.01 17.22
C MET B 131 13.51 -4.93 17.33
N MET B 132 13.11 -3.69 17.08
CA MET B 132 14.02 -2.58 16.91
C MET B 132 13.89 -1.62 18.09
N ASP B 133 15.01 -1.03 18.48
CA ASP B 133 15.06 0.01 19.52
C ASP B 133 15.18 1.36 18.81
N LEU B 134 14.10 2.13 18.82
CA LEU B 134 14.00 3.37 18.06
C LEU B 134 14.21 4.61 18.93
N ARG B 135 14.85 4.47 20.10
CA ARG B 135 15.08 5.63 20.95
C ARG B 135 16.01 6.64 20.28
N ARG B 136 17.03 6.15 19.58
CA ARG B 136 17.97 7.00 18.85
C ARG B 136 17.59 7.17 17.38
N TYR B 137 16.36 6.79 17.01
CA TYR B 137 15.92 6.93 15.63
C TYR B 137 15.91 8.41 15.24
N PRO B 138 16.37 8.78 14.03
CA PRO B 138 16.88 8.00 12.89
C PRO B 138 18.40 7.79 12.90
N LEU B 139 19.06 8.11 14.00
CA LEU B 139 20.49 7.85 14.17
C LEU B 139 20.74 6.53 14.90
N ASP B 140 19.86 5.55 14.67
CA ASP B 140 19.90 4.28 15.38
C ASP B 140 20.67 3.24 14.61
N GLU B 141 21.18 2.25 15.34
CA GLU B 141 21.89 1.11 14.78
C GLU B 141 21.17 -0.15 15.24
N GLN B 142 20.56 -0.86 14.30
CA GLN B 142 19.72 -2.01 14.59
C GLN B 142 20.50 -3.30 14.40
N ASN B 143 20.08 -4.36 15.09
CA ASN B 143 20.71 -5.71 15.01
C ASN B 143 19.59 -6.69 14.69
N CYS B 144 19.62 -7.29 13.51
CA CYS B 144 18.61 -8.23 13.03
C CYS B 144 19.23 -9.59 12.78
N THR B 145 18.59 -10.64 13.30
CA THR B 145 19.18 -11.98 13.33
C THR B 145 18.25 -12.99 12.67
N LEU B 146 18.85 -14.10 12.27
CA LEU B 146 18.15 -15.30 11.84
C LEU B 146 18.64 -16.47 12.69
N GLU B 147 17.69 -17.22 13.27
CA GLU B 147 17.96 -18.21 14.29
C GLU B 147 17.63 -19.60 13.73
N ILE B 148 18.63 -20.24 13.12
CA ILE B 148 18.47 -21.56 12.54
C ILE B 148 18.58 -22.61 13.64
N GLU B 149 17.65 -23.57 13.66
CA GLU B 149 17.59 -24.56 14.71
C GLU B 149 16.98 -25.85 14.18
N SER B 150 17.39 -26.96 14.78
CA SER B 150 16.74 -28.25 14.52
C SER B 150 15.53 -28.39 15.41
N TYR B 151 14.41 -28.82 14.84
CA TYR B 151 13.18 -28.89 15.63
C TYR B 151 13.12 -30.16 16.47
N GLY B 152 13.12 -31.32 15.82
CA GLY B 152 12.88 -32.56 16.52
C GLY B 152 14.11 -33.23 17.10
N TYR B 153 15.28 -32.95 16.55
CA TYR B 153 16.50 -33.66 16.90
C TYR B 153 17.31 -32.83 17.89
N THR B 154 17.64 -33.44 19.03
CA THR B 154 18.46 -32.79 20.03
C THR B 154 19.94 -32.93 19.68
N THR B 155 20.80 -32.41 20.54
CA THR B 155 22.24 -32.49 20.30
C THR B 155 22.74 -33.92 20.32
N ASP B 156 22.00 -34.85 20.95
CA ASP B 156 22.36 -36.26 20.89
C ASP B 156 22.10 -36.86 19.52
N ASP B 157 21.32 -36.19 18.66
CA ASP B 157 20.96 -36.68 17.34
C ASP B 157 21.58 -35.88 16.21
N ILE B 158 21.67 -34.56 16.35
CA ILE B 158 22.09 -33.68 15.26
C ILE B 158 23.03 -32.62 15.81
N GLU B 159 24.07 -32.30 15.04
CA GLU B 159 24.98 -31.21 15.34
C GLU B 159 25.03 -30.28 14.15
N PHE B 160 25.10 -28.98 14.41
CA PHE B 160 25.13 -27.95 13.38
C PHE B 160 26.48 -27.26 13.39
N TYR B 161 26.97 -26.91 12.21
CA TYR B 161 28.14 -26.05 12.12
C TYR B 161 28.03 -25.20 10.86
N TRP B 162 28.78 -24.10 10.87
CA TRP B 162 28.84 -23.20 9.72
C TRP B 162 29.91 -23.73 8.78
N ARG B 163 29.49 -24.29 7.63
CA ARG B 163 30.44 -24.84 6.70
C ARG B 163 31.24 -23.71 6.04
N GLY B 164 32.56 -23.86 6.03
CA GLY B 164 33.43 -22.80 5.57
C GLY B 164 33.79 -21.77 6.62
N GLY B 165 33.39 -21.97 7.87
CA GLY B 165 33.76 -21.04 8.91
C GLY B 165 33.12 -19.69 8.73
N ASP B 166 33.90 -18.64 8.98
CA ASP B 166 33.39 -17.27 8.88
C ASP B 166 32.97 -16.91 7.46
N LYS B 167 33.47 -17.63 6.46
CA LYS B 167 33.06 -17.43 5.08
C LYS B 167 31.82 -18.23 4.71
N ALA B 168 31.10 -18.78 5.69
CA ALA B 168 29.92 -19.58 5.39
C ALA B 168 28.84 -18.76 4.71
N VAL B 169 28.60 -17.54 5.17
CA VAL B 169 27.58 -16.65 4.62
C VAL B 169 28.25 -15.71 3.64
N THR B 170 27.75 -15.68 2.41
CA THR B 170 28.30 -14.88 1.33
C THR B 170 27.21 -14.01 0.73
N GLY B 171 27.63 -13.01 -0.05
CA GLY B 171 26.72 -12.09 -0.68
C GLY B 171 26.28 -10.93 0.18
N VAL B 172 26.84 -10.78 1.38
CA VAL B 172 26.43 -9.68 2.25
C VAL B 172 26.91 -8.35 1.69
N GLU B 173 28.11 -8.30 1.14
CA GLU B 173 28.67 -7.05 0.65
C GLU B 173 27.94 -6.52 -0.57
N ARG B 174 27.16 -7.36 -1.26
CA ARG B 174 26.43 -6.96 -2.46
C ARG B 174 24.98 -6.59 -2.17
N ILE B 175 24.64 -6.36 -0.91
CA ILE B 175 23.28 -6.00 -0.51
C ILE B 175 23.14 -4.49 -0.54
N GLU B 176 22.09 -4.00 -1.17
CA GLU B 176 21.79 -2.58 -1.28
C GLU B 176 20.45 -2.31 -0.62
N LEU B 177 20.47 -1.65 0.53
CA LEU B 177 19.28 -1.21 1.24
C LEU B 177 19.12 0.28 1.09
N PRO B 178 17.97 0.82 0.65
CA PRO B 178 17.87 2.28 0.49
C PRO B 178 18.07 3.05 1.78
N GLN B 179 17.59 2.54 2.91
CA GLN B 179 17.64 3.26 4.17
C GLN B 179 18.81 2.88 5.06
N PHE B 180 19.40 1.71 4.86
CA PHE B 180 20.37 1.14 5.78
C PHE B 180 21.67 0.79 5.07
N SER B 181 22.73 0.73 5.86
CA SER B 181 24.03 0.23 5.43
C SER B 181 24.44 -0.88 6.39
N ILE B 182 24.79 -2.04 5.83
CA ILE B 182 25.19 -3.19 6.64
C ILE B 182 26.64 -2.96 7.07
N VAL B 183 26.84 -2.67 8.35
CA VAL B 183 28.19 -2.39 8.84
C VAL B 183 28.95 -3.67 9.19
N GLU B 184 28.24 -4.73 9.56
CA GLU B 184 28.90 -5.95 10.00
C GLU B 184 27.89 -7.09 9.97
N HIS B 185 28.39 -8.31 9.80
CA HIS B 185 27.61 -9.51 9.97
C HIS B 185 28.43 -10.52 10.76
N ARG B 186 27.73 -11.35 11.54
CA ARG B 186 28.34 -12.25 12.50
C ARG B 186 27.64 -13.61 12.47
N LEU B 187 28.44 -14.67 12.63
CA LEU B 187 27.95 -16.04 12.75
C LEU B 187 28.26 -16.56 14.14
N VAL B 188 27.27 -17.22 14.74
CA VAL B 188 27.41 -17.79 16.09
C VAL B 188 26.84 -19.19 16.06
N SER B 189 27.46 -20.11 16.81
CA SER B 189 26.99 -21.47 16.98
C SER B 189 26.93 -21.77 18.47
N ARG B 190 25.78 -22.27 18.93
CA ARG B 190 25.58 -22.50 20.35
C ARG B 190 24.52 -23.59 20.53
N ASN B 191 24.13 -23.82 21.77
CA ASN B 191 23.08 -24.76 22.14
C ASN B 191 22.01 -24.02 22.92
N VAL B 192 20.76 -24.46 22.74
CA VAL B 192 19.61 -23.87 23.40
C VAL B 192 18.82 -24.99 24.05
N VAL B 193 18.44 -24.78 25.32
CA VAL B 193 17.76 -25.78 26.12
C VAL B 193 16.30 -25.39 26.25
N PHE B 194 15.42 -26.29 25.85
CA PHE B 194 13.98 -26.18 26.07
C PHE B 194 13.56 -27.27 27.04
N ALA B 195 12.25 -27.35 27.29
CA ALA B 195 11.74 -28.40 28.16
C ALA B 195 11.98 -29.79 27.56
N THR B 196 12.03 -29.89 26.24
CA THR B 196 12.16 -31.17 25.56
C THR B 196 13.61 -31.61 25.36
N GLY B 197 14.59 -30.74 25.62
CA GLY B 197 15.99 -31.10 25.53
C GLY B 197 16.80 -29.95 24.99
N ALA B 198 18.08 -30.21 24.77
CA ALA B 198 19.03 -29.24 24.25
C ALA B 198 19.17 -29.43 22.74
N TYR B 199 19.10 -28.32 22.00
CA TYR B 199 19.11 -28.32 20.55
C TYR B 199 20.23 -27.44 20.02
N PRO B 200 20.75 -27.70 18.82
CA PRO B 200 21.77 -26.82 18.26
C PRO B 200 21.15 -25.59 17.63
N ARG B 201 21.91 -24.48 17.67
CA ARG B 201 21.44 -23.20 17.18
C ARG B 201 22.57 -22.54 16.41
N LEU B 202 22.25 -22.01 15.24
CA LEU B 202 23.14 -21.19 14.44
C LEU B 202 22.48 -19.84 14.25
N SER B 203 23.16 -18.76 14.64
CA SER B 203 22.64 -17.42 14.55
C SER B 203 23.43 -16.63 13.52
N LEU B 204 22.73 -16.04 12.56
CA LEU B 204 23.31 -15.14 11.56
C LEU B 204 22.75 -13.75 11.83
N SER B 205 23.60 -12.84 12.30
CA SER B 205 23.18 -11.51 12.70
C SER B 205 23.81 -10.45 11.80
N PHE B 206 23.05 -9.41 11.50
CA PHE B 206 23.50 -8.25 10.77
C PHE B 206 23.32 -7.01 11.64
N ARG B 207 24.29 -6.11 11.59
CA ARG B 207 24.17 -4.78 12.18
C ARG B 207 23.95 -3.77 11.05
N LEU B 208 22.87 -3.01 11.16
CA LEU B 208 22.46 -2.04 10.16
C LEU B 208 22.53 -0.65 10.75
N LYS B 209 23.17 0.27 10.02
CA LYS B 209 23.23 1.68 10.38
C LYS B 209 22.29 2.43 9.45
N ARG B 210 21.34 3.16 10.03
CA ARG B 210 20.37 3.89 9.23
C ARG B 210 21.02 5.10 8.58
N ASN B 211 20.61 5.39 7.35
CA ASN B 211 21.10 6.56 6.63
C ASN B 211 20.34 7.80 7.09
N ILE B 212 21.10 8.87 7.34
CA ILE B 212 20.53 10.10 7.87
C ILE B 212 20.09 11.09 6.79
N GLY B 213 20.54 10.90 5.55
CA GLY B 213 20.32 11.92 4.54
C GLY B 213 18.87 12.13 4.18
N TYR B 214 18.10 11.05 4.12
CA TYR B 214 16.67 11.18 3.83
C TYR B 214 15.97 12.02 4.90
N PHE B 215 16.31 11.76 6.16
CA PHE B 215 15.67 12.51 7.24
C PHE B 215 16.13 13.95 7.26
N ILE B 216 17.39 14.21 6.92
CA ILE B 216 17.85 15.59 6.83
C ILE B 216 17.08 16.33 5.75
N LEU B 217 16.85 15.67 4.61
CA LEU B 217 16.08 16.31 3.55
C LEU B 217 14.64 16.55 3.99
N GLN B 218 14.02 15.59 4.65
CA GLN B 218 12.58 15.62 4.84
C GLN B 218 12.13 16.35 6.10
N THR B 219 12.87 16.25 7.21
CA THR B 219 12.41 16.73 8.50
C THR B 219 13.27 17.83 9.07
N TYR B 220 14.60 17.64 9.14
CA TYR B 220 15.43 18.57 9.88
C TYR B 220 15.50 19.94 9.20
N MET B 221 15.78 19.96 7.89
CA MET B 221 15.88 21.24 7.20
C MET B 221 14.59 22.03 7.20
N PRO B 222 13.42 21.46 6.88
CA PRO B 222 12.19 22.27 7.00
C PRO B 222 11.94 22.80 8.40
N SER B 223 12.25 22.02 9.44
CA SER B 223 12.07 22.52 10.80
C SER B 223 12.99 23.70 11.08
N ILE B 224 14.25 23.60 10.64
CA ILE B 224 15.20 24.68 10.85
C ILE B 224 14.74 25.94 10.13
N LEU B 225 14.24 25.75 8.92
CA LEU B 225 13.83 26.91 8.09
C LEU B 225 12.59 27.55 8.70
N ILE B 226 11.65 26.76 9.20
CA ILE B 226 10.45 27.31 9.82
C ILE B 226 10.81 28.05 11.10
N THR B 227 11.77 27.54 11.87
CA THR B 227 12.22 28.27 13.05
C THR B 227 12.88 29.59 12.68
N ILE B 228 13.71 29.57 11.63
CA ILE B 228 14.40 30.78 11.22
C ILE B 228 13.39 31.83 10.77
N LEU B 229 12.36 31.41 10.04
CA LEU B 229 11.31 32.36 9.65
C LEU B 229 10.43 32.76 10.81
N SER B 230 10.32 31.93 11.85
CA SER B 230 9.67 32.38 13.07
C SER B 230 10.43 33.55 13.68
N TRP B 231 11.77 33.52 13.58
CA TRP B 231 12.56 34.63 14.10
C TRP B 231 12.36 35.93 13.33
N VAL B 232 11.73 35.89 12.14
CA VAL B 232 11.54 37.11 11.36
C VAL B 232 10.68 38.12 12.11
N SER B 233 9.77 37.65 12.95
CA SER B 233 8.84 38.56 13.64
C SER B 233 9.56 39.50 14.60
N PHE B 234 10.77 39.16 15.04
CA PHE B 234 11.49 40.06 15.94
C PHE B 234 11.84 41.38 15.26
N TRP B 235 12.05 41.36 13.95
CA TRP B 235 12.36 42.57 13.21
C TRP B 235 11.13 43.32 12.73
N ILE B 236 9.93 42.76 12.90
CA ILE B 236 8.70 43.45 12.53
C ILE B 236 8.27 44.37 13.66
N ASN B 237 7.66 45.49 13.28
CA ASN B 237 7.25 46.51 14.26
C ASN B 237 6.24 45.94 15.25
N TYR B 238 6.33 46.41 16.49
CA TYR B 238 5.48 45.87 17.55
C TYR B 238 4.01 46.14 17.31
N ASP B 239 3.68 47.21 16.59
CA ASP B 239 2.29 47.54 16.32
C ASP B 239 1.70 46.74 15.17
N ALA B 240 2.51 45.98 14.43
CA ALA B 240 2.00 45.09 13.39
C ALA B 240 1.58 43.76 14.01
N SER B 241 0.55 43.85 14.86
CA SER B 241 0.11 42.71 15.65
C SER B 241 -0.44 41.60 14.77
N ALA B 242 -1.23 41.96 13.76
CA ALA B 242 -1.78 40.93 12.87
C ALA B 242 -0.67 40.18 12.16
N ALA B 243 0.33 40.90 11.65
CA ALA B 243 1.43 40.26 10.94
C ALA B 243 2.22 39.35 11.86
N ARG B 244 2.61 39.84 13.03
CA ARG B 244 3.45 39.04 13.92
C ARG B 244 2.69 37.84 14.45
N VAL B 245 1.42 38.01 14.79
CA VAL B 245 0.63 36.88 15.28
C VAL B 245 0.41 35.86 14.18
N ALA B 246 0.17 36.31 12.95
CA ALA B 246 0.00 35.38 11.84
C ALA B 246 1.28 34.58 11.63
N LEU B 247 2.43 35.24 11.66
CA LEU B 247 3.71 34.55 11.49
C LEU B 247 3.91 33.50 12.58
N GLY B 248 3.71 33.90 13.84
CA GLY B 248 3.92 32.97 14.95
C GLY B 248 2.98 31.79 14.90
N ILE B 249 1.69 32.06 14.64
CA ILE B 249 0.69 30.99 14.60
C ILE B 249 1.00 30.03 13.45
N THR B 250 1.36 30.57 12.29
CA THR B 250 1.66 29.72 11.15
C THR B 250 2.85 28.82 11.43
N THR B 251 3.92 29.39 12.02
CA THR B 251 5.08 28.56 12.33
C THR B 251 4.75 27.50 13.37
N VAL B 252 3.97 27.85 14.40
CA VAL B 252 3.64 26.91 15.45
C VAL B 252 2.82 25.75 14.89
N LEU B 253 1.80 26.07 14.08
CA LEU B 253 0.99 25.01 13.50
C LEU B 253 1.77 24.21 12.47
N THR B 254 2.72 24.83 11.77
CA THR B 254 3.57 24.08 10.85
C THR B 254 4.39 23.04 11.60
N MET B 255 4.98 23.44 12.72
CA MET B 255 5.72 22.47 13.53
C MET B 255 4.80 21.36 14.03
N THR B 256 3.59 21.72 14.48
CA THR B 256 2.66 20.71 14.97
C THR B 256 2.31 19.71 13.88
N THR B 257 2.00 20.20 12.68
CA THR B 257 1.62 19.31 11.60
C THR B 257 2.80 18.43 11.16
N ILE B 258 4.01 18.99 11.10
CA ILE B 258 5.17 18.19 10.73
C ILE B 258 5.36 17.06 11.75
N ASN B 259 5.31 17.41 13.04
CA ASN B 259 5.51 16.40 14.08
C ASN B 259 4.44 15.32 14.02
N THR B 260 3.18 15.72 13.80
CA THR B 260 2.11 14.73 13.74
C THR B 260 2.24 13.83 12.52
N HIS B 261 2.39 14.42 11.34
CA HIS B 261 2.39 13.64 10.11
C HIS B 261 3.66 12.82 9.91
N LEU B 262 4.75 13.15 10.60
CA LEU B 262 5.95 12.32 10.47
C LEU B 262 5.72 10.93 11.04
N ARG B 263 5.09 10.84 12.22
CA ARG B 263 4.97 9.58 12.95
C ARG B 263 3.67 8.84 12.63
N GLU B 264 3.17 9.00 11.41
CA GLU B 264 2.13 8.13 10.87
C GLU B 264 2.69 7.01 9.99
N THR B 265 4.02 6.88 9.93
CA THR B 265 4.69 5.82 9.18
C THR B 265 5.58 4.98 10.09
N LEU B 266 5.26 4.95 11.38
CA LEU B 266 6.07 4.29 12.39
C LEU B 266 5.15 3.56 13.35
N PRO B 267 5.67 2.57 14.09
CA PRO B 267 4.82 1.87 15.05
C PRO B 267 4.53 2.75 16.25
N LYS B 268 3.52 2.32 17.02
CA LYS B 268 3.04 3.10 18.17
C LYS B 268 3.91 2.83 19.40
N ILE B 269 5.16 3.22 19.28
CA ILE B 269 6.10 3.10 20.40
C ILE B 269 5.73 4.09 21.49
N PRO B 270 5.92 3.79 22.78
CA PRO B 270 5.55 4.73 23.82
C PRO B 270 6.63 5.72 24.23
N TYR B 271 7.86 5.56 23.76
CA TYR B 271 8.99 6.38 24.19
C TYR B 271 9.33 7.44 23.15
N VAL B 272 10.20 8.36 23.54
CA VAL B 272 10.55 9.53 22.75
C VAL B 272 11.78 9.20 21.91
N LYS B 273 11.71 9.52 20.62
CA LYS B 273 12.81 9.31 19.69
C LYS B 273 13.66 10.58 19.59
N ALA B 274 14.82 10.45 18.98
CA ALA B 274 15.68 11.62 18.77
C ALA B 274 15.01 12.64 17.86
N ILE B 275 14.31 12.17 16.83
CA ILE B 275 13.58 13.08 15.96
C ILE B 275 12.48 13.78 16.76
N ASP B 276 11.86 13.07 17.70
CA ASP B 276 10.87 13.71 18.55
C ASP B 276 11.50 14.78 19.42
N MET B 277 12.69 14.51 19.96
CA MET B 277 13.39 15.54 20.73
C MET B 277 13.65 16.78 19.88
N TYR B 278 14.12 16.58 18.66
CA TYR B 278 14.40 17.72 17.79
C TYR B 278 13.13 18.49 17.46
N LEU B 279 12.04 17.78 17.15
CA LEU B 279 10.81 18.47 16.76
C LEU B 279 10.20 19.22 17.93
N MET B 280 10.22 18.63 19.13
CA MET B 280 9.76 19.36 20.31
C MET B 280 10.65 20.55 20.61
N GLY B 281 11.95 20.45 20.36
CA GLY B 281 12.81 21.61 20.54
C GLY B 281 12.45 22.74 19.60
N CYS B 282 12.24 22.42 18.32
CA CYS B 282 11.84 23.45 17.37
C CYS B 282 10.48 24.03 17.72
N PHE B 283 9.56 23.19 18.17
CA PHE B 283 8.25 23.68 18.60
C PHE B 283 8.40 24.64 19.78
N VAL B 284 9.24 24.29 20.74
CA VAL B 284 9.45 25.16 21.89
C VAL B 284 10.01 26.50 21.44
N PHE B 285 10.92 26.47 20.47
CA PHE B 285 11.52 27.73 20.01
C PHE B 285 10.49 28.62 19.33
N VAL B 286 9.69 28.06 18.42
CA VAL B 286 8.71 28.90 17.71
C VAL B 286 7.62 29.36 18.68
N PHE B 287 7.21 28.50 19.61
CA PHE B 287 6.22 28.89 20.60
C PHE B 287 6.77 30.00 21.49
N LEU B 288 8.05 29.93 21.84
CA LEU B 288 8.66 30.99 22.64
C LEU B 288 8.74 32.30 21.87
N ALA B 289 8.96 32.24 20.56
CA ALA B 289 8.91 33.47 19.76
C ALA B 289 7.51 34.09 19.79
N LEU B 290 6.48 33.25 19.63
CA LEU B 290 5.12 33.78 19.69
C LEU B 290 4.80 34.36 21.06
N LEU B 291 5.21 33.66 22.12
CA LEU B 291 5.03 34.20 23.47
C LEU B 291 5.85 35.47 23.68
N GLU B 292 6.99 35.60 23.01
CA GLU B 292 7.76 36.83 23.11
C GLU B 292 6.99 38.00 22.53
N TYR B 293 6.35 37.80 21.38
CA TYR B 293 5.53 38.90 20.87
C TYR B 293 4.36 39.18 21.81
N ALA B 294 3.74 38.13 22.34
CA ALA B 294 2.66 38.34 23.32
C ALA B 294 3.16 39.14 24.50
N PHE B 295 4.39 38.87 24.94
CA PHE B 295 4.95 39.56 26.10
C PHE B 295 5.18 41.03 25.80
N VAL B 296 5.78 41.36 24.64
CA VAL B 296 6.03 42.77 24.36
C VAL B 296 4.73 43.51 24.12
N ASN B 297 3.76 42.88 23.46
CA ASN B 297 2.46 43.52 23.26
C ASN B 297 1.78 43.80 24.58
N TYR B 298 1.79 42.82 25.49
CA TYR B 298 1.18 43.02 26.79
C TYR B 298 1.91 44.12 27.55
N ILE B 299 3.25 44.10 27.53
CA ILE B 299 4.02 45.09 28.27
C ILE B 299 3.66 46.49 27.79
N PHE B 300 3.71 46.71 26.49
CA PHE B 300 3.36 48.01 25.92
C PHE B 300 1.94 48.41 26.29
N PHE B 301 0.95 47.67 25.79
CA PHE B 301 -0.44 48.09 25.87
C PHE B 301 -1.08 47.87 27.23
N GLY B 302 -0.35 47.36 28.22
CA GLY B 302 -0.89 47.16 29.55
C GLY B 302 -0.02 47.69 30.66
N ARG B 303 1.13 48.30 30.32
CA ARG B 303 1.97 48.98 31.29
C ARG B 303 2.26 50.43 30.93
N GLY B 304 2.31 50.77 29.64
CA GLY B 304 2.61 52.12 29.22
C GLY B 304 1.75 53.21 29.84
N PRO B 305 0.41 53.05 29.83
CA PRO B 305 -0.44 54.09 30.45
C PRO B 305 -0.14 54.36 31.91
N GLN B 306 -0.22 53.35 32.78
CA GLN B 306 -0.01 53.62 34.20
C GLN B 306 1.46 53.86 34.51
N ARG B 307 2.39 53.28 33.73
CA ARG B 307 3.80 53.63 33.92
C ARG B 307 4.03 55.11 33.66
N GLN B 308 3.47 55.64 32.58
CA GLN B 308 3.61 57.07 32.30
C GLN B 308 2.91 57.91 33.34
N LYS B 309 1.72 57.48 33.79
CA LYS B 309 0.99 58.25 34.80
C LYS B 309 1.71 58.25 36.14
N LYS B 310 2.47 57.19 36.44
CA LYS B 310 3.17 57.11 37.71
C LYS B 310 4.37 58.06 37.79
N LEU B 311 4.82 58.60 36.65
CA LEU B 311 5.94 59.53 36.65
C LEU B 311 5.59 60.79 37.43
N LYS B 407 22.19 38.16 30.32
CA LYS B 407 21.82 39.37 31.02
C LYS B 407 20.61 40.03 30.35
N ILE B 408 19.44 39.85 30.95
CA ILE B 408 18.19 40.33 30.37
C ILE B 408 18.20 41.86 30.35
N PRO B 409 17.46 42.50 29.43
CA PRO B 409 17.42 43.97 29.44
C PRO B 409 16.31 44.48 30.35
N ASP B 410 16.13 45.79 30.42
CA ASP B 410 14.99 46.34 31.12
C ASP B 410 13.70 45.89 30.45
N LEU B 411 12.70 45.57 31.25
CA LEU B 411 11.39 45.14 30.75
C LEU B 411 10.46 46.33 30.48
N THR B 412 11.01 47.54 30.37
CA THR B 412 10.23 48.75 30.10
C THR B 412 10.32 49.18 28.64
N ASP B 413 11.15 48.54 27.82
CA ASP B 413 11.37 48.95 26.43
C ASP B 413 11.16 47.75 25.52
N VAL B 414 10.08 47.79 24.74
CA VAL B 414 9.80 46.72 23.79
C VAL B 414 10.89 46.64 22.73
N ASN B 415 11.48 47.77 22.35
CA ASN B 415 12.60 47.74 21.42
C ASN B 415 13.78 46.99 22.01
N ALA B 416 14.06 47.21 23.30
CA ALA B 416 15.14 46.46 23.95
C ALA B 416 14.83 44.98 23.98
N ILE B 417 13.58 44.62 24.28
CA ILE B 417 13.21 43.20 24.31
C ILE B 417 13.37 42.58 22.93
N ASP B 418 12.95 43.30 21.89
CA ASP B 418 13.09 42.78 20.53
C ASP B 418 14.55 42.61 20.14
N ARG B 419 15.41 43.57 20.50
CA ARG B 419 16.83 43.43 20.20
C ARG B 419 17.43 42.24 20.94
N TRP B 420 17.06 42.07 22.21
CA TRP B 420 17.55 40.93 22.97
C TRP B 420 17.10 39.62 22.35
N SER B 421 15.85 39.55 21.89
CA SER B 421 15.38 38.34 21.22
C SER B 421 16.15 38.09 19.93
N ARG B 422 16.39 39.16 19.16
CA ARG B 422 17.16 39.05 17.93
C ARG B 422 18.53 38.44 18.19
N ILE B 423 19.19 38.89 19.26
CA ILE B 423 20.51 38.34 19.59
C ILE B 423 20.39 36.90 20.07
N VAL B 424 19.43 36.62 20.95
CA VAL B 424 19.49 35.41 21.76
C VAL B 424 18.87 34.21 21.06
N PHE B 425 17.80 34.39 20.29
CA PHE B 425 17.14 33.23 19.68
C PHE B 425 18.06 32.49 18.71
N PRO B 426 18.76 33.15 17.77
CA PRO B 426 19.70 32.40 16.92
C PRO B 426 20.81 31.73 17.69
N PHE B 427 21.40 32.41 18.68
CA PHE B 427 22.48 31.83 19.45
C PHE B 427 22.00 30.60 20.23
N THR B 428 20.84 30.70 20.87
CA THR B 428 20.33 29.58 21.64
C THR B 428 19.96 28.42 20.73
N PHE B 429 19.39 28.70 19.55
CA PHE B 429 19.05 27.63 18.63
C PHE B 429 20.31 26.93 18.12
N SER B 430 21.36 27.70 17.82
CA SER B 430 22.62 27.09 17.41
C SER B 430 23.20 26.22 18.52
N LEU B 431 23.13 26.70 19.76
CA LEU B 431 23.62 25.91 20.89
C LEU B 431 22.82 24.61 21.03
N PHE B 432 21.50 24.70 20.88
CA PHE B 432 20.66 23.51 20.94
C PHE B 432 21.03 22.52 19.86
N ASN B 433 21.23 23.01 18.64
CA ASN B 433 21.62 22.11 17.54
C ASN B 433 22.96 21.46 17.82
N LEU B 434 23.92 22.24 18.33
CA LEU B 434 25.23 21.68 18.64
C LEU B 434 25.13 20.57 19.67
N VAL B 435 24.38 20.84 20.76
CA VAL B 435 24.25 19.83 21.81
C VAL B 435 23.56 18.59 21.28
N TYR B 436 22.49 18.77 20.51
CA TYR B 436 21.74 17.64 19.98
C TYR B 436 22.60 16.77 19.08
N TRP B 437 23.30 17.39 18.13
CA TRP B 437 24.06 16.61 17.16
C TRP B 437 25.27 15.96 17.80
N LEU B 438 25.95 16.67 18.71
CA LEU B 438 27.08 16.05 19.40
C LEU B 438 26.63 14.92 20.30
N TYR B 439 25.43 15.01 20.87
CA TYR B 439 24.93 13.91 21.69
C TYR B 439 24.59 12.69 20.83
N TYR B 440 23.87 12.90 19.74
CA TYR B 440 23.32 11.78 18.98
C TYR B 440 24.23 11.27 17.87
N VAL B 441 25.39 11.91 17.66
CA VAL B 441 26.37 11.41 16.69
C VAL B 441 27.62 10.96 17.44
N GLY C 1 -4.81 -47.20 -28.22
CA GLY C 1 -4.55 -46.58 -29.49
C GLY C 1 -3.07 -46.57 -29.84
N ASP C 2 -2.77 -46.12 -31.07
CA ASP C 2 -1.37 -46.05 -31.50
C ASP C 2 -0.59 -45.08 -30.63
N VAL C 3 -1.17 -43.91 -30.36
CA VAL C 3 -0.50 -42.95 -29.49
C VAL C 3 -0.40 -43.51 -28.08
N THR C 4 -1.40 -44.25 -27.63
CA THR C 4 -1.35 -44.82 -26.29
C THR C 4 -0.19 -45.80 -26.15
N VAL C 5 -0.03 -46.70 -27.12
CA VAL C 5 1.06 -47.65 -27.04
C VAL C 5 2.40 -46.94 -27.19
N ILE C 6 2.47 -45.89 -28.01
CA ILE C 6 3.72 -45.13 -28.14
C ILE C 6 4.09 -44.51 -26.78
N LEU C 7 3.11 -43.90 -26.11
CA LEU C 7 3.39 -43.26 -24.83
C LEU C 7 3.78 -44.29 -23.78
N ASN C 8 3.09 -45.43 -23.75
CA ASN C 8 3.44 -46.47 -22.78
C ASN C 8 4.84 -47.00 -23.02
N ASN C 9 5.22 -47.22 -24.28
CA ASN C 9 6.56 -47.67 -24.59
C ASN C 9 7.61 -46.64 -24.19
N LEU C 10 7.32 -45.36 -24.44
CA LEU C 10 8.28 -44.33 -24.07
C LEU C 10 8.46 -44.25 -22.57
N LEU C 11 7.37 -44.32 -21.81
CA LEU C 11 7.45 -44.22 -20.36
C LEU C 11 7.96 -45.50 -19.70
N GLU C 12 7.92 -46.63 -20.41
CA GLU C 12 8.39 -47.88 -19.82
C GLU C 12 9.90 -47.83 -19.62
N GLY C 13 10.34 -48.07 -18.39
CA GLY C 13 11.76 -48.01 -18.08
C GLY C 13 12.34 -46.62 -17.98
N TYR C 14 11.51 -45.59 -18.04
CA TYR C 14 11.99 -44.22 -17.98
C TYR C 14 12.22 -43.80 -16.53
N ASP C 15 13.31 -43.08 -16.30
CA ASP C 15 13.65 -42.53 -14.99
C ASP C 15 13.70 -41.01 -15.12
N ASN C 16 12.66 -40.34 -14.64
CA ASN C 16 12.59 -38.89 -14.73
C ASN C 16 13.53 -38.19 -13.76
N LYS C 17 14.15 -38.91 -12.84
CA LYS C 17 15.10 -38.29 -11.93
C LYS C 17 16.41 -37.94 -12.63
N LEU C 18 16.76 -38.66 -13.68
CA LEU C 18 18.04 -38.50 -14.38
C LEU C 18 17.84 -37.67 -15.63
N ARG C 19 18.69 -36.67 -15.81
CA ARG C 19 18.65 -35.86 -17.02
C ARG C 19 19.14 -36.68 -18.20
N PRO C 20 18.73 -36.34 -19.43
CA PRO C 20 19.29 -37.03 -20.60
C PRO C 20 20.77 -36.74 -20.73
N ASP C 21 21.53 -37.74 -21.16
CA ASP C 21 22.99 -37.66 -21.26
C ASP C 21 23.60 -37.34 -19.90
N ILE C 22 23.29 -38.21 -18.94
CA ILE C 22 23.70 -37.97 -17.55
C ILE C 22 25.22 -38.00 -17.42
N GLY C 23 25.88 -38.87 -18.19
CA GLY C 23 27.32 -39.03 -18.12
C GLY C 23 27.97 -39.03 -19.49
N VAL C 24 27.43 -38.25 -20.42
CA VAL C 24 27.95 -38.18 -21.78
C VAL C 24 28.35 -36.75 -22.10
N LYS C 25 27.39 -35.83 -22.06
CA LYS C 25 27.61 -34.45 -22.43
C LYS C 25 26.58 -33.58 -21.73
N PRO C 26 26.79 -32.27 -21.66
CA PRO C 26 25.76 -31.40 -21.09
C PRO C 26 24.50 -31.40 -21.95
N THR C 27 23.35 -31.26 -21.30
CA THR C 27 22.09 -31.09 -21.99
C THR C 27 21.95 -29.64 -22.43
N LEU C 28 21.64 -29.45 -23.72
CA LEU C 28 21.52 -28.12 -24.30
C LEU C 28 20.04 -27.73 -24.35
N ILE C 29 19.70 -26.63 -23.70
CA ILE C 29 18.33 -26.12 -23.63
C ILE C 29 18.27 -24.84 -24.44
N HIS C 30 17.46 -24.84 -25.49
CA HIS C 30 17.20 -23.66 -26.29
C HIS C 30 15.99 -22.94 -25.70
N THR C 31 16.18 -21.72 -25.22
CA THR C 31 15.14 -20.98 -24.52
C THR C 31 14.54 -19.91 -25.43
N ASP C 32 13.27 -19.63 -25.20
CA ASP C 32 12.51 -18.66 -25.98
C ASP C 32 11.51 -17.99 -25.06
N MET C 33 11.28 -16.69 -25.27
CA MET C 33 10.35 -15.92 -24.46
C MET C 33 9.43 -15.13 -25.35
N TYR C 34 8.15 -15.07 -24.97
CA TYR C 34 7.22 -14.10 -25.51
C TYR C 34 6.67 -13.29 -24.34
N VAL C 35 6.84 -11.97 -24.39
CA VAL C 35 6.47 -11.09 -23.28
C VAL C 35 5.08 -10.56 -23.56
N ASN C 36 4.08 -11.08 -22.83
CA ASN C 36 2.73 -10.58 -22.97
C ASN C 36 2.62 -9.15 -22.46
N SER C 37 3.27 -8.87 -21.33
CA SER C 37 3.17 -7.54 -20.71
C SER C 37 4.21 -7.37 -19.62
N ILE C 38 4.93 -6.26 -19.65
CA ILE C 38 5.78 -5.84 -18.53
C ILE C 38 4.91 -4.94 -17.65
N GLY C 39 4.53 -5.46 -16.49
CA GLY C 39 3.61 -4.79 -15.61
C GLY C 39 4.18 -3.50 -15.04
N PRO C 40 3.50 -2.94 -14.04
CA PRO C 40 3.98 -1.68 -13.47
C PRO C 40 5.32 -1.83 -12.78
N VAL C 41 6.13 -0.78 -12.84
CA VAL C 41 7.41 -0.73 -12.16
C VAL C 41 7.17 -0.10 -10.79
N ASN C 42 7.35 -0.88 -9.73
CA ASN C 42 7.12 -0.42 -8.37
C ASN C 42 8.43 0.15 -7.84
N ALA C 43 8.56 1.48 -7.88
CA ALA C 43 9.77 2.12 -7.40
C ALA C 43 9.94 1.97 -5.90
N ILE C 44 8.83 1.82 -5.16
CA ILE C 44 8.93 1.67 -3.71
C ILE C 44 9.69 0.39 -3.36
N ASN C 45 9.33 -0.72 -4.01
CA ASN C 45 9.87 -2.03 -3.68
C ASN C 45 11.03 -2.46 -4.58
N MET C 46 11.48 -1.61 -5.49
CA MET C 46 12.59 -1.93 -6.40
C MET C 46 12.28 -3.19 -7.22
N GLU C 47 11.08 -3.26 -7.77
CA GLU C 47 10.63 -4.44 -8.50
C GLU C 47 9.71 -4.03 -9.63
N TYR C 48 9.55 -4.96 -10.57
CA TYR C 48 8.60 -4.80 -11.67
C TYR C 48 8.00 -6.17 -11.99
N THR C 49 6.81 -6.16 -12.58
CA THR C 49 6.09 -7.37 -12.93
C THR C 49 6.20 -7.61 -14.43
N ILE C 50 6.27 -8.88 -14.80
CA ILE C 50 6.36 -9.28 -16.21
C ILE C 50 5.62 -10.60 -16.39
N ASP C 51 4.80 -10.69 -17.43
CA ASP C 51 4.06 -11.89 -17.79
C ASP C 51 4.61 -12.44 -19.09
N ILE C 52 4.97 -13.72 -19.10
CA ILE C 52 5.64 -14.33 -20.24
C ILE C 52 5.05 -15.69 -20.57
N PHE C 53 5.22 -16.08 -21.83
CA PHE C 53 5.19 -17.48 -22.25
C PHE C 53 6.65 -17.90 -22.42
N PHE C 54 7.08 -18.84 -21.60
CA PHE C 54 8.47 -19.29 -21.53
C PHE C 54 8.55 -20.69 -22.12
N ALA C 55 9.38 -20.86 -23.14
CA ALA C 55 9.51 -22.12 -23.86
C ALA C 55 10.95 -22.62 -23.81
N GLN C 56 11.10 -23.92 -23.62
CA GLN C 56 12.40 -24.57 -23.55
C GLN C 56 12.37 -25.80 -24.46
N THR C 57 13.40 -25.95 -25.29
CA THR C 57 13.53 -27.06 -26.20
C THR C 57 14.82 -27.82 -25.91
N TRP C 58 14.74 -29.15 -25.89
CA TRP C 58 15.92 -29.96 -25.66
C TRP C 58 15.73 -31.32 -26.33
N TYR C 59 16.69 -32.21 -26.13
CA TYR C 59 16.70 -33.52 -26.76
C TYR C 59 16.82 -34.58 -25.68
N ASP C 60 15.96 -35.60 -25.75
CA ASP C 60 15.98 -36.75 -24.86
C ASP C 60 15.98 -38.00 -25.72
N ARG C 61 17.11 -38.69 -25.78
CA ARG C 61 17.21 -39.89 -26.61
C ARG C 61 16.26 -40.98 -26.14
N ARG C 62 15.90 -40.98 -24.85
CA ARG C 62 14.97 -41.98 -24.35
C ARG C 62 13.58 -41.82 -24.96
N LEU C 63 13.22 -40.62 -25.39
CA LEU C 63 11.90 -40.35 -25.93
C LEU C 63 11.83 -40.49 -27.45
N LYS C 64 12.88 -41.02 -28.09
CA LYS C 64 12.79 -41.35 -29.51
C LYS C 64 11.74 -42.42 -29.72
N PHE C 65 10.92 -42.24 -30.76
CA PHE C 65 9.98 -43.27 -31.18
C PHE C 65 9.93 -43.29 -32.70
N ASN C 66 9.64 -44.48 -33.24
CA ASN C 66 9.57 -44.71 -34.68
C ASN C 66 8.12 -45.04 -35.02
N SER C 67 7.45 -44.11 -35.71
CA SER C 67 6.05 -44.31 -36.06
C SER C 67 5.71 -43.36 -37.20
N THR C 68 4.56 -43.63 -37.83
CA THR C 68 4.07 -42.73 -38.87
C THR C 68 3.73 -41.36 -38.28
N ILE C 69 3.40 -41.29 -37.01
CA ILE C 69 3.14 -40.02 -36.34
C ILE C 69 4.48 -39.36 -36.06
N LYS C 70 4.62 -38.11 -36.50
CA LYS C 70 5.88 -37.38 -36.40
C LYS C 70 5.98 -36.53 -35.13
N VAL C 71 4.89 -36.32 -34.41
CA VAL C 71 4.93 -35.48 -33.22
C VAL C 71 3.75 -35.80 -32.32
N LEU C 72 4.02 -35.94 -31.01
CA LEU C 72 2.98 -36.13 -30.00
C LEU C 72 2.69 -34.78 -29.38
N ARG C 73 1.54 -34.21 -29.71
CA ARG C 73 1.16 -32.87 -29.27
C ARG C 73 0.29 -33.04 -28.04
N LEU C 74 0.95 -32.98 -26.87
CA LEU C 74 0.36 -33.37 -25.60
C LEU C 74 0.00 -32.13 -24.78
N ASN C 75 -0.50 -32.38 -23.58
CA ASN C 75 -0.89 -31.36 -22.60
C ASN C 75 -0.04 -31.56 -21.33
N SER C 76 -0.43 -30.86 -20.27
CA SER C 76 0.33 -30.80 -19.02
C SER C 76 0.42 -32.12 -18.27
N ASN C 77 -0.23 -33.20 -18.73
CA ASN C 77 -0.27 -34.43 -17.93
C ASN C 77 1.12 -35.04 -17.77
N MET C 78 1.92 -35.08 -18.83
CA MET C 78 3.21 -35.76 -18.81
C MET C 78 4.38 -34.84 -18.43
N VAL C 79 4.10 -33.58 -18.11
CA VAL C 79 5.17 -32.69 -17.67
C VAL C 79 5.83 -33.24 -16.41
N GLY C 80 5.03 -33.76 -15.48
CA GLY C 80 5.56 -34.41 -14.31
C GLY C 80 6.02 -35.83 -14.50
N LYS C 81 5.82 -36.40 -15.69
CA LYS C 81 6.22 -37.76 -15.99
C LYS C 81 7.57 -37.86 -16.68
N ILE C 82 7.90 -36.89 -17.54
CA ILE C 82 9.20 -36.87 -18.20
C ILE C 82 10.14 -35.95 -17.42
N TRP C 83 11.44 -36.06 -17.71
CA TRP C 83 12.40 -35.15 -17.12
C TRP C 83 12.21 -33.74 -17.68
N ILE C 84 12.27 -32.75 -16.81
CA ILE C 84 12.10 -31.35 -17.18
C ILE C 84 13.27 -30.58 -16.58
N PRO C 85 13.83 -29.56 -17.23
CA PRO C 85 14.88 -28.76 -16.57
C PRO C 85 14.33 -28.03 -15.35
N ASP C 86 15.19 -27.84 -14.37
CA ASP C 86 14.85 -27.09 -13.16
C ASP C 86 15.19 -25.61 -13.32
N THR C 87 14.70 -25.01 -14.41
CA THR C 87 14.98 -23.61 -14.67
C THR C 87 14.28 -22.75 -13.64
N PHE C 88 15.02 -21.78 -13.09
CA PHE C 88 14.48 -20.85 -12.12
C PHE C 88 15.05 -19.47 -12.39
N PHE C 89 14.29 -18.45 -11.98
CA PHE C 89 14.63 -17.06 -12.22
C PHE C 89 15.37 -16.52 -10.99
N ARG C 90 16.60 -16.09 -11.20
CA ARG C 90 17.49 -15.75 -10.10
C ARG C 90 17.03 -14.51 -9.35
N ASN C 91 16.55 -13.49 -10.08
CA ASN C 91 16.21 -12.19 -9.51
C ASN C 91 14.71 -12.03 -9.29
N SER C 92 13.99 -13.13 -9.05
CA SER C 92 12.55 -13.08 -8.82
C SER C 92 12.27 -12.94 -7.33
N LYS C 93 11.56 -11.88 -6.96
CA LYS C 93 11.07 -11.75 -5.60
C LYS C 93 9.86 -12.64 -5.37
N LYS C 94 9.01 -12.77 -6.38
CA LYS C 94 7.82 -13.62 -6.31
C LYS C 94 7.43 -13.99 -7.73
N ALA C 95 7.15 -15.26 -7.96
CA ALA C 95 6.75 -15.75 -9.27
C ALA C 95 5.72 -16.86 -9.10
N ASP C 96 4.89 -17.04 -10.11
CA ASP C 96 3.86 -18.06 -10.05
C ASP C 96 3.45 -18.46 -11.46
N ALA C 97 3.17 -19.75 -11.65
CA ALA C 97 2.58 -20.24 -12.88
C ALA C 97 1.07 -20.01 -12.83
N HIS C 98 0.42 -20.32 -13.95
CA HIS C 98 -1.02 -20.13 -14.11
C HIS C 98 -1.71 -21.49 -14.11
N TRP C 99 -2.82 -21.58 -13.36
CA TRP C 99 -3.48 -22.83 -13.07
C TRP C 99 -4.95 -22.89 -13.46
N ILE C 100 -5.50 -21.79 -13.99
CA ILE C 100 -6.92 -21.70 -14.34
C ILE C 100 -7.02 -21.70 -15.87
N THR C 101 -7.90 -22.53 -16.47
CA THR C 101 -8.72 -23.58 -15.84
C THR C 101 -7.88 -24.79 -15.48
N THR C 102 -6.86 -25.03 -16.30
CA THR C 102 -5.92 -26.13 -16.15
C THR C 102 -4.52 -25.53 -16.09
N PRO C 103 -3.49 -26.26 -15.61
CA PRO C 103 -2.14 -25.68 -15.66
C PRO C 103 -1.70 -25.27 -17.06
N ASN C 104 -1.36 -23.99 -17.21
CA ASN C 104 -1.04 -23.40 -18.50
C ASN C 104 0.32 -23.87 -18.97
N ARG C 105 0.38 -25.14 -19.39
CA ARG C 105 1.61 -25.78 -19.85
C ARG C 105 1.30 -26.58 -21.10
N MET C 106 2.32 -26.75 -21.93
CA MET C 106 2.22 -27.43 -23.21
C MET C 106 3.48 -28.24 -23.42
N LEU C 107 3.30 -29.47 -23.91
CA LEU C 107 4.42 -30.39 -24.14
C LEU C 107 4.25 -31.01 -25.52
N ARG C 108 5.33 -31.00 -26.31
CA ARG C 108 5.36 -31.61 -27.63
C ARG C 108 6.63 -32.43 -27.76
N ILE C 109 6.50 -33.64 -28.29
CA ILE C 109 7.61 -34.57 -28.45
C ILE C 109 7.64 -35.03 -29.89
N TRP C 110 8.78 -34.82 -30.54
CA TRP C 110 8.98 -35.24 -31.92
C TRP C 110 9.63 -36.63 -31.95
N ASN C 111 9.53 -37.27 -33.12
CA ASN C 111 10.01 -38.65 -33.24
C ASN C 111 11.51 -38.76 -33.06
N ASP C 112 12.27 -37.70 -33.31
CA ASP C 112 13.72 -37.74 -33.14
C ASP C 112 14.14 -37.52 -31.69
N GLY C 113 13.21 -37.32 -30.77
CA GLY C 113 13.53 -37.09 -29.37
C GLY C 113 13.53 -35.64 -28.94
N ARG C 114 13.12 -34.72 -29.80
CA ARG C 114 13.07 -33.32 -29.42
C ARG C 114 11.84 -33.05 -28.58
N VAL C 115 12.04 -32.43 -27.42
CA VAL C 115 10.97 -32.06 -26.51
C VAL C 115 10.89 -30.55 -26.46
N LEU C 116 9.70 -30.01 -26.69
CA LEU C 116 9.38 -28.60 -26.52
C LEU C 116 8.40 -28.49 -25.35
N TYR C 117 8.75 -27.67 -24.35
CA TYR C 117 7.98 -27.52 -23.13
C TYR C 117 7.77 -26.03 -22.89
N THR C 118 6.51 -25.61 -22.93
CA THR C 118 6.14 -24.21 -22.78
C THR C 118 5.23 -24.05 -21.57
N LEU C 119 5.34 -22.91 -20.90
CA LEU C 119 4.43 -22.62 -19.80
C LEU C 119 4.25 -21.11 -19.66
N ARG C 120 3.10 -20.72 -19.12
CA ARG C 120 2.83 -19.32 -18.82
C ARG C 120 3.30 -18.98 -17.41
N LEU C 121 3.93 -17.82 -17.26
CA LEU C 121 4.49 -17.39 -15.98
C LEU C 121 4.21 -15.91 -15.76
N THR C 122 4.10 -15.55 -14.48
CA THR C 122 4.06 -14.16 -14.04
C THR C 122 5.11 -14.00 -12.96
N ILE C 123 6.03 -13.05 -13.15
CA ILE C 123 7.23 -12.92 -12.33
C ILE C 123 7.32 -11.49 -11.83
N ASP C 124 7.55 -11.34 -10.53
CA ASP C 124 7.94 -10.05 -9.94
C ASP C 124 9.44 -10.09 -9.75
N ALA C 125 10.16 -9.38 -10.60
CA ALA C 125 11.62 -9.38 -10.63
C ALA C 125 12.15 -8.09 -10.04
N GLU C 126 13.18 -8.19 -9.20
CA GLU C 126 13.78 -7.00 -8.62
C GLU C 126 14.60 -6.25 -9.65
N CYS C 127 14.54 -4.92 -9.59
CA CYS C 127 15.27 -4.04 -10.50
C CYS C 127 15.77 -2.87 -9.66
N GLN C 128 17.04 -2.94 -9.25
CA GLN C 128 17.63 -1.88 -8.45
C GLN C 128 17.73 -0.60 -9.27
N LEU C 129 16.90 0.38 -8.95
CA LEU C 129 16.87 1.64 -9.67
C LEU C 129 17.80 2.65 -9.02
N GLN C 130 18.48 3.43 -9.87
CA GLN C 130 19.31 4.55 -9.44
C GLN C 130 18.53 5.82 -9.81
N LEU C 131 17.98 6.47 -8.78
CA LEU C 131 17.04 7.57 -8.96
C LEU C 131 17.70 8.93 -8.83
N HIS C 132 18.99 9.03 -9.16
CA HIS C 132 19.68 10.31 -9.06
C HIS C 132 19.11 11.33 -10.04
N ASN C 133 18.78 10.89 -11.26
CA ASN C 133 18.23 11.75 -12.29
C ASN C 133 16.70 11.73 -12.33
N PHE C 134 16.05 11.21 -11.29
CA PHE C 134 14.60 11.16 -11.27
C PHE C 134 14.05 12.59 -11.32
N PRO C 135 12.99 12.87 -12.11
CA PRO C 135 12.20 12.01 -13.00
C PRO C 135 12.71 11.87 -14.44
N MET C 136 13.94 12.31 -14.70
CA MET C 136 14.56 12.16 -16.01
C MET C 136 15.52 10.98 -16.05
N ASP C 137 15.16 9.90 -15.35
CA ASP C 137 16.00 8.74 -15.17
C ASP C 137 15.62 7.63 -16.14
N GLU C 138 16.62 6.85 -16.55
CA GLU C 138 16.45 5.69 -17.41
C GLU C 138 17.05 4.48 -16.71
N HIS C 139 16.42 3.33 -16.88
CA HIS C 139 16.82 2.11 -16.19
C HIS C 139 16.87 0.95 -17.17
N SER C 140 17.68 -0.05 -16.82
CA SER C 140 17.83 -1.27 -17.58
C SER C 140 17.55 -2.42 -16.62
N CYS C 141 16.29 -2.84 -16.57
CA CYS C 141 15.87 -3.82 -15.58
C CYS C 141 16.13 -5.24 -16.09
N PRO C 142 16.80 -6.09 -15.32
CA PRO C 142 17.13 -7.43 -15.82
C PRO C 142 16.09 -8.48 -15.46
N LEU C 143 16.19 -9.61 -16.16
CA LEU C 143 15.46 -10.83 -15.83
C LEU C 143 16.40 -11.98 -16.12
N GLU C 144 16.93 -12.60 -15.06
CA GLU C 144 17.95 -13.62 -15.17
C GLU C 144 17.35 -14.97 -14.82
N PHE C 145 17.74 -16.02 -15.55
CA PHE C 145 17.33 -17.38 -15.21
C PHE C 145 18.48 -18.33 -15.48
N SER C 146 18.46 -19.44 -14.76
CA SER C 146 19.48 -20.47 -14.89
C SER C 146 18.93 -21.78 -14.35
N SER C 147 19.79 -22.78 -14.23
CA SER C 147 19.44 -24.07 -13.66
C SER C 147 19.82 -24.07 -12.18
N TYR C 148 18.89 -24.47 -11.33
CA TYR C 148 19.14 -24.38 -9.90
C TYR C 148 20.21 -25.34 -9.45
N GLY C 149 20.18 -26.58 -9.95
CA GLY C 149 21.06 -27.63 -9.46
C GLY C 149 22.14 -28.09 -10.42
N TYR C 150 21.87 -28.00 -11.72
CA TYR C 150 22.79 -28.54 -12.71
C TYR C 150 23.80 -27.46 -13.11
N PRO C 151 25.12 -27.63 -12.82
CA PRO C 151 26.08 -26.60 -13.27
C PRO C 151 26.35 -26.67 -14.76
N ARG C 152 27.29 -25.85 -15.24
CA ARG C 152 27.51 -25.73 -16.68
C ARG C 152 27.92 -27.05 -17.32
N GLU C 153 28.57 -27.92 -16.57
CA GLU C 153 28.97 -29.22 -17.11
C GLU C 153 27.80 -30.15 -17.35
N GLU C 154 26.62 -29.83 -16.82
CA GLU C 154 25.43 -30.69 -16.92
C GLU C 154 24.30 -30.07 -17.73
N ILE C 155 24.05 -28.77 -17.59
CA ILE C 155 23.05 -28.07 -18.40
C ILE C 155 23.67 -26.79 -18.94
N VAL C 156 23.41 -26.52 -20.21
CA VAL C 156 23.85 -25.30 -20.88
C VAL C 156 22.64 -24.71 -21.60
N TYR C 157 22.45 -23.41 -21.47
CA TYR C 157 21.35 -22.70 -22.10
C TYR C 157 21.83 -21.94 -23.33
N GLN C 158 20.96 -21.83 -24.33
CA GLN C 158 21.24 -21.06 -25.54
C GLN C 158 19.99 -20.30 -25.96
N TRP C 159 20.21 -19.09 -26.46
CA TRP C 159 19.12 -18.28 -27.01
C TRP C 159 18.85 -18.71 -28.45
N LYS C 160 17.59 -18.92 -28.78
CA LYS C 160 17.22 -19.20 -30.16
C LYS C 160 17.45 -17.95 -31.01
N ARG C 161 17.31 -18.12 -32.33
CA ARG C 161 17.49 -16.99 -33.23
C ARG C 161 16.47 -15.89 -32.94
N SER C 162 15.23 -16.29 -32.66
CA SER C 162 14.17 -15.39 -32.19
C SER C 162 14.09 -15.58 -30.67
N SER C 163 14.93 -14.85 -29.95
CA SER C 163 15.09 -15.09 -28.52
C SER C 163 13.90 -14.57 -27.71
N VAL C 164 13.64 -13.27 -27.79
CA VAL C 164 12.61 -12.60 -27.00
C VAL C 164 11.70 -11.87 -27.97
N GLU C 165 10.42 -12.22 -27.96
CA GLU C 165 9.41 -11.61 -28.79
C GLU C 165 8.48 -10.76 -27.93
N VAL C 166 7.97 -9.68 -28.52
CA VAL C 166 7.03 -8.78 -27.86
C VAL C 166 5.88 -8.53 -28.82
N GLY C 167 4.73 -8.20 -28.25
CA GLY C 167 3.55 -7.86 -29.04
C GLY C 167 3.41 -6.37 -29.19
N ASP C 168 2.30 -5.82 -28.70
CA ASP C 168 2.07 -4.38 -28.68
C ASP C 168 2.77 -3.83 -27.43
N THR C 169 4.00 -3.36 -27.63
CA THR C 169 4.84 -2.95 -26.50
C THR C 169 4.24 -1.78 -25.74
N ARG C 170 3.73 -0.78 -26.46
CA ARG C 170 3.28 0.46 -25.82
C ARG C 170 1.84 0.39 -25.34
N SER C 171 1.23 -0.81 -25.32
CA SER C 171 -0.08 -1.03 -24.71
C SER C 171 0.02 -1.73 -23.36
N TRP C 172 1.22 -1.82 -22.77
CA TRP C 172 1.41 -2.51 -21.50
C TRP C 172 1.02 -1.60 -20.35
N ARG C 173 1.22 -2.10 -19.12
CA ARG C 173 0.90 -1.36 -17.91
C ARG C 173 2.03 -0.44 -17.46
N LEU C 174 2.97 -0.09 -18.35
CA LEU C 174 4.03 0.85 -18.02
C LEU C 174 3.45 2.26 -18.06
N TYR C 175 2.79 2.63 -16.96
CA TYR C 175 2.17 3.95 -16.89
C TYR C 175 3.23 5.04 -16.81
N GLN C 176 4.20 4.88 -15.92
CA GLN C 176 5.22 5.88 -15.67
C GLN C 176 6.46 5.69 -16.52
N PHE C 177 6.52 4.66 -17.37
CA PHE C 177 7.71 4.32 -18.13
C PHE C 177 7.35 4.02 -19.57
N SER C 178 8.35 4.19 -20.44
CA SER C 178 8.25 3.91 -21.85
C SER C 178 9.31 2.87 -22.20
N PHE C 179 8.89 1.82 -22.90
CA PHE C 179 9.78 0.72 -23.26
C PHE C 179 10.63 1.13 -24.46
N VAL C 180 11.94 1.21 -24.27
CA VAL C 180 12.84 1.64 -25.34
C VAL C 180 13.31 0.44 -26.16
N GLY C 181 13.66 -0.66 -25.50
CA GLY C 181 14.12 -1.83 -26.21
C GLY C 181 14.51 -2.91 -25.23
N LEU C 182 15.09 -3.98 -25.75
CA LEU C 182 15.57 -5.06 -24.90
C LEU C 182 16.77 -5.72 -25.55
N ARG C 183 17.50 -6.48 -24.73
CA ARG C 183 18.65 -7.22 -25.22
CA ARG C 183 18.65 -7.23 -25.23
C ARG C 183 18.83 -8.46 -24.36
N ASN C 184 19.71 -9.35 -24.84
CA ASN C 184 19.85 -10.72 -24.30
C ASN C 184 21.33 -10.96 -24.04
N THR C 185 21.68 -11.66 -22.97
CA THR C 185 23.06 -11.92 -22.62
C THR C 185 23.15 -13.30 -22.00
N THR C 186 24.33 -13.90 -22.09
CA THR C 186 24.64 -15.17 -21.46
C THR C 186 25.97 -15.05 -20.73
N GLU C 187 26.06 -15.69 -19.56
CA GLU C 187 27.22 -15.52 -18.70
C GLU C 187 27.35 -16.77 -17.85
N VAL C 188 28.55 -16.99 -17.32
CA VAL C 188 28.83 -18.06 -16.38
C VAL C 188 29.07 -17.45 -15.02
N VAL C 189 28.31 -17.90 -14.02
CA VAL C 189 28.34 -17.37 -12.66
C VAL C 189 28.86 -18.45 -11.72
N LYS C 190 29.87 -18.11 -10.93
CA LYS C 190 30.45 -19.04 -9.98
C LYS C 190 29.70 -18.99 -8.66
N THR C 191 29.44 -20.16 -8.08
CA THR C 191 28.80 -20.29 -6.79
C THR C 191 29.49 -21.41 -6.02
N THR C 192 29.03 -21.64 -4.79
CA THR C 192 29.59 -22.73 -3.99
C THR C 192 29.27 -24.09 -4.62
N SER C 193 28.06 -24.24 -5.17
CA SER C 193 27.68 -25.52 -5.76
C SER C 193 28.39 -25.77 -7.09
N GLY C 194 28.78 -24.72 -7.79
CA GLY C 194 29.50 -24.88 -9.05
C GLY C 194 29.38 -23.63 -9.90
N ASP C 195 29.64 -23.80 -11.19
CA ASP C 195 29.52 -22.74 -12.18
C ASP C 195 28.26 -22.99 -13.01
N TYR C 196 27.45 -21.95 -13.14
CA TYR C 196 26.13 -22.06 -13.75
C TYR C 196 26.00 -21.08 -14.90
N VAL C 197 25.30 -21.49 -15.95
CA VAL C 197 25.04 -20.64 -17.10
C VAL C 197 23.79 -19.83 -16.82
N VAL C 198 23.97 -18.53 -16.60
CA VAL C 198 22.88 -17.59 -16.35
C VAL C 198 22.59 -16.84 -17.63
N MET C 199 21.32 -16.79 -18.01
CA MET C 199 20.87 -16.05 -19.19
C MET C 199 20.00 -14.90 -18.73
N SER C 200 20.31 -13.70 -19.24
CA SER C 200 19.67 -12.47 -18.80
C SER C 200 18.98 -11.80 -19.97
N VAL C 201 17.84 -11.18 -19.69
CA VAL C 201 17.14 -10.31 -20.63
C VAL C 201 16.99 -8.96 -19.96
N TYR C 202 17.58 -7.93 -20.54
CA TYR C 202 17.49 -6.57 -20.03
C TYR C 202 16.44 -5.81 -20.82
N PHE C 203 15.56 -5.11 -20.10
CA PHE C 203 14.55 -4.24 -20.69
C PHE C 203 14.88 -2.80 -20.33
N ASP C 204 14.99 -1.95 -21.35
CA ASP C 204 15.29 -0.53 -21.14
C ASP C 204 13.99 0.24 -20.98
N LEU C 205 13.88 0.98 -19.88
CA LEU C 205 12.68 1.76 -19.56
C LEU C 205 13.10 3.19 -19.29
N SER C 206 12.50 4.13 -20.02
CA SER C 206 12.75 5.55 -19.86
C SER C 206 11.52 6.19 -19.22
N ARG C 207 11.74 6.92 -18.13
CA ARG C 207 10.62 7.47 -17.37
C ARG C 207 9.89 8.53 -18.19
N ARG C 208 8.57 8.49 -18.12
CA ARG C 208 7.71 9.54 -18.68
C ARG C 208 7.42 10.56 -17.59
N MET C 209 7.72 11.82 -17.87
CA MET C 209 7.78 12.86 -16.85
C MET C 209 6.47 13.64 -16.73
N GLY C 210 5.44 13.28 -17.50
CA GLY C 210 4.22 14.08 -17.48
C GLY C 210 3.49 14.06 -16.15
N TYR C 211 3.41 12.89 -15.52
CA TYR C 211 2.71 12.81 -14.24
C TYR C 211 3.39 13.68 -13.20
N PHE C 212 4.72 13.63 -13.13
CA PHE C 212 5.43 14.42 -12.14
C PHE C 212 5.42 15.90 -12.50
N THR C 213 5.36 16.23 -13.79
CA THR C 213 5.14 17.61 -14.19
C THR C 213 3.81 18.12 -13.65
N ILE C 214 2.76 17.31 -13.76
CA ILE C 214 1.46 17.71 -13.22
C ILE C 214 1.53 17.82 -11.70
N GLN C 215 2.28 16.91 -11.06
CA GLN C 215 2.17 16.75 -9.61
C GLN C 215 3.03 17.76 -8.85
N THR C 216 4.27 17.99 -9.29
CA THR C 216 5.26 18.73 -8.51
C THR C 216 5.75 19.99 -9.19
N TYR C 217 6.20 19.90 -10.44
CA TYR C 217 6.90 21.02 -11.07
C TYR C 217 5.99 22.23 -11.24
N ILE C 218 4.75 22.02 -11.66
CA ILE C 218 3.85 23.13 -11.95
C ILE C 218 3.37 23.76 -10.65
N PRO C 219 2.90 22.99 -9.65
CA PRO C 219 2.54 23.64 -8.37
C PRO C 219 3.67 24.39 -7.71
N CYS C 220 4.90 23.86 -7.73
CA CYS C 220 6.01 24.56 -7.08
C CYS C 220 6.31 25.87 -7.80
N THR C 221 6.31 25.86 -9.13
CA THR C 221 6.52 27.10 -9.87
C THR C 221 5.41 28.10 -9.60
N LEU C 222 4.17 27.62 -9.53
CA LEU C 222 3.06 28.54 -9.28
C LEU C 222 3.14 29.14 -7.89
N ILE C 223 3.60 28.37 -6.90
CA ILE C 223 3.78 28.94 -5.56
C ILE C 223 4.92 29.94 -5.56
N VAL C 224 5.97 29.70 -6.35
CA VAL C 224 7.04 30.69 -6.45
C VAL C 224 6.50 31.99 -7.05
N VAL C 225 5.67 31.89 -8.09
CA VAL C 225 5.10 33.10 -8.68
C VAL C 225 4.16 33.78 -7.69
N LEU C 226 3.43 32.99 -6.89
CA LEU C 226 2.61 33.55 -5.83
C LEU C 226 3.46 34.34 -4.85
N SER C 227 4.65 33.83 -4.52
CA SER C 227 5.56 34.58 -3.66
C SER C 227 5.99 35.88 -4.34
N TRP C 228 6.23 35.82 -5.65
CA TRP C 228 6.62 37.04 -6.37
C TRP C 228 5.53 38.09 -6.32
N VAL C 229 4.26 37.67 -6.28
CA VAL C 229 3.16 38.64 -6.26
C VAL C 229 3.26 39.56 -5.06
N SER C 230 3.91 39.13 -3.97
CA SER C 230 4.06 39.97 -2.79
C SER C 230 4.84 41.25 -3.09
N PHE C 231 5.76 41.22 -4.06
CA PHE C 231 6.56 42.40 -4.34
C PHE C 231 5.73 43.55 -4.90
N TRP C 232 4.57 43.28 -5.49
CA TRP C 232 3.69 44.30 -6.02
C TRP C 232 2.67 44.80 -5.02
N ILE C 233 2.57 44.17 -3.85
CA ILE C 233 1.71 44.67 -2.78
C ILE C 233 2.41 45.82 -2.07
N ASN C 234 1.62 46.79 -1.63
CA ASN C 234 2.15 47.94 -0.92
C ASN C 234 2.87 47.49 0.35
N LYS C 235 4.05 48.08 0.59
CA LYS C 235 4.86 47.68 1.73
C LYS C 235 4.19 48.03 3.06
N ASP C 236 3.21 48.93 3.06
CA ASP C 236 2.45 49.21 4.27
C ASP C 236 1.51 48.08 4.64
N ALA C 237 1.17 47.19 3.70
CA ALA C 237 0.29 46.07 3.96
C ALA C 237 1.09 44.96 4.64
N VAL C 238 1.45 45.22 5.89
CA VAL C 238 2.33 44.31 6.63
C VAL C 238 1.69 42.94 6.84
N PRO C 239 0.47 42.84 7.40
CA PRO C 239 -0.11 41.50 7.56
C PRO C 239 -0.34 40.79 6.25
N ALA C 240 -0.72 41.52 5.20
CA ALA C 240 -0.95 40.89 3.91
C ALA C 240 0.33 40.26 3.37
N ARG C 241 1.41 41.03 3.34
CA ARG C 241 2.65 40.52 2.76
C ARG C 241 3.28 39.44 3.63
N THR C 242 3.23 39.60 4.95
CA THR C 242 3.76 38.57 5.83
C THR C 242 2.98 37.26 5.68
N SER C 243 1.65 37.35 5.64
CA SER C 243 0.83 36.16 5.47
C SER C 243 1.10 35.50 4.13
N LEU C 244 1.25 36.30 3.07
CA LEU C 244 1.53 35.73 1.75
C LEU C 244 2.85 34.97 1.77
N GLY C 245 3.89 35.58 2.34
CA GLY C 245 5.19 34.91 2.36
C GLY C 245 5.17 33.62 3.17
N ILE C 246 4.60 33.68 4.38
CA ILE C 246 4.64 32.51 5.24
C ILE C 246 3.75 31.40 4.67
N THR C 247 2.62 31.76 4.04
CA THR C 247 1.78 30.75 3.42
C THR C 247 2.47 30.11 2.24
N THR C 248 3.23 30.89 1.46
CA THR C 248 4.00 30.30 0.37
C THR C 248 5.03 29.31 0.92
N VAL C 249 5.65 29.62 2.05
CA VAL C 249 6.69 28.72 2.67
C VAL C 249 6.00 27.48 3.23
N LEU C 250 4.77 27.60 3.72
CA LEU C 250 4.00 26.44 4.15
C LEU C 250 3.65 25.54 2.97
N THR C 251 3.15 26.13 1.89
CA THR C 251 2.76 25.32 0.74
C THR C 251 3.98 24.65 0.10
N MET C 252 5.15 25.25 0.27
CA MET C 252 6.34 24.65 -0.37
C MET C 252 6.77 23.47 0.48
N THR C 253 6.64 23.58 1.79
CA THR C 253 6.97 22.42 2.66
C THR C 253 6.01 21.31 2.28
N THR C 254 4.73 21.63 2.14
CA THR C 254 3.75 20.59 1.84
C THR C 254 4.08 19.90 0.51
N LEU C 255 4.38 20.70 -0.51
CA LEU C 255 4.72 20.12 -1.81
C LEU C 255 5.99 19.28 -1.73
N SER C 256 6.95 19.74 -0.94
CA SER C 256 8.18 18.93 -0.77
C SER C 256 7.79 17.55 -0.23
N THR C 257 7.05 17.53 0.88
CA THR C 257 6.77 16.22 1.46
C THR C 257 5.93 15.35 0.53
N ILE C 258 5.00 15.94 -0.21
CA ILE C 258 4.24 15.13 -1.17
C ILE C 258 5.09 14.65 -2.35
N ALA C 259 6.18 15.36 -2.67
CA ALA C 259 6.98 14.97 -3.83
C ALA C 259 7.59 13.58 -3.67
N ARG C 260 8.05 13.24 -2.47
CA ARG C 260 8.77 12.00 -2.23
C ARG C 260 7.87 10.83 -1.84
N LYS C 261 6.55 10.99 -1.89
CA LYS C 261 5.66 9.89 -1.52
C LYS C 261 5.81 8.70 -2.46
N SER C 262 6.01 8.96 -3.75
CA SER C 262 6.09 7.89 -4.73
C SER C 262 7.43 7.16 -4.74
N LEU C 263 8.49 7.77 -4.18
CA LEU C 263 9.83 7.21 -4.23
C LEU C 263 10.14 6.40 -2.98
N PRO C 264 11.15 5.54 -3.02
CA PRO C 264 11.66 4.95 -1.77
C PRO C 264 12.39 5.99 -0.96
N LYS C 265 12.78 5.60 0.26
CA LYS C 265 13.42 6.51 1.19
C LYS C 265 14.94 6.54 0.96
N VAL C 266 15.31 6.92 -0.26
CA VAL C 266 16.73 7.04 -0.61
C VAL C 266 17.33 8.24 0.11
N SER C 267 18.62 8.12 0.42
CA SER C 267 19.35 9.13 1.21
C SER C 267 20.29 9.95 0.33
N TYR C 268 19.85 10.25 -0.90
CA TYR C 268 20.58 11.14 -1.79
C TYR C 268 19.60 12.09 -2.45
N VAL C 269 20.12 13.21 -2.92
CA VAL C 269 19.30 14.22 -3.58
C VAL C 269 18.99 13.76 -5.00
N THR C 270 17.75 13.97 -5.41
CA THR C 270 17.31 13.76 -6.79
C THR C 270 17.10 15.11 -7.45
N ALA C 271 16.80 15.08 -8.74
CA ALA C 271 16.54 16.32 -9.48
C ALA C 271 15.30 17.01 -8.93
N MET C 272 14.27 16.24 -8.58
CA MET C 272 13.07 16.83 -7.98
C MET C 272 13.40 17.46 -6.63
N ASP C 273 14.20 16.78 -5.81
CA ASP C 273 14.56 17.37 -4.52
C ASP C 273 15.33 18.65 -4.71
N LEU C 274 16.23 18.68 -5.70
CA LEU C 274 16.98 19.90 -5.97
C LEU C 274 16.06 21.04 -6.42
N PHE C 275 15.12 20.73 -7.31
CA PHE C 275 14.20 21.76 -7.79
C PHE C 275 13.36 22.31 -6.65
N VAL C 276 12.72 21.42 -5.92
CA VAL C 276 11.86 21.85 -4.78
C VAL C 276 12.72 22.62 -3.80
N SER C 277 13.96 22.19 -3.59
CA SER C 277 14.84 22.84 -2.60
C SER C 277 15.17 24.26 -3.04
N VAL C 278 15.47 24.46 -4.32
CA VAL C 278 15.77 25.81 -4.85
C VAL C 278 14.52 26.67 -4.78
N CYS C 279 13.34 26.07 -4.95
CA CYS C 279 12.07 26.82 -4.86
C CYS C 279 11.88 27.28 -3.42
N PHE C 280 12.30 26.50 -2.43
CA PHE C 280 12.22 26.98 -1.02
CA PHE C 280 12.25 26.96 -1.02
C PHE C 280 13.10 28.21 -0.78
N ILE C 281 14.31 28.15 -1.32
CA ILE C 281 15.23 29.31 -1.15
C ILE C 281 14.59 30.53 -1.77
N PHE C 282 13.89 30.37 -2.89
CA PHE C 282 13.30 31.52 -3.60
C PHE C 282 12.14 32.07 -2.77
N VAL C 283 11.30 31.20 -2.23
CA VAL C 283 10.11 31.66 -1.44
C VAL C 283 10.63 32.22 -0.10
N PHE C 284 11.66 31.62 0.48
CA PHE C 284 12.26 32.13 1.72
C PHE C 284 12.89 33.49 1.43
N SER C 285 13.72 33.57 0.38
CA SER C 285 14.38 34.83 0.08
C SER C 285 13.37 35.94 -0.14
N ALA C 286 12.21 35.63 -0.73
CA ALA C 286 11.18 36.65 -0.90
C ALA C 286 10.68 37.15 0.45
N LEU C 287 10.42 36.21 1.38
CA LEU C 287 9.95 36.61 2.70
C LEU C 287 11.03 37.42 3.43
N VAL C 288 12.29 37.00 3.32
CA VAL C 288 13.38 37.74 3.96
C VAL C 288 13.54 39.11 3.32
N GLU C 289 13.32 39.21 2.01
CA GLU C 289 13.38 40.50 1.33
C GLU C 289 12.34 41.46 1.91
N TYR C 290 11.10 40.99 2.07
CA TYR C 290 10.11 41.89 2.64
C TYR C 290 10.45 42.23 4.08
N GLY C 291 10.94 41.25 4.85
CA GLY C 291 11.30 41.55 6.23
C GLY C 291 12.36 42.63 6.33
N THR C 292 13.40 42.52 5.49
CA THR C 292 14.45 43.52 5.48
C THR C 292 13.91 44.89 5.06
N LEU C 293 13.09 44.91 4.00
CA LEU C 293 12.54 46.18 3.53
C LEU C 293 11.71 46.85 4.61
N HIS C 294 10.85 46.07 5.27
CA HIS C 294 10.00 46.63 6.32
C HIS C 294 10.83 47.14 7.48
N TYR C 295 11.83 46.36 7.91
CA TYR C 295 12.64 46.78 9.04
C TYR C 295 13.40 48.07 8.74
N PHE C 296 13.96 48.18 7.54
CA PHE C 296 14.76 49.36 7.22
C PHE C 296 13.90 50.57 6.90
N VAL C 297 12.68 50.37 6.40
CA VAL C 297 11.82 51.50 6.07
C VAL C 297 11.12 52.05 7.31
N SER C 298 10.47 51.16 8.08
CA SER C 298 9.58 51.58 9.15
C SER C 298 10.15 51.31 10.54
N ASN C 299 10.52 50.05 10.83
CA ASN C 299 10.88 49.69 12.20
C ASN C 299 12.16 50.39 12.65
N ARG C 300 13.22 50.31 11.84
CA ARG C 300 14.45 51.02 12.18
C ARG C 300 14.28 52.51 12.04
N LYS C 301 13.47 52.96 11.09
CA LYS C 301 13.27 54.39 10.82
C LYS C 301 11.81 54.66 10.45
N CYS C 345 44.05 50.64 -8.83
CA CYS C 345 43.70 51.87 -9.57
C CYS C 345 44.84 52.26 -10.53
N LEU C 346 45.03 51.51 -11.61
CA LEU C 346 46.06 51.91 -12.60
C LEU C 346 45.79 53.36 -12.99
N ASP C 347 44.51 53.77 -12.93
CA ASP C 347 44.15 55.18 -13.22
C ASP C 347 44.88 56.07 -12.22
N GLY C 348 44.80 55.72 -10.93
CA GLY C 348 45.42 56.57 -9.91
C GLY C 348 44.41 57.04 -8.88
N LYS C 349 43.14 56.62 -9.02
CA LYS C 349 42.12 56.95 -8.00
C LYS C 349 42.51 56.23 -6.69
N ASP C 350 41.76 56.41 -5.61
CA ASP C 350 42.09 55.62 -4.39
C ASP C 350 41.71 54.16 -4.64
N CYS C 351 42.42 53.21 -4.02
CA CYS C 351 42.10 51.78 -4.21
C CYS C 351 40.63 51.57 -3.84
N ALA C 352 40.20 52.04 -2.67
CA ALA C 352 38.76 51.94 -2.34
C ALA C 352 37.99 52.70 -3.39
N SER C 353 38.49 53.88 -3.76
CA SER C 353 37.77 54.73 -4.74
C SER C 353 37.65 53.98 -6.07
N PHE C 354 38.51 52.99 -6.31
CA PHE C 354 38.50 52.31 -7.62
C PHE C 354 37.94 50.91 -7.47
N PHE C 355 37.84 50.41 -6.24
CA PHE C 355 37.41 49.00 -6.05
C PHE C 355 36.03 48.92 -5.41
O P1L C 356 33.90 51.43 -4.85
N P1L C 356 35.78 49.64 -4.32
CA P1L C 356 34.45 49.47 -3.66
CB P1L C 356 34.67 49.15 -2.20
SG P1L C 356 33.55 47.82 -1.75
C7 P1L C 356 34.14 46.26 -1.16
O7 P1L C 356 35.07 46.15 -0.41
C8 P1L C 356 33.36 45.11 -1.72
C9 P1L C 356 33.85 43.77 -1.30
C10 P1L C 356 33.00 42.64 -1.87
C11 P1L C 356 33.53 41.26 -1.60
C12 P1L C 356 33.68 40.92 -0.14
C13 P1L C 356 33.44 39.46 0.15
C14 P1L C 356 32.04 39.00 -0.16
C15 P1L C 356 31.86 37.50 -0.08
C16 P1L C 356 30.42 37.06 -0.25
C17 P1L C 356 30.25 35.56 -0.29
C18 P1L C 356 30.52 34.94 -1.63
C19 P1L C 356 30.87 33.48 -1.59
C20 P1L C 356 32.28 33.20 -1.13
C P1L C 356 33.61 50.73 -3.85
C21 P1L C 356 33.34 33.85 -1.99
C22 P1L C 356 34.75 33.51 -1.57
O P1L C 357 30.07 52.74 -1.83
N P1L C 357 32.33 50.67 -3.49
CA P1L C 357 31.45 51.88 -3.59
CB P1L C 357 30.14 51.51 -4.25
SG P1L C 357 30.17 49.86 -4.99
C7 P1L C 357 30.37 48.44 -3.99
O7 P1L C 357 29.79 48.27 -2.94
C8 P1L C 357 31.39 47.48 -4.54
C9 P1L C 357 30.85 46.16 -4.98
C10 P1L C 357 30.45 45.23 -3.85
C11 P1L C 357 30.06 43.86 -4.31
C12 P1L C 357 29.66 42.92 -3.19
C13 P1L C 357 29.24 41.55 -3.67
C14 P1L C 357 28.65 40.68 -2.59
C15 P1L C 357 27.78 39.56 -3.08
C16 P1L C 357 28.54 38.33 -3.51
C17 P1L C 357 27.64 37.17 -3.85
C18 P1L C 357 26.92 36.58 -2.67
C19 P1L C 357 25.75 35.70 -3.03
C20 P1L C 357 26.12 34.48 -3.84
C P1L C 357 31.23 52.44 -2.19
C21 P1L C 357 26.71 33.35 -3.05
C22 P1L C 357 25.78 32.82 -1.98
N PHE C 358 32.31 52.58 -1.41
CA PHE C 358 32.22 53.09 -0.02
C PHE C 358 31.98 54.58 -0.08
N GLU C 359 31.17 55.02 -1.03
CA GLU C 359 30.83 56.46 -1.13
C GLU C 359 29.36 56.62 -0.75
N ASP C 360 28.45 56.10 -1.57
CA ASP C 360 26.98 56.21 -1.29
C ASP C 360 26.49 54.94 -0.62
O P1L C 361 28.00 53.14 1.42
N P1L C 361 27.00 53.79 -1.07
CA P1L C 361 26.65 52.51 -0.50
CB P1L C 361 26.69 51.40 -1.56
SG P1L C 361 26.63 49.77 -0.89
C7 P1L C 361 25.22 49.05 -1.60
O7 P1L C 361 24.12 49.58 -1.71
C8 P1L C 361 25.63 47.83 -2.38
C9 P1L C 361 26.30 46.77 -1.52
C10 P1L C 361 26.12 45.38 -2.08
C11 P1L C 361 24.79 44.77 -1.67
C12 P1L C 361 24.13 44.03 -2.81
C13 P1L C 361 24.93 42.85 -3.29
C14 P1L C 361 24.13 42.00 -4.27
C15 P1L C 361 23.32 40.93 -3.56
C16 P1L C 361 22.64 40.00 -4.56
C17 P1L C 361 23.61 38.98 -5.12
C18 P1L C 361 23.26 37.57 -4.69
C19 P1L C 361 22.12 37.01 -5.50
C20 P1L C 361 21.84 35.56 -5.13
C P1L C 361 27.52 52.11 0.68
C21 P1L C 361 22.23 34.60 -6.24
C22 P1L C 361 23.73 34.53 -6.41
N HIS C 372 21.61 50.20 4.04
CA HIS C 372 21.97 51.16 3.00
C HIS C 372 20.90 52.24 2.87
N ILE C 373 21.13 53.19 1.95
CA ILE C 373 20.17 54.27 1.77
C ILE C 373 19.05 53.85 0.83
N ARG C 374 19.41 53.34 -0.35
CA ARG C 374 18.43 52.99 -1.38
C ARG C 374 17.82 51.64 -1.06
N ILE C 375 16.99 51.63 -0.01
CA ILE C 375 16.22 50.46 0.37
C ILE C 375 14.75 50.60 -0.01
N ALA C 376 14.24 51.81 -0.19
CA ALA C 376 12.85 51.98 -0.59
C ALA C 376 12.58 51.37 -1.96
N LYS C 377 13.58 51.37 -2.85
CA LYS C 377 13.46 50.76 -4.16
C LYS C 377 13.80 49.27 -4.14
N MET C 378 13.85 48.65 -2.96
CA MET C 378 14.22 47.24 -2.89
C MET C 378 13.12 46.35 -3.49
N ASP C 379 11.86 46.74 -3.34
CA ASP C 379 10.78 46.04 -4.04
C ASP C 379 10.92 46.18 -5.54
N SER C 380 11.26 47.38 -6.01
CA SER C 380 11.46 47.58 -7.45
C SER C 380 12.59 46.71 -7.96
N TYR C 381 13.66 46.57 -7.18
CA TYR C 381 14.76 45.68 -7.55
C TYR C 381 14.27 44.23 -7.61
N ALA C 382 13.59 43.79 -6.55
CA ALA C 382 13.20 42.38 -6.45
C ALA C 382 12.23 41.97 -7.54
N ARG C 383 11.35 42.90 -7.96
CA ARG C 383 10.32 42.58 -8.95
C ARG C 383 10.90 42.02 -10.23
N ILE C 384 12.10 42.47 -10.61
CA ILE C 384 12.78 41.96 -11.80
C ILE C 384 13.95 41.03 -11.44
N PHE C 385 14.49 41.14 -10.23
CA PHE C 385 15.59 40.24 -9.84
C PHE C 385 15.10 38.81 -9.68
N PHE C 386 14.01 38.61 -8.92
CA PHE C 386 13.58 37.25 -8.63
C PHE C 386 13.14 36.48 -9.86
N PRO C 387 12.31 37.04 -10.75
CA PRO C 387 12.00 36.30 -11.99
C PRO C 387 13.22 35.98 -12.83
N THR C 388 14.18 36.89 -12.92
CA THR C 388 15.39 36.62 -13.70
C THR C 388 16.17 35.44 -13.11
N ALA C 389 16.34 35.43 -11.79
CA ALA C 389 17.06 34.35 -11.15
C ALA C 389 16.35 33.03 -11.33
N PHE C 390 15.02 33.01 -11.19
CA PHE C 390 14.28 31.76 -11.38
C PHE C 390 14.38 31.27 -12.81
N CYS C 391 14.26 32.17 -13.78
CA CYS C 391 14.37 31.76 -15.18
C CYS C 391 15.76 31.21 -15.48
N LEU C 392 16.79 31.87 -14.95
CA LEU C 392 18.16 31.40 -15.17
C LEU C 392 18.37 30.03 -14.54
N PHE C 393 17.88 29.85 -13.32
CA PHE C 393 18.00 28.55 -12.66
C PHE C 393 17.29 27.47 -13.46
N ASN C 394 16.08 27.77 -13.96
CA ASN C 394 15.35 26.79 -14.75
C ASN C 394 16.10 26.46 -16.03
N LEU C 395 16.67 27.47 -16.69
CA LEU C 395 17.41 27.23 -17.92
C LEU C 395 18.57 26.28 -17.67
N VAL C 396 19.42 26.60 -16.68
CA VAL C 396 20.58 25.76 -16.42
C VAL C 396 20.15 24.37 -15.95
N TYR C 397 19.13 24.31 -15.09
CA TYR C 397 18.64 23.03 -14.58
C TYR C 397 18.17 22.12 -15.71
N TRP C 398 17.26 22.61 -16.55
CA TRP C 398 16.70 21.77 -17.59
C TRP C 398 17.75 21.41 -18.63
N VAL C 399 18.62 22.35 -19.01
CA VAL C 399 19.66 22.05 -19.98
C VAL C 399 20.59 20.98 -19.41
N SER C 400 21.01 21.13 -18.15
CA SER C 400 21.94 20.19 -17.55
C SER C 400 21.33 18.80 -17.45
N TYR C 401 20.06 18.71 -17.06
CA TYR C 401 19.46 17.39 -16.83
C TYR C 401 18.95 16.73 -18.09
N LEU C 402 18.68 17.48 -19.16
CA LEU C 402 18.21 16.91 -20.40
C LEU C 402 19.32 16.67 -21.42
N TYR C 403 20.14 17.69 -21.70
CA TYR C 403 21.06 17.65 -22.84
C TYR C 403 22.48 17.29 -22.40
N LEU C 404 23.08 18.08 -21.51
CA LEU C 404 24.47 17.85 -21.15
C LEU C 404 24.66 16.60 -20.30
N GLY C 405 23.60 16.11 -19.67
CA GLY C 405 23.68 14.91 -18.86
C GLY C 405 22.35 14.17 -18.80
N ASP D 1 -27.32 -55.16 -6.22
CA ASP D 1 -27.49 -53.86 -5.58
C ASP D 1 -27.86 -52.81 -6.62
N ASN D 2 -28.42 -51.69 -6.16
CA ASN D 2 -28.79 -50.61 -7.06
C ASN D 2 -27.58 -49.82 -7.55
N THR D 3 -26.55 -49.68 -6.71
CA THR D 3 -25.37 -48.88 -7.05
C THR D 3 -24.24 -49.69 -7.66
N THR D 4 -24.23 -51.01 -7.49
CA THR D 4 -23.13 -51.80 -8.03
C THR D 4 -23.14 -51.81 -9.55
N VAL D 5 -24.32 -51.71 -10.18
CA VAL D 5 -24.36 -51.65 -11.64
C VAL D 5 -23.70 -50.37 -12.13
N PHE D 6 -23.96 -49.25 -11.46
CA PHE D 6 -23.31 -48.00 -11.86
C PHE D 6 -21.82 -48.04 -11.55
N THR D 7 -21.43 -48.71 -10.47
CA THR D 7 -20.01 -48.89 -10.18
C THR D 7 -19.32 -49.65 -11.30
N ARG D 8 -19.94 -50.74 -11.77
CA ARG D 8 -19.36 -51.50 -12.86
C ARG D 8 -19.32 -50.68 -14.14
N ILE D 9 -20.36 -49.89 -14.39
CA ILE D 9 -20.39 -49.05 -15.60
C ILE D 9 -19.23 -48.07 -15.57
N LEU D 10 -19.03 -47.39 -14.43
CA LEU D 10 -17.94 -46.43 -14.34
C LEU D 10 -16.58 -47.11 -14.47
N ASP D 11 -16.42 -48.27 -13.83
CA ASP D 11 -15.14 -48.99 -13.92
C ASP D 11 -14.86 -49.40 -15.36
N ARG D 12 -15.87 -49.89 -16.07
CA ARG D 12 -15.66 -50.30 -17.46
C ARG D 12 -15.41 -49.09 -18.34
N LEU D 13 -16.03 -47.94 -18.04
CA LEU D 13 -15.78 -46.74 -18.82
C LEU D 13 -14.34 -46.28 -18.66
N LEU D 14 -13.84 -46.26 -17.43
CA LEU D 14 -12.47 -45.80 -17.18
C LEU D 14 -11.43 -46.86 -17.49
N ASP D 15 -11.82 -48.12 -17.69
CA ASP D 15 -10.85 -49.16 -18.01
C ASP D 15 -10.34 -48.97 -19.43
N GLY D 16 -9.02 -48.87 -19.57
CA GLY D 16 -8.44 -48.65 -20.87
C GLY D 16 -8.57 -47.25 -21.42
N TYR D 17 -9.05 -46.31 -20.61
CA TYR D 17 -9.22 -44.93 -21.02
C TYR D 17 -7.92 -44.17 -20.77
N ASP D 18 -7.42 -43.50 -21.82
CA ASP D 18 -6.23 -42.66 -21.74
C ASP D 18 -6.68 -41.21 -21.78
N ASN D 19 -6.50 -40.51 -20.66
CA ASN D 19 -6.90 -39.10 -20.57
C ASN D 19 -5.83 -38.16 -21.12
N ARG D 20 -4.69 -38.67 -21.57
CA ARG D 20 -3.67 -37.85 -22.20
C ARG D 20 -4.03 -37.48 -23.64
N LEU D 21 -5.00 -38.15 -24.25
CA LEU D 21 -5.35 -37.95 -25.65
C LEU D 21 -6.75 -37.38 -25.75
N ARG D 22 -6.90 -36.34 -26.57
CA ARG D 22 -8.19 -35.72 -26.76
C ARG D 22 -9.13 -36.65 -27.52
N PRO D 23 -10.45 -36.50 -27.37
CA PRO D 23 -11.36 -37.33 -28.16
C PRO D 23 -11.23 -37.04 -29.65
N GLY D 24 -11.31 -38.08 -30.45
CA GLY D 24 -11.18 -37.92 -31.88
C GLY D 24 -9.78 -37.61 -32.35
N LEU D 25 -8.76 -37.96 -31.56
CA LEU D 25 -7.39 -37.71 -31.98
C LEU D 25 -7.06 -38.53 -33.23
N GLY D 26 -6.49 -37.85 -34.23
CA GLY D 26 -6.19 -38.51 -35.48
C GLY D 26 -7.38 -38.88 -36.32
N GLU D 27 -8.57 -38.43 -35.97
CA GLU D 27 -9.81 -38.76 -36.66
C GLU D 27 -10.62 -37.52 -37.02
N ARG D 28 -10.60 -36.49 -36.17
CA ARG D 28 -11.37 -35.27 -36.41
C ARG D 28 -10.88 -34.20 -35.44
N VAL D 29 -11.47 -33.02 -35.54
CA VAL D 29 -11.17 -31.91 -34.65
C VAL D 29 -12.15 -31.94 -33.49
N THR D 30 -11.63 -31.83 -32.28
CA THR D 30 -12.46 -31.83 -31.08
C THR D 30 -13.17 -30.49 -30.96
N GLU D 31 -14.50 -30.50 -31.09
CA GLU D 31 -15.31 -29.30 -31.03
C GLU D 31 -15.86 -29.14 -29.63
N VAL D 32 -15.59 -28.00 -29.01
CA VAL D 32 -16.01 -27.69 -27.64
C VAL D 32 -17.04 -26.57 -27.70
N LYS D 33 -18.24 -26.81 -27.20
CA LYS D 33 -19.28 -25.77 -27.16
C LYS D 33 -19.21 -25.11 -25.79
N THR D 34 -19.15 -23.78 -25.74
CA THR D 34 -18.94 -23.09 -24.47
C THR D 34 -19.98 -22.03 -24.21
N ASP D 35 -20.29 -21.79 -22.96
CA ASP D 35 -21.21 -20.70 -22.59
C ASP D 35 -20.77 -20.18 -21.23
N ILE D 36 -20.98 -18.90 -20.96
CA ILE D 36 -20.55 -18.32 -19.67
C ILE D 36 -21.76 -17.67 -19.01
N PHE D 37 -22.04 -18.01 -17.76
CA PHE D 37 -23.10 -17.34 -17.00
C PHE D 37 -22.43 -16.50 -15.93
N VAL D 38 -22.52 -15.17 -16.07
CA VAL D 38 -21.90 -14.27 -15.13
C VAL D 38 -22.81 -14.11 -13.93
N THR D 39 -22.41 -14.68 -12.79
CA THR D 39 -23.21 -14.56 -11.58
C THR D 39 -23.06 -13.18 -10.95
N SER D 40 -21.95 -12.50 -11.18
CA SER D 40 -21.75 -11.15 -10.67
C SER D 40 -20.59 -10.52 -11.41
N PHE D 41 -20.81 -9.32 -11.94
CA PHE D 41 -19.76 -8.56 -12.62
C PHE D 41 -19.02 -7.75 -11.57
N GLY D 42 -17.80 -8.18 -11.23
CA GLY D 42 -17.08 -7.63 -10.11
C GLY D 42 -16.67 -6.19 -10.33
N PRO D 43 -16.08 -5.59 -9.31
CA PRO D 43 -15.67 -4.18 -9.43
C PRO D 43 -14.52 -4.01 -10.40
N VAL D 44 -14.41 -2.81 -10.96
CA VAL D 44 -13.34 -2.45 -11.87
C VAL D 44 -12.28 -1.71 -11.08
N SER D 45 -11.03 -2.18 -11.20
CA SER D 45 -9.89 -1.56 -10.53
C SER D 45 -9.16 -0.68 -11.55
N ASP D 46 -9.38 0.63 -11.44
CA ASP D 46 -8.70 1.55 -12.35
C ASP D 46 -7.19 1.53 -12.11
N HIS D 47 -6.77 1.39 -10.86
CA HIS D 47 -5.35 1.40 -10.54
C HIS D 47 -4.64 0.22 -11.20
N ASP D 48 -5.27 -0.95 -11.19
CA ASP D 48 -4.70 -2.14 -11.81
C ASP D 48 -5.05 -2.29 -13.28
N MET D 49 -5.94 -1.46 -13.81
CA MET D 49 -6.50 -1.62 -15.16
C MET D 49 -7.01 -3.05 -15.33
N GLU D 50 -7.96 -3.39 -14.46
CA GLU D 50 -8.33 -4.77 -14.22
C GLU D 50 -9.77 -4.79 -13.71
N TYR D 51 -10.44 -5.92 -13.92
CA TYR D 51 -11.80 -6.10 -13.43
C TYR D 51 -12.00 -7.56 -13.06
N THR D 52 -12.88 -7.78 -12.09
CA THR D 52 -13.20 -9.10 -11.59
C THR D 52 -14.56 -9.52 -12.11
N ILE D 53 -14.74 -10.83 -12.30
CA ILE D 53 -16.01 -11.36 -12.79
C ILE D 53 -16.18 -12.79 -12.27
N ASP D 54 -17.33 -13.06 -11.67
CA ASP D 54 -17.67 -14.41 -11.21
C ASP D 54 -18.51 -15.10 -12.27
N VAL D 55 -18.09 -16.28 -12.69
CA VAL D 55 -18.70 -16.97 -13.82
C VAL D 55 -18.88 -18.45 -13.51
N PHE D 56 -20.01 -18.99 -13.96
CA PHE D 56 -20.14 -20.41 -14.26
C PHE D 56 -19.68 -20.59 -15.70
N PHE D 57 -18.54 -21.26 -15.87
CA PHE D 57 -17.94 -21.50 -17.17
C PHE D 57 -18.27 -22.93 -17.58
N ARG D 58 -19.11 -23.09 -18.60
CA ARG D 58 -19.60 -24.38 -19.04
C ARG D 58 -18.97 -24.74 -20.37
N GLN D 59 -18.46 -25.97 -20.48
CA GLN D 59 -17.92 -26.51 -21.73
C GLN D 59 -18.51 -27.89 -21.94
N SER D 60 -18.89 -28.18 -23.18
CA SER D 60 -19.47 -29.45 -23.54
C SER D 60 -18.75 -30.00 -24.78
N TRP D 61 -18.65 -31.31 -24.85
CA TRP D 61 -17.96 -31.91 -26.00
C TRP D 61 -18.30 -33.39 -26.09
N LYS D 62 -18.06 -33.96 -27.27
CA LYS D 62 -18.31 -35.36 -27.54
C LYS D 62 -17.07 -36.19 -27.19
N ASP D 63 -17.30 -37.39 -26.67
CA ASP D 63 -16.22 -38.34 -26.40
C ASP D 63 -16.81 -39.73 -26.62
N GLU D 64 -16.46 -40.34 -27.76
CA GLU D 64 -17.01 -41.65 -28.10
C GLU D 64 -16.59 -42.72 -27.09
N ARG D 65 -15.44 -42.54 -26.45
CA ARG D 65 -14.95 -43.55 -25.51
C ARG D 65 -15.87 -43.69 -24.31
N LEU D 66 -16.53 -42.61 -23.90
CA LEU D 66 -17.36 -42.60 -22.70
C LEU D 66 -18.82 -42.91 -23.01
N LYS D 67 -19.11 -43.57 -24.12
CA LYS D 67 -20.46 -44.04 -24.37
C LYS D 67 -20.79 -45.21 -23.44
N PHE D 68 -22.06 -45.31 -23.06
CA PHE D 68 -22.49 -46.36 -22.16
C PHE D 68 -23.99 -46.60 -22.37
N LYS D 69 -24.46 -47.71 -21.82
CA LYS D 69 -25.88 -48.04 -21.79
C LYS D 69 -26.23 -48.48 -20.38
N GLY D 70 -27.27 -47.88 -19.81
CA GLY D 70 -27.63 -48.13 -18.43
C GLY D 70 -29.06 -47.74 -18.10
N PRO D 71 -29.43 -47.86 -16.82
CA PRO D 71 -30.80 -47.48 -16.42
C PRO D 71 -31.16 -46.04 -16.71
N MET D 72 -30.22 -45.11 -16.53
CA MET D 72 -30.46 -43.69 -16.77
C MET D 72 -29.60 -43.20 -17.92
N THR D 73 -30.12 -42.18 -18.63
CA THR D 73 -29.43 -41.65 -19.79
C THR D 73 -28.25 -40.75 -19.40
N VAL D 74 -28.35 -40.04 -18.28
CA VAL D 74 -27.36 -39.07 -17.85
C VAL D 74 -26.83 -39.49 -16.49
N LEU D 75 -25.51 -39.51 -16.34
CA LEU D 75 -24.86 -39.78 -15.07
C LEU D 75 -24.35 -38.46 -14.50
N ARG D 76 -25.01 -37.96 -13.47
CA ARG D 76 -24.58 -36.76 -12.75
C ARG D 76 -23.63 -37.23 -11.65
N LEU D 77 -22.33 -37.10 -11.92
CA LEU D 77 -21.30 -37.74 -11.12
C LEU D 77 -20.50 -36.73 -10.32
N ASN D 78 -19.76 -37.24 -9.34
CA ASN D 78 -18.89 -36.41 -8.54
C ASN D 78 -17.79 -35.80 -9.41
N ASN D 79 -17.40 -34.57 -9.06
CA ASN D 79 -16.43 -33.85 -9.87
C ASN D 79 -15.04 -34.46 -9.83
N LEU D 80 -14.77 -35.36 -8.88
CA LEU D 80 -13.43 -35.92 -8.77
C LEU D 80 -13.09 -36.80 -9.97
N MET D 81 -14.10 -37.36 -10.64
CA MET D 81 -13.84 -38.16 -11.83
C MET D 81 -13.45 -37.31 -13.03
N ALA D 82 -13.69 -36.00 -12.98
CA ALA D 82 -13.28 -35.13 -14.08
C ALA D 82 -11.77 -35.14 -14.27
N SER D 83 -11.01 -35.35 -13.19
CA SER D 83 -9.56 -35.46 -13.30
C SER D 83 -9.13 -36.76 -13.98
N LYS D 84 -9.99 -37.77 -14.01
CA LYS D 84 -9.66 -39.05 -14.60
C LYS D 84 -10.04 -39.16 -16.07
N ILE D 85 -10.54 -38.08 -16.68
CA ILE D 85 -10.90 -38.05 -18.09
C ILE D 85 -10.25 -36.83 -18.74
N TRP D 86 -10.19 -36.85 -20.05
CA TRP D 86 -9.71 -35.68 -20.79
C TRP D 86 -10.73 -34.55 -20.69
N THR D 87 -10.23 -33.35 -20.46
CA THR D 87 -11.02 -32.14 -20.50
C THR D 87 -10.21 -31.07 -21.21
N PRO D 88 -10.86 -30.10 -21.85
CA PRO D 88 -10.09 -29.06 -22.56
C PRO D 88 -9.28 -28.21 -21.60
N ASP D 89 -8.10 -27.80 -22.06
CA ASP D 89 -7.19 -26.98 -21.25
C ASP D 89 -7.40 -25.50 -21.50
N THR D 90 -8.65 -25.06 -21.34
CA THR D 90 -8.98 -23.66 -21.59
C THR D 90 -8.30 -22.74 -20.60
N PHE D 91 -7.84 -21.60 -21.08
CA PHE D 91 -7.21 -20.59 -20.25
C PHE D 91 -7.57 -19.22 -20.81
N PHE D 92 -7.43 -18.21 -19.96
CA PHE D 92 -7.80 -16.84 -20.29
C PHE D 92 -6.55 -16.09 -20.71
N HIS D 93 -6.56 -15.60 -21.95
CA HIS D 93 -5.38 -14.95 -22.51
C HIS D 93 -5.02 -13.68 -21.75
N ASN D 94 -6.03 -12.89 -21.37
CA ASN D 94 -5.83 -11.65 -20.65
C ASN D 94 -6.11 -11.79 -19.16
N GLY D 95 -6.14 -13.02 -18.64
CA GLY D 95 -6.40 -13.21 -17.23
C GLY D 95 -5.20 -12.89 -16.37
N LYS D 96 -5.49 -12.61 -15.09
CA LYS D 96 -4.46 -12.22 -14.13
C LYS D 96 -4.84 -12.79 -12.77
N LYS D 97 -4.30 -13.96 -12.43
CA LYS D 97 -4.51 -14.59 -11.14
C LYS D 97 -6.00 -14.81 -10.87
N SER D 98 -6.59 -15.66 -11.70
CA SER D 98 -7.93 -16.15 -11.43
C SER D 98 -7.86 -17.23 -10.35
N VAL D 99 -9.02 -17.50 -9.75
CA VAL D 99 -9.14 -18.48 -8.67
C VAL D 99 -10.29 -19.41 -8.98
N ALA D 100 -10.05 -20.72 -8.82
CA ALA D 100 -11.10 -21.72 -8.89
C ALA D 100 -11.60 -21.99 -7.48
N HIS D 101 -12.87 -21.69 -7.24
CA HIS D 101 -13.42 -21.81 -5.89
C HIS D 101 -13.48 -23.28 -5.47
N ASN D 102 -13.16 -23.55 -4.20
CA ASN D 102 -13.06 -24.95 -3.69
C ASN D 102 -13.73 -25.07 -2.33
N MET D 103 -14.76 -24.28 -2.03
CA MET D 103 -15.47 -24.29 -0.76
C MET D 103 -16.90 -24.77 -1.02
N THR D 104 -17.37 -25.81 -0.32
CA THR D 104 -16.64 -26.71 0.58
C THR D 104 -15.80 -27.68 -0.23
N MET D 105 -16.36 -28.14 -1.33
CA MET D 105 -15.73 -29.04 -2.29
C MET D 105 -15.42 -28.26 -3.57
N PRO D 106 -14.66 -28.85 -4.49
CA PRO D 106 -14.40 -28.15 -5.76
C PRO D 106 -15.68 -27.85 -6.51
N ASN D 107 -15.92 -26.57 -6.78
CA ASN D 107 -17.14 -26.13 -7.44
C ASN D 107 -17.04 -26.44 -8.93
N LYS D 108 -17.24 -27.72 -9.22
CA LYS D 108 -17.29 -28.22 -10.59
C LYS D 108 -18.41 -29.24 -10.67
N LEU D 109 -18.91 -29.47 -11.87
CA LEU D 109 -19.82 -30.58 -12.12
C LEU D 109 -19.49 -31.21 -13.46
N LEU D 110 -19.65 -32.54 -13.53
CA LEU D 110 -19.45 -33.31 -14.74
C LEU D 110 -20.67 -34.19 -14.95
N ARG D 111 -21.17 -34.23 -16.18
CA ARG D 111 -22.32 -35.05 -16.54
C ARG D 111 -22.03 -35.73 -17.86
N ILE D 112 -22.30 -37.03 -17.92
CA ILE D 112 -22.05 -37.85 -19.10
C ILE D 112 -23.39 -38.37 -19.59
N THR D 113 -23.76 -38.00 -20.81
CA THR D 113 -24.94 -38.55 -21.45
C THR D 113 -24.62 -39.92 -22.04
N GLU D 114 -25.66 -40.70 -22.31
CA GLU D 114 -25.47 -42.06 -22.81
C GLU D 114 -24.74 -42.07 -24.16
N ASP D 115 -24.91 -41.04 -24.97
CA ASP D 115 -24.28 -40.96 -26.28
C ASP D 115 -22.86 -40.42 -26.22
N GLY D 116 -22.27 -40.29 -25.03
CA GLY D 116 -20.91 -39.79 -24.91
C GLY D 116 -20.77 -38.29 -24.90
N THR D 117 -21.86 -37.55 -24.77
CA THR D 117 -21.79 -36.09 -24.69
C THR D 117 -21.53 -35.68 -23.25
N LEU D 118 -20.39 -35.03 -23.02
CA LEU D 118 -19.99 -34.57 -21.71
C LEU D 118 -20.32 -33.10 -21.54
N LEU D 119 -20.86 -32.75 -20.38
CA LEU D 119 -21.02 -31.38 -19.92
C LEU D 119 -20.14 -31.20 -18.70
N TYR D 120 -19.43 -30.09 -18.63
CA TYR D 120 -18.41 -29.86 -17.60
C TYR D 120 -18.44 -28.38 -17.25
N THR D 121 -18.86 -28.06 -16.03
CA THR D 121 -18.98 -26.68 -15.58
C THR D 121 -18.07 -26.43 -14.40
N MET D 122 -17.54 -25.20 -14.35
CA MET D 122 -16.65 -24.74 -13.30
C MET D 122 -17.18 -23.43 -12.75
N ARG D 123 -16.88 -23.15 -11.47
CA ARG D 123 -17.11 -21.84 -10.89
C ARG D 123 -15.77 -21.13 -10.76
N LEU D 124 -15.66 -19.95 -11.35
CA LEU D 124 -14.42 -19.19 -11.36
C LEU D 124 -14.68 -17.74 -10.98
N THR D 125 -13.66 -17.11 -10.42
CA THR D 125 -13.55 -15.66 -10.34
C THR D 125 -12.36 -15.27 -11.20
N VAL D 126 -12.63 -14.66 -12.34
CA VAL D 126 -11.62 -14.31 -13.33
C VAL D 126 -11.26 -12.85 -13.13
N ARG D 127 -9.97 -12.57 -13.03
CA ARG D 127 -9.42 -11.23 -12.98
C ARG D 127 -8.70 -11.00 -14.30
N ALA D 128 -9.22 -10.08 -15.12
CA ALA D 128 -8.79 -9.91 -16.50
C ALA D 128 -8.35 -8.48 -16.75
N GLU D 129 -7.40 -8.33 -17.67
CA GLU D 129 -6.90 -7.02 -18.06
C GLU D 129 -7.97 -6.24 -18.82
N CYS D 130 -7.94 -4.92 -18.65
CA CYS D 130 -8.83 -4.00 -19.36
C CYS D 130 -8.08 -2.71 -19.59
N PRO D 131 -7.28 -2.62 -20.68
CA PRO D 131 -6.59 -1.35 -20.96
C PRO D 131 -7.58 -0.22 -21.19
N MET D 132 -7.20 0.98 -20.75
CA MET D 132 -8.12 2.09 -20.61
C MET D 132 -7.60 3.34 -21.29
N HIS D 133 -8.53 4.15 -21.81
CA HIS D 133 -8.28 5.52 -22.21
C HIS D 133 -8.72 6.41 -21.05
N LEU D 134 -7.77 7.08 -20.41
CA LEU D 134 -8.07 7.98 -19.31
C LEU D 134 -7.91 9.44 -19.70
N GLU D 135 -8.02 9.76 -20.98
CA GLU D 135 -7.94 11.15 -21.43
C GLU D 135 -9.28 11.85 -21.32
N ASP D 136 -10.38 11.11 -21.43
CA ASP D 136 -11.72 11.64 -21.21
C ASP D 136 -12.20 11.42 -19.78
N PHE D 137 -11.31 10.99 -18.88
CA PHE D 137 -11.71 10.73 -17.51
C PHE D 137 -12.19 12.02 -16.85
N PRO D 138 -13.29 11.99 -16.07
CA PRO D 138 -14.19 10.90 -15.71
C PRO D 138 -15.35 10.67 -16.67
N MET D 139 -15.29 11.28 -17.86
CA MET D 139 -16.29 11.06 -18.90
C MET D 139 -15.91 9.90 -19.84
N ASP D 140 -15.07 8.99 -19.37
CA ASP D 140 -14.52 7.95 -20.23
C ASP D 140 -15.40 6.71 -20.23
N ALA D 141 -15.21 5.89 -21.28
CA ALA D 141 -15.91 4.62 -21.43
C ALA D 141 -14.93 3.61 -22.01
N HIS D 142 -15.13 2.34 -21.66
CA HIS D 142 -14.19 1.27 -21.98
C HIS D 142 -14.94 0.05 -22.50
N ALA D 143 -14.18 -0.82 -23.15
CA ALA D 143 -14.67 -2.12 -23.62
C ALA D 143 -13.68 -3.16 -23.13
N CYS D 144 -13.94 -3.70 -21.94
CA CYS D 144 -13.01 -4.63 -21.31
C CYS D 144 -13.13 -6.00 -21.96
N PRO D 145 -12.04 -6.58 -22.49
CA PRO D 145 -12.15 -7.92 -23.09
C PRO D 145 -12.15 -9.03 -22.05
N LEU D 146 -12.71 -10.16 -22.46
CA LEU D 146 -12.52 -11.45 -21.80
C LEU D 146 -12.27 -12.45 -22.92
N LYS D 147 -11.02 -12.86 -23.07
CA LYS D 147 -10.57 -13.72 -24.17
C LYS D 147 -10.09 -15.04 -23.59
N PHE D 148 -10.58 -16.15 -24.15
CA PHE D 148 -10.15 -17.47 -23.67
C PHE D 148 -10.01 -18.44 -24.84
N GLY D 149 -9.22 -19.48 -24.60
CA GLY D 149 -9.02 -20.50 -25.61
C GLY D 149 -8.11 -21.58 -25.08
N SER D 150 -7.87 -22.59 -25.91
CA SER D 150 -6.99 -23.68 -25.51
C SER D 150 -5.55 -23.20 -25.46
N TYR D 151 -4.78 -23.75 -24.51
CA TYR D 151 -3.37 -23.41 -24.40
C TYR D 151 -2.50 -24.30 -25.29
N ALA D 152 -2.74 -25.61 -25.26
CA ALA D 152 -1.86 -26.57 -25.91
C ALA D 152 -2.31 -26.98 -27.30
N TYR D 153 -3.60 -26.89 -27.61
CA TYR D 153 -4.16 -27.43 -28.83
C TYR D 153 -4.41 -26.32 -29.85
N THR D 154 -3.85 -26.48 -31.04
CA THR D 154 -4.03 -25.51 -32.11
C THR D 154 -5.40 -25.65 -32.74
N ARG D 155 -5.65 -24.85 -33.78
CA ARG D 155 -6.96 -24.87 -34.44
C ARG D 155 -7.23 -26.21 -35.10
N ALA D 156 -6.19 -26.91 -35.54
CA ALA D 156 -6.39 -28.21 -36.18
C ALA D 156 -6.81 -29.29 -35.19
N GLU D 157 -6.61 -29.06 -33.89
CA GLU D 157 -6.89 -30.06 -32.86
C GLU D 157 -8.14 -29.75 -32.07
N VAL D 158 -8.25 -28.54 -31.51
CA VAL D 158 -9.40 -28.13 -30.71
C VAL D 158 -9.92 -26.82 -31.26
N VAL D 159 -11.23 -26.76 -31.51
CA VAL D 159 -11.92 -25.55 -31.92
C VAL D 159 -13.06 -25.30 -30.97
N TYR D 160 -13.15 -24.07 -30.47
CA TYR D 160 -14.21 -23.67 -29.57
C TYR D 160 -15.37 -23.07 -30.34
N GLU D 161 -16.58 -23.30 -29.83
CA GLU D 161 -17.80 -22.76 -30.42
C GLU D 161 -18.73 -22.34 -29.29
N TRP D 162 -19.62 -21.40 -29.59
CA TRP D 162 -20.61 -20.98 -28.62
C TRP D 162 -21.77 -21.97 -28.59
N THR D 163 -22.26 -22.25 -27.39
CA THR D 163 -23.32 -23.26 -27.24
C THR D 163 -24.59 -22.82 -27.97
N ARG D 164 -24.94 -21.55 -27.85
CA ARG D 164 -26.11 -20.94 -28.47
C ARG D 164 -25.59 -19.86 -29.43
N GLU D 165 -26.49 -19.01 -29.89
CA GLU D 165 -26.08 -17.85 -30.65
C GLU D 165 -25.11 -17.02 -29.81
N PRO D 166 -24.12 -16.36 -30.43
CA PRO D 166 -23.09 -15.69 -29.62
C PRO D 166 -23.63 -14.64 -28.68
N ALA D 167 -24.69 -13.91 -29.08
CA ALA D 167 -25.26 -12.91 -28.20
C ALA D 167 -25.86 -13.54 -26.95
N ARG D 168 -26.51 -14.69 -27.11
CA ARG D 168 -27.18 -15.38 -26.02
C ARG D 168 -26.29 -16.38 -25.28
N SER D 169 -25.04 -16.55 -25.71
CA SER D 169 -24.14 -17.49 -25.06
C SER D 169 -23.34 -16.88 -23.92
N VAL D 170 -23.58 -15.61 -23.59
CA VAL D 170 -23.00 -14.99 -22.41
C VAL D 170 -24.10 -14.24 -21.68
N VAL D 171 -24.64 -14.85 -20.63
CA VAL D 171 -25.78 -14.33 -19.89
C VAL D 171 -25.28 -13.74 -18.58
N VAL D 172 -25.68 -12.51 -18.30
CA VAL D 172 -25.32 -11.81 -17.07
C VAL D 172 -26.52 -11.84 -16.13
N ALA D 173 -26.28 -12.23 -14.88
CA ALA D 173 -27.35 -12.26 -13.89
C ALA D 173 -27.86 -10.85 -13.64
N GLU D 174 -29.19 -10.72 -13.51
CA GLU D 174 -29.79 -9.41 -13.36
C GLU D 174 -29.38 -8.77 -12.04
N ASP D 175 -29.39 -9.53 -10.95
CA ASP D 175 -29.01 -9.00 -9.65
C ASP D 175 -27.50 -8.91 -9.44
N GLY D 176 -26.72 -9.61 -10.25
CA GLY D 176 -25.29 -9.67 -10.05
C GLY D 176 -24.53 -8.52 -10.68
N SER D 177 -24.57 -7.36 -10.04
CA SER D 177 -23.84 -6.17 -10.49
C SER D 177 -23.12 -5.58 -9.29
N ARG D 178 -21.83 -5.91 -9.15
CA ARG D 178 -21.00 -5.37 -8.09
C ARG D 178 -20.24 -4.13 -8.54
N LEU D 179 -20.72 -3.43 -9.57
CA LEU D 179 -20.06 -2.23 -10.06
C LEU D 179 -20.48 -1.04 -9.22
N ASN D 180 -19.50 -0.29 -8.74
CA ASN D 180 -19.75 0.91 -7.94
C ASN D 180 -19.81 2.17 -8.79
N GLN D 181 -18.79 2.39 -9.63
CA GLN D 181 -18.65 3.62 -10.40
C GLN D 181 -18.76 3.37 -11.90
N TYR D 182 -19.34 2.25 -12.33
CA TYR D 182 -19.49 1.92 -13.73
C TYR D 182 -20.88 1.38 -14.00
N ASP D 183 -21.35 1.59 -15.23
CA ASP D 183 -22.57 0.98 -15.74
C ASP D 183 -22.20 0.04 -16.89
N LEU D 184 -22.67 -1.20 -16.80
CA LEU D 184 -22.44 -2.20 -17.84
C LEU D 184 -23.52 -2.06 -18.88
N LEU D 185 -23.20 -1.38 -19.99
CA LEU D 185 -24.20 -1.14 -21.02
C LEU D 185 -24.57 -2.43 -21.74
N GLY D 186 -23.61 -3.30 -21.98
CA GLY D 186 -23.88 -4.56 -22.63
C GLY D 186 -22.59 -5.32 -22.90
N GLN D 187 -22.72 -6.38 -23.69
CA GLN D 187 -21.59 -7.20 -24.07
C GLN D 187 -21.68 -7.55 -25.55
N THR D 188 -20.51 -7.66 -26.18
CA THR D 188 -20.39 -8.08 -27.57
C THR D 188 -19.57 -9.36 -27.60
N VAL D 189 -20.12 -10.40 -28.21
CA VAL D 189 -19.55 -11.74 -28.21
C VAL D 189 -19.03 -12.04 -29.61
N ASP D 190 -17.81 -12.58 -29.69
CA ASP D 190 -17.18 -12.84 -30.98
C ASP D 190 -16.13 -13.94 -30.79
N SER D 191 -15.49 -14.31 -31.89
CA SER D 191 -14.41 -15.28 -31.85
C SER D 191 -13.49 -15.06 -33.04
N GLY D 192 -12.19 -15.24 -32.81
CA GLY D 192 -11.20 -15.14 -33.85
C GLY D 192 -10.06 -16.12 -33.65
N ILE D 193 -8.90 -15.81 -34.21
CA ILE D 193 -7.72 -16.66 -34.10
C ILE D 193 -6.53 -15.81 -33.67
N VAL D 194 -5.53 -16.47 -33.09
CA VAL D 194 -4.27 -15.85 -32.72
C VAL D 194 -3.15 -16.67 -33.33
N GLN D 195 -2.22 -15.98 -34.00
CA GLN D 195 -1.03 -16.58 -34.59
C GLN D 195 0.11 -16.43 -33.60
N SER D 196 0.71 -17.55 -33.21
CA SER D 196 1.86 -17.56 -32.32
C SER D 196 2.94 -18.46 -32.92
N SER D 197 4.09 -18.51 -32.25
CA SER D 197 5.18 -19.36 -32.72
C SER D 197 4.80 -20.83 -32.68
N THR D 198 3.97 -21.23 -31.71
CA THR D 198 3.57 -22.62 -31.60
C THR D 198 2.52 -23.01 -32.64
N GLY D 199 1.70 -22.08 -33.09
CA GLY D 199 0.72 -22.38 -34.11
C GLY D 199 -0.43 -21.37 -34.07
N GLU D 200 -1.53 -21.77 -34.71
CA GLU D 200 -2.75 -20.96 -34.76
C GLU D 200 -3.74 -21.51 -33.75
N TYR D 201 -4.25 -20.64 -32.89
CA TYR D 201 -5.15 -21.02 -31.81
C TYR D 201 -6.46 -20.25 -31.92
N VAL D 202 -7.56 -20.95 -31.70
CA VAL D 202 -8.87 -20.31 -31.68
C VAL D 202 -9.05 -19.57 -30.36
N VAL D 203 -9.63 -18.37 -30.42
CA VAL D 203 -9.88 -17.54 -29.25
C VAL D 203 -11.33 -17.08 -29.30
N MET D 204 -11.99 -17.13 -28.17
CA MET D 204 -13.36 -16.65 -28.00
C MET D 204 -13.31 -15.42 -27.11
N THR D 205 -13.90 -14.32 -27.58
CA THR D 205 -13.81 -13.02 -26.93
C THR D 205 -15.19 -12.51 -26.56
N THR D 206 -15.27 -11.84 -25.42
CA THR D 206 -16.47 -11.13 -25.00
C THR D 206 -16.04 -9.77 -24.47
N HIS D 207 -16.44 -8.70 -25.15
CA HIS D 207 -16.11 -7.35 -24.74
C HIS D 207 -17.30 -6.79 -23.95
N PHE D 208 -17.07 -6.51 -22.67
CA PHE D 208 -18.08 -5.88 -21.83
C PHE D 208 -17.89 -4.36 -21.92
N HIS D 209 -18.94 -3.66 -22.32
CA HIS D 209 -18.87 -2.22 -22.52
C HIS D 209 -19.32 -1.53 -21.24
N LEU D 210 -18.42 -0.71 -20.67
CA LEU D 210 -18.63 -0.06 -19.40
C LEU D 210 -18.53 1.45 -19.58
N LYS D 211 -19.39 2.19 -18.89
CA LYS D 211 -19.38 3.64 -18.89
C LYS D 211 -19.23 4.14 -17.45
N ARG D 212 -18.24 4.99 -17.23
CA ARG D 212 -18.01 5.51 -15.89
C ARG D 212 -19.15 6.44 -15.48
N LYS D 213 -19.51 6.37 -14.20
CA LYS D 213 -20.52 7.23 -13.62
C LYS D 213 -19.85 8.49 -13.09
N ILE D 214 -20.29 9.65 -13.60
CA ILE D 214 -19.65 10.91 -13.26
C ILE D 214 -20.09 11.49 -11.91
N GLY D 215 -21.13 10.92 -11.30
CA GLY D 215 -21.74 11.57 -10.15
C GLY D 215 -20.78 11.75 -8.99
N TYR D 216 -19.94 10.75 -8.73
CA TYR D 216 -18.94 10.87 -7.67
C TYR D 216 -18.05 12.08 -7.90
N PHE D 217 -17.46 12.16 -9.09
CA PHE D 217 -16.49 13.22 -9.35
C PHE D 217 -17.17 14.59 -9.40
N VAL D 218 -18.42 14.65 -9.89
CA VAL D 218 -19.16 15.91 -9.85
C VAL D 218 -19.35 16.36 -8.40
N ILE D 219 -19.76 15.44 -7.52
CA ILE D 219 -19.99 15.82 -6.13
C ILE D 219 -18.68 16.26 -5.49
N GLN D 220 -17.57 15.65 -5.90
CA GLN D 220 -16.38 15.54 -5.08
C GLN D 220 -15.18 16.35 -5.53
N THR D 221 -15.05 16.64 -6.82
CA THR D 221 -13.94 17.42 -7.35
C THR D 221 -14.40 18.66 -8.10
N TYR D 222 -15.40 18.53 -8.97
CA TYR D 222 -15.84 19.66 -9.77
C TYR D 222 -16.51 20.72 -8.90
N LEU D 223 -17.40 20.30 -7.99
CA LEU D 223 -18.07 21.27 -7.15
C LEU D 223 -17.11 22.02 -6.22
N PRO D 224 -16.17 21.37 -5.53
CA PRO D 224 -15.19 22.16 -4.77
C PRO D 224 -14.41 23.15 -5.63
N CYS D 225 -14.03 22.76 -6.85
CA CYS D 225 -13.29 23.69 -7.70
C CYS D 225 -14.15 24.88 -8.11
N ILE D 226 -15.41 24.62 -8.49
CA ILE D 226 -16.30 25.70 -8.88
C ILE D 226 -16.55 26.64 -7.71
N MET D 227 -16.78 26.09 -6.52
CA MET D 227 -17.01 26.94 -5.36
C MET D 227 -15.76 27.70 -4.96
N THR D 228 -14.58 27.11 -5.14
CA THR D 228 -13.35 27.86 -4.89
C THR D 228 -13.21 29.01 -5.86
N VAL D 229 -13.55 28.80 -7.14
CA VAL D 229 -13.48 29.88 -8.11
C VAL D 229 -14.47 30.99 -7.75
N ILE D 230 -15.68 30.63 -7.35
CA ILE D 230 -16.67 31.62 -6.95
C ILE D 230 -16.19 32.37 -5.71
N LEU D 231 -15.59 31.67 -4.76
CA LEU D 231 -15.07 32.29 -3.56
C LEU D 231 -13.97 33.29 -3.89
N SER D 232 -13.09 32.92 -4.83
CA SER D 232 -12.05 33.84 -5.27
C SER D 232 -12.66 35.08 -5.92
N GLN D 233 -13.70 34.88 -6.75
CA GLN D 233 -14.32 36.02 -7.41
C GLN D 233 -15.12 36.89 -6.46
N VAL D 234 -15.49 36.38 -5.28
CA VAL D 234 -16.22 37.19 -4.32
C VAL D 234 -15.40 38.40 -3.88
N SER D 235 -14.06 38.30 -3.91
CA SER D 235 -13.22 39.36 -3.39
C SER D 235 -13.33 40.66 -4.18
N PHE D 236 -13.82 40.61 -5.43
CA PHE D 236 -13.96 41.83 -6.21
C PHE D 236 -14.98 42.80 -5.62
N TRP D 237 -15.90 42.32 -4.79
CA TRP D 237 -16.96 43.14 -4.23
C TRP D 237 -16.57 43.85 -2.95
N LEU D 238 -15.42 43.51 -2.36
CA LEU D 238 -14.94 44.23 -1.19
C LEU D 238 -14.24 45.52 -1.62
N ASN D 239 -14.15 46.46 -0.67
CA ASN D 239 -13.48 47.72 -0.95
C ASN D 239 -11.99 47.49 -1.17
N ARG D 240 -11.40 48.35 -2.00
CA ARG D 240 -10.00 48.18 -2.38
C ARG D 240 -9.04 48.36 -1.21
N GLU D 241 -9.46 49.03 -0.14
CA GLU D 241 -8.58 49.28 0.99
C GLU D 241 -8.49 48.11 1.95
N SER D 242 -9.32 47.07 1.77
CA SER D 242 -9.25 45.87 2.60
C SER D 242 -8.16 44.92 2.07
N VAL D 243 -6.93 45.43 2.13
CA VAL D 243 -5.80 44.72 1.54
C VAL D 243 -5.55 43.37 2.21
N PRO D 244 -5.43 43.28 3.53
CA PRO D 244 -5.25 41.94 4.13
C PRO D 244 -6.40 40.99 3.85
N ALA D 245 -7.64 41.48 3.82
CA ALA D 245 -8.78 40.60 3.57
C ALA D 245 -8.74 40.04 2.15
N ARG D 246 -8.51 40.90 1.16
CA ARG D 246 -8.46 40.43 -0.21
C ARG D 246 -7.24 39.56 -0.46
N THR D 247 -6.12 39.85 0.19
CA THR D 247 -4.95 38.97 0.11
C THR D 247 -5.27 37.60 0.69
N VAL D 248 -6.00 37.56 1.81
CA VAL D 248 -6.41 36.29 2.40
C VAL D 248 -7.27 35.52 1.40
N PHE D 249 -8.23 36.21 0.77
CA PHE D 249 -9.06 35.57 -0.25
C PHE D 249 -8.21 34.92 -1.33
N GLY D 250 -7.32 35.71 -1.94
CA GLY D 250 -6.54 35.20 -3.04
C GLY D 250 -5.61 34.05 -2.64
N VAL D 251 -4.91 34.22 -1.52
CA VAL D 251 -3.93 33.22 -1.10
C VAL D 251 -4.64 31.92 -0.73
N THR D 252 -5.71 32.01 0.06
CA THR D 252 -6.41 30.80 0.48
C THR D 252 -7.03 30.08 -0.71
N THR D 253 -7.56 30.83 -1.67
CA THR D 253 -8.12 30.17 -2.85
C THR D 253 -7.03 29.50 -3.68
N VAL D 254 -5.86 30.13 -3.80
CA VAL D 254 -4.77 29.51 -4.56
C VAL D 254 -4.32 28.21 -3.89
N LEU D 255 -4.12 28.24 -2.57
CA LEU D 255 -3.75 27.01 -1.87
C LEU D 255 -4.83 25.95 -1.92
N THR D 256 -6.10 26.35 -1.86
CA THR D 256 -7.18 25.37 -1.99
C THR D 256 -7.15 24.71 -3.36
N MET D 257 -6.92 25.50 -4.41
CA MET D 257 -6.83 24.90 -5.74
C MET D 257 -5.63 23.98 -5.86
N THR D 258 -4.51 24.34 -5.24
CA THR D 258 -3.35 23.46 -5.25
C THR D 258 -3.65 22.14 -4.55
N THR D 259 -4.31 22.21 -3.39
CA THR D 259 -4.67 20.99 -2.67
C THR D 259 -5.63 20.14 -3.48
N LEU D 260 -6.61 20.77 -4.13
CA LEU D 260 -7.55 20.02 -4.94
C LEU D 260 -6.86 19.35 -6.12
N SER D 261 -5.92 20.07 -6.75
CA SER D 261 -5.17 19.47 -7.86
C SER D 261 -4.36 18.27 -7.38
N ILE D 262 -3.75 18.37 -6.21
CA ILE D 262 -2.98 17.25 -5.68
C ILE D 262 -3.91 16.07 -5.39
N SER D 263 -5.05 16.33 -4.76
CA SER D 263 -5.93 15.24 -4.33
C SER D 263 -6.74 14.64 -5.47
N ALA D 264 -6.89 15.34 -6.61
CA ALA D 264 -7.71 14.81 -7.70
C ALA D 264 -7.06 13.60 -8.36
N ARG D 265 -5.73 13.56 -8.43
CA ARG D 265 -5.03 12.50 -9.14
C ARG D 265 -4.88 11.22 -8.33
N ASN D 266 -5.29 11.20 -7.06
CA ASN D 266 -5.10 10.01 -6.24
C ASN D 266 -5.93 8.85 -6.74
N SER D 267 -7.10 9.11 -7.31
CA SER D 267 -7.96 8.03 -7.78
C SER D 267 -7.31 7.27 -8.92
N LEU D 268 -6.70 7.98 -9.87
CA LEU D 268 -6.18 7.37 -11.08
C LEU D 268 -4.86 6.65 -10.82
N PRO D 269 -4.46 5.76 -11.73
CA PRO D 269 -3.04 5.39 -11.79
C PRO D 269 -2.22 6.55 -12.30
N LYS D 270 -0.92 6.51 -11.97
CA LYS D 270 -0.05 7.64 -12.28
C LYS D 270 0.26 7.70 -13.76
N VAL D 271 -0.73 8.03 -14.59
CA VAL D 271 -0.54 8.12 -16.03
C VAL D 271 0.15 9.43 -16.36
N ALA D 272 0.87 9.43 -17.48
CA ALA D 272 1.74 10.55 -17.88
C ALA D 272 1.08 11.43 -18.93
N TYR D 273 -0.24 11.62 -18.87
CA TYR D 273 -0.93 12.54 -19.76
C TYR D 273 -2.06 13.22 -18.99
N ALA D 274 -2.52 14.34 -19.53
CA ALA D 274 -3.55 15.14 -18.89
C ALA D 274 -4.93 14.60 -19.21
N THR D 275 -5.79 14.55 -18.20
CA THR D 275 -7.18 14.15 -18.35
C THR D 275 -8.09 15.37 -18.42
N ALA D 276 -9.36 15.13 -18.67
CA ALA D 276 -10.34 16.21 -18.70
C ALA D 276 -10.44 16.87 -17.33
N MET D 277 -10.38 16.07 -16.27
CA MET D 277 -10.37 16.62 -14.92
C MET D 277 -9.15 17.51 -14.71
N ASP D 278 -8.00 17.08 -15.23
CA ASP D 278 -6.80 17.90 -15.12
C ASP D 278 -6.97 19.22 -15.84
N TRP D 279 -7.57 19.21 -17.03
CA TRP D 279 -7.77 20.46 -17.76
C TRP D 279 -8.73 21.37 -17.01
N PHE D 280 -9.80 20.81 -16.43
CA PHE D 280 -10.74 21.62 -15.65
C PHE D 280 -10.04 22.25 -14.45
N ILE D 281 -9.23 21.47 -13.73
CA ILE D 281 -8.54 21.99 -12.57
C ILE D 281 -7.55 23.07 -12.98
N ALA D 282 -6.87 22.88 -14.11
CA ALA D 282 -5.92 23.88 -14.58
C ALA D 282 -6.62 25.19 -14.92
N VAL D 283 -7.78 25.11 -15.59
CA VAL D 283 -8.49 26.34 -15.94
C VAL D 283 -9.00 27.03 -14.67
N CYS D 284 -9.48 26.27 -13.69
CA CYS D 284 -9.95 26.89 -12.46
C CYS D 284 -8.80 27.53 -11.70
N TYR D 285 -7.63 26.88 -11.70
CA TYR D 285 -6.45 27.49 -11.09
C TYR D 285 -6.08 28.78 -11.80
N ALA D 286 -6.18 28.79 -13.13
CA ALA D 286 -5.90 30.02 -13.88
C ALA D 286 -6.87 31.12 -13.49
N PHE D 287 -8.14 30.79 -13.33
CA PHE D 287 -9.12 31.78 -12.91
C PHE D 287 -8.80 32.36 -11.54
N VAL D 288 -8.45 31.48 -10.58
CA VAL D 288 -8.14 31.94 -9.23
C VAL D 288 -6.90 32.82 -9.23
N PHE D 289 -5.86 32.40 -9.95
CA PHE D 289 -4.63 33.18 -9.99
C PHE D 289 -4.85 34.51 -10.71
N SER D 290 -5.73 34.53 -11.72
CA SER D 290 -6.07 35.78 -12.38
C SER D 290 -6.80 36.71 -11.43
N ALA D 291 -7.66 36.18 -10.57
CA ALA D 291 -8.31 37.01 -9.56
C ALA D 291 -7.28 37.63 -8.62
N LEU D 292 -6.29 36.84 -8.20
CA LEU D 292 -5.25 37.39 -7.33
C LEU D 292 -4.44 38.48 -8.04
N ILE D 293 -4.10 38.26 -9.31
CA ILE D 293 -3.37 39.28 -10.06
C ILE D 293 -4.22 40.53 -10.23
N GLU D 294 -5.52 40.35 -10.41
CA GLU D 294 -6.43 41.50 -10.50
C GLU D 294 -6.39 42.32 -9.21
N PHE D 295 -6.43 41.65 -8.07
CA PHE D 295 -6.31 42.38 -6.80
C PHE D 295 -4.95 43.07 -6.70
N ALA D 296 -3.90 42.42 -7.18
CA ALA D 296 -2.57 43.04 -7.14
C ALA D 296 -2.55 44.33 -7.94
N THR D 297 -3.16 44.32 -9.14
CA THR D 297 -3.25 45.54 -9.94
C THR D 297 -4.06 46.61 -9.24
N VAL D 298 -5.18 46.22 -8.65
CA VAL D 298 -6.04 47.19 -7.95
C VAL D 298 -5.28 47.83 -6.80
N ASN D 299 -4.53 47.03 -6.04
CA ASN D 299 -3.75 47.59 -4.95
C ASN D 299 -2.59 48.44 -5.44
N TYR D 300 -2.01 48.09 -6.59
CA TYR D 300 -0.96 48.92 -7.17
C TYR D 300 -1.50 50.31 -7.50
N PHE D 301 -2.70 50.38 -8.03
CA PHE D 301 -3.29 51.67 -8.39
C PHE D 301 -4.03 52.34 -7.25
N THR D 302 -4.22 51.68 -6.11
CA THR D 302 -4.78 52.34 -4.94
C THR D 302 -3.81 53.36 -4.39
N LYS D 303 -4.30 54.57 -4.11
CA LYS D 303 -3.45 55.65 -3.62
C LYS D 303 -3.43 55.71 -2.10
N ARG D 304 -4.60 55.91 -1.49
CA ARG D 304 -4.69 56.16 -0.05
C ARG D 304 -4.85 54.86 0.71
N GLY D 305 -4.29 54.84 1.92
CA GLY D 305 -4.33 53.69 2.78
C GLY D 305 -5.52 53.61 3.71
N TYR D 306 -6.50 54.50 3.57
CA TYR D 306 -7.68 54.53 4.42
C TYR D 306 -8.93 54.46 3.55
N ALA D 307 -9.96 53.79 4.07
CA ALA D 307 -11.22 53.62 3.36
C ALA D 307 -12.13 54.81 3.62
N TRP D 308 -13.31 54.78 3.02
CA TRP D 308 -14.29 55.83 3.24
C TRP D 308 -14.79 55.78 4.68
N ASP D 309 -14.90 56.97 5.30
CA ASP D 309 -15.28 57.06 6.70
C ASP D 309 -16.78 56.93 6.93
N GLY D 310 -17.60 57.05 5.88
CA GLY D 310 -19.04 56.92 6.02
C GLY D 310 -19.78 58.20 6.27
N LYS D 311 -19.08 59.31 6.49
CA LYS D 311 -19.71 60.60 6.83
C LYS D 311 -19.50 61.63 5.74
N SER D 312 -18.25 61.91 5.37
CA SER D 312 -17.96 63.00 4.44
C SER D 312 -18.32 62.60 3.01
N VAL D 313 -18.62 63.62 2.19
CA VAL D 313 -19.07 63.36 0.80
C VAL D 313 -17.86 62.99 -0.05
N VAL D 314 -18.11 62.37 -1.22
CA VAL D 314 -17.00 62.03 -2.14
C VAL D 314 -17.16 62.92 -3.37
N PRO D 315 -16.34 63.99 -3.51
CA PRO D 315 -16.50 64.90 -4.63
C PRO D 315 -16.49 64.14 -5.94
N GLU D 316 -17.45 64.44 -6.82
CA GLU D 316 -17.56 63.74 -8.13
C GLU D 316 -16.28 64.01 -8.94
N LYS D 317 -16.01 63.17 -9.94
CA LYS D 317 -14.74 63.29 -10.70
C LYS D 317 -14.62 64.70 -11.30
N PRO D 318 -13.40 65.25 -11.45
CA PRO D 318 -13.21 66.58 -11.99
C PRO D 318 -12.77 66.56 -13.46
N LYS D 374 -9.82 69.77 2.00
CA LYS D 374 -10.52 68.75 2.77
C LYS D 374 -9.85 67.39 2.59
N LYS D 375 -10.50 66.34 3.09
CA LYS D 375 -9.98 64.98 3.02
C LYS D 375 -10.62 64.26 1.84
N THR D 376 -9.77 63.66 1.00
CA THR D 376 -10.22 62.92 -0.17
C THR D 376 -10.18 61.42 0.10
N PHE D 377 -10.83 60.67 -0.78
CA PHE D 377 -10.94 59.22 -0.64
C PHE D 377 -10.77 58.57 -2.01
N ASN D 378 -10.33 57.32 -1.98
CA ASN D 378 -10.17 56.56 -3.21
C ASN D 378 -11.50 56.30 -3.88
N SER D 379 -11.50 56.29 -5.21
CA SER D 379 -12.67 55.91 -5.97
C SER D 379 -12.74 54.39 -6.08
N VAL D 380 -13.95 53.89 -6.37
CA VAL D 380 -14.12 52.47 -6.61
C VAL D 380 -13.36 52.09 -7.88
N SER D 381 -12.69 50.95 -7.84
CA SER D 381 -11.78 50.59 -8.92
C SER D 381 -12.55 50.17 -10.17
N LYS D 382 -12.23 50.81 -11.29
CA LYS D 382 -12.77 50.38 -12.58
C LYS D 382 -12.37 48.95 -12.88
N ILE D 383 -11.19 48.53 -12.45
CA ILE D 383 -10.77 47.14 -12.62
C ILE D 383 -11.74 46.22 -11.88
N ASP D 384 -12.10 46.58 -10.64
CA ASP D 384 -13.06 45.77 -9.90
C ASP D 384 -14.42 45.75 -10.59
N ARG D 385 -14.88 46.90 -11.09
CA ARG D 385 -16.19 46.94 -11.74
CA ARG D 385 -16.19 46.95 -11.74
C ARG D 385 -16.21 46.07 -12.99
N LEU D 386 -15.16 46.12 -13.79
CA LEU D 386 -15.11 45.27 -14.98
C LEU D 386 -14.97 43.80 -14.60
N SER D 387 -14.18 43.50 -13.57
CA SER D 387 -13.95 42.11 -13.20
C SER D 387 -15.22 41.46 -12.67
N ARG D 388 -16.05 42.22 -11.94
CA ARG D 388 -17.28 41.68 -11.37
C ARG D 388 -18.19 41.08 -12.43
N ILE D 389 -18.17 41.65 -13.64
CA ILE D 389 -18.98 41.15 -14.75
C ILE D 389 -18.19 40.24 -15.68
N ALA D 390 -16.86 40.39 -15.75
CA ALA D 390 -16.08 39.61 -16.70
C ALA D 390 -15.76 38.22 -16.17
N PHE D 391 -15.29 38.12 -14.92
CA PHE D 391 -14.84 36.83 -14.41
C PHE D 391 -15.97 35.81 -14.33
N PRO D 392 -17.13 36.10 -13.72
CA PRO D 392 -18.19 35.08 -13.70
C PRO D 392 -18.70 34.72 -15.09
N LEU D 393 -18.78 35.71 -15.99
CA LEU D 393 -19.25 35.44 -17.34
C LEU D 393 -18.30 34.51 -18.07
N LEU D 394 -16.99 34.80 -17.98
CA LEU D 394 -16.01 33.95 -18.64
C LEU D 394 -16.00 32.55 -18.03
N PHE D 395 -16.13 32.44 -16.71
CA PHE D 395 -16.17 31.11 -16.09
C PHE D 395 -17.40 30.33 -16.53
N GLY D 396 -18.55 30.99 -16.61
CA GLY D 396 -19.75 30.32 -17.09
C GLY D 396 -19.63 29.87 -18.53
N ILE D 397 -19.04 30.72 -19.38
CA ILE D 397 -18.84 30.34 -20.79
C ILE D 397 -17.89 29.15 -20.87
N PHE D 398 -16.83 29.16 -20.06
CA PHE D 398 -15.90 28.04 -20.06
C PHE D 398 -16.60 26.75 -19.63
N ASN D 399 -17.46 26.84 -18.60
CA ASN D 399 -18.17 25.64 -18.16
C ASN D 399 -19.10 25.13 -19.24
N LEU D 400 -19.81 26.04 -19.92
CA LEU D 400 -20.66 25.64 -21.03
C LEU D 400 -19.88 24.89 -22.08
N VAL D 401 -18.75 25.48 -22.52
CA VAL D 401 -17.96 24.86 -23.58
C VAL D 401 -17.40 23.52 -23.12
N TYR D 402 -16.89 23.46 -21.88
CA TYR D 402 -16.26 22.23 -21.39
C TYR D 402 -17.27 21.10 -21.28
N TRP D 403 -18.40 21.34 -20.63
CA TRP D 403 -19.38 20.28 -20.46
C TRP D 403 -20.00 19.89 -21.80
N ALA D 404 -20.27 20.85 -22.68
CA ALA D 404 -20.79 20.51 -23.99
C ALA D 404 -19.80 19.67 -24.78
N THR D 405 -18.51 19.99 -24.68
CA THR D 405 -17.49 19.23 -25.39
C THR D 405 -17.41 17.80 -24.87
N TYR D 406 -17.42 17.63 -23.55
CA TYR D 406 -17.07 16.33 -23.00
C TYR D 406 -18.25 15.40 -22.75
N LEU D 407 -19.48 15.93 -22.58
CA LEU D 407 -20.60 15.05 -22.28
C LEU D 407 -21.04 14.25 -23.51
N ASN D 408 -21.10 14.90 -24.67
CA ASN D 408 -21.53 14.23 -25.90
C ASN D 408 -20.34 13.62 -26.64
N ARG D 409 -19.65 12.73 -25.93
CA ARG D 409 -18.45 12.05 -26.45
C ARG D 409 -18.64 10.54 -26.37
N GLY E 1 -17.28 -51.15 22.00
CA GLY E 1 -17.05 -52.57 21.82
C GLY E 1 -15.60 -52.96 22.01
N ASN E 2 -14.95 -53.31 20.90
CA ASN E 2 -13.54 -53.71 20.90
C ASN E 2 -12.82 -53.01 19.76
N MET E 3 -11.52 -52.77 19.97
CA MET E 3 -10.75 -52.03 18.98
C MET E 3 -10.67 -52.79 17.65
N SER E 4 -10.36 -54.08 17.71
CA SER E 4 -10.27 -54.87 16.49
C SER E 4 -11.62 -54.98 15.81
N PHE E 5 -12.69 -55.14 16.60
CA PHE E 5 -14.02 -55.25 16.02
C PHE E 5 -14.41 -53.97 15.28
N VAL E 6 -14.16 -52.82 15.91
CA VAL E 6 -14.46 -51.54 15.26
C VAL E 6 -13.59 -51.35 14.02
N LYS E 7 -12.32 -51.76 14.10
CA LYS E 7 -11.42 -51.63 12.96
C LYS E 7 -11.93 -52.43 11.77
N GLU E 8 -12.29 -53.70 11.99
CA GLU E 8 -12.78 -54.50 10.89
C GLU E 8 -14.14 -54.03 10.41
N THR E 9 -14.97 -53.49 11.30
CA THR E 9 -16.26 -52.95 10.88
C THR E 9 -16.07 -51.75 9.94
N VAL E 10 -15.17 -50.83 10.30
CA VAL E 10 -14.93 -49.67 9.46
C VAL E 10 -14.29 -50.10 8.14
N ASP E 11 -13.41 -51.10 8.19
CA ASP E 11 -12.82 -51.63 6.96
C ASP E 11 -13.90 -52.21 6.06
N LYS E 12 -14.85 -52.96 6.62
CA LYS E 12 -15.93 -53.51 5.83
C LYS E 12 -16.80 -52.41 5.23
N LEU E 13 -17.09 -51.37 6.02
CA LEU E 13 -17.90 -50.28 5.51
C LEU E 13 -17.23 -49.58 4.34
N LEU E 14 -15.93 -49.30 4.47
CA LEU E 14 -15.22 -48.58 3.41
C LEU E 14 -14.83 -49.48 2.24
N LYS E 15 -14.86 -50.80 2.41
CA LYS E 15 -14.53 -51.71 1.32
C LYS E 15 -15.69 -51.77 0.32
N GLY E 16 -15.36 -51.61 -0.96
CA GLY E 16 -16.41 -51.58 -1.97
C GLY E 16 -17.26 -50.35 -1.95
N TYR E 17 -16.77 -49.26 -1.36
CA TYR E 17 -17.51 -48.01 -1.27
C TYR E 17 -17.11 -47.12 -2.44
N ASP E 18 -18.09 -46.75 -3.26
CA ASP E 18 -17.85 -45.91 -4.44
C ASP E 18 -18.12 -44.46 -4.06
N ILE E 19 -17.03 -43.69 -3.88
CA ILE E 19 -17.16 -42.29 -3.54
C ILE E 19 -17.78 -41.49 -4.68
N ARG E 20 -17.64 -41.96 -5.92
CA ARG E 20 -18.17 -41.23 -7.07
C ARG E 20 -19.68 -41.15 -7.07
N LEU E 21 -20.37 -42.08 -6.41
CA LEU E 21 -21.82 -42.16 -6.42
C LEU E 21 -22.39 -41.60 -5.13
N ARG E 22 -23.42 -40.76 -5.26
CA ARG E 22 -24.14 -40.26 -4.10
C ARG E 22 -24.95 -41.41 -3.49
N PRO E 23 -25.39 -41.26 -2.24
CA PRO E 23 -25.90 -42.44 -1.49
C PRO E 23 -27.04 -43.20 -2.14
N ASP E 24 -27.92 -42.54 -2.89
CA ASP E 24 -28.96 -43.20 -3.68
C ASP E 24 -28.84 -42.69 -5.11
N PHE E 25 -27.92 -43.28 -5.87
CA PHE E 25 -27.59 -42.73 -7.19
C PHE E 25 -28.77 -42.81 -8.15
N GLY E 26 -29.47 -43.94 -8.16
CA GLY E 26 -30.66 -44.09 -8.98
C GLY E 26 -31.95 -43.84 -8.24
N GLY E 27 -31.88 -43.69 -6.91
CA GLY E 27 -33.06 -43.60 -6.08
C GLY E 27 -33.57 -42.18 -5.92
N PRO E 28 -34.42 -41.95 -4.94
CA PRO E 28 -34.92 -40.59 -4.70
C PRO E 28 -33.81 -39.67 -4.23
N PRO E 29 -34.07 -38.37 -4.12
CA PRO E 29 -33.02 -37.44 -3.69
C PRO E 29 -32.57 -37.71 -2.26
N VAL E 30 -31.29 -37.46 -2.00
CA VAL E 30 -30.76 -37.50 -0.65
C VAL E 30 -31.08 -36.18 0.04
N CYS E 31 -31.58 -36.27 1.27
CA CYS E 31 -31.95 -35.10 2.05
C CYS E 31 -30.79 -34.72 2.96
N VAL E 32 -30.38 -33.45 2.89
CA VAL E 32 -29.26 -32.92 3.67
C VAL E 32 -29.81 -31.82 4.57
N GLY E 33 -29.74 -32.04 5.88
CA GLY E 33 -30.10 -31.02 6.85
C GLY E 33 -28.85 -30.28 7.30
N MET E 34 -28.97 -28.95 7.40
CA MET E 34 -27.84 -28.09 7.67
C MET E 34 -28.07 -27.23 8.89
N ASN E 35 -27.01 -27.07 9.70
CA ASN E 35 -27.00 -26.19 10.86
CA ASN E 35 -27.06 -26.09 10.77
C ASN E 35 -25.74 -25.34 10.83
N ILE E 36 -25.83 -24.14 11.41
CA ILE E 36 -24.71 -23.22 11.49
C ILE E 36 -24.63 -22.69 12.91
N ASP E 37 -23.43 -22.66 13.48
CA ASP E 37 -23.13 -21.94 14.71
C ASP E 37 -22.23 -20.77 14.33
N ILE E 38 -22.77 -19.55 14.42
CA ILE E 38 -22.04 -18.36 14.00
C ILE E 38 -21.03 -18.02 15.08
N ALA E 39 -19.75 -18.27 14.81
CA ALA E 39 -18.72 -17.97 15.79
C ALA E 39 -18.45 -16.47 15.87
N SER E 40 -18.44 -15.79 14.73
CA SER E 40 -18.13 -14.36 14.72
C SER E 40 -18.43 -13.77 13.36
N ILE E 41 -18.81 -12.49 13.37
CA ILE E 41 -18.85 -11.65 12.17
C ILE E 41 -17.91 -10.48 12.44
N ASP E 42 -16.93 -10.28 11.57
CA ASP E 42 -15.75 -9.50 11.94
C ASP E 42 -15.66 -8.17 11.20
N MET E 43 -15.63 -8.17 9.87
CA MET E 43 -15.24 -6.98 9.09
C MET E 43 -16.32 -6.67 8.05
N VAL E 44 -17.33 -5.91 8.46
CA VAL E 44 -18.35 -5.41 7.53
C VAL E 44 -17.74 -4.19 6.85
N SER E 45 -17.32 -4.35 5.60
CA SER E 45 -16.54 -3.36 4.89
C SER E 45 -17.40 -2.63 3.87
N GLU E 46 -17.40 -1.30 3.94
CA GLU E 46 -18.04 -0.49 2.91
C GLU E 46 -17.18 -0.45 1.65
N VAL E 47 -15.86 -0.37 1.81
CA VAL E 47 -14.98 -0.25 0.66
C VAL E 47 -15.04 -1.50 -0.19
N ASN E 48 -14.87 -2.67 0.43
CA ASN E 48 -14.87 -3.93 -0.30
C ASN E 48 -16.26 -4.50 -0.53
N MET E 49 -17.28 -3.97 0.15
CA MET E 49 -18.67 -4.43 -0.01
C MET E 49 -18.78 -5.92 0.29
N ASP E 50 -18.36 -6.29 1.49
CA ASP E 50 -18.42 -7.68 1.93
C ASP E 50 -18.37 -7.73 3.44
N TYR E 51 -18.57 -8.93 3.99
CA TYR E 51 -18.44 -9.17 5.41
C TYR E 51 -17.78 -10.53 5.60
N THR E 52 -17.02 -10.65 6.70
CA THR E 52 -16.32 -11.88 7.04
C THR E 52 -17.11 -12.61 8.11
N LEU E 53 -17.26 -13.92 7.92
CA LEU E 53 -18.13 -14.75 8.76
C LEU E 53 -17.39 -16.03 9.09
N THR E 54 -17.17 -16.26 10.38
CA THR E 54 -16.63 -17.52 10.88
C THR E 54 -17.76 -18.34 11.48
N MET E 55 -17.76 -19.64 11.19
CA MET E 55 -18.89 -20.46 11.59
C MET E 55 -18.49 -21.93 11.65
N TYR E 56 -19.26 -22.67 12.45
CA TYR E 56 -19.26 -24.13 12.44
C TYR E 56 -20.44 -24.55 11.57
N PHE E 57 -20.14 -25.15 10.42
CA PHE E 57 -21.12 -25.55 9.42
C PHE E 57 -21.26 -27.06 9.50
N GLN E 58 -22.44 -27.54 9.89
CA GLN E 58 -22.72 -28.96 10.04
C GLN E 58 -23.72 -29.40 8.99
N GLN E 59 -23.40 -30.49 8.29
CA GLN E 59 -24.29 -31.15 7.35
C GLN E 59 -24.66 -32.53 7.90
N TYR E 60 -25.86 -32.96 7.55
CA TYR E 60 -26.49 -34.14 8.15
CA TYR E 60 -26.47 -34.14 8.15
C TYR E 60 -27.21 -34.91 7.06
N TRP E 61 -26.77 -36.15 6.80
CA TRP E 61 -27.45 -36.95 5.79
C TRP E 61 -27.37 -38.42 6.19
N ARG E 62 -27.89 -39.28 5.33
CA ARG E 62 -27.98 -40.71 5.60
C ARG E 62 -27.46 -41.47 4.39
N ASP E 63 -26.33 -42.16 4.56
CA ASP E 63 -25.77 -43.04 3.55
C ASP E 63 -25.99 -44.47 4.03
N LYS E 64 -26.92 -45.18 3.38
CA LYS E 64 -27.22 -46.54 3.79
C LYS E 64 -26.03 -47.47 3.62
N ARG E 65 -25.07 -47.12 2.75
CA ARG E 65 -23.86 -47.91 2.60
C ARG E 65 -23.01 -47.92 3.87
N LEU E 66 -23.17 -46.93 4.75
CA LEU E 66 -22.36 -46.79 5.95
C LEU E 66 -23.07 -47.29 7.20
N ALA E 67 -24.23 -47.94 7.07
CA ALA E 67 -24.91 -48.48 8.24
C ALA E 67 -24.12 -49.66 8.81
N TYR E 68 -24.08 -49.75 10.14
CA TYR E 68 -23.40 -50.82 10.83
C TYR E 68 -24.19 -51.21 12.07
N SER E 69 -23.90 -52.39 12.60
CA SER E 69 -24.62 -52.95 13.73
C SER E 69 -23.65 -53.65 14.67
N GLY E 70 -24.08 -53.82 15.92
CA GLY E 70 -23.27 -54.45 16.94
C GLY E 70 -22.29 -53.53 17.64
N ILE E 71 -22.32 -52.23 17.34
CA ILE E 71 -21.42 -51.25 17.94
C ILE E 71 -22.29 -50.12 18.48
N PRO E 72 -22.87 -50.25 19.69
CA PRO E 72 -23.89 -49.27 20.11
C PRO E 72 -23.31 -47.94 20.60
N LEU E 73 -22.69 -47.21 19.68
CA LEU E 73 -22.24 -45.85 19.96
C LEU E 73 -21.93 -45.17 18.64
N ASN E 74 -22.01 -43.85 18.65
CA ASN E 74 -21.68 -43.08 17.42
C ASN E 74 -20.17 -43.07 17.25
N LEU E 75 -19.67 -43.41 16.07
CA LEU E 75 -18.25 -43.50 15.76
C LEU E 75 -17.79 -42.13 15.28
N THR E 76 -17.07 -41.41 16.14
CA THR E 76 -16.41 -40.17 15.76
C THR E 76 -15.05 -40.54 15.18
N LEU E 77 -14.93 -40.47 13.86
CA LEU E 77 -13.73 -40.92 13.18
C LEU E 77 -12.78 -39.76 12.91
N ASP E 78 -11.54 -40.10 12.62
CA ASP E 78 -10.56 -39.10 12.25
C ASP E 78 -11.00 -38.37 10.99
N ASN E 79 -10.73 -37.07 10.93
CA ASN E 79 -11.28 -36.23 9.86
C ASN E 79 -10.73 -36.60 8.49
N ARG E 80 -9.64 -37.36 8.40
CA ARG E 80 -9.12 -37.76 7.10
C ARG E 80 -10.01 -38.76 6.38
N VAL E 81 -10.96 -39.39 7.08
CA VAL E 81 -11.90 -40.30 6.44
C VAL E 81 -12.93 -39.58 5.59
N ALA E 82 -13.07 -38.26 5.76
CA ALA E 82 -13.94 -37.49 4.89
C ALA E 82 -13.47 -37.56 3.44
N ASP E 83 -12.16 -37.64 3.22
CA ASP E 83 -11.64 -37.76 1.86
C ASP E 83 -12.06 -39.08 1.22
N GLN E 84 -12.32 -40.10 2.04
CA GLN E 84 -12.77 -41.40 1.54
C GLN E 84 -14.28 -41.48 1.40
N LEU E 85 -15.02 -40.76 2.24
CA LEU E 85 -16.48 -40.80 2.20
C LEU E 85 -17.04 -39.78 1.21
N TRP E 86 -18.26 -40.06 0.76
CA TRP E 86 -19.00 -39.08 -0.04
C TRP E 86 -19.53 -37.98 0.85
N VAL E 87 -19.52 -36.75 0.35
CA VAL E 87 -20.10 -35.60 1.03
C VAL E 87 -20.78 -34.70 0.00
N PRO E 88 -21.75 -33.89 0.44
CA PRO E 88 -22.39 -32.97 -0.51
C PRO E 88 -21.41 -31.93 -1.05
N ASP E 89 -21.66 -31.51 -2.29
CA ASP E 89 -20.84 -30.48 -2.93
C ASP E 89 -21.42 -29.09 -2.66
N THR E 90 -21.53 -28.79 -1.36
CA THR E 90 -22.10 -27.52 -0.94
C THR E 90 -21.13 -26.38 -1.19
N TYR E 91 -21.67 -25.23 -1.59
CA TYR E 91 -20.86 -24.04 -1.85
C TYR E 91 -21.70 -22.81 -1.58
N PHE E 92 -21.02 -21.71 -1.30
CA PHE E 92 -21.67 -20.42 -1.04
C PHE E 92 -21.54 -19.55 -2.28
N LEU E 93 -22.70 -19.19 -2.87
CA LEU E 93 -22.70 -18.53 -4.17
C LEU E 93 -22.05 -17.16 -4.10
N ASN E 94 -22.33 -16.39 -3.05
CA ASN E 94 -21.80 -15.04 -2.90
C ASN E 94 -20.46 -15.01 -2.17
N ASP E 95 -19.69 -16.08 -2.24
CA ASP E 95 -18.39 -16.14 -1.62
C ASP E 95 -17.36 -15.39 -2.46
N LYS E 96 -16.46 -14.69 -1.78
CA LYS E 96 -15.31 -14.06 -2.40
C LYS E 96 -14.01 -14.77 -2.05
N LYS E 97 -13.83 -15.15 -0.79
CA LYS E 97 -12.64 -15.86 -0.35
C LYS E 97 -12.98 -16.59 0.94
N SER E 98 -12.69 -17.88 1.00
CA SER E 98 -13.06 -18.69 2.15
C SER E 98 -12.07 -19.83 2.30
N PHE E 99 -12.02 -20.38 3.51
CA PHE E 99 -11.11 -21.47 3.81
C PHE E 99 -11.65 -22.24 5.01
N VAL E 100 -11.15 -23.47 5.16
CA VAL E 100 -11.35 -24.27 6.35
C VAL E 100 -10.12 -24.11 7.23
N HIS E 101 -10.33 -23.82 8.51
CA HIS E 101 -9.23 -23.62 9.44
C HIS E 101 -8.40 -24.90 9.53
N GLY E 102 -7.08 -24.75 9.57
CA GLY E 102 -6.16 -25.86 9.45
C GLY E 102 -5.12 -25.97 10.53
N VAL E 103 -5.45 -25.56 11.75
CA VAL E 103 -4.57 -25.66 12.91
C VAL E 103 -5.39 -26.18 14.08
N THR E 104 -4.91 -27.20 14.82
CA THR E 104 -3.67 -27.96 14.61
C THR E 104 -3.77 -28.88 13.39
N VAL E 105 -4.99 -29.31 13.09
CA VAL E 105 -5.30 -30.05 11.88
C VAL E 105 -6.49 -29.37 11.21
N LYS E 106 -6.96 -29.94 10.12
CA LYS E 106 -8.14 -29.43 9.45
C LYS E 106 -9.33 -29.51 10.39
N ASN E 107 -9.93 -28.36 10.70
CA ASN E 107 -11.05 -28.32 11.65
C ASN E 107 -12.27 -28.91 10.96
N ARG E 108 -12.28 -30.25 10.92
CA ARG E 108 -13.29 -31.03 10.23
C ARG E 108 -13.66 -32.19 11.13
N MET E 109 -14.92 -32.64 11.02
CA MET E 109 -15.47 -33.67 11.88
C MET E 109 -16.32 -34.62 11.05
N ILE E 110 -16.13 -35.92 11.28
CA ILE E 110 -16.96 -36.96 10.69
C ILE E 110 -17.46 -37.84 11.84
N ARG E 111 -18.78 -37.95 11.95
CA ARG E 111 -19.41 -38.79 12.96
C ARG E 111 -20.44 -39.67 12.29
N LEU E 112 -20.22 -40.98 12.35
CA LEU E 112 -21.16 -41.97 11.83
C LEU E 112 -22.04 -42.50 12.95
N HIS E 113 -23.25 -42.89 12.59
CA HIS E 113 -24.21 -43.49 13.51
C HIS E 113 -24.58 -44.89 13.02
N PRO E 114 -25.12 -45.75 13.91
CA PRO E 114 -25.40 -47.13 13.49
C PRO E 114 -26.38 -47.25 12.34
N ASP E 115 -27.27 -46.29 12.17
CA ASP E 115 -28.27 -46.33 11.10
C ASP E 115 -27.76 -45.78 9.77
N GLY E 116 -26.46 -45.54 9.65
CA GLY E 116 -25.90 -44.98 8.44
C GLY E 116 -25.96 -43.48 8.35
N THR E 117 -26.28 -42.78 9.43
CA THR E 117 -26.35 -41.34 9.41
C THR E 117 -24.96 -40.75 9.57
N VAL E 118 -24.67 -39.71 8.78
CA VAL E 118 -23.39 -39.04 8.74
C VAL E 118 -23.59 -37.59 9.15
N LEU E 119 -22.82 -37.16 10.15
CA LEU E 119 -22.68 -35.76 10.53
C LEU E 119 -21.29 -35.30 10.09
N TYR E 120 -21.26 -34.20 9.33
CA TYR E 120 -20.05 -33.69 8.70
C TYR E 120 -19.91 -32.22 9.06
N GLY E 121 -18.95 -31.90 9.91
CA GLY E 121 -18.76 -30.55 10.41
C GLY E 121 -17.49 -29.93 9.88
N LEU E 122 -17.53 -28.62 9.64
CA LEU E 122 -16.36 -27.87 9.20
C LEU E 122 -16.35 -26.51 9.87
N ARG E 123 -15.18 -26.04 10.28
CA ARG E 123 -15.01 -24.67 10.76
C ARG E 123 -14.55 -23.82 9.57
N ILE E 124 -15.42 -22.93 9.10
CA ILE E 124 -15.22 -22.19 7.86
C ILE E 124 -15.23 -20.70 8.18
N THR E 125 -14.24 -19.99 7.68
CA THR E 125 -14.25 -18.52 7.63
C THR E 125 -14.37 -18.12 6.17
N THR E 126 -15.41 -17.34 5.85
CA THR E 126 -15.72 -16.96 4.49
C THR E 126 -15.98 -15.46 4.42
N THR E 127 -15.40 -14.81 3.42
CA THR E 127 -15.69 -13.41 3.11
C THR E 127 -16.74 -13.39 2.01
N ALA E 128 -17.95 -12.96 2.34
CA ALA E 128 -19.10 -13.01 1.45
C ALA E 128 -19.44 -11.61 0.96
N ALA E 129 -19.72 -11.51 -0.34
CA ALA E 129 -20.09 -10.23 -0.92
C ALA E 129 -21.43 -9.76 -0.38
N CYS E 130 -21.50 -8.48 -0.02
CA CYS E 130 -22.75 -7.84 0.40
C CYS E 130 -22.77 -6.45 -0.23
N MET E 131 -23.62 -6.26 -1.23
CA MET E 131 -23.75 -4.97 -1.87
C MET E 131 -24.66 -4.09 -1.02
N MET E 132 -24.12 -2.97 -0.54
CA MET E 132 -24.76 -2.13 0.47
C MET E 132 -25.18 -0.80 -0.14
N ASP E 133 -26.44 -0.44 0.07
CA ASP E 133 -26.98 0.83 -0.40
C ASP E 133 -26.70 1.89 0.65
N LEU E 134 -25.82 2.84 0.31
CA LEU E 134 -25.34 3.85 1.26
C LEU E 134 -26.04 5.19 1.09
N ARG E 135 -27.24 5.22 0.51
N ARG E 135 -27.24 5.22 0.51
CA ARG E 135 -27.94 6.48 0.32
CA ARG E 135 -27.95 6.47 0.32
C ARG E 135 -28.31 7.12 1.65
C ARG E 135 -28.30 7.12 1.66
N ARG E 136 -28.71 6.32 2.64
CA ARG E 136 -29.02 6.80 3.97
C ARG E 136 -27.85 6.66 4.93
N TYR E 137 -26.65 6.43 4.41
CA TYR E 137 -25.47 6.25 5.26
C TYR E 137 -25.20 7.54 6.03
N PRO E 138 -24.88 7.46 7.34
CA PRO E 138 -24.68 6.33 8.25
C PRO E 138 -25.96 5.96 9.02
N LEU E 139 -27.11 6.34 8.49
CA LEU E 139 -28.41 6.09 9.11
C LEU E 139 -29.18 5.02 8.34
N ASP E 140 -28.45 3.99 7.90
CA ASP E 140 -28.95 2.99 6.96
C ASP E 140 -28.94 1.61 7.60
N GLU E 141 -29.80 0.75 7.06
CA GLU E 141 -29.85 -0.67 7.41
C GLU E 141 -29.47 -1.48 6.19
N GLN E 142 -28.75 -2.58 6.40
CA GLN E 142 -28.22 -3.41 5.33
C GLN E 142 -28.70 -4.85 5.50
N ASN E 143 -29.01 -5.49 4.38
CA ASN E 143 -29.40 -6.89 4.32
C ASN E 143 -28.24 -7.66 3.71
N CYS E 144 -27.54 -8.45 4.54
CA CYS E 144 -26.40 -9.23 4.10
C CYS E 144 -26.71 -10.71 4.24
N THR E 145 -26.49 -11.46 3.16
CA THR E 145 -26.95 -12.84 3.06
C THR E 145 -25.80 -13.78 2.72
N LEU E 146 -25.96 -15.03 3.17
CA LEU E 146 -25.13 -16.15 2.75
C LEU E 146 -26.02 -17.14 2.00
N GLU E 147 -25.59 -17.50 0.79
CA GLU E 147 -26.41 -18.27 -0.16
C GLU E 147 -25.80 -19.66 -0.33
N ILE E 148 -26.23 -20.59 0.50
CA ILE E 148 -25.76 -21.98 0.44
C ILE E 148 -26.49 -22.70 -0.69
N GLU E 149 -25.75 -23.49 -1.46
CA GLU E 149 -26.31 -24.13 -2.64
C GLU E 149 -25.53 -25.40 -2.95
N SER E 150 -26.19 -26.32 -3.67
CA SER E 150 -25.55 -27.49 -4.24
C SER E 150 -25.07 -27.16 -5.65
N TYR E 151 -23.81 -27.49 -5.95
CA TYR E 151 -23.26 -27.12 -7.24
C TYR E 151 -23.70 -28.09 -8.34
N GLY E 152 -23.35 -29.36 -8.21
CA GLY E 152 -23.54 -30.32 -9.29
C GLY E 152 -24.82 -31.11 -9.24
N TYR E 153 -25.50 -31.14 -8.10
CA TYR E 153 -26.67 -31.97 -7.88
C TYR E 153 -27.92 -31.11 -7.94
N THR E 154 -28.84 -31.47 -8.82
CA THR E 154 -30.11 -30.75 -8.95
C THR E 154 -31.07 -31.22 -7.86
N THR E 155 -32.28 -30.66 -7.88
CA THR E 155 -33.29 -31.05 -6.90
C THR E 155 -33.71 -32.51 -7.06
N ASP E 156 -33.49 -33.11 -8.23
CA ASP E 156 -33.76 -34.52 -8.41
C ASP E 156 -32.77 -35.41 -7.65
N ASP E 157 -31.61 -34.87 -7.27
CA ASP E 157 -30.57 -35.63 -6.59
C ASP E 157 -30.39 -35.27 -5.13
N ILE E 158 -30.53 -33.99 -4.77
CA ILE E 158 -30.24 -33.52 -3.42
C ILE E 158 -31.30 -32.52 -3.01
N GLU E 159 -31.71 -32.58 -1.74
CA GLU E 159 -32.69 -31.67 -1.17
C GLU E 159 -32.15 -31.10 0.12
N PHE E 160 -31.90 -29.79 0.14
CA PHE E 160 -31.42 -29.12 1.34
C PHE E 160 -32.59 -28.75 2.24
N TYR E 161 -32.32 -28.74 3.55
CA TYR E 161 -33.27 -28.17 4.49
C TYR E 161 -32.53 -27.68 5.73
N TRP E 162 -33.19 -26.81 6.47
CA TRP E 162 -32.66 -26.27 7.72
C TRP E 162 -33.04 -27.23 8.85
N ARG E 163 -32.07 -27.99 9.33
CA ARG E 163 -32.33 -28.94 10.40
C ARG E 163 -32.61 -28.17 11.69
N GLY E 164 -33.71 -28.54 12.37
CA GLY E 164 -34.17 -27.81 13.52
C GLY E 164 -35.02 -26.60 13.21
N GLY E 165 -35.37 -26.37 11.94
CA GLY E 165 -36.24 -25.26 11.61
C GLY E 165 -35.57 -23.92 11.86
N ASP E 166 -36.33 -22.99 12.44
CA ASP E 166 -35.82 -21.65 12.69
C ASP E 166 -34.68 -21.64 13.70
N LYS E 167 -34.53 -22.69 14.51
CA LYS E 167 -33.42 -22.83 15.43
C LYS E 167 -32.20 -23.46 14.78
N ALA E 168 -32.18 -23.58 13.45
CA ALA E 168 -31.04 -24.21 12.78
C ALA E 168 -29.77 -23.39 12.96
N VAL E 169 -29.89 -22.07 12.90
CA VAL E 169 -28.74 -21.16 13.03
C VAL E 169 -28.73 -20.61 14.44
N THR E 170 -27.58 -20.74 15.11
CA THR E 170 -27.40 -20.31 16.49
C THR E 170 -26.20 -19.37 16.58
N GLY E 171 -26.10 -18.69 17.71
CA GLY E 171 -24.98 -17.82 17.99
C GLY E 171 -25.11 -16.40 17.50
N VAL E 172 -26.22 -16.07 16.84
CA VAL E 172 -26.40 -14.70 16.36
C VAL E 172 -26.55 -13.73 17.53
N GLU E 173 -27.23 -14.17 18.59
CA GLU E 173 -27.45 -13.30 19.74
C GLU E 173 -26.16 -12.89 20.42
N ARG E 174 -25.12 -13.73 20.32
CA ARG E 174 -23.84 -13.42 20.96
CA ARG E 174 -23.84 -13.43 20.96
C ARG E 174 -22.93 -12.53 20.12
N ILE E 175 -23.31 -12.23 18.88
CA ILE E 175 -22.51 -11.35 18.04
C ILE E 175 -22.74 -9.92 18.48
N GLU E 176 -21.64 -9.18 18.67
CA GLU E 176 -21.70 -7.76 19.04
C GLU E 176 -20.67 -7.04 18.18
N LEU E 177 -21.13 -6.52 17.04
CA LEU E 177 -20.26 -5.74 16.19
C LEU E 177 -20.06 -4.36 16.79
N PRO E 178 -18.89 -3.73 16.55
CA PRO E 178 -18.67 -2.41 17.16
C PRO E 178 -19.46 -1.31 16.46
N GLN E 179 -19.72 -1.48 15.16
CA GLN E 179 -20.38 -0.47 14.35
C GLN E 179 -21.82 -0.80 14.00
N PHE E 180 -22.25 -2.06 14.14
CA PHE E 180 -23.56 -2.51 13.73
C PHE E 180 -24.24 -3.25 14.87
N SER E 181 -25.57 -3.32 14.78
CA SER E 181 -26.39 -4.17 15.64
C SER E 181 -27.26 -5.04 14.75
N ILE E 182 -27.35 -6.33 15.07
CA ILE E 182 -28.10 -7.28 14.27
C ILE E 182 -29.56 -7.17 14.70
N VAL E 183 -30.38 -6.50 13.88
CA VAL E 183 -31.79 -6.35 14.19
C VAL E 183 -32.49 -7.71 14.19
N GLU E 184 -32.24 -8.50 13.16
CA GLU E 184 -32.83 -9.83 13.06
C GLU E 184 -32.07 -10.64 12.03
N HIS E 185 -32.38 -11.94 11.99
CA HIS E 185 -31.86 -12.83 10.96
C HIS E 185 -32.98 -13.76 10.51
N ARG E 186 -32.87 -14.22 9.27
CA ARG E 186 -33.89 -15.03 8.63
C ARG E 186 -33.26 -16.21 7.92
N LEU E 187 -33.99 -17.32 7.89
CA LEU E 187 -33.63 -18.52 7.16
C LEU E 187 -34.68 -18.77 6.09
N VAL E 188 -34.23 -18.94 4.85
CA VAL E 188 -35.11 -19.16 3.70
C VAL E 188 -34.62 -20.38 2.95
N SER E 189 -35.56 -21.16 2.42
CA SER E 189 -35.26 -22.33 1.59
C SER E 189 -36.08 -22.24 0.32
N ARG E 190 -35.43 -22.40 -0.83
CA ARG E 190 -36.09 -22.29 -2.12
C ARG E 190 -35.34 -23.11 -3.14
N ASN E 191 -35.76 -23.01 -4.40
CA ASN E 191 -35.11 -23.65 -5.53
C ASN E 191 -34.79 -22.60 -6.57
N VAL E 192 -33.53 -22.55 -7.00
CA VAL E 192 -33.04 -21.59 -7.99
C VAL E 192 -32.77 -22.34 -9.28
N VAL E 193 -33.17 -21.75 -10.40
CA VAL E 193 -33.11 -22.38 -11.71
C VAL E 193 -32.00 -21.73 -12.52
N PHE E 194 -31.15 -22.56 -13.12
CA PHE E 194 -30.15 -22.15 -14.09
C PHE E 194 -30.36 -22.93 -15.38
N ALA E 195 -29.55 -22.62 -16.39
CA ALA E 195 -29.64 -23.34 -17.65
C ALA E 195 -29.32 -24.82 -17.48
N THR E 196 -28.51 -25.16 -16.48
CA THR E 196 -28.13 -26.56 -16.25
C THR E 196 -29.16 -27.33 -15.43
N GLY E 197 -30.08 -26.65 -14.76
CA GLY E 197 -31.13 -27.30 -14.01
C GLY E 197 -31.57 -26.45 -12.84
N ALA E 198 -32.39 -27.05 -11.99
CA ALA E 198 -32.90 -26.43 -10.77
C ALA E 198 -32.19 -27.03 -9.58
N TYR E 199 -31.70 -26.18 -8.69
CA TYR E 199 -30.88 -26.59 -7.56
C TYR E 199 -31.47 -26.06 -6.26
N PRO E 200 -31.27 -26.76 -5.14
CA PRO E 200 -31.76 -26.23 -3.87
C PRO E 200 -30.92 -25.06 -3.40
N ARG E 201 -31.54 -24.19 -2.61
CA ARG E 201 -30.88 -23.00 -2.11
C ARG E 201 -31.36 -22.73 -0.69
N LEU E 202 -30.42 -22.50 0.21
CA LEU E 202 -30.70 -21.98 1.54
C LEU E 202 -30.08 -20.60 1.65
N SER E 203 -30.77 -19.69 2.32
CA SER E 203 -30.32 -18.32 2.48
C SER E 203 -30.39 -17.95 3.95
N LEU E 204 -29.25 -17.54 4.50
CA LEU E 204 -29.14 -17.02 5.86
C LEU E 204 -28.92 -15.52 5.74
N SER E 205 -29.94 -14.73 6.07
CA SER E 205 -29.91 -13.28 5.94
C SER E 205 -29.80 -12.65 7.32
N PHE E 206 -29.07 -11.53 7.39
CA PHE E 206 -28.99 -10.69 8.58
C PHE E 206 -29.36 -9.27 8.18
N ARG E 207 -30.14 -8.61 9.04
CA ARG E 207 -30.39 -7.18 8.93
C ARG E 207 -29.50 -6.47 9.95
N LEU E 208 -28.68 -5.55 9.47
CA LEU E 208 -27.71 -4.84 10.30
C LEU E 208 -28.05 -3.37 10.31
N LYS E 209 -28.22 -2.80 11.49
CA LYS E 209 -28.48 -1.38 11.68
C LYS E 209 -27.22 -0.70 12.18
N ARG E 210 -26.82 0.37 11.52
CA ARG E 210 -25.55 1.03 11.82
C ARG E 210 -25.69 1.92 13.05
N ASN E 211 -24.70 1.83 13.93
CA ASN E 211 -24.63 2.73 15.08
C ASN E 211 -24.23 4.13 14.65
N ILE E 212 -24.77 5.13 15.35
CA ILE E 212 -24.62 6.53 14.97
C ILE E 212 -23.64 7.29 15.86
N GLY E 213 -23.27 6.74 17.02
CA GLY E 213 -22.45 7.50 17.96
C GLY E 213 -21.09 7.87 17.40
N TYR E 214 -20.46 6.93 16.69
CA TYR E 214 -19.15 7.20 16.11
C TYR E 214 -19.22 8.35 15.12
N PHE E 215 -20.24 8.36 14.27
CA PHE E 215 -20.36 9.43 13.28
C PHE E 215 -20.74 10.75 13.94
N ILE E 216 -21.54 10.71 15.01
CA ILE E 216 -21.84 11.92 15.75
C ILE E 216 -20.56 12.53 16.30
N LEU E 217 -19.68 11.68 16.86
CA LEU E 217 -18.42 12.18 17.38
C LEU E 217 -17.50 12.67 16.27
N GLN E 218 -17.50 11.99 15.13
CA GLN E 218 -16.48 12.20 14.10
C GLN E 218 -16.82 13.33 13.13
N THR E 219 -18.04 13.36 12.60
CA THR E 219 -18.40 14.21 11.48
C THR E 219 -19.45 15.26 11.83
N TYR E 220 -20.55 14.86 12.47
CA TYR E 220 -21.66 15.80 12.66
C TYR E 220 -21.30 16.91 13.64
N MET E 221 -20.74 16.56 14.80
CA MET E 221 -20.49 17.57 15.82
C MET E 221 -19.47 18.60 15.38
N PRO E 222 -18.32 18.23 14.77
CA PRO E 222 -17.43 19.28 14.23
C PRO E 222 -18.10 20.18 13.21
N SER E 223 -18.94 19.62 12.34
CA SER E 223 -19.62 20.45 11.35
C SER E 223 -20.56 21.45 12.02
N ILE E 224 -21.31 20.99 13.02
CA ILE E 224 -22.22 21.89 13.74
C ILE E 224 -21.43 22.98 14.44
N LEU E 225 -20.31 22.62 15.06
CA LEU E 225 -19.53 23.61 15.78
C LEU E 225 -18.90 24.64 14.84
N ILE E 226 -18.41 24.19 13.68
CA ILE E 226 -17.89 25.14 12.69
C ILE E 226 -19.00 26.07 12.21
N THR E 227 -20.19 25.53 11.93
CA THR E 227 -21.28 26.37 11.47
C THR E 227 -21.67 27.38 12.53
N ILE E 228 -21.68 26.97 13.80
CA ILE E 228 -21.99 27.89 14.88
C ILE E 228 -20.93 28.98 14.97
N LEU E 229 -19.65 28.59 14.82
CA LEU E 229 -18.58 29.57 14.87
C LEU E 229 -18.66 30.57 13.72
N SER E 230 -19.17 30.13 12.57
CA SER E 230 -19.27 31.03 11.43
C SER E 230 -20.19 32.22 11.71
N TRP E 231 -21.11 32.10 12.66
CA TRP E 231 -22.02 33.19 12.98
C TRP E 231 -21.39 34.26 13.87
N VAL E 232 -20.18 34.02 14.39
CA VAL E 232 -19.53 35.02 15.22
C VAL E 232 -19.25 36.30 14.44
N SER E 233 -19.09 36.20 13.12
CA SER E 233 -18.77 37.37 12.33
C SER E 233 -19.91 38.38 12.34
N PHE E 234 -21.15 37.94 12.55
CA PHE E 234 -22.27 38.87 12.59
C PHE E 234 -22.18 39.82 13.77
N TRP E 235 -21.49 39.42 14.83
CA TRP E 235 -21.32 40.23 16.02
C TRP E 235 -20.07 41.09 15.98
N ILE E 236 -19.32 41.05 14.88
CA ILE E 236 -18.13 41.87 14.67
C ILE E 236 -18.52 43.03 13.77
N ASN E 237 -17.88 44.18 13.95
CA ASN E 237 -18.22 45.37 13.19
C ASN E 237 -17.96 45.15 11.70
N TYR E 238 -18.71 45.88 10.88
CA TYR E 238 -18.60 45.72 9.43
C TYR E 238 -17.22 46.13 8.93
N ASP E 239 -16.57 47.08 9.59
CA ASP E 239 -15.28 47.58 9.14
C ASP E 239 -14.11 46.67 9.48
N ALA E 240 -14.31 45.67 10.35
CA ALA E 240 -13.24 44.72 10.69
C ALA E 240 -13.18 43.64 9.60
N SER E 241 -12.79 44.09 8.41
CA SER E 241 -12.84 43.24 7.24
C SER E 241 -11.86 42.07 7.37
N ALA E 242 -10.66 42.33 7.86
CA ALA E 242 -9.67 41.27 8.00
C ALA E 242 -10.17 40.18 8.92
N ALA E 243 -10.70 40.56 10.08
CA ALA E 243 -11.18 39.57 11.04
C ALA E 243 -12.36 38.79 10.48
N ARG E 244 -13.34 39.48 9.90
CA ARG E 244 -14.53 38.78 9.43
C ARG E 244 -14.21 37.86 8.26
N VAL E 245 -13.37 38.31 7.32
CA VAL E 245 -13.01 37.48 6.19
C VAL E 245 -12.17 36.30 6.64
N ALA E 246 -11.27 36.51 7.61
CA ALA E 246 -10.49 35.40 8.14
C ALA E 246 -11.39 34.35 8.77
N LEU E 247 -12.39 34.80 9.54
CA LEU E 247 -13.32 33.87 10.17
C LEU E 247 -14.09 33.06 9.12
N GLY E 248 -14.64 33.74 8.11
CA GLY E 248 -15.40 33.03 7.10
C GLY E 248 -14.56 32.05 6.31
N ILE E 249 -13.38 32.50 5.87
CA ILE E 249 -12.51 31.64 5.07
C ILE E 249 -12.05 30.44 5.89
N THR E 250 -11.71 30.67 7.16
CA THR E 250 -11.28 29.56 8.01
C THR E 250 -12.40 28.54 8.20
N THR E 251 -13.63 29.01 8.38
CA THR E 251 -14.74 28.07 8.51
C THR E 251 -14.90 27.24 7.24
N VAL E 252 -14.81 27.88 6.08
CA VAL E 252 -14.92 27.14 4.82
C VAL E 252 -13.79 26.10 4.71
N LEU E 253 -12.57 26.49 5.07
CA LEU E 253 -11.44 25.56 5.00
C LEU E 253 -11.64 24.38 5.94
N THR E 254 -12.11 24.62 7.16
CA THR E 254 -12.33 23.53 8.10
C THR E 254 -13.41 22.58 7.59
N MET E 255 -14.46 23.11 6.96
CA MET E 255 -15.46 22.22 6.38
C MET E 255 -14.86 21.37 5.26
N THR E 256 -14.00 21.96 4.44
CA THR E 256 -13.34 21.17 3.40
C THR E 256 -12.45 20.09 4.01
N THR E 257 -11.81 20.39 5.15
CA THR E 257 -10.97 19.39 5.82
C THR E 257 -11.81 18.24 6.38
N ILE E 258 -12.97 18.57 6.95
CA ILE E 258 -13.87 17.51 7.41
C ILE E 258 -14.29 16.63 6.25
N ASN E 259 -14.60 17.26 5.10
CA ASN E 259 -14.95 16.47 3.93
C ASN E 259 -13.75 15.66 3.43
N THR E 260 -12.53 16.17 3.62
CA THR E 260 -11.34 15.38 3.29
C THR E 260 -11.30 14.08 4.10
N HIS E 261 -11.56 14.20 5.40
CA HIS E 261 -11.55 12.97 6.20
C HIS E 261 -12.72 12.06 5.82
N LEU E 262 -13.84 12.62 5.36
CA LEU E 262 -14.91 11.77 4.84
C LEU E 262 -14.51 11.07 3.54
N ARG E 263 -13.70 11.72 2.70
CA ARG E 263 -13.09 11.02 1.57
C ARG E 263 -12.38 9.77 2.04
N GLU E 264 -11.50 9.93 3.02
CA GLU E 264 -10.43 8.95 3.18
C GLU E 264 -10.90 7.58 3.69
N THR E 265 -12.21 7.38 3.96
CA THR E 265 -12.67 6.12 4.53
C THR E 265 -13.95 5.61 3.89
N LEU E 266 -14.13 5.79 2.58
CA LEU E 266 -15.34 5.37 1.90
C LEU E 266 -15.02 5.01 0.46
N PRO E 267 -15.90 4.27 -0.23
CA PRO E 267 -15.69 3.97 -1.64
C PRO E 267 -16.25 5.07 -2.54
N LYS E 268 -16.09 4.87 -3.84
CA LYS E 268 -16.46 5.88 -4.84
C LYS E 268 -17.85 5.61 -5.40
N ILE E 269 -18.84 5.73 -4.52
CA ILE E 269 -20.25 5.63 -4.89
C ILE E 269 -20.65 6.84 -5.73
N PRO E 270 -21.60 6.72 -6.66
CA PRO E 270 -21.95 7.86 -7.52
C PRO E 270 -23.07 8.77 -7.01
N TYR E 271 -23.64 8.51 -5.84
CA TYR E 271 -24.80 9.25 -5.34
C TYR E 271 -24.47 9.91 -4.01
N VAL E 272 -25.31 10.88 -3.63
CA VAL E 272 -25.14 11.60 -2.38
C VAL E 272 -25.72 10.79 -1.23
N LYS E 273 -25.00 10.76 -0.11
CA LYS E 273 -25.43 10.12 1.11
C LYS E 273 -26.05 11.14 2.05
N ALA E 274 -26.58 10.65 3.17
CA ALA E 274 -27.12 11.54 4.19
C ALA E 274 -26.05 12.43 4.79
N ILE E 275 -24.87 11.86 5.05
CA ILE E 275 -23.77 12.65 5.59
C ILE E 275 -23.33 13.69 4.57
N ASP E 276 -23.33 13.32 3.28
CA ASP E 276 -23.02 14.29 2.24
C ASP E 276 -24.03 15.42 2.22
N MET E 277 -25.32 15.09 2.37
CA MET E 277 -26.35 16.12 2.41
C MET E 277 -26.11 17.07 3.58
N TYR E 278 -25.79 16.52 4.76
CA TYR E 278 -25.57 17.36 5.93
C TYR E 278 -24.36 18.26 5.75
N LEU E 279 -23.25 17.71 5.22
CA LEU E 279 -22.05 18.52 5.06
C LEU E 279 -22.23 19.58 3.99
N MET E 280 -22.94 19.26 2.90
CA MET E 280 -23.24 20.26 1.89
C MET E 280 -24.13 21.36 2.45
N GLY E 281 -25.09 21.01 3.30
CA GLY E 281 -25.90 22.04 3.93
C GLY E 281 -25.10 22.95 4.83
N CYS E 282 -24.23 22.37 5.66
CA CYS E 282 -23.39 23.19 6.53
C CYS E 282 -22.45 24.06 5.72
N PHE E 283 -21.92 23.53 4.62
CA PHE E 283 -21.08 24.33 3.74
C PHE E 283 -21.85 25.49 3.15
N VAL E 284 -23.10 25.24 2.73
CA VAL E 284 -23.92 26.32 2.19
C VAL E 284 -24.14 27.38 3.25
N PHE E 285 -24.33 26.96 4.51
CA PHE E 285 -24.56 27.93 5.57
C PHE E 285 -23.34 28.81 5.82
N VAL E 286 -22.16 28.21 5.93
CA VAL E 286 -20.98 29.02 6.19
C VAL E 286 -20.64 29.90 4.98
N PHE E 287 -20.84 29.37 3.78
CA PHE E 287 -20.63 30.16 2.58
C PHE E 287 -21.59 31.34 2.53
N LEU E 288 -22.84 31.13 2.94
CA LEU E 288 -23.81 32.22 2.97
C LEU E 288 -23.46 33.25 4.03
N ALA E 289 -22.87 32.82 5.15
CA ALA E 289 -22.39 33.80 6.13
C ALA E 289 -21.29 34.67 5.54
N LEU E 290 -20.34 34.06 4.84
CA LEU E 290 -19.27 34.85 4.22
C LEU E 290 -19.85 35.77 3.15
N LEU E 291 -20.79 35.27 2.36
CA LEU E 291 -21.45 36.12 1.37
C LEU E 291 -22.23 37.24 2.04
N GLU E 292 -22.78 36.99 3.22
CA GLU E 292 -23.47 38.04 3.95
C GLU E 292 -22.52 39.15 4.32
N TYR E 293 -21.31 38.80 4.79
CA TYR E 293 -20.35 39.86 5.07
C TYR E 293 -19.96 40.60 3.80
N ALA E 294 -19.77 39.86 2.70
CA ALA E 294 -19.41 40.52 1.44
C ALA E 294 -20.50 41.49 1.02
N PHE E 295 -21.77 41.10 1.19
CA PHE E 295 -22.89 41.98 0.88
C PHE E 295 -22.88 43.20 1.78
N VAL E 296 -22.59 43.03 3.07
CA VAL E 296 -22.52 44.16 4.00
C VAL E 296 -21.44 45.13 3.55
N ASN E 297 -20.25 44.61 3.23
CA ASN E 297 -19.13 45.45 2.83
C ASN E 297 -19.45 46.19 1.54
N TYR E 298 -20.07 45.49 0.58
CA TYR E 298 -20.45 46.16 -0.67
C TYR E 298 -21.48 47.25 -0.40
N ILE E 299 -22.52 46.94 0.36
CA ILE E 299 -23.60 47.88 0.62
C ILE E 299 -23.07 49.11 1.32
N PHE E 300 -22.09 48.94 2.22
CA PHE E 300 -21.50 50.12 2.84
C PHE E 300 -20.64 50.86 1.84
N PHE E 301 -19.53 50.26 1.41
CA PHE E 301 -18.50 51.06 0.74
C PHE E 301 -18.89 51.41 -0.69
N GLY E 302 -19.37 50.44 -1.47
CA GLY E 302 -19.62 50.70 -2.87
C GLY E 302 -20.85 51.54 -3.14
N ARG E 303 -21.78 51.59 -2.18
CA ARG E 303 -23.08 52.23 -2.37
C ARG E 303 -23.32 53.45 -1.48
N GLY E 304 -22.76 53.50 -0.27
CA GLY E 304 -22.95 54.62 0.61
C GLY E 304 -22.55 55.98 0.06
N PRO E 305 -21.37 56.13 -0.56
CA PRO E 305 -21.04 57.47 -1.07
C PRO E 305 -21.99 57.94 -2.14
N GLN E 306 -22.46 57.04 -3.01
CA GLN E 306 -23.48 57.41 -3.99
C GLN E 306 -24.77 57.83 -3.30
N ARG E 307 -25.17 57.09 -2.26
CA ARG E 307 -26.40 57.41 -1.55
C ARG E 307 -26.33 58.79 -0.92
N GLN E 308 -25.21 59.09 -0.24
CA GLN E 308 -25.09 60.37 0.45
C GLN E 308 -24.84 61.52 -0.52
N LYS E 309 -24.22 61.27 -1.67
CA LYS E 309 -24.09 62.31 -2.68
C LYS E 309 -25.43 62.62 -3.33
N LYS E 310 -26.23 61.59 -3.60
CA LYS E 310 -27.57 61.81 -4.16
C LYS E 310 -28.45 62.54 -3.16
N LEU E 311 -28.42 62.14 -1.90
CA LEU E 311 -29.22 62.76 -0.85
C LEU E 311 -28.37 62.99 0.40
N ILE E 406 -39.75 36.58 10.40
CA ILE E 406 -39.25 37.94 10.52
C ILE E 406 -39.09 38.54 9.12
N LYS E 407 -39.43 39.82 8.98
CA LYS E 407 -39.30 40.49 7.69
C LYS E 407 -37.83 40.77 7.39
N ILE E 408 -37.52 40.89 6.11
CA ILE E 408 -36.16 41.18 5.66
C ILE E 408 -35.80 42.58 6.15
N PRO E 409 -34.53 42.89 6.36
CA PRO E 409 -34.17 44.22 6.89
C PRO E 409 -34.13 45.26 5.77
N ASP E 410 -33.91 46.50 6.18
CA ASP E 410 -33.75 47.60 5.22
C ASP E 410 -32.32 47.56 4.70
N LEU E 411 -32.17 47.45 3.37
CA LEU E 411 -30.86 47.32 2.77
C LEU E 411 -30.02 48.58 2.89
N THR E 412 -30.61 49.72 3.25
CA THR E 412 -29.82 50.93 3.42
C THR E 412 -28.86 50.80 4.59
N ASP E 413 -29.31 50.20 5.69
CA ASP E 413 -28.54 50.12 6.92
C ASP E 413 -27.82 48.77 6.99
N VAL E 414 -26.55 48.81 7.38
CA VAL E 414 -25.75 47.59 7.49
C VAL E 414 -25.86 46.98 8.89
N ASN E 415 -26.01 47.81 9.93
CA ASN E 415 -26.25 47.27 11.26
C ASN E 415 -27.55 46.48 11.29
N ALA E 416 -28.57 46.96 10.57
CA ALA E 416 -29.82 46.22 10.47
C ALA E 416 -29.61 44.87 9.80
N ILE E 417 -28.79 44.83 8.74
CA ILE E 417 -28.55 43.58 8.05
C ILE E 417 -27.84 42.59 8.97
N ASP E 418 -26.82 43.06 9.69
CA ASP E 418 -26.11 42.18 10.61
C ASP E 418 -27.02 41.69 11.72
N ARG E 419 -27.85 42.57 12.26
CA ARG E 419 -28.76 42.20 13.34
C ARG E 419 -29.80 41.19 12.86
N TRP E 420 -30.30 41.37 11.64
CA TRP E 420 -31.23 40.40 11.06
C TRP E 420 -30.56 39.05 10.86
N SER E 421 -29.30 39.06 10.38
CA SER E 421 -28.58 37.80 10.18
C SER E 421 -28.37 37.07 11.49
N ARG E 422 -28.08 37.82 12.57
CA ARG E 422 -27.85 37.22 13.88
C ARG E 422 -28.99 36.31 14.31
N ILE E 423 -30.22 36.68 13.97
CA ILE E 423 -31.38 35.88 14.31
C ILE E 423 -31.69 34.85 13.24
N VAL E 424 -31.59 35.22 11.97
CA VAL E 424 -32.07 34.34 10.91
C VAL E 424 -31.15 33.14 10.76
N PHE E 425 -29.83 33.33 10.84
CA PHE E 425 -28.93 32.21 10.59
C PHE E 425 -29.08 31.09 11.61
N PRO E 426 -29.07 31.34 12.93
CA PRO E 426 -29.30 30.22 13.87
C PRO E 426 -30.66 29.58 13.71
N PHE E 427 -31.71 30.38 13.48
CA PHE E 427 -33.05 29.82 13.33
C PHE E 427 -33.14 28.94 12.09
N THR E 428 -32.60 29.40 10.97
CA THR E 428 -32.63 28.60 9.74
C THR E 428 -31.79 27.34 9.88
N PHE E 429 -30.64 27.43 10.56
CA PHE E 429 -29.83 26.24 10.75
C PHE E 429 -30.55 25.22 11.63
N SER E 430 -31.22 25.69 12.69
CA SER E 430 -31.98 24.79 13.54
C SER E 430 -33.12 24.13 12.77
N LEU E 431 -33.80 24.92 11.91
CA LEU E 431 -34.87 24.36 11.10
C LEU E 431 -34.33 23.30 10.13
N PHE E 432 -33.19 23.57 9.51
CA PHE E 432 -32.58 22.61 8.61
C PHE E 432 -32.21 21.33 9.35
N ASN E 433 -31.66 21.46 10.57
CA ASN E 433 -31.32 20.28 11.36
C ASN E 433 -32.57 19.48 11.70
N LEU E 434 -33.64 20.17 12.10
CA LEU E 434 -34.89 19.48 12.44
C LEU E 434 -35.41 18.70 11.24
N VAL E 435 -35.45 19.34 10.07
CA VAL E 435 -35.96 18.67 8.87
C VAL E 435 -35.09 17.48 8.52
N TYR E 436 -33.77 17.66 8.55
CA TYR E 436 -32.85 16.59 8.18
C TYR E 436 -33.00 15.38 9.10
N TRP E 437 -33.01 15.62 10.42
CA TRP E 437 -33.04 14.51 11.35
C TRP E 437 -34.41 13.84 11.38
N LEU E 438 -35.50 14.61 11.22
CA LEU E 438 -36.81 13.98 11.11
C LEU E 438 -36.90 13.12 9.85
N TYR E 439 -36.32 13.59 8.75
CA TYR E 439 -36.36 12.81 7.51
C TYR E 439 -35.56 11.52 7.65
N TYR E 440 -34.33 11.61 8.17
CA TYR E 440 -33.43 10.47 8.17
C TYR E 440 -33.50 9.63 9.44
N VAL E 441 -34.39 9.96 10.38
CA VAL E 441 -34.62 9.14 11.57
C VAL E 441 -36.11 8.97 11.76
N ASP F 1 38.70 3.19 -31.34
CA ASP F 1 38.87 4.63 -31.46
C ASP F 1 40.31 5.04 -31.22
N SER F 2 40.87 5.81 -32.15
CA SER F 2 42.23 6.34 -32.00
C SER F 2 42.27 7.25 -30.78
N ARG F 3 42.97 6.82 -29.74
CA ARG F 3 43.02 7.55 -28.48
C ARG F 3 44.09 8.65 -28.57
N ASP F 4 43.79 9.64 -29.40
CA ASP F 4 44.63 10.81 -29.57
C ASP F 4 43.77 12.04 -29.32
N TYR F 5 44.27 12.96 -28.48
CA TYR F 5 43.61 14.23 -28.19
C TYR F 5 44.57 15.32 -28.64
N SER F 6 44.54 15.60 -29.94
CA SER F 6 45.32 16.67 -30.56
C SER F 6 44.43 17.71 -31.21
N THR F 7 43.50 17.31 -32.07
CA THR F 7 42.60 18.26 -32.70
C THR F 7 41.69 18.92 -31.67
N GLU F 8 41.19 18.13 -30.71
CA GLU F 8 40.34 18.68 -29.66
C GLU F 8 41.10 19.71 -28.84
N LEU F 9 42.35 19.39 -28.46
CA LEU F 9 43.16 20.33 -27.71
C LEU F 9 43.44 21.59 -28.53
N SER F 10 43.71 21.43 -29.82
CA SER F 10 44.01 22.58 -30.66
C SER F 10 42.81 23.51 -30.77
N VAL F 11 41.62 22.96 -31.00
CA VAL F 11 40.44 23.82 -31.14
C VAL F 11 40.09 24.45 -29.79
N THR F 12 40.26 23.71 -28.69
CA THR F 12 40.01 24.28 -27.37
C THR F 12 40.94 25.45 -27.09
N VAL F 13 42.22 25.28 -27.39
CA VAL F 13 43.18 26.36 -27.19
C VAL F 13 42.86 27.52 -28.11
N ALA F 14 42.39 27.23 -29.33
CA ALA F 14 42.06 28.30 -30.26
C ALA F 14 40.91 29.15 -29.74
N VAL F 15 39.83 28.51 -29.29
CA VAL F 15 38.68 29.27 -28.82
C VAL F 15 39.04 30.02 -27.53
N GLY F 16 39.83 29.40 -26.65
CA GLY F 16 40.26 30.09 -25.45
C GLY F 16 41.09 31.31 -25.77
N ALA F 17 42.04 31.18 -26.68
CA ALA F 17 42.88 32.31 -27.07
C ALA F 17 42.05 33.39 -27.75
N SER F 18 41.03 33.02 -28.54
CA SER F 18 40.21 34.02 -29.18
C SER F 18 39.43 34.83 -28.13
N LEU F 19 38.83 34.14 -27.15
CA LEU F 19 38.11 34.85 -26.10
C LEU F 19 39.05 35.76 -25.31
N LEU F 20 40.24 35.25 -24.98
CA LEU F 20 41.23 36.06 -24.30
C LEU F 20 41.59 37.29 -25.12
N PHE F 21 41.77 37.12 -26.43
CA PHE F 21 42.17 38.23 -27.28
C PHE F 21 41.08 39.28 -27.34
N LEU F 22 39.82 38.87 -27.44
CA LEU F 22 38.74 39.86 -27.44
C LEU F 22 38.72 40.65 -26.13
N ASN F 23 38.94 39.97 -25.00
CA ASN F 23 39.01 40.69 -23.73
C ASN F 23 40.16 41.68 -23.71
N ILE F 24 41.34 41.27 -24.20
CA ILE F 24 42.48 42.18 -24.20
C ILE F 24 42.24 43.35 -25.14
N LEU F 25 41.51 43.13 -26.25
CA LEU F 25 41.13 44.23 -27.11
C LEU F 25 40.24 45.22 -26.37
N ALA F 26 39.35 44.71 -25.52
CA ALA F 26 38.52 45.59 -24.70
C ALA F 26 39.37 46.45 -23.77
N PHE F 27 40.37 45.85 -23.11
CA PHE F 27 41.25 46.66 -22.27
C PHE F 27 42.02 47.68 -23.07
N ALA F 28 42.46 47.31 -24.27
CA ALA F 28 43.12 48.28 -25.12
C ALA F 28 42.19 49.45 -25.39
N ALA F 29 40.92 49.17 -25.64
CA ALA F 29 39.95 50.24 -25.89
C ALA F 29 39.80 51.16 -24.69
N LEU F 30 39.73 50.59 -23.47
CA LEU F 30 39.55 51.44 -22.29
C LEU F 30 40.82 52.22 -21.94
N TYR F 31 41.94 51.53 -21.70
CA TYR F 31 43.17 52.24 -21.35
C TYR F 31 43.77 53.02 -22.51
N TYR F 32 43.18 53.00 -23.71
CA TYR F 32 43.49 54.00 -24.72
C TYR F 32 42.61 55.22 -24.41
N LYS F 33 43.19 56.16 -23.68
CA LYS F 33 42.45 57.35 -23.21
C LYS F 33 41.87 58.14 -24.38
N TYR G 1 33.09 64.72 -28.54
CA TYR G 1 33.98 63.87 -27.76
C TYR G 1 33.20 63.11 -26.70
N HIS G 2 32.28 63.81 -26.03
CA HIS G 2 31.51 63.18 -24.96
C HIS G 2 30.55 62.13 -25.52
N GLU G 3 29.96 62.40 -26.68
CA GLU G 3 29.06 61.41 -27.28
C GLU G 3 29.84 60.18 -27.74
N HIS G 4 31.06 60.38 -28.26
CA HIS G 4 31.92 59.25 -28.58
C HIS G 4 32.26 58.46 -27.32
N TYR G 5 32.53 59.16 -26.22
CA TYR G 5 32.83 58.51 -24.95
C TYR G 5 31.66 57.64 -24.51
N MET G 6 30.45 58.20 -24.56
CA MET G 6 29.26 57.46 -24.12
C MET G 6 29.00 56.27 -25.03
N ARG G 7 29.14 56.44 -26.34
CA ARG G 7 28.94 55.32 -27.26
C ARG G 7 29.94 54.22 -27.01
N ASN G 8 31.22 54.58 -26.81
CA ASN G 8 32.24 53.58 -26.54
C ASN G 8 31.95 52.84 -25.25
N SER G 9 31.58 53.57 -24.19
CA SER G 9 31.27 52.93 -22.92
C SER G 9 30.10 51.97 -23.04
N ARG G 10 29.03 52.42 -23.72
CA ARG G 10 27.84 51.57 -23.89
C ARG G 10 28.17 50.31 -24.68
N ALA G 11 28.86 50.47 -25.81
CA ALA G 11 29.17 49.31 -26.65
C ALA G 11 30.09 48.33 -25.92
N ILE G 12 31.10 48.85 -25.21
CA ILE G 12 32.02 47.94 -24.54
C ILE G 12 31.34 47.28 -23.34
N GLY G 13 30.39 47.97 -22.71
CA GLY G 13 29.60 47.31 -21.68
C GLY G 13 28.77 46.16 -22.24
N VAL G 14 28.18 46.37 -23.41
CA VAL G 14 27.45 45.28 -24.07
C VAL G 14 28.38 44.12 -24.37
N LEU G 15 29.58 44.41 -24.88
CA LEU G 15 30.55 43.35 -25.17
C LEU G 15 30.96 42.63 -23.88
N TRP G 16 31.11 43.38 -22.80
CA TRP G 16 31.47 42.75 -21.51
C TRP G 16 30.38 41.78 -21.17
N ALA G 17 29.14 42.25 -21.20
CA ALA G 17 28.03 41.37 -20.82
C ALA G 17 28.01 40.11 -21.68
N ILE G 18 28.27 40.25 -22.98
CA ILE G 18 28.28 39.08 -23.85
C ILE G 18 29.38 38.10 -23.43
N PHE G 19 30.57 38.63 -23.15
CA PHE G 19 31.66 37.76 -22.71
C PHE G 19 31.39 37.16 -21.34
N THR G 20 30.68 37.89 -20.47
CA THR G 20 30.30 37.32 -19.18
C THR G 20 29.35 36.14 -19.36
N ILE G 21 28.38 36.28 -20.27
CA ILE G 21 27.49 35.16 -20.57
C ILE G 21 28.29 33.99 -21.13
N CYS G 22 29.27 34.28 -21.99
CA CYS G 22 30.10 33.22 -22.53
C CYS G 22 30.88 32.50 -21.43
N PHE G 23 31.42 33.26 -20.47
CA PHE G 23 32.14 32.63 -19.37
C PHE G 23 31.20 31.83 -18.48
N ALA G 24 29.95 32.28 -18.31
CA ALA G 24 28.99 31.48 -17.56
C ALA G 24 28.73 30.16 -18.25
N ILE G 25 28.60 30.19 -19.58
CA ILE G 25 28.46 28.96 -20.36
C ILE G 25 29.67 28.06 -20.15
N ILE G 26 30.87 28.66 -20.16
CA ILE G 26 32.10 27.87 -19.97
C ILE G 26 32.11 27.23 -18.59
N ASN G 27 31.73 27.98 -17.57
CA ASN G 27 31.71 27.44 -16.21
C ASN G 27 30.73 26.28 -16.09
N VAL G 28 29.53 26.43 -16.68
CA VAL G 28 28.56 25.34 -16.66
C VAL G 28 29.13 24.12 -17.36
N VAL G 29 29.75 24.33 -18.52
CA VAL G 29 30.24 23.20 -19.31
C VAL G 29 31.34 22.46 -18.56
N VAL G 30 32.30 23.19 -17.98
CA VAL G 30 33.38 22.51 -17.28
C VAL G 30 32.87 21.82 -16.02
N PHE G 31 31.88 22.41 -15.33
CA PHE G 31 31.32 21.73 -14.17
C PHE G 31 30.60 20.44 -14.57
N ILE G 32 29.90 20.44 -15.70
CA ILE G 32 29.06 19.29 -16.04
C ILE G 32 29.90 18.18 -16.69
N GLN G 33 30.61 18.50 -17.76
CA GLN G 33 31.20 17.45 -18.60
C GLN G 33 32.31 16.72 -17.86
N PRO G 34 32.38 15.37 -17.90
CA PRO G 34 33.46 14.65 -17.21
C PRO G 34 34.68 14.41 -18.10
N TYR G 35 35.36 15.49 -18.48
CA TYR G 35 36.51 15.41 -19.38
C TYR G 35 37.64 16.31 -18.84
N TRP G 36 37.91 16.20 -17.55
CA TRP G 36 39.03 16.94 -16.97
C TRP G 36 40.34 16.21 -17.21
N VAL G 37 40.40 14.92 -16.86
CA VAL G 37 41.56 14.07 -17.10
C VAL G 37 41.07 12.78 -17.74
N GLY G 38 41.93 12.18 -18.56
CA GLY G 38 41.55 11.00 -19.31
C GLY G 38 42.72 10.07 -19.56
N ASP G 39 42.39 8.94 -20.16
CA ASP G 39 43.36 7.87 -20.40
C ASP G 39 44.42 8.32 -21.41
N SER G 40 45.42 7.46 -21.58
CA SER G 40 46.45 7.61 -22.59
C SER G 40 46.74 6.24 -23.19
N VAL G 41 47.74 6.19 -24.07
CA VAL G 41 48.08 4.92 -24.71
C VAL G 41 48.66 3.94 -23.70
N SER G 42 49.40 4.42 -22.71
CA SER G 42 50.04 3.58 -21.72
C SER G 42 49.17 3.31 -20.50
N THR G 43 47.93 3.79 -20.49
CA THR G 43 47.08 3.62 -19.32
C THR G 43 46.62 2.16 -19.21
N PRO G 44 46.51 1.61 -17.99
CA PRO G 44 45.99 0.24 -17.87
C PRO G 44 44.58 0.08 -18.40
N LYS G 45 43.70 1.05 -18.18
CA LYS G 45 42.30 0.99 -18.54
C LYS G 45 41.88 2.31 -19.16
N PRO G 46 40.87 2.34 -20.03
CA PRO G 46 40.46 3.59 -20.67
C PRO G 46 39.37 4.29 -19.89
N GLY G 47 39.12 5.55 -20.29
CA GLY G 47 38.00 6.31 -19.75
C GLY G 47 38.31 7.78 -19.52
N TYR G 48 37.57 8.40 -18.60
CA TYR G 48 37.76 9.81 -18.27
C TYR G 48 37.12 10.06 -16.91
N PHE G 49 37.41 11.21 -16.33
CA PHE G 49 36.74 11.60 -15.09
C PHE G 49 36.84 13.10 -14.89
N GLY G 50 35.75 13.69 -14.40
CA GLY G 50 35.68 15.11 -14.10
C GLY G 50 35.77 15.41 -12.63
N LEU G 51 34.94 16.34 -12.16
CA LEU G 51 34.99 16.74 -10.76
C LEU G 51 34.38 15.67 -9.86
N PHE G 52 33.27 15.09 -10.28
CA PHE G 52 32.54 14.08 -9.50
C PHE G 52 32.23 12.83 -10.30
N HIS G 53 31.94 12.96 -11.60
CA HIS G 53 31.56 11.84 -12.44
C HIS G 53 32.78 11.24 -13.11
N TYR G 54 32.86 9.92 -13.12
CA TYR G 54 33.98 9.20 -13.72
C TYR G 54 33.48 7.96 -14.44
N CYS G 55 33.98 7.76 -15.66
CA CYS G 55 33.68 6.58 -16.47
C CYS G 55 34.98 5.83 -16.74
N VAL G 56 34.93 4.51 -16.59
CA VAL G 56 36.09 3.64 -16.74
C VAL G 56 35.67 2.42 -17.56
N GLY G 57 36.58 1.94 -18.40
CA GLY G 57 36.30 0.76 -19.19
C GLY G 57 36.43 -0.52 -18.40
N SER G 58 35.77 -1.57 -18.90
CA SER G 58 35.86 -2.87 -18.26
C SER G 58 37.19 -3.56 -18.56
N GLY G 59 37.79 -3.28 -19.72
CA GLY G 59 39.09 -3.82 -20.05
C GLY G 59 39.03 -5.15 -20.80
N LEU G 60 38.29 -5.18 -21.91
CA LEU G 60 38.17 -6.37 -22.74
C LEU G 60 38.27 -6.00 -24.22
N ALA G 61 39.15 -5.05 -24.54
CA ALA G 61 39.35 -4.59 -25.91
C ALA G 61 38.07 -4.05 -26.53
N GLY G 62 37.31 -3.30 -25.73
CA GLY G 62 36.10 -2.66 -26.18
C GLY G 62 35.82 -1.44 -25.31
N ARG G 63 34.70 -0.78 -25.58
CA ARG G 63 34.41 0.46 -24.86
C ARG G 63 33.92 0.15 -23.45
N GLU G 64 32.71 -0.43 -23.36
CA GLU G 64 32.09 -0.93 -22.11
C GLU G 64 32.36 -0.03 -20.90
N LEU G 65 32.09 1.26 -21.07
CA LEU G 65 32.39 2.23 -20.02
C LEU G 65 31.31 2.17 -18.95
N THR G 66 31.68 1.73 -17.75
CA THR G 66 30.83 1.89 -16.58
C THR G 66 31.07 3.26 -15.98
N CYS G 67 29.99 3.97 -15.66
CA CYS G 67 30.04 5.35 -15.21
C CYS G 67 29.43 5.44 -13.82
N ARG G 68 30.09 6.19 -12.93
CA ARG G 68 29.60 6.39 -11.59
C ARG G 68 30.03 7.75 -11.09
N GLY G 69 29.23 8.33 -10.20
CA GLY G 69 29.51 9.62 -9.63
C GLY G 69 28.39 10.62 -9.86
N SER G 70 28.13 11.46 -8.86
CA SER G 70 27.09 12.47 -8.97
C SER G 70 27.23 13.48 -7.85
N PHE G 71 27.18 14.77 -8.19
CA PHE G 71 27.29 15.80 -7.14
C PHE G 71 26.12 15.71 -6.18
N THR G 72 24.96 15.27 -6.65
CA THR G 72 23.82 15.11 -5.75
C THR G 72 24.06 14.02 -4.70
N ASP G 73 24.99 13.10 -4.97
CA ASP G 73 25.31 12.00 -4.07
C ASP G 73 26.82 12.06 -3.78
N PHE G 74 27.20 12.74 -2.70
CA PHE G 74 28.61 12.92 -2.38
C PHE G 74 29.31 11.62 -2.02
N SER G 75 28.57 10.57 -1.66
CA SER G 75 29.22 9.31 -1.34
C SER G 75 29.94 8.74 -2.55
N THR G 76 29.37 8.91 -3.74
CA THR G 76 29.97 8.37 -4.96
C THR G 76 31.21 9.14 -5.39
N ILE G 77 31.44 10.33 -4.88
CA ILE G 77 32.63 11.09 -5.29
C ILE G 77 33.88 10.41 -4.76
N PRO G 78 34.93 10.20 -5.57
CA PRO G 78 36.06 9.38 -5.08
C PRO G 78 36.80 9.94 -3.88
N SER G 79 36.91 11.27 -3.74
CA SER G 79 37.81 11.84 -2.75
C SER G 79 37.24 13.14 -2.20
N SER G 80 37.67 13.47 -0.98
CA SER G 80 37.29 14.73 -0.37
C SER G 80 37.82 15.91 -1.16
N ALA G 81 39.01 15.78 -1.75
CA ALA G 81 39.51 16.84 -2.62
C ALA G 81 38.61 17.04 -3.82
N PHE G 82 38.11 15.94 -4.39
CA PHE G 82 37.15 16.05 -5.49
C PHE G 82 35.88 16.75 -5.02
N LYS G 83 35.40 16.41 -3.83
CA LYS G 83 34.20 17.06 -3.29
C LYS G 83 34.42 18.55 -3.13
N ALA G 84 35.57 18.95 -2.57
CA ALA G 84 35.86 20.36 -2.36
C ALA G 84 35.98 21.10 -3.68
N ALA G 85 36.65 20.50 -4.67
CA ALA G 85 36.78 21.15 -5.97
C ALA G 85 35.41 21.32 -6.62
N ALA G 86 34.56 20.29 -6.55
CA ALA G 86 33.23 20.40 -7.12
C ALA G 86 32.44 21.51 -6.43
N PHE G 87 32.54 21.59 -5.10
CA PHE G 87 31.83 22.64 -4.37
C PHE G 87 32.32 24.02 -4.79
N PHE G 88 33.64 24.19 -4.95
CA PHE G 88 34.17 25.51 -5.31
C PHE G 88 33.73 25.89 -6.72
N VAL G 89 33.76 24.95 -7.66
CA VAL G 89 33.32 25.28 -9.02
C VAL G 89 31.83 25.60 -9.03
N LEU G 90 31.07 24.94 -8.17
CA LEU G 90 29.64 25.29 -8.08
C LEU G 90 29.57 26.74 -7.61
N LEU G 91 30.27 27.06 -6.54
CA LEU G 91 30.17 28.43 -5.98
C LEU G 91 30.47 29.44 -7.11
N SER G 92 31.50 29.19 -7.89
CA SER G 92 31.79 30.09 -9.03
C SER G 92 30.57 30.16 -9.94
N MET G 93 29.97 29.02 -10.27
CA MET G 93 28.76 29.06 -11.08
C MET G 93 27.70 29.94 -10.46
N VAL G 94 27.47 29.75 -9.16
CA VAL G 94 26.41 30.53 -8.47
C VAL G 94 26.76 32.01 -8.66
N LEU G 95 27.99 32.42 -8.38
CA LEU G 95 28.36 33.85 -8.47
C LEU G 95 28.19 34.41 -9.88
N ILE G 96 28.64 33.70 -10.90
CA ILE G 96 28.56 34.25 -12.29
C ILE G 96 27.08 34.35 -12.68
N LEU G 97 26.26 33.38 -12.26
CA LEU G 97 24.84 33.40 -12.67
C LEU G 97 24.18 34.55 -11.91
N GLY G 98 24.63 34.79 -10.68
CA GLY G 98 24.11 35.89 -9.86
C GLY G 98 24.43 37.21 -10.51
N CYS G 99 25.62 37.31 -11.11
CA CYS G 99 25.97 38.52 -11.87
C CYS G 99 24.96 38.63 -13.01
N ILE G 100 24.87 37.61 -13.84
CA ILE G 100 23.94 37.76 -14.99
C ILE G 100 22.62 38.29 -14.43
N THR G 101 22.18 37.81 -13.27
CA THR G 101 20.88 38.28 -12.76
C THR G 101 20.99 39.76 -12.48
N CYS G 102 21.98 40.17 -11.69
CA CYS G 102 22.18 41.58 -11.33
C CYS G 102 22.14 42.45 -12.58
N PHE G 103 22.52 41.92 -13.74
CA PHE G 103 22.41 42.80 -14.92
C PHE G 103 21.06 43.49 -14.83
N SER G 104 20.04 42.77 -14.39
CA SER G 104 18.70 43.35 -14.27
C SER G 104 18.71 44.63 -13.45
N LEU G 105 19.65 44.78 -12.52
CA LEU G 105 19.68 45.97 -11.67
C LEU G 105 20.08 47.23 -12.41
N PHE G 106 20.55 47.12 -13.66
CA PHE G 106 20.98 48.30 -14.40
C PHE G 106 19.84 49.27 -14.66
N PHE G 107 18.58 48.79 -14.66
CA PHE G 107 17.45 49.68 -14.91
C PHE G 107 17.34 50.75 -13.83
N PHE G 108 17.52 50.36 -12.57
CA PHE G 108 17.27 51.22 -11.42
C PHE G 108 18.55 51.61 -10.70
N CYS G 109 19.38 50.64 -10.33
CA CYS G 109 20.59 50.92 -9.58
C CYS G 109 21.56 51.75 -10.42
N ASN G 110 22.45 52.44 -9.72
CA ASN G 110 23.47 53.23 -10.42
C ASN G 110 24.37 52.30 -11.21
N THR G 111 24.48 52.66 -12.50
CA THR G 111 25.27 51.88 -13.44
C THR G 111 26.61 51.62 -12.83
N ALA G 112 27.24 52.65 -12.28
CA ALA G 112 28.60 52.47 -11.74
C ALA G 112 28.56 51.43 -10.62
N THR G 113 27.58 51.56 -9.73
CA THR G 113 27.51 50.62 -8.59
C THR G 113 27.30 49.23 -9.12
N VAL G 114 26.46 49.07 -10.15
CA VAL G 114 26.13 47.70 -10.62
C VAL G 114 27.42 47.10 -11.20
N TYR G 115 28.07 47.86 -12.08
CA TYR G 115 29.32 47.36 -12.69
C TYR G 115 30.19 46.88 -11.57
N LYS G 116 30.33 47.69 -10.53
CA LYS G 116 31.27 47.31 -9.45
C LYS G 116 30.80 46.05 -8.73
N ILE G 117 29.51 45.93 -8.46
CA ILE G 117 29.00 44.76 -7.69
C ILE G 117 29.22 43.53 -8.55
N CYS G 118 28.80 43.62 -9.81
CA CYS G 118 28.96 42.47 -10.72
C CYS G 118 30.45 42.14 -10.79
N ALA G 119 31.28 43.16 -10.80
CA ALA G 119 32.73 42.93 -10.88
C ALA G 119 33.23 42.14 -9.67
N TRP G 120 32.79 42.47 -8.45
CA TRP G 120 33.38 41.76 -7.30
C TRP G 120 33.01 40.29 -7.34
N MET G 121 31.80 39.99 -7.78
CA MET G 121 31.33 38.58 -7.81
C MET G 121 32.15 37.87 -8.88
N GLN G 122 32.39 38.53 -9.99
CA GLN G 122 33.25 37.95 -11.04
C GLN G 122 34.67 37.72 -10.49
N LEU G 123 35.17 38.56 -9.59
CA LEU G 123 36.51 38.29 -9.01
C LEU G 123 36.45 37.04 -8.11
N LEU G 124 35.49 36.99 -7.19
CA LEU G 124 35.35 35.83 -6.29
C LEU G 124 35.11 34.57 -7.14
N ALA G 125 34.34 34.70 -8.21
CA ALA G 125 34.07 33.56 -9.11
C ALA G 125 35.40 33.03 -9.60
N ALA G 126 36.30 33.96 -9.89
CA ALA G 126 37.64 33.57 -10.31
C ALA G 126 38.42 32.94 -9.18
N LEU G 127 38.29 33.52 -8.00
CA LEU G 127 39.02 32.99 -6.83
C LEU G 127 38.56 31.55 -6.57
N CYS G 128 37.26 31.31 -6.58
CA CYS G 128 36.74 29.96 -6.24
C CYS G 128 37.11 28.98 -7.36
N LEU G 129 37.13 29.42 -8.60
CA LEU G 129 37.57 28.49 -9.67
C LEU G 129 39.06 28.20 -9.44
N VAL G 130 39.84 29.18 -9.03
CA VAL G 130 41.25 28.94 -8.75
C VAL G 130 41.39 27.88 -7.66
N LEU G 131 40.64 28.05 -6.57
CA LEU G 131 40.73 27.09 -5.47
C LEU G 131 40.30 25.70 -5.92
N GLY G 132 39.24 25.62 -6.72
CA GLY G 132 38.80 24.33 -7.22
C GLY G 132 39.83 23.66 -8.10
N CYS G 133 40.42 24.41 -9.05
CA CYS G 133 41.39 23.80 -9.95
C CYS G 133 42.69 23.46 -9.24
N MET G 134 43.03 24.17 -8.16
CA MET G 134 44.21 23.79 -7.38
C MET G 134 43.94 22.58 -6.49
N ILE G 135 42.71 22.45 -5.99
CA ILE G 135 42.42 21.35 -5.06
C ILE G 135 42.13 20.05 -5.81
N PHE G 136 41.60 20.14 -7.03
CA PHE G 136 41.20 18.93 -7.75
C PHE G 136 42.35 17.95 -7.99
N PRO G 137 43.55 18.37 -8.38
CA PRO G 137 44.65 17.38 -8.50
C PRO G 137 45.02 16.71 -7.20
N ASP G 138 44.66 17.29 -6.05
CA ASP G 138 45.02 16.69 -4.77
C ASP G 138 44.37 15.32 -4.59
N GLY G 139 43.20 15.11 -5.17
CA GLY G 139 42.49 13.85 -5.05
C GLY G 139 42.92 12.77 -6.01
N TRP G 140 43.95 13.01 -6.83
CA TRP G 140 44.36 12.02 -7.80
C TRP G 140 44.92 10.75 -7.16
N ASP G 141 45.34 10.81 -5.90
CA ASP G 141 45.86 9.63 -5.21
C ASP G 141 44.77 8.69 -4.72
N ALA G 142 43.51 8.97 -5.01
CA ALA G 142 42.43 8.08 -4.60
C ALA G 142 42.58 6.72 -5.28
N GLU G 143 41.98 5.71 -4.66
CA GLU G 143 42.14 4.34 -5.15
C GLU G 143 41.57 4.18 -6.54
N THR G 144 40.41 4.78 -6.80
CA THR G 144 39.79 4.65 -8.12
C THR G 144 40.64 5.31 -9.20
N ILE G 145 41.15 6.52 -8.93
CA ILE G 145 41.97 7.20 -9.92
C ILE G 145 43.27 6.46 -10.13
N ARG G 146 43.83 5.86 -9.06
CA ARG G 146 45.05 5.07 -9.23
C ARG G 146 44.77 3.83 -10.08
N ASP G 147 43.67 3.13 -9.80
CA ASP G 147 43.30 1.96 -10.60
C ASP G 147 43.07 2.33 -12.05
N MET G 148 42.59 3.55 -12.31
CA MET G 148 42.43 4.00 -13.68
C MET G 148 43.78 4.31 -14.33
N CYS G 149 44.51 5.28 -13.77
CA CYS G 149 45.66 5.84 -14.47
C CYS G 149 46.90 4.96 -14.34
N GLY G 150 47.21 4.50 -13.14
CA GLY G 150 48.39 3.69 -12.92
C GLY G 150 48.95 3.87 -11.52
N ALA G 151 50.01 3.14 -11.20
CA ALA G 151 50.63 3.29 -9.89
C ALA G 151 51.42 4.59 -9.78
N LYS G 152 51.91 5.11 -10.91
CA LYS G 152 52.67 6.36 -10.89
C LYS G 152 51.82 7.54 -10.44
N THR G 153 50.52 7.50 -10.71
CA THR G 153 49.65 8.63 -10.44
C THR G 153 49.56 8.89 -8.93
N GLY G 154 49.54 10.17 -8.59
CA GLY G 154 49.47 10.56 -7.19
C GLY G 154 49.09 12.01 -7.06
N LYS G 155 49.28 12.53 -5.85
CA LYS G 155 48.96 13.92 -5.55
C LYS G 155 49.79 14.85 -6.44
N TYR G 156 49.10 15.62 -7.28
CA TYR G 156 49.76 16.59 -8.16
C TYR G 156 50.75 15.91 -9.09
N SER G 157 50.35 14.77 -9.66
CA SER G 157 51.18 14.05 -10.61
C SER G 157 50.26 13.29 -11.56
N LEU G 158 50.36 13.61 -12.85
CA LEU G 158 49.50 12.96 -13.84
C LEU G 158 49.77 11.47 -13.91
N GLY G 159 51.04 11.07 -13.85
CA GLY G 159 51.39 9.69 -14.05
C GLY G 159 51.38 9.32 -15.52
N ASP G 160 50.36 8.57 -15.94
CA ASP G 160 50.18 8.18 -17.33
C ASP G 160 48.98 8.85 -17.99
N CYS G 161 48.02 9.33 -17.22
CA CYS G 161 46.85 10.00 -17.80
C CYS G 161 47.25 11.37 -18.35
N SER G 162 46.33 11.95 -19.13
CA SER G 162 46.54 13.23 -19.78
C SER G 162 45.34 14.14 -19.56
N VAL G 163 45.59 15.43 -19.40
CA VAL G 163 44.52 16.39 -19.20
C VAL G 163 43.74 16.56 -20.49
N ARG G 164 42.41 16.54 -20.39
CA ARG G 164 41.51 16.65 -21.52
C ARG G 164 40.98 18.08 -21.59
N TRP G 165 40.04 18.32 -22.51
CA TRP G 165 39.69 19.69 -22.88
C TRP G 165 39.04 20.46 -21.74
N ALA G 166 38.39 19.78 -20.80
CA ALA G 166 37.67 20.50 -19.74
C ALA G 166 38.63 21.16 -18.76
N TYR G 167 39.78 20.55 -18.49
CA TYR G 167 40.69 21.11 -17.49
C TYR G 167 41.33 22.41 -18.00
N ILE G 168 41.83 22.39 -19.23
CA ILE G 168 42.39 23.62 -19.80
C ILE G 168 41.27 24.63 -20.03
N LEU G 169 40.06 24.17 -20.33
CA LEU G 169 38.95 25.10 -20.44
C LEU G 169 38.66 25.77 -19.10
N ALA G 170 38.83 25.03 -18.00
CA ALA G 170 38.65 25.64 -16.68
C ALA G 170 39.76 26.64 -16.38
N ILE G 171 40.98 26.35 -16.81
CA ILE G 171 42.07 27.33 -16.65
C ILE G 171 41.76 28.59 -17.45
N ILE G 172 41.28 28.41 -18.67
CA ILE G 172 40.86 29.55 -19.48
C ILE G 172 39.73 30.29 -18.80
N GLY G 173 38.84 29.56 -18.12
CA GLY G 173 37.78 30.19 -17.36
C GLY G 173 38.29 31.04 -16.22
N ILE G 174 39.31 30.55 -15.51
CA ILE G 174 39.96 31.36 -14.47
C ILE G 174 40.49 32.66 -15.06
N LEU G 175 41.24 32.54 -16.16
CA LEU G 175 41.81 33.73 -16.77
C LEU G 175 40.72 34.69 -17.21
N ASN G 176 39.71 34.17 -17.89
CA ASN G 176 38.61 35.01 -18.36
C ASN G 176 37.88 35.65 -17.20
N ALA G 177 37.76 34.96 -16.07
CA ALA G 177 37.05 35.51 -14.92
C ALA G 177 37.82 36.67 -14.29
N LEU G 178 39.12 36.48 -14.04
CA LEU G 178 39.91 37.57 -13.48
C LEU G 178 39.92 38.77 -14.41
N ILE G 179 40.11 38.50 -15.70
CA ILE G 179 40.12 39.53 -16.72
C ILE G 179 38.78 40.28 -16.78
N LEU G 180 37.69 39.52 -16.95
CA LEU G 180 36.36 40.16 -17.00
C LEU G 180 36.18 41.06 -15.77
N SER G 181 36.47 40.54 -14.58
CA SER G 181 36.35 41.35 -13.36
C SER G 181 36.95 42.73 -13.65
N PHE G 182 38.24 42.79 -13.95
CA PHE G 182 38.89 44.11 -14.16
CA PHE G 182 38.89 44.12 -14.16
C PHE G 182 38.13 45.07 -15.16
N LEU G 183 37.90 44.51 -16.34
CA LEU G 183 37.19 45.33 -17.35
C LEU G 183 35.98 45.95 -16.67
N ALA G 184 35.30 45.20 -15.81
CA ALA G 184 34.13 45.76 -15.09
C ALA G 184 34.58 46.85 -14.13
N PHE G 185 35.56 46.55 -13.29
CA PHE G 185 35.96 47.56 -12.28
C PHE G 185 36.24 48.84 -13.02
N VAL G 186 37.02 48.75 -14.08
CA VAL G 186 37.40 50.00 -14.78
C VAL G 186 36.15 50.55 -15.46
N LEU G 187 35.31 49.68 -16.03
CA LEU G 187 34.05 50.17 -16.63
C LEU G 187 33.33 51.02 -15.57
N GLY G 188 33.37 50.59 -14.31
CA GLY G 188 32.64 51.34 -13.27
C GLY G 188 33.31 52.66 -12.98
N ASN G 189 34.58 52.64 -12.58
CA ASN G 189 35.29 53.88 -12.21
C ASN G 189 35.24 54.86 -13.38
N ARG G 190 35.16 54.34 -14.59
CA ARG G 190 35.06 55.22 -15.78
C ARG G 190 33.66 55.84 -15.83
N GLN G 191 32.61 55.03 -15.84
CA GLN G 191 31.27 55.59 -15.96
C GLN G 191 31.13 56.89 -15.18
N THR G 192 31.71 56.94 -13.97
CA THR G 192 31.72 58.20 -13.23
C THR G 192 32.55 59.25 -13.95
N ASP G 193 33.70 58.84 -14.50
CA ASP G 193 34.57 59.74 -15.28
C ASP G 193 35.07 60.88 -14.39
N GLN H 1 -28.25 4.11 35.27
CA GLN H 1 -27.41 3.30 36.19
C GLN H 1 -27.53 1.80 35.87
N VAL H 2 -26.40 1.12 35.89
CA VAL H 2 -26.34 -0.31 35.62
C VAL H 2 -26.77 -1.06 36.87
N GLN H 3 -27.67 -2.04 36.71
CA GLN H 3 -28.25 -2.80 37.80
C GLN H 3 -28.26 -4.28 37.47
N LEU H 4 -27.97 -5.10 38.47
CA LEU H 4 -28.00 -6.56 38.36
C LEU H 4 -29.00 -7.08 39.37
N GLN H 5 -30.24 -7.30 38.93
CA GLN H 5 -31.29 -7.74 39.85
C GLN H 5 -31.32 -9.26 39.91
N GLU H 6 -31.34 -9.78 41.13
CA GLU H 6 -31.30 -11.21 41.39
C GLU H 6 -32.66 -11.68 41.89
N SER H 7 -33.04 -12.88 41.46
CA SER H 7 -34.29 -13.50 41.89
C SER H 7 -34.05 -14.98 42.11
N GLY H 8 -34.91 -15.59 42.91
CA GLY H 8 -34.80 -16.99 43.25
C GLY H 8 -35.26 -17.23 44.67
N GLY H 9 -35.53 -18.50 44.98
CA GLY H 9 -36.03 -18.86 46.29
C GLY H 9 -35.03 -18.54 47.39
N GLY H 10 -35.55 -18.51 48.62
CA GLY H 10 -34.78 -18.14 49.79
C GLY H 10 -34.59 -19.28 50.77
N LEU H 11 -35.54 -20.20 50.84
CA LEU H 11 -35.53 -21.30 51.80
C LEU H 11 -35.88 -22.60 51.09
N VAL H 12 -35.13 -23.66 51.42
CA VAL H 12 -35.41 -24.99 50.87
C VAL H 12 -35.08 -26.03 51.93
N GLN H 13 -35.75 -27.17 51.85
CA GLN H 13 -35.51 -28.26 52.79
C GLN H 13 -34.20 -28.96 52.48
N GLY H 422 -33.29 -31.49 47.65
CA GLY H 422 -33.87 -30.24 47.19
C GLY H 422 -33.11 -29.65 46.01
N SER H 423 -33.80 -28.81 45.24
CA SER H 423 -33.21 -28.13 44.08
C SER H 423 -33.70 -26.70 44.04
N LEU H 424 -32.98 -25.87 43.30
CA LEU H 424 -33.30 -24.45 43.23
C LEU H 424 -32.71 -23.87 41.95
N ARG H 425 -33.22 -22.71 41.54
CA ARG H 425 -32.70 -22.01 40.37
C ARG H 425 -32.74 -20.53 40.66
N VAL H 426 -31.57 -19.88 40.61
CA VAL H 426 -31.45 -18.46 40.90
C VAL H 426 -31.06 -17.74 39.61
N SER H 427 -31.82 -16.71 39.27
CA SER H 427 -31.64 -15.95 38.04
C SER H 427 -31.12 -14.55 38.35
N CYS H 428 -30.49 -13.96 37.34
CA CYS H 428 -29.92 -12.62 37.46
C CYS H 428 -30.10 -11.91 36.13
N ALA H 429 -30.77 -10.76 36.15
CA ALA H 429 -31.04 -9.98 34.96
C ALA H 429 -30.30 -8.65 35.05
N ALA H 430 -29.62 -8.26 33.96
CA ALA H 430 -28.88 -7.02 33.91
C ALA H 430 -29.65 -5.97 33.13
N SER H 431 -29.48 -4.71 33.54
CA SER H 431 -30.11 -3.58 32.87
C SER H 431 -29.13 -2.42 32.86
N GLY H 432 -29.29 -1.55 31.87
CA GLY H 432 -28.47 -0.36 31.74
C GLY H 432 -27.18 -0.57 30.97
N ARG H 433 -26.76 -1.81 30.75
CA ARG H 433 -25.58 -2.11 29.96
C ARG H 433 -25.71 -3.53 29.45
N THR H 434 -25.45 -3.70 28.15
CA THR H 434 -25.46 -5.03 27.56
C THR H 434 -24.15 -5.73 27.91
N PHE H 435 -24.26 -6.91 28.51
CA PHE H 435 -23.10 -7.68 28.96
C PHE H 435 -22.83 -8.86 28.03
N THR H 436 -23.12 -8.71 26.74
CA THR H 436 -22.89 -9.79 25.80
C THR H 436 -21.42 -10.12 25.72
N THR H 437 -20.56 -9.12 25.64
CA THR H 437 -19.12 -9.31 25.53
C THR H 437 -18.43 -9.45 26.88
N TYR H 438 -19.15 -9.32 28.00
CA TYR H 438 -18.58 -9.48 29.32
C TYR H 438 -18.69 -10.94 29.77
N ILE H 439 -18.21 -11.22 30.97
CA ILE H 439 -18.22 -12.54 31.57
C ILE H 439 -19.09 -12.44 32.80
N MET H 440 -20.04 -13.37 32.95
CA MET H 440 -21.04 -13.32 34.00
C MET H 440 -20.85 -14.49 34.95
N ALA H 441 -20.79 -14.21 36.24
CA ALA H 441 -20.36 -15.18 37.24
C ALA H 441 -21.25 -15.10 38.46
N TRP H 442 -21.17 -16.17 39.26
CA TRP H 442 -21.88 -16.30 40.53
C TRP H 442 -20.85 -16.50 41.64
N PHE H 443 -21.05 -15.79 42.75
CA PHE H 443 -20.23 -15.92 43.93
C PHE H 443 -21.13 -16.24 45.11
N ARG H 444 -20.51 -16.69 46.20
CA ARG H 444 -21.26 -17.13 47.38
C ARG H 444 -20.49 -16.71 48.62
N GLN H 445 -21.14 -15.96 49.51
CA GLN H 445 -20.54 -15.54 50.77
C GLN H 445 -21.35 -16.18 51.90
N ALA H 446 -20.72 -17.08 52.63
CA ALA H 446 -21.36 -17.70 53.78
C ALA H 446 -21.19 -16.79 55.00
N PRO H 447 -22.01 -16.98 56.05
CA PRO H 447 -21.79 -16.20 57.27
C PRO H 447 -20.43 -16.49 57.91
N GLY H 448 -19.57 -15.49 57.93
CA GLY H 448 -18.26 -15.61 58.55
C GLY H 448 -17.15 -16.12 57.66
N LYS H 449 -17.32 -16.08 56.33
CA LYS H 449 -16.29 -16.54 55.40
C LYS H 449 -16.23 -15.57 54.23
N GLU H 450 -15.19 -15.72 53.41
CA GLU H 450 -14.95 -14.85 52.28
C GLU H 450 -15.71 -15.34 51.05
N ARG H 451 -15.96 -14.41 50.12
CA ARG H 451 -16.66 -14.74 48.88
C ARG H 451 -15.93 -15.83 48.13
N GLU H 452 -16.69 -16.81 47.64
CA GLU H 452 -16.18 -17.98 46.95
C GLU H 452 -16.77 -18.00 45.54
N PHE H 453 -15.91 -18.18 44.55
CA PHE H 453 -16.35 -18.28 43.16
C PHE H 453 -17.07 -19.60 42.95
N LEU H 454 -18.27 -19.56 42.37
CA LEU H 454 -19.03 -20.77 42.08
C LEU H 454 -18.94 -21.15 40.62
N ALA H 455 -19.33 -20.26 39.72
CA ALA H 455 -19.37 -20.56 38.30
C ALA H 455 -19.28 -19.28 37.51
N ALA H 456 -18.92 -19.40 36.24
CA ALA H 456 -18.85 -18.28 35.33
C ALA H 456 -19.06 -18.76 33.91
N MET H 457 -19.63 -17.90 33.08
CA MET H 457 -19.79 -18.16 31.66
C MET H 457 -19.25 -16.97 30.87
N ASP H 458 -18.54 -17.30 29.79
CA ASP H 458 -17.90 -16.34 28.91
C ASP H 458 -18.77 -16.06 27.70
N GLN H 459 -18.33 -15.10 26.86
CA GLN H 459 -19.04 -14.81 25.62
C GLN H 459 -19.06 -16.00 24.69
N GLY H 460 -18.04 -16.85 24.75
CA GLY H 460 -18.00 -18.05 23.95
C GLY H 460 -18.75 -19.23 24.51
N ARG H 461 -19.67 -19.00 25.46
CA ARG H 461 -20.46 -20.04 26.11
CA ARG H 461 -20.46 -20.05 26.11
C ARG H 461 -19.60 -21.05 26.86
N ILE H 462 -18.39 -20.67 27.24
CA ILE H 462 -17.49 -21.56 27.96
C ILE H 462 -17.75 -21.36 29.45
N GLN H 463 -17.88 -22.49 30.15
CA GLN H 463 -18.29 -22.53 31.54
C GLN H 463 -17.11 -22.91 32.42
N TYR H 464 -16.87 -22.12 33.46
CA TYR H 464 -15.88 -22.41 34.48
C TYR H 464 -16.62 -22.64 35.79
N TYR H 465 -16.11 -23.56 36.61
CA TYR H 465 -16.75 -23.93 37.87
C TYR H 465 -15.69 -24.05 38.96
N GLY H 466 -16.11 -23.79 40.19
CA GLY H 466 -15.27 -24.07 41.34
C GLY H 466 -15.28 -25.56 41.67
N ASP H 467 -14.21 -26.01 42.32
CA ASP H 467 -14.08 -27.43 42.63
C ASP H 467 -15.15 -27.88 43.63
N SER H 468 -15.51 -27.01 44.57
CA SER H 468 -16.50 -27.38 45.57
C SER H 468 -17.87 -27.65 44.97
N VAL H 469 -18.17 -27.02 43.82
CA VAL H 469 -19.50 -27.08 43.23
C VAL H 469 -19.41 -27.53 41.78
N ARG H 470 -18.40 -28.33 41.46
CA ARG H 470 -18.26 -28.85 40.10
C ARG H 470 -19.15 -30.08 39.95
N GLY H 471 -19.96 -30.08 38.89
CA GLY H 471 -20.87 -31.17 38.64
C GLY H 471 -22.22 -31.07 39.31
N ARG H 472 -22.36 -30.20 40.31
CA ARG H 472 -23.63 -29.97 40.99
C ARG H 472 -24.36 -28.76 40.42
N PHE H 473 -23.71 -27.60 40.41
CA PHE H 473 -24.31 -26.37 39.93
C PHE H 473 -24.07 -26.23 38.44
N THR H 474 -25.06 -25.66 37.74
CA THR H 474 -24.98 -25.47 36.29
C THR H 474 -25.28 -24.01 35.98
N ILE H 475 -24.35 -23.34 35.29
CA ILE H 475 -24.51 -21.94 34.91
C ILE H 475 -24.92 -21.87 33.45
N SER H 476 -25.81 -20.94 33.13
CA SER H 476 -26.24 -20.69 31.77
C SER H 476 -26.46 -19.19 31.58
N ARG H 477 -26.47 -18.76 30.33
CA ARG H 477 -26.71 -17.36 29.99
C ARG H 477 -27.74 -17.26 28.89
N ASP H 478 -28.67 -16.32 29.05
CA ASP H 478 -29.60 -15.91 28.01
C ASP H 478 -29.10 -14.56 27.52
N TYR H 479 -28.49 -14.55 26.34
CA TYR H 479 -27.84 -13.35 25.83
C TYR H 479 -28.84 -12.34 25.30
N ALA H 480 -29.96 -12.82 24.73
CA ALA H 480 -30.99 -11.88 24.26
C ALA H 480 -31.58 -11.10 25.42
N LYS H 481 -31.87 -11.77 26.53
CA LYS H 481 -32.41 -11.12 27.70
C LYS H 481 -31.35 -10.54 28.62
N ASN H 482 -30.07 -10.77 28.34
CA ASN H 482 -28.98 -10.22 29.13
C ASN H 482 -29.06 -10.69 30.59
N SER H 483 -29.14 -12.02 30.75
CA SER H 483 -29.31 -12.62 32.05
C SER H 483 -28.44 -13.87 32.17
N VAL H 484 -28.15 -14.22 33.43
CA VAL H 484 -27.37 -15.41 33.77
C VAL H 484 -28.13 -16.17 34.85
N ASP H 485 -28.25 -17.48 34.67
CA ASP H 485 -28.99 -18.36 35.56
C ASP H 485 -28.06 -19.39 36.15
N LEU H 486 -28.38 -19.82 37.38
CA LEU H 486 -27.62 -20.86 38.08
C LEU H 486 -28.60 -21.88 38.64
N GLN H 487 -28.52 -23.11 38.15
CA GLN H 487 -29.32 -24.21 38.63
C GLN H 487 -28.53 -24.95 39.69
N LEU H 488 -29.07 -24.98 40.92
CA LEU H 488 -28.45 -25.63 42.06
C LEU H 488 -29.16 -26.95 42.32
N ASP H 489 -28.38 -28.03 42.37
CA ASP H 489 -28.89 -29.37 42.61
C ASP H 489 -28.07 -30.04 43.70
N GLY H 490 -28.70 -30.95 44.43
CA GLY H 490 -28.02 -31.64 45.51
C GLY H 490 -27.63 -30.69 46.63
N LEU H 491 -28.56 -29.83 47.04
CA LEU H 491 -28.27 -28.89 48.12
C LEU H 491 -28.04 -29.64 49.43
N ARG H 492 -27.20 -29.06 50.27
CA ARG H 492 -26.85 -29.60 51.58
C ARG H 492 -26.78 -28.44 52.55
N PRO H 493 -26.86 -28.71 53.87
CA PRO H 493 -26.97 -27.61 54.83
C PRO H 493 -25.83 -26.60 54.79
N GLU H 494 -24.63 -26.99 54.39
CA GLU H 494 -23.52 -26.04 54.29
C GLU H 494 -23.48 -25.31 52.95
N ASP H 495 -24.59 -25.28 52.20
CA ASP H 495 -24.75 -24.38 51.07
C ASP H 495 -25.47 -23.10 51.44
N THR H 496 -25.90 -22.95 52.69
CA THR H 496 -26.59 -21.74 53.11
C THR H 496 -25.63 -20.56 53.05
N ALA H 497 -26.02 -19.53 52.30
CA ALA H 497 -25.16 -18.37 52.07
C ALA H 497 -25.89 -17.34 51.23
N VAL H 498 -25.26 -16.17 51.08
CA VAL H 498 -25.76 -15.13 50.19
C VAL H 498 -25.09 -15.33 48.83
N TYR H 499 -25.92 -15.51 47.80
CA TYR H 499 -25.45 -15.75 46.44
C TYR H 499 -25.49 -14.43 45.67
N TYR H 500 -24.36 -14.06 45.09
CA TYR H 500 -24.17 -12.80 44.39
C TYR H 500 -23.98 -13.03 42.90
N CYS H 501 -24.51 -12.10 42.12
CA CYS H 501 -24.35 -12.07 40.67
C CYS H 501 -23.31 -11.01 40.33
N ALA H 502 -22.39 -11.35 39.43
CA ALA H 502 -21.34 -10.43 39.03
C ALA H 502 -21.17 -10.46 37.52
N ALA H 503 -20.72 -9.34 36.97
CA ALA H 503 -20.44 -9.22 35.55
C ALA H 503 -19.22 -8.34 35.38
N GLY H 504 -18.32 -8.74 34.48
CA GLY H 504 -17.16 -7.92 34.24
C GLY H 504 -16.26 -8.55 33.19
N ALA H 505 -15.19 -7.82 32.89
CA ALA H 505 -14.11 -8.35 32.07
C ALA H 505 -13.06 -8.94 33.01
N GLY H 506 -12.71 -10.19 32.79
CA GLY H 506 -11.90 -10.87 33.78
C GLY H 506 -10.44 -10.54 33.60
N PHE H 507 -9.99 -9.53 34.33
CA PHE H 507 -8.62 -9.05 34.30
C PHE H 507 -7.93 -9.56 35.57
N TRP H 508 -6.84 -10.30 35.38
CA TRP H 508 -6.13 -11.02 36.44
C TRP H 508 -7.00 -12.09 37.12
N GLY H 509 -8.18 -12.37 36.58
CA GLY H 509 -9.22 -13.08 37.33
C GLY H 509 -9.94 -14.18 36.60
N LEU H 510 -11.28 -14.06 36.55
CA LEU H 510 -12.29 -15.08 36.32
C LEU H 510 -12.54 -15.94 37.55
N ARG H 511 -11.73 -15.82 38.60
CA ARG H 511 -11.95 -16.51 39.86
C ARG H 511 -11.85 -15.56 41.05
N THR H 512 -11.43 -14.31 40.84
CA THR H 512 -11.26 -13.33 41.89
C THR H 512 -12.34 -12.27 41.78
N ALA H 513 -12.93 -11.92 42.93
CA ALA H 513 -13.99 -10.93 42.95
C ALA H 513 -13.52 -9.58 42.46
N SER H 514 -12.23 -9.27 42.59
CA SER H 514 -11.72 -7.96 42.22
C SER H 514 -11.81 -7.70 40.72
N SER H 515 -11.89 -8.74 39.90
CA SER H 515 -11.94 -8.56 38.45
C SER H 515 -13.32 -8.14 37.95
N TYR H 516 -14.36 -8.28 38.76
CA TYR H 516 -15.73 -7.95 38.35
C TYR H 516 -16.09 -6.57 38.87
N HIS H 517 -16.51 -5.69 37.96
CA HIS H 517 -16.84 -4.32 38.31
C HIS H 517 -18.29 -4.14 38.76
N TYR H 518 -19.20 -4.98 38.29
CA TYR H 518 -20.63 -4.88 38.59
C TYR H 518 -21.05 -6.05 39.46
N TRP H 519 -21.87 -5.75 40.47
CA TRP H 519 -22.33 -6.75 41.42
C TRP H 519 -23.80 -6.55 41.72
N GLY H 520 -24.49 -7.65 42.00
CA GLY H 520 -25.86 -7.59 42.45
C GLY H 520 -25.93 -7.36 43.95
N GLN H 521 -27.16 -7.20 44.44
CA GLN H 521 -27.36 -6.97 45.86
C GLN H 521 -27.09 -8.24 46.65
N GLY H 522 -27.39 -9.39 46.09
CA GLY H 522 -27.25 -10.67 46.73
C GLY H 522 -28.61 -11.21 47.15
N THR H 523 -28.78 -12.53 47.03
CA THR H 523 -30.00 -13.20 47.43
C THR H 523 -29.66 -14.29 48.44
N GLN H 524 -30.39 -14.33 49.55
CA GLN H 524 -30.15 -15.34 50.56
C GLN H 524 -30.62 -16.70 50.07
N VAL H 525 -29.90 -17.74 50.45
CA VAL H 525 -30.34 -19.12 50.26
C VAL H 525 -30.05 -19.85 51.56
N THR H 526 -31.05 -20.58 52.07
CA THR H 526 -30.93 -21.36 53.28
C THR H 526 -31.42 -22.77 53.01
N VAL H 527 -30.69 -23.75 53.54
CA VAL H 527 -31.01 -25.16 53.43
C VAL H 527 -31.26 -25.69 54.84
N SER H 528 -32.44 -26.28 55.05
CA SER H 528 -32.84 -26.77 56.36
C SER H 528 -32.98 -28.29 56.31
N SER H 529 -32.33 -28.97 57.24
CA SER H 529 -32.37 -30.43 57.32
C SER H 529 -33.50 -30.89 58.24
N GLN I 1 -3.20 17.03 -36.58
CA GLN I 1 -4.01 16.10 -37.40
C GLN I 1 -3.33 14.74 -37.52
N VAL I 2 -4.12 13.69 -37.75
CA VAL I 2 -3.62 12.34 -37.96
C VAL I 2 -4.25 11.78 -39.22
N GLN I 3 -3.44 11.08 -40.02
CA GLN I 3 -3.88 10.45 -41.25
C GLN I 3 -3.57 8.96 -41.20
N LEU I 4 -4.48 8.16 -41.74
CA LEU I 4 -4.28 6.74 -41.96
C LEU I 4 -4.00 6.57 -43.45
N GLN I 5 -2.72 6.57 -43.82
CA GLN I 5 -2.34 6.58 -45.23
C GLN I 5 -2.24 5.15 -45.75
N GLU I 6 -2.87 4.90 -46.89
CA GLU I 6 -2.94 3.58 -47.50
C GLU I 6 -2.02 3.48 -48.70
N SER I 7 -1.63 2.24 -49.00
CA SER I 7 -0.91 1.92 -50.22
C SER I 7 -1.36 0.55 -50.71
N GLY I 8 -1.31 0.36 -52.02
CA GLY I 8 -1.72 -0.90 -52.60
C GLY I 8 -2.14 -0.71 -54.05
N GLY I 9 -2.09 -1.82 -54.79
CA GLY I 9 -2.42 -1.79 -56.20
C GLY I 9 -3.90 -1.56 -56.45
N GLY I 10 -4.21 -1.21 -57.69
CA GLY I 10 -5.55 -0.88 -58.11
C GLY I 10 -6.13 -1.80 -59.16
N LEU I 11 -5.26 -2.37 -60.00
CA LEU I 11 -5.66 -3.22 -61.12
C LEU I 11 -5.13 -4.62 -60.88
N VAL I 12 -6.00 -5.63 -61.05
CA VAL I 12 -5.55 -7.03 -61.07
C VAL I 12 -6.37 -7.79 -62.11
N GLN I 13 -5.78 -8.89 -62.57
CA GLN I 13 -6.42 -9.74 -63.59
C GLN I 13 -7.42 -10.69 -62.95
N GLY I 422 -5.84 -12.76 -58.81
CA GLY I 422 -4.46 -12.85 -58.37
C GLY I 422 -4.29 -12.62 -56.88
N SER I 423 -3.16 -12.04 -56.51
CA SER I 423 -2.83 -11.74 -55.12
C SER I 423 -2.43 -10.27 -55.00
N LEU I 424 -2.71 -9.67 -53.85
CA LEU I 424 -2.45 -8.27 -53.62
C LEU I 424 -2.16 -8.04 -52.14
N ARG I 425 -1.54 -6.91 -51.83
CA ARG I 425 -1.28 -6.50 -50.45
C ARG I 425 -1.60 -5.03 -50.30
N VAL I 426 -2.42 -4.71 -49.30
CA VAL I 426 -2.83 -3.34 -49.02
C VAL I 426 -2.33 -2.98 -47.63
N SER I 427 -1.48 -1.97 -47.55
CA SER I 427 -0.89 -1.52 -46.29
C SER I 427 -1.55 -0.22 -45.85
N CYS I 428 -1.53 0.02 -44.54
CA CYS I 428 -2.14 1.21 -43.94
C CYS I 428 -1.33 1.63 -42.73
N ALA I 429 -0.68 2.78 -42.82
CA ALA I 429 0.21 3.28 -41.77
C ALA I 429 -0.44 4.46 -41.05
N ALA I 430 -0.12 4.61 -39.77
CA ALA I 430 -0.65 5.68 -38.94
C ALA I 430 0.46 6.27 -38.08
N SER I 431 0.24 7.50 -37.62
CA SER I 431 1.21 8.19 -36.78
C SER I 431 0.57 9.43 -36.19
N GLY I 432 1.18 9.94 -35.13
CA GLY I 432 0.74 11.20 -34.52
C GLY I 432 -0.21 10.99 -33.36
N ARG I 433 0.15 10.11 -32.43
CA ARG I 433 -0.68 9.79 -31.29
C ARG I 433 0.10 8.96 -30.29
N THR I 434 -0.03 9.33 -29.00
CA THR I 434 0.32 8.41 -27.92
C THR I 434 -0.70 7.31 -27.75
N PHE I 435 -1.90 7.48 -28.32
CA PHE I 435 -2.95 6.48 -28.19
C PHE I 435 -2.56 5.23 -28.97
N THR I 436 -2.65 4.07 -28.34
CA THR I 436 -2.34 2.81 -29.01
C THR I 436 -3.51 1.85 -28.94
N THR I 437 -4.19 1.81 -27.80
CA THR I 437 -5.15 0.74 -27.51
C THR I 437 -6.36 0.86 -28.42
N TYR I 438 -6.14 0.49 -29.69
CA TYR I 438 -7.18 0.44 -30.72
C TYR I 438 -7.11 -0.88 -31.48
N ILE I 439 -8.29 -1.43 -31.77
CA ILE I 439 -8.42 -2.42 -32.83
C ILE I 439 -8.27 -1.71 -34.16
N MET I 440 -7.58 -2.36 -35.11
CA MET I 440 -7.41 -1.82 -36.46
C MET I 440 -8.07 -2.76 -37.45
N ALA I 441 -8.90 -2.19 -38.34
CA ALA I 441 -9.80 -2.98 -39.17
C ALA I 441 -9.86 -2.44 -40.58
N TRP I 442 -10.45 -3.25 -41.46
CA TRP I 442 -10.65 -2.94 -42.86
C TRP I 442 -12.12 -3.06 -43.21
N PHE I 443 -12.62 -2.11 -43.98
CA PHE I 443 -13.99 -2.09 -44.46
C PHE I 443 -14.01 -1.94 -45.97
N ARG I 444 -15.09 -2.38 -46.57
CA ARG I 444 -15.23 -2.44 -48.02
C ARG I 444 -16.52 -1.74 -48.43
N GLN I 445 -16.43 -0.95 -49.51
CA GLN I 445 -17.56 -0.30 -50.15
C GLN I 445 -17.61 -0.75 -51.60
N ALA I 446 -18.63 -1.55 -51.92
CA ALA I 446 -18.96 -1.86 -53.30
C ALA I 446 -19.91 -0.80 -53.85
N PRO I 447 -20.12 -0.75 -55.16
CA PRO I 447 -21.15 0.16 -55.70
C PRO I 447 -22.52 -0.17 -55.13
N GLY I 448 -23.08 0.77 -54.37
CA GLY I 448 -24.34 0.57 -53.67
C GLY I 448 -24.41 1.23 -52.30
N LYS I 449 -23.28 1.76 -51.81
CA LYS I 449 -23.23 2.48 -50.54
C LYS I 449 -23.62 1.58 -49.37
N GLU I 450 -22.78 0.56 -49.14
CA GLU I 450 -22.89 -0.26 -47.95
C GLU I 450 -21.49 -0.60 -47.43
N ARG I 451 -21.27 -0.43 -46.13
CA ARG I 451 -20.02 -0.79 -45.50
C ARG I 451 -20.03 -2.27 -45.13
N GLU I 452 -18.95 -2.97 -45.46
CA GLU I 452 -18.80 -4.40 -45.18
C GLU I 452 -17.50 -4.60 -44.41
N PHE I 453 -17.62 -5.05 -43.16
CA PHE I 453 -16.46 -5.42 -42.37
C PHE I 453 -15.73 -6.58 -43.03
N LEU I 454 -14.39 -6.48 -43.12
CA LEU I 454 -13.58 -7.52 -43.72
C LEU I 454 -12.70 -8.22 -42.69
N ALA I 455 -11.87 -7.47 -41.98
CA ALA I 455 -10.97 -8.06 -41.00
C ALA I 455 -10.64 -7.00 -39.96
N ALA I 456 -10.18 -7.48 -38.81
CA ALA I 456 -9.75 -6.61 -37.72
C ALA I 456 -8.70 -7.35 -36.92
N MET I 457 -7.85 -6.58 -36.24
CA MET I 457 -6.80 -7.14 -35.42
C MET I 457 -6.71 -6.35 -34.13
N ASP I 458 -6.53 -7.10 -33.04
CA ASP I 458 -6.69 -6.65 -31.67
C ASP I 458 -5.34 -6.11 -31.17
N GLN I 459 -5.28 -5.60 -29.94
CA GLN I 459 -3.99 -5.40 -29.30
C GLN I 459 -3.37 -6.69 -28.78
N GLY I 460 -4.18 -7.74 -28.60
CA GLY I 460 -3.69 -9.05 -28.27
C GLY I 460 -3.31 -9.90 -29.45
N ARG I 461 -3.20 -9.30 -30.64
CA ARG I 461 -2.84 -9.99 -31.88
C ARG I 461 -3.90 -11.00 -32.30
N ILE I 462 -5.12 -10.84 -31.79
CA ILE I 462 -6.23 -11.70 -32.21
C ILE I 462 -6.85 -11.13 -33.46
N GLN I 463 -7.12 -11.99 -34.44
CA GLN I 463 -7.60 -11.60 -35.75
C GLN I 463 -9.05 -12.05 -35.89
N TYR I 464 -9.93 -11.09 -36.16
CA TYR I 464 -11.33 -11.35 -36.46
C TYR I 464 -11.53 -11.16 -37.96
N TYR I 465 -12.33 -12.03 -38.57
CA TYR I 465 -12.57 -12.00 -40.00
C TYR I 465 -14.06 -12.10 -40.27
N GLY I 466 -14.49 -11.45 -41.35
CA GLY I 466 -15.86 -11.62 -41.80
C GLY I 466 -16.08 -12.99 -42.41
N ASP I 467 -17.34 -13.44 -42.36
CA ASP I 467 -17.67 -14.76 -42.87
C ASP I 467 -17.43 -14.87 -44.36
N SER I 468 -17.73 -13.79 -45.11
CA SER I 468 -17.58 -13.83 -46.56
C SER I 468 -16.12 -14.03 -46.97
N VAL I 469 -15.19 -13.40 -46.24
CA VAL I 469 -13.79 -13.35 -46.62
C VAL I 469 -12.95 -14.12 -45.60
N ARG I 470 -13.53 -15.15 -45.01
CA ARG I 470 -12.80 -15.98 -44.05
C ARG I 470 -11.93 -16.98 -44.79
N GLY I 471 -10.65 -17.03 -44.43
CA GLY I 471 -9.70 -17.92 -45.06
C GLY I 471 -9.08 -17.40 -46.34
N ARG I 472 -9.60 -16.30 -46.89
CA ARG I 472 -9.07 -15.70 -48.11
C ARG I 472 -8.15 -14.53 -47.82
N PHE I 473 -8.64 -13.52 -47.09
CA PHE I 473 -7.86 -12.35 -46.75
C PHE I 473 -7.29 -12.52 -45.35
N THR I 474 -6.03 -12.13 -45.18
CA THR I 474 -5.34 -12.25 -43.90
C THR I 474 -4.84 -10.88 -43.46
N ILE I 475 -5.14 -10.53 -42.21
CA ILE I 475 -4.74 -9.24 -41.63
C ILE I 475 -3.55 -9.46 -40.72
N SER I 476 -2.68 -8.45 -40.66
CA SER I 476 -1.53 -8.46 -39.77
C SER I 476 -1.25 -7.03 -39.33
N ARG I 477 -0.51 -6.90 -38.23
CA ARG I 477 -0.19 -5.58 -37.69
C ARG I 477 1.29 -5.52 -37.34
N ASP I 478 1.95 -4.46 -37.78
CA ASP I 478 3.30 -4.11 -37.34
C ASP I 478 3.12 -3.02 -36.29
N TYR I 479 3.23 -3.42 -35.01
CA TYR I 479 2.99 -2.48 -33.92
C TYR I 479 4.09 -1.44 -33.78
N ALA I 480 5.35 -1.83 -34.00
CA ALA I 480 6.45 -0.87 -33.95
C ALA I 480 6.30 0.19 -35.04
N LYS I 481 5.96 -0.24 -36.25
CA LYS I 481 5.74 0.69 -37.35
C LYS I 481 4.36 1.33 -37.30
N ASN I 482 3.45 0.84 -36.45
CA ASN I 482 2.11 1.40 -36.33
C ASN I 482 1.35 1.30 -37.66
N SER I 483 1.34 0.09 -38.22
CA SER I 483 0.70 -0.17 -39.50
C SER I 483 -0.09 -1.46 -39.43
N VAL I 484 -1.06 -1.58 -40.33
CA VAL I 484 -1.87 -2.78 -40.51
C VAL I 484 -1.85 -3.14 -41.98
N ASP I 485 -1.57 -4.40 -42.27
CA ASP I 485 -1.48 -4.92 -43.63
C ASP I 485 -2.60 -5.94 -43.86
N LEU I 486 -3.06 -6.01 -45.10
CA LEU I 486 -4.09 -6.97 -45.50
C LEU I 486 -3.62 -7.65 -46.79
N GLN I 487 -3.33 -8.94 -46.69
CA GLN I 487 -2.96 -9.75 -47.83
C GLN I 487 -4.23 -10.36 -48.41
N LEU I 488 -4.53 -10.02 -49.67
CA LEU I 488 -5.71 -10.48 -50.39
C LEU I 488 -5.30 -11.58 -51.36
N ASP I 489 -5.99 -12.73 -51.27
CA ASP I 489 -5.73 -13.85 -52.15
C ASP I 489 -7.07 -14.41 -52.62
N GLY I 490 -7.05 -15.06 -53.78
CA GLY I 490 -8.26 -15.60 -54.36
C GLY I 490 -9.25 -14.54 -54.78
N LEU I 491 -8.77 -13.47 -55.40
CA LEU I 491 -9.65 -12.40 -55.83
C LEU I 491 -10.55 -12.85 -56.97
N ARG I 492 -11.75 -12.28 -57.01
CA ARG I 492 -12.76 -12.59 -58.03
C ARG I 492 -13.39 -11.28 -58.49
N PRO I 493 -14.14 -11.28 -59.61
CA PRO I 493 -14.71 -10.00 -60.09
C PRO I 493 -15.63 -9.32 -59.09
N GLU I 494 -16.31 -10.07 -58.24
CA GLU I 494 -17.21 -9.48 -57.26
C GLU I 494 -16.48 -8.76 -56.13
N ASP I 495 -15.14 -8.89 -56.03
CA ASP I 495 -14.38 -8.22 -54.98
C ASP I 495 -14.01 -6.79 -55.34
N THR I 496 -14.29 -6.32 -56.56
CA THR I 496 -13.97 -4.95 -56.93
C THR I 496 -14.72 -3.97 -56.04
N ALA I 497 -13.99 -3.04 -55.43
CA ALA I 497 -14.56 -2.17 -54.41
C ALA I 497 -13.48 -1.18 -53.95
N VAL I 498 -13.88 -0.26 -53.08
CA VAL I 498 -12.96 0.67 -52.44
C VAL I 498 -12.82 0.26 -50.98
N TYR I 499 -11.57 0.14 -50.53
CA TYR I 499 -11.22 -0.40 -49.22
C TYR I 499 -10.76 0.73 -48.32
N TYR I 500 -11.33 0.79 -47.12
CA TYR I 500 -11.01 1.81 -46.12
C TYR I 500 -10.35 1.16 -44.92
N CYS I 501 -9.34 1.85 -44.40
CA CYS I 501 -8.63 1.48 -43.19
C CYS I 501 -9.19 2.27 -42.02
N ALA I 502 -9.54 1.58 -40.94
CA ALA I 502 -10.09 2.20 -39.74
C ALA I 502 -9.29 1.77 -38.52
N ALA I 503 -9.19 2.67 -37.55
CA ALA I 503 -8.54 2.38 -36.28
C ALA I 503 -9.37 3.01 -35.17
N GLY I 504 -9.60 2.26 -34.11
CA GLY I 504 -10.36 2.82 -33.00
C GLY I 504 -10.58 1.79 -31.93
N ALA I 505 -11.07 2.28 -30.79
CA ALA I 505 -11.46 1.39 -29.71
C ALA I 505 -12.82 0.80 -30.02
N GLY I 506 -12.96 -0.51 -29.81
CA GLY I 506 -14.21 -1.16 -30.13
C GLY I 506 -15.19 -1.04 -28.99
N PHE I 507 -16.05 -0.03 -29.05
CA PHE I 507 -17.07 0.23 -28.05
C PHE I 507 -18.42 0.03 -28.71
N TRP I 508 -19.20 -0.92 -28.19
CA TRP I 508 -20.43 -1.42 -28.78
C TRP I 508 -20.23 -2.03 -30.17
N GLY I 509 -18.98 -2.25 -30.59
CA GLY I 509 -18.66 -2.56 -31.97
C GLY I 509 -17.68 -3.69 -32.15
N LEU I 510 -16.59 -3.39 -32.85
CA LEU I 510 -15.57 -4.28 -33.38
C LEU I 510 -16.04 -4.97 -34.67
N ARG I 511 -17.30 -4.81 -35.07
CA ARG I 511 -17.79 -5.22 -36.39
C ARG I 511 -18.61 -4.14 -37.07
N THR I 512 -18.98 -3.07 -36.38
CA THR I 512 -19.78 -1.98 -36.94
C THR I 512 -18.90 -0.75 -37.11
N ALA I 513 -19.15 -0.01 -38.20
CA ALA I 513 -18.28 1.11 -38.55
C ALA I 513 -18.32 2.22 -37.51
N SER I 514 -19.44 2.36 -36.80
CA SER I 514 -19.62 3.51 -35.91
C SER I 514 -18.63 3.52 -34.75
N SER I 515 -18.04 2.38 -34.39
CA SER I 515 -17.14 2.31 -33.25
C SER I 515 -15.74 2.82 -33.54
N TYR I 516 -15.40 3.09 -34.81
CA TYR I 516 -14.08 3.57 -35.19
C TYR I 516 -14.15 5.07 -35.46
N HIS I 517 -13.31 5.83 -34.77
CA HIS I 517 -13.31 7.29 -34.87
C HIS I 517 -12.25 7.82 -35.83
N TYR I 518 -11.48 6.96 -36.49
CA TYR I 518 -10.47 7.36 -37.46
C TYR I 518 -10.63 6.53 -38.73
N TRP I 519 -10.60 7.22 -39.87
CA TRP I 519 -10.74 6.59 -41.17
C TRP I 519 -9.76 7.24 -42.13
N GLY I 520 -9.43 6.51 -43.20
CA GLY I 520 -8.51 6.98 -44.21
C GLY I 520 -9.21 7.41 -45.49
N GLN I 521 -8.38 7.78 -46.46
CA GLN I 521 -8.91 8.22 -47.76
C GLN I 521 -9.62 7.07 -48.48
N GLY I 522 -9.04 5.89 -48.44
CA GLY I 522 -9.54 4.74 -49.16
C GLY I 522 -8.73 4.46 -50.41
N THR I 523 -8.72 3.19 -50.82
CA THR I 523 -7.98 2.75 -52.00
C THR I 523 -8.87 1.86 -52.86
N GLN I 524 -8.86 2.11 -54.16
CA GLN I 524 -9.67 1.31 -55.09
C GLN I 524 -8.95 0.02 -55.44
N VAL I 525 -9.73 -1.04 -55.67
CA VAL I 525 -9.21 -2.28 -56.24
C VAL I 525 -10.25 -2.81 -57.21
N THR I 526 -9.77 -3.28 -58.37
CA THR I 526 -10.62 -3.77 -59.44
C THR I 526 -10.01 -5.04 -60.02
N VAL I 527 -10.88 -5.97 -60.41
CA VAL I 527 -10.50 -7.25 -60.99
C VAL I 527 -11.07 -7.31 -62.40
N SER I 528 -10.23 -7.64 -63.37
CA SER I 528 -10.61 -7.75 -64.77
C SER I 528 -10.33 -9.15 -65.27
N SER I 529 -11.34 -9.80 -65.83
CA SER I 529 -11.21 -11.15 -66.39
C SER I 529 -11.10 -11.09 -67.90
C1 NAG J . 3.99 -25.91 3.57
C2 NAG J . 4.73 -26.53 2.39
C3 NAG J . 4.02 -26.16 1.09
C4 NAG J . 2.56 -26.55 1.16
C5 NAG J . 1.90 -25.92 2.39
C6 NAG J . 0.48 -26.38 2.59
C7 NAG J . 7.16 -26.79 2.64
C8 NAG J . 8.48 -26.10 2.46
N2 NAG J . 6.09 -26.05 2.35
O3 NAG J . 4.67 -26.81 0.01
O4 NAG J . 1.88 -26.07 0.01
O5 NAG J . 2.62 -26.29 3.58
O6 NAG J . 0.44 -27.79 2.77
O7 NAG J . 7.07 -27.93 3.06
C1 NAG J . 1.51 -27.07 -0.88
C2 NAG J . 0.68 -26.44 -2.01
C3 NAG J . 0.26 -27.55 -2.96
C4 NAG J . 1.50 -28.27 -3.47
C5 NAG J . 2.28 -28.83 -2.29
C6 NAG J . 3.57 -29.49 -2.70
C7 NAG J . -1.47 -26.17 -0.81
C8 NAG J . -2.43 -25.15 -0.28
N2 NAG J . -0.42 -25.67 -1.48
O3 NAG J . -0.51 -27.03 -4.03
O4 NAG J . 1.12 -29.35 -4.33
O5 NAG J . 2.63 -27.75 -1.41
O6 NAG J . 4.47 -28.55 -3.27
O7 NAG J . -1.63 -27.37 -0.64
C1 BMA J . 1.33 -29.23 -5.70
C2 BMA J . 1.02 -30.59 -6.24
C3 BMA J . 1.17 -30.62 -7.73
C4 BMA J . 0.31 -29.54 -8.35
C5 BMA J . 0.63 -28.18 -7.76
C6 BMA J . -0.31 -27.11 -8.24
O2 BMA J . -0.30 -30.96 -5.86
O3 BMA J . 0.74 -31.92 -8.13
O4 BMA J . 0.53 -29.47 -9.76
O5 BMA J . 0.51 -28.22 -6.32
O6 BMA J . -0.07 -25.85 -7.61
C1 MAN J . 1.25 -32.42 -9.32
C2 MAN J . 0.48 -33.69 -9.59
C3 MAN J . 0.70 -34.69 -8.49
C4 MAN J . 2.18 -34.96 -8.35
C5 MAN J . 2.92 -33.65 -8.10
C6 MAN J . 4.42 -33.83 -8.07
O2 MAN J . 0.94 -34.25 -10.82
O3 MAN J . 0.00 -35.90 -8.77
O4 MAN J . 2.40 -35.84 -7.25
O5 MAN J . 2.63 -32.73 -9.17
O6 MAN J . 4.85 -34.53 -6.91
C1 MAN J . 0.00 -34.71 -11.73
C2 MAN J . 0.75 -35.51 -12.75
C3 MAN J . 1.76 -34.64 -13.44
C4 MAN J . 1.07 -33.45 -14.07
C5 MAN J . 0.30 -32.69 -13.00
C6 MAN J . -0.51 -31.53 -13.56
O2 MAN J . -0.14 -36.13 -13.68
O3 MAN J . 2.44 -35.39 -14.44
O4 MAN J . 2.00 -32.58 -14.70
O5 MAN J . -0.64 -33.58 -12.36
O6 MAN J . -1.31 -31.96 -14.65
C1 MAN J . -0.69 -37.33 -13.26
C2 MAN J . -1.14 -38.16 -14.44
C3 MAN J . -2.39 -37.57 -15.06
C4 MAN J . -3.46 -37.42 -14.01
C5 MAN J . -2.95 -36.60 -12.83
C6 MAN J . -3.94 -36.53 -11.69
O2 MAN J . -1.37 -39.51 -14.03
O3 MAN J . -2.83 -38.44 -16.10
O4 MAN J . -4.59 -36.75 -14.58
O5 MAN J . -1.75 -37.19 -12.31
O6 MAN J . -3.41 -35.76 -10.61
C1 MAN J . -1.04 -24.88 -7.94
C2 MAN J . -0.69 -23.59 -7.25
C3 MAN J . -0.65 -23.75 -5.77
C4 MAN J . -2.00 -24.27 -5.31
C5 MAN J . -2.31 -25.57 -6.05
C6 MAN J . -3.66 -26.17 -5.75
O2 MAN J . -1.66 -22.60 -7.56
O3 MAN J . -0.37 -22.47 -5.23
O4 MAN J . -1.97 -24.54 -3.91
O5 MAN J . -2.29 -25.35 -7.46
O6 MAN J . -3.76 -27.43 -6.38
C1 MAN J . -5.00 -27.69 -6.96
C2 MAN J . -5.11 -29.17 -7.20
C3 MAN J . -4.09 -29.62 -8.22
C4 MAN J . -4.26 -28.83 -9.50
C5 MAN J . -4.17 -27.34 -9.21
C6 MAN J . -4.45 -26.50 -10.42
O2 MAN J . -6.43 -29.53 -7.61
O3 MAN J . -4.25 -31.01 -8.46
O4 MAN J . -3.26 -29.17 -10.45
O5 MAN J . -5.15 -26.98 -8.20
O6 MAN J . -5.63 -26.93 -11.09
C1 MAN J . -7.41 -29.60 -6.63
C2 MAN J . -8.59 -30.35 -7.19
C3 MAN J . -9.31 -29.52 -8.23
C4 MAN J . -9.72 -28.19 -7.63
C5 MAN J . -8.50 -27.48 -7.05
C6 MAN J . -8.85 -26.20 -6.33
O2 MAN J . -9.46 -30.73 -6.14
O3 MAN J . -10.46 -30.23 -8.69
O4 MAN J . -10.30 -27.36 -8.62
O5 MAN J . -7.83 -28.34 -6.10
O6 MAN J . -7.71 -25.64 -5.69
C1 MAN J . 0.40 -22.45 -4.07
C2 MAN J . 0.54 -21.02 -3.60
C3 MAN J . 1.35 -20.21 -4.56
C4 MAN J . 2.71 -20.88 -4.78
C5 MAN J . 2.51 -22.31 -5.23
C6 MAN J . 3.81 -23.08 -5.33
O2 MAN J . 1.13 -21.01 -2.30
O3 MAN J . 1.55 -18.90 -4.03
O4 MAN J . 3.43 -20.17 -5.78
O5 MAN J . 1.69 -23.02 -4.29
O6 MAN J . 3.57 -24.44 -5.67
C1 NAG K . 32.32 -33.91 -6.75
C2 NAG K . 33.52 -33.58 -7.61
C3 NAG K . 34.78 -33.49 -6.74
C4 NAG K . 34.57 -32.53 -5.60
C5 NAG K . 33.31 -32.91 -4.82
C6 NAG K . 32.97 -31.92 -3.73
C7 NAG K . 33.40 -34.31 -9.95
C8 NAG K . 33.64 -35.45 -10.90
N2 NAG K . 33.71 -34.55 -8.67
O3 NAG K . 35.88 -33.07 -7.55
O4 NAG K . 35.69 -32.55 -4.73
O5 NAG K . 32.19 -32.95 -5.70
O6 NAG K . 32.97 -30.59 -4.22
O7 NAG K . 32.94 -33.25 -10.33
C1 NAG K . 36.38 -31.60 -3.91
C2 NAG K . 37.39 -31.55 -2.76
C3 NAG K . 37.92 -30.12 -2.60
C4 NAG K . 38.48 -29.61 -3.92
C5 NAG K . 37.42 -29.74 -5.01
C6 NAG K . 37.94 -29.36 -6.39
C7 NAG K . 36.56 -33.29 -1.20
C8 NAG K . 36.97 -34.33 -2.21
N2 NAG K . 36.80 -32.01 -1.52
O3 NAG K . 38.94 -30.11 -1.61
O4 NAG K . 38.86 -28.24 -3.79
O5 NAG K . 36.99 -31.11 -5.11
O6 NAG K . 38.48 -30.48 -7.06
O7 NAG K . 36.06 -33.60 -0.12
C1 BMA K . 40.24 -27.80 -3.65
C2 BMA K . 40.78 -26.36 -3.50
C3 BMA K . 42.29 -26.37 -3.28
C4 BMA K . 42.69 -27.37 -2.19
C5 BMA K . 42.12 -28.76 -2.55
C6 BMA K . 42.47 -29.82 -1.50
O2 BMA K . 40.19 -25.72 -2.37
O3 BMA K . 42.77 -25.08 -2.94
O4 BMA K . 44.09 -27.45 -2.09
O5 BMA K . 40.69 -28.65 -2.61
O6 BMA K . 41.87 -29.43 -0.27
C1 NAG L . 23.61 -9.05 17.06
C2 NAG L . 25.11 -9.21 17.31
C3 NAG L . 25.40 -10.62 17.83
C4 NAG L . 24.60 -10.90 19.08
C5 NAG L . 23.12 -10.69 18.77
C6 NAG L . 22.25 -10.84 19.98
C7 NAG L . 25.95 -7.96 15.32
C8 NAG L . 26.59 -8.16 13.98
N2 NAG L . 25.93 -9.02 16.13
O3 NAG L . 26.79 -10.72 18.09
O4 NAG L . 24.75 -12.25 19.51
O5 NAG L . 22.91 -9.36 18.25
O6 NAG L . 22.74 -10.03 21.04
O7 NAG L . 25.49 -6.88 15.67
C1 NAG L . 25.74 -12.67 20.40
C2 NAG L . 25.35 -14.08 20.86
C3 NAG L . 26.43 -14.61 21.80
C4 NAG L . 27.78 -14.58 21.11
C5 NAG L . 28.07 -13.16 20.64
C6 NAG L . 29.35 -13.05 19.85
C7 NAG L . 23.01 -14.73 21.04
C8 NAG L . 21.83 -14.83 21.96
N2 NAG L . 24.08 -14.12 21.54
O3 NAG L . 26.10 -15.93 22.18
O4 NAG L . 28.77 -14.98 22.04
O5 NAG L . 27.01 -12.69 19.79
O6 NAG L . 29.64 -11.70 19.54
O7 NAG L . 23.00 -15.19 19.90
C1 BMA L . 29.65 -16.00 21.66
C2 BMA L . 30.88 -15.92 22.51
C3 BMA L . 31.86 -16.98 22.09
C4 BMA L . 31.21 -18.33 22.20
C5 BMA L . 29.95 -18.36 21.35
C6 BMA L . 29.18 -19.64 21.50
O2 BMA L . 30.53 -16.08 23.88
O3 BMA L . 33.01 -16.90 22.93
O4 BMA L . 32.09 -19.33 21.71
O5 BMA L . 29.07 -17.29 21.77
O6 BMA L . 28.88 -19.86 22.87
C1 MAN L . 28.31 -21.11 23.14
C2 MAN L . 27.89 -21.10 24.58
C3 MAN L . 29.12 -20.97 25.47
C4 MAN L . 30.09 -22.10 25.16
C5 MAN L . 30.45 -22.07 23.68
C6 MAN L . 31.34 -23.23 23.29
O2 MAN L . 27.13 -22.27 24.86
O3 MAN L . 28.78 -20.97 26.85
O4 MAN L . 31.28 -21.94 25.92
O5 MAN L . 29.25 -22.16 22.89
O6 MAN L . 31.69 -23.18 21.91
C1 MAN L . 28.01 -19.88 27.26
C2 MAN L . 28.67 -18.59 26.80
C3 MAN L . 30.01 -18.42 27.47
C4 MAN L . 29.85 -18.48 28.98
C5 MAN L . 29.15 -19.78 29.38
C6 MAN L . 28.85 -19.86 30.86
O2 MAN L . 27.81 -17.48 27.05
O3 MAN L . 30.58 -17.16 27.09
O4 MAN L . 31.12 -18.42 29.61
O5 MAN L . 27.89 -19.90 28.67
O6 MAN L . 30.06 -19.97 31.60
C1 MAN L . 33.78 -15.77 22.68
C2 MAN L . 35.04 -16.22 21.98
C3 MAN L . 35.86 -17.10 22.90
C4 MAN L . 36.15 -16.34 24.19
C5 MAN L . 34.85 -15.89 24.83
C6 MAN L . 35.04 -15.03 26.06
O2 MAN L . 35.80 -15.10 21.54
O3 MAN L . 37.07 -17.49 22.27
O4 MAN L . 36.87 -17.17 25.10
O5 MAN L . 34.11 -15.09 23.88
O6 MAN L . 33.79 -14.59 26.56
C1 NAG M . 19.69 -13.26 -28.66
C2 NAG M . 19.54 -12.33 -29.86
C3 NAG M . 19.44 -13.18 -31.13
C4 NAG M . 20.62 -14.13 -31.22
C5 NAG M . 20.71 -14.99 -29.95
C6 NAG M . 21.92 -15.88 -29.93
C7 NAG M . 18.49 -10.15 -29.51
C8 NAG M . 19.88 -9.58 -29.55
N2 NAG M . 18.39 -11.47 -29.72
O3 NAG M . 19.36 -12.32 -32.24
O4 NAG M . 20.45 -15.02 -32.33
O5 NAG M . 20.79 -14.15 -28.78
O6 NAG M . 21.87 -16.86 -30.97
O7 NAG M . 17.50 -9.45 -29.29
C1 NAG M . 20.98 -14.68 -33.58
C2 NAG M . 20.68 -15.83 -34.54
C3 NAG M . 21.22 -15.48 -35.93
C4 NAG M . 20.64 -14.16 -36.40
C5 NAG M . 20.94 -13.08 -35.38
C6 NAG M . 20.30 -11.75 -35.72
C7 NAG M . 22.48 -17.45 -33.99
C8 NAG M . 22.74 -18.90 -33.77
N2 NAG M . 21.19 -17.10 -34.07
O3 NAG M . 20.91 -16.53 -36.83
O4 NAG M . 21.24 -13.81 -37.65
O5 NAG M . 20.44 -13.47 -34.08
O6 NAG M . 18.88 -11.85 -35.74
O7 NAG M . 23.38 -16.62 -34.08
C1 NAG N . -9.64 -28.59 -3.18
C2 NAG N . -8.20 -28.69 -2.67
C3 NAG N . -7.74 -30.14 -2.77
C4 NAG N . -8.70 -31.04 -2.00
C5 NAG N . -10.11 -30.85 -2.55
C6 NAG N . -11.15 -31.65 -1.82
C7 NAG N . -6.59 -26.86 -2.86
C8 NAG N . -5.13 -27.14 -2.67
N2 NAG N . -7.30 -27.84 -3.42
O3 NAG N . -6.41 -30.25 -2.26
O4 NAG N . -8.31 -32.41 -2.16
O5 NAG N . -10.49 -29.46 -2.45
O6 NAG N . -10.80 -31.85 -0.45
O7 NAG N . -7.10 -25.79 -2.51
C1 NAG N . -7.57 -33.06 -1.18
C2 NAG N . -7.77 -34.55 -1.42
C3 NAG N . -6.81 -35.35 -0.56
C4 NAG N . -5.38 -34.89 -0.80
C5 NAG N . -5.26 -33.39 -0.57
C6 NAG N . -3.91 -32.83 -0.93
C7 NAG N . -10.02 -35.30 -2.05
C8 NAG N . -11.42 -35.54 -1.56
N2 NAG N . -9.13 -34.94 -1.13
O3 NAG N . -6.99 -36.72 -0.85
O4 NAG N . -4.48 -35.55 0.08
O5 NAG N . -6.21 -32.69 -1.40
O6 NAG N . -3.68 -32.93 -2.33
O7 NAG N . -9.73 -35.40 -3.24
C1 BMA N . -3.59 -36.50 -0.43
C2 BMA N . -2.50 -36.82 0.57
C3 BMA N . -1.51 -37.81 -0.04
C4 BMA N . -2.25 -39.04 -0.51
C5 BMA N . -3.36 -38.66 -1.49
C6 BMA N . -4.21 -39.84 -1.91
O2 BMA N . -3.07 -37.34 1.76
O3 BMA N . -0.49 -38.17 0.90
O4 BMA N . -1.35 -39.93 -1.15
O5 BMA N . -4.24 -37.71 -0.87
O6 BMA N . -3.44 -40.79 -2.63
C1 MAN N . 0.45 -37.19 1.21
C2 MAN N . 1.74 -37.88 1.60
C3 MAN N . 1.58 -38.61 2.92
C4 MAN N . 1.09 -37.66 3.99
C5 MAN N . -0.20 -36.97 3.54
C6 MAN N . -0.66 -35.91 4.50
O2 MAN N . 2.80 -36.94 1.68
O3 MAN N . 2.83 -39.19 3.30
O4 MAN N . 0.84 -38.37 5.20
O5 MAN N . 0.01 -36.32 2.26
O6 MAN N . 0.36 -34.94 4.74
C1 MAN N . 3.13 -36.30 0.48
C2 MAN N . 3.62 -37.33 -0.52
C3 MAN N . 4.91 -37.94 -0.07
C4 MAN N . 5.95 -36.86 0.17
C5 MAN N . 5.40 -35.84 1.16
C6 MAN N . 6.33 -34.66 1.35
O2 MAN N . 3.74 -36.74 -1.81
O3 MAN N . 5.39 -38.85 -1.07
O4 MAN N . 7.14 -37.43 0.69
O5 MAN N . 4.15 -35.31 0.70
O6 MAN N . 6.64 -34.04 0.09
C1 MAN N . -3.39 -42.14 -2.24
C2 MAN N . -4.47 -42.97 -2.89
C3 MAN N . -5.51 -43.37 -1.87
C4 MAN N . -4.88 -43.95 -0.61
C5 MAN N . -3.77 -43.04 -0.04
C6 MAN N . -2.95 -43.71 1.05
O2 MAN N . -3.89 -44.12 -3.51
O3 MAN N . -6.40 -44.33 -2.45
O4 MAN N . -5.87 -44.13 0.38
O5 MAN N . -2.81 -42.68 -1.06
O6 MAN N . -3.59 -44.86 1.60
C1 MAN N . -4.09 -44.73 2.92
C2 MAN N . -4.44 -46.12 3.40
C3 MAN N . -5.14 -46.08 4.75
C4 MAN N . -6.31 -45.11 4.73
C5 MAN N . -5.91 -43.73 4.18
C6 MAN N . -5.01 -42.94 5.12
O2 MAN N . -3.26 -46.92 3.46
O3 MAN N . -4.20 -45.74 5.78
O4 MAN N . -7.35 -45.65 3.91
O5 MAN N . -5.23 -43.86 2.92
O6 MAN N . -4.64 -41.70 4.55
C1 NAG O . -32.79 -9.99 3.38
C2 NAG O . -34.06 -10.51 4.07
C3 NAG O . -34.63 -11.71 3.31
C4 NAG O . -34.81 -11.37 1.83
C5 NAG O . -33.51 -10.84 1.26
C6 NAG O . -33.63 -10.40 -0.18
C7 NAG O . -33.70 -9.96 6.43
C8 NAG O . -33.42 -10.50 7.80
N2 NAG O . -33.79 -10.86 5.45
O3 NAG O . -35.88 -12.08 3.88
O4 NAG O . -35.20 -12.53 1.11
O5 NAG O . -33.08 -9.69 2.02
O6 NAG O . -34.78 -9.59 -0.38
O7 NAG O . -33.84 -8.76 6.23
C1 NAG O . -36.44 -13.15 0.74
C2 NAG O . -36.35 -14.38 -0.17
C3 NAG O . -37.75 -14.91 -0.46
C4 NAG O . -38.53 -15.14 0.83
C5 NAG O . -38.51 -13.89 1.69
C6 NAG O . -39.14 -14.10 3.04
C7 NAG O . -34.35 -14.33 -1.58
C8 NAG O . -33.78 -13.95 -2.91
N2 NAG O . -35.65 -14.07 -1.39
O3 NAG O . -37.64 -16.13 -1.20
O4 NAG O . -39.87 -15.48 0.52
O5 NAG O . -37.16 -13.47 1.92
O6 NAG O . -38.63 -13.17 4.00
O7 NAG O . -33.65 -14.84 -0.71
C1 BMA O . -40.21 -16.66 1.24
C2 BMA O . -41.74 -16.57 1.31
C3 BMA O . -42.32 -17.96 1.55
C4 BMA O . -41.76 -18.97 0.54
C5 BMA O . -40.23 -18.96 0.61
C6 BMA O . -39.59 -19.92 -0.36
O2 BMA O . -42.29 -16.10 0.10
O3 BMA O . -43.74 -17.96 1.48
O4 BMA O . -42.25 -20.27 0.84
O5 BMA O . -39.78 -17.63 0.30
O6 BMA O . -40.00 -19.57 -1.67
C1 MAN O . -39.79 -20.73 -2.47
C2 MAN O . -39.83 -20.09 -3.87
C3 MAN O . -41.28 -19.75 -4.26
C4 MAN O . -42.22 -20.94 -4.01
C5 MAN O . -42.09 -21.39 -2.55
C6 MAN O . -42.95 -22.59 -2.20
O2 MAN O . -39.37 -21.00 -4.87
O3 MAN O . -41.37 -19.33 -5.61
O4 MAN O . -43.55 -20.55 -4.27
O5 MAN O . -40.73 -21.77 -2.31
O6 MAN O . -42.29 -23.76 -2.68
C1 MAN O . -42.38 -18.39 -6.00
C2 MAN O . -41.68 -17.01 -6.08
C3 MAN O . -42.18 -16.09 -4.97
C4 MAN O . -43.71 -16.09 -4.92
C5 MAN O . -44.20 -17.52 -4.70
C6 MAN O . -45.71 -17.64 -4.60
O2 MAN O . -41.99 -16.34 -7.30
O3 MAN O . -41.68 -14.77 -5.10
O4 MAN O . -44.17 -15.27 -3.86
O5 MAN O . -43.77 -18.32 -5.83
O6 MAN O . -46.29 -17.04 -5.76
C1 MAN O . -44.18 -17.70 2.83
C2 MAN O . -44.93 -18.46 3.93
C3 MAN O . -46.42 -18.53 3.62
C4 MAN O . -46.97 -17.13 3.27
C5 MAN O . -46.16 -16.55 2.11
C6 MAN O . -46.61 -15.15 1.73
O2 MAN O . -44.82 -17.80 5.19
O3 MAN O . -47.16 -19.10 4.70
O4 MAN O . -48.33 -17.22 2.91
O5 MAN O . -44.78 -16.47 2.50
O6 MAN O . -45.92 -14.79 0.53
C1 NAG P . -25.78 -41.82 18.67
C2 NAG P . -25.94 -41.96 20.19
C3 NAG P . -27.37 -41.63 20.58
C4 NAG P . -27.77 -40.25 20.09
C5 NAG P . -27.54 -40.17 18.58
C6 NAG P . -27.74 -38.79 18.02
C7 NAG P . -24.61 -43.52 21.53
C8 NAG P . -24.79 -44.68 22.46
N2 NAG P . -25.62 -43.28 20.70
O3 NAG P . -27.49 -41.70 21.99
O4 NAG P . -29.15 -40.09 20.36
O5 NAG P . -26.18 -40.53 18.26
O6 NAG P . -26.94 -37.84 18.71
O7 NAG P . -23.59 -42.83 21.55
C1 NAG P . -29.71 -38.82 20.53
C2 NAG P . -31.22 -38.84 20.29
C3 NAG P . -31.78 -37.45 20.58
C4 NAG P . -31.41 -37.03 22.00
C5 NAG P . -29.90 -37.08 22.18
C6 NAG P . -29.48 -36.82 23.60
C7 NAG P . -31.30 -40.29 18.27
C8 NAG P . -31.48 -40.25 16.79
N2 NAG P . -31.62 -39.18 18.93
O3 NAG P . -33.19 -37.49 20.41
O4 NAG P . -31.84 -35.68 22.22
O5 NAG P . -29.41 -38.40 21.84
O6 NAG P . -30.03 -37.78 24.47
O7 NAG P . -30.88 -41.29 18.85
C1 BMA P . -32.96 -35.47 23.02
C2 BMA P . -33.04 -34.02 23.43
C3 BMA P . -34.18 -33.83 24.41
C4 BMA P . -35.47 -34.33 23.79
C5 BMA P . -35.32 -35.79 23.36
C6 BMA P . -36.54 -36.33 22.65
O2 BMA P . -33.17 -33.19 22.29
O3 BMA P . -34.30 -32.45 24.75
O4 BMA P . -36.53 -34.24 24.74
O5 BMA P . -34.20 -35.92 22.46
O6 BMA P . -36.89 -35.53 21.52
C1 HEX Q . -15.17 31.24 31.58
C2 HEX Q . -14.58 29.84 31.67
C3 HEX Q . -15.00 29.03 30.45
C4 HEX Q . -14.58 27.57 30.62
C5 HEX Q . -14.92 26.80 29.35
C6 HEX Q . -14.78 25.30 29.60
C1 PIO R . -15.73 48.14 29.70
O1 PIO R . -16.23 47.00 29.04
P1 PIO R . -15.85 45.47 29.52
C2 PIO R . -16.68 48.54 30.84
O2 PIO R . -17.22 47.39 31.45
C3 PIO R . -17.85 49.38 30.32
O3 PIO R . -18.51 48.67 29.31
C4 PIO R . -17.36 50.72 29.75
O4 PIO R . -17.41 51.69 30.76
P4 PIO R . -18.54 52.88 30.64
C5 PIO R . -15.93 50.64 29.22
O5 PIO R . -15.79 51.60 28.21
P5 PIO R . -14.35 52.38 27.95
C6 PIO R . -15.58 49.26 28.66
O6 PIO R . -14.26 49.27 28.20
O11 PIO R . -14.54 45.46 30.28
O12 PIO R . -15.72 44.57 28.33
O13 PIO R . -17.06 44.93 30.52
C1A PIO R . -20.52 42.07 29.73
O1A PIO R . -20.01 41.96 28.67
C1B PIO R . -18.70 42.26 34.25
O1B PIO R . -19.07 42.94 35.15
C1C PIO R . -18.25 44.45 29.96
C2A PIO R . -21.65 41.11 30.12
C2B PIO R . -17.70 41.14 34.52
C2C PIO R . -18.72 43.22 30.74
O2C PIO R . -20.11 43.07 30.61
C3A PIO R . -21.47 39.74 29.48
C3B PIO R . -18.01 39.95 33.62
C3C PIO R . -18.36 43.36 32.21
O3C PIO R . -19.17 42.51 32.96
O41 PIO R . -18.53 53.74 31.87
O42 PIO R . -19.90 52.26 30.46
O43 PIO R . -18.22 53.75 29.43
C4A PIO R . -20.20 39.04 29.98
C4B PIO R . -16.95 38.86 33.84
O51 PIO R . -13.58 51.64 26.90
O52 PIO R . -14.63 53.78 27.48
O53 PIO R . -13.54 52.44 29.22
C5A PIO R . -20.22 37.60 29.46
C5B PIO R . -17.19 37.71 32.87
C6A PIO R . -18.84 36.94 29.57
C6B PIO R . -16.09 36.66 33.05
C7A PIO R . -18.78 35.75 28.61
C7B PIO R . -16.12 35.68 31.87
C8A PIO R . -17.40 35.09 28.69
C8B PIO R . -14.94 34.72 31.99
CAD PGW S . 3.06 3.79 30.50
OAE PGW S . 1.71 3.97 30.17
OAF PGW S . 3.62 4.77 28.39
P PGW S . 5.77 5.61 32.35
C01 PGW S . 4.48 9.30 29.94
C1 PGW S . 2.65 10.09 32.35
O01 PGW S . 4.03 10.26 32.14
C02 PGW S . 4.76 9.27 31.45
C2 PGW S . 1.63 10.81 31.45
O02 PGW S . 2.26 9.39 33.23
C03 PGW S . 4.44 7.87 31.98
C3 PGW S . 0.56 11.46 32.32
O03 PGW S . 5.29 10.32 29.33
C04 PGW S . 5.41 4.51 29.97
C4 PGW S . -0.20 12.51 31.51
O04 PGW S . 5.31 9.17 27.36
C05 PGW S . 3.91 4.82 29.74
C5 PGW S . 0.13 13.94 32.00
C06 PGW S . -0.87 20.89 32.54
C6 PGW S . -0.05 14.92 30.81
C07 PGW S . -2.15 21.68 32.28
C7 PGW S . 0.18 16.37 31.29
C08 PGW S . -1.82 23.07 31.72
C8 PGW S . -1.16 17.10 31.53
C09 PGW S . -2.49 24.15 32.58
C9 PGW S . -0.88 18.62 31.53
C10 PGW S . -1.17 19.38 32.57
C11 PGW S . -2.32 25.52 31.90
O11 PGW S . 5.42 6.98 31.51
C12 PGW S . -1.55 26.51 32.79
O12 PGW S . 5.64 4.29 31.35
C13 PGW S . -0.92 27.61 31.92
O13 PGW S . 4.81 5.45 33.51
C14 PGW S . -0.04 28.51 32.79
O14 PGW S . 7.18 5.71 32.89
C15 PGW S . 7.13 20.75 25.17
C16 PGW S . 5.83 20.77 24.32
C17 PGW S . 6.06 20.08 22.97
C18 PGW S . 4.71 19.86 22.28
C19 PGW S . 5.63 10.14 27.96
C20 PGW S . 6.45 11.22 27.21
C21 PGW S . 6.31 12.59 27.89
C22 PGW S . 6.67 13.65 26.85
C23 PGW S . 6.79 15.04 27.51
C24 PGW S . 7.40 16.00 26.48
C25 PGW S . 7.62 17.40 27.11
C26 PGW S . 7.79 18.48 26.00
C27 PGW S . 7.07 19.79 26.39
C28 PGW S . 4.91 19.48 20.81
C29 PGW S . 3.51 18.87 18.84
C30 PGW S . 3.75 18.61 20.33
O1 PX2 T . -0.94 43.01 37.12
O2 PX2 T . -2.44 41.26 38.00
P1 PX2 T . -1.72 41.76 36.77
O3 PX2 T . -2.73 42.06 35.70
O4 PX2 T . -0.68 40.59 36.25
C1 PX2 T . 0.70 40.75 36.47
C2 PX2 T . 1.46 39.66 35.74
C3 PX2 T . 0.68 38.35 35.81
O5 PX2 T . 0.15 38.22 37.10
C4 PX2 T . -1.08 37.55 37.15
O6 PX2 T . -2.09 38.18 37.26
C5 PX2 T . -1.15 36.02 37.04
C6 PX2 T . -1.62 35.63 35.65
C7 PX2 T . -1.93 34.12 35.59
C8 PX2 T . -1.03 33.38 34.60
C9 PX2 T . -0.86 31.91 35.01
C10 PX2 T . -2.19 31.16 35.09
C11 PX2 T . -2.48 30.67 36.52
C12 PX2 T . -1.72 29.37 36.81
C13 PX2 T . -2.69 28.19 36.75
C14 PX2 T . -1.89 26.89 36.66
C15 PX2 T . -2.84 25.70 36.72
O7 PX2 T . 1.61 40.03 34.39
C16 PX2 T . 2.81 39.62 33.78
O8 PX2 T . 3.75 40.35 33.77
C17 PX2 T . 2.91 38.25 33.10
C18 PX2 T . 3.31 38.45 31.63
C19 PX2 T . 2.54 37.49 30.73
C20 PX2 T . 2.80 37.84 29.26
C21 PX2 T . 2.03 36.90 28.32
C22 PX2 T . 2.64 35.49 28.30
C23 PX2 T . 1.84 34.52 29.16
C24 PX2 T . 0.76 33.83 28.33
C25 PX2 T . -0.01 32.85 29.22
C26 PX2 T . -0.59 31.73 28.38
C27 PX2 T . -1.49 30.86 29.26
C1 D10 U . -2.38 21.32 37.07
C2 D10 U . -1.64 20.19 36.37
C3 D10 U . -2.27 18.86 36.77
C4 D10 U . -1.53 17.69 36.13
C5 D10 U . -1.51 16.49 37.09
C6 D10 U . -0.70 15.34 36.48
C7 D10 U . -0.36 14.34 37.58
C8 D10 U . 0.59 13.26 37.05
C9 D10 U . -0.12 12.32 36.09
C10 D10 U . 0.75 11.08 35.88
O1 PX2 V . -16.73 7.74 34.52
O2 PX2 V . -14.46 8.69 33.99
P1 PX2 V . -15.87 8.41 33.48
O3 PX2 V . -15.87 7.68 32.16
O4 PX2 V . -16.52 9.85 33.20
C1 PX2 V . -16.08 10.62 32.04
C2 PX2 V . -15.86 12.05 32.46
C3 PX2 V . -14.65 12.24 33.35
O5 PX2 V . -14.40 13.66 33.47
C4 PX2 V . -13.39 14.01 34.25
O6 PX2 V . -13.07 13.39 35.22
C5 PX2 V . -12.72 15.26 33.75
C6 PX2 V . -12.72 16.36 34.74
C7 PX2 V . -14.12 16.80 35.14
C8 PX2 V . -14.16 17.90 36.17
C9 PX2 V . -12.97 18.84 36.09
C10 PX2 V . -12.98 19.94 37.12
C11 PX2 V . -13.72 21.18 36.70
C12 PX2 V . -13.14 21.83 35.46
C13 PX2 V . -13.94 23.00 34.97
C14 PX2 V . -13.54 23.50 33.61
C15 PX2 V . -14.45 24.58 33.09
O7 PX2 V . -15.71 12.90 31.29
C16 PX2 V . -16.76 13.67 30.95
O8 PX2 V . -17.87 13.23 30.80
C17 PX2 V . -16.39 15.12 30.82
C18 PX2 V . -17.16 16.01 31.75
C19 PX2 V . -16.73 17.47 31.67
C20 PX2 V . -15.29 17.70 32.06
C21 PX2 V . -14.88 19.15 32.09
C22 PX2 V . -15.45 19.96 33.24
C23 PX2 V . -16.77 20.62 32.94
C24 PX2 V . -17.32 21.43 34.09
C25 PX2 V . -18.67 22.03 33.82
C26 PX2 V . -19.74 21.03 33.49
C27 PX2 V . -21.10 21.64 33.22
C1 PLM W . -25.69 43.70 27.81
O1 PLM W . -25.26 42.64 28.32
O2 PLM W . -25.79 44.74 28.51
C2 PLM W . -26.06 43.76 26.33
C3 PLM W . -25.12 42.90 25.50
C4 PLM W . -25.55 41.43 25.55
C5 PLM W . -24.32 40.52 25.50
C6 PLM W . -23.60 40.68 24.16
C7 PLM W . -22.68 39.48 23.91
C8 PLM W . -21.89 39.75 22.64
C9 PLM W . -21.11 38.51 22.19
CA PLM W . -22.03 37.45 21.58
CB PLM W . -21.23 36.44 20.78
CC PLM W . -22.21 35.51 20.08
CD PLM W . -21.47 34.37 19.39
CE PLM W . -22.51 33.53 18.63
CF PLM W . -22.43 32.08 19.10
CG PLM W . -23.58 31.29 18.49
CL CL X . 1.49 -4.05 20.61
N ABU Y . 13.58 -26.92 19.05
CD ABU Y . 12.14 -27.13 19.06
CB ABU Y . 11.70 -27.43 20.50
CG ABU Y . 10.25 -27.90 20.50
C ABU Y . 9.84 -28.19 21.93
O ABU Y . 10.29 -27.50 22.88
OXT ABU Y . 9.03 -29.12 22.18
C27 R16 Z . 26.46 12.53 10.12
C28 R16 Z . 25.89 13.94 10.01
C29 R16 Z . 25.66 14.52 11.41
C30 R16 Z . 25.48 16.03 11.36
C31 R16 Z . 24.19 16.41 10.63
C32 R16 Z . 23.97 17.91 10.75
C33 R16 Z . 22.68 18.30 10.03
C34 R16 Z . 22.27 19.74 10.36
C35 R16 Z . 23.34 20.72 9.90
C36 R16 Z . 22.76 22.13 9.78
C37 R16 Z . 22.35 22.69 11.14
C38 R16 Z . 22.02 24.17 10.96
C39 R16 Z . 21.68 24.83 12.29
C40 R16 Z . 21.45 26.32 12.04
C41 R16 Z . 21.21 27.05 13.36
C42 R16 Z . 21.01 28.54 13.08
C1 D10 AA . 30.28 15.27 14.66
C2 D10 AA . 29.22 16.08 13.94
C3 D10 AA . 28.87 17.32 14.75
C4 D10 AA . 27.85 18.16 13.99
C5 D10 AA . 27.57 19.46 14.76
C6 D10 AA . 26.51 20.27 14.02
C7 D10 AA . 26.51 21.70 14.52
C8 D10 AA . 25.41 22.49 13.83
C9 D10 AA . 25.59 24.00 14.05
C10 D10 AA . 25.51 24.35 15.53
C1 HEX BA . 10.98 36.74 26.07
C2 HEX BA . 10.78 35.23 25.99
C3 HEX BA . 9.31 34.86 26.14
C4 HEX BA . 8.68 35.54 27.35
C5 HEX BA . 7.42 34.78 27.78
C6 HEX BA . 6.77 35.48 28.97
C1 HEX CA . 21.82 37.94 14.49
C2 HEX CA . 21.44 39.10 15.38
C3 HEX CA . 21.69 40.46 14.77
C4 HEX CA . 21.18 41.59 15.64
C5 HEX CA . 21.22 42.95 14.99
C6 HEX CA . 20.51 44.01 15.79
C1 PLM DA . 15.64 10.87 26.90
O1 PLM DA . 14.61 11.59 27.01
O2 PLM DA . 15.52 9.65 26.62
C2 PLM DA . 17.03 11.47 27.11
C3 PLM DA . 17.07 12.88 26.53
C4 PLM DA . 18.47 13.46 26.71
C5 PLM DA . 19.26 13.34 25.41
C6 PLM DA . 18.88 14.43 24.42
C7 PLM DA . 19.83 15.62 24.55
C8 PLM DA . 19.46 16.72 23.55
C9 PLM DA . 18.38 17.63 24.15
CA PLM DA . 19.04 18.73 24.97
CB PLM DA . 19.39 19.93 24.08
CC PLM DA . 20.04 21.01 24.94
CD PLM DA . 18.98 21.90 25.60
CE PLM DA . 18.90 23.27 24.92
CF PLM DA . 20.06 24.17 25.37
CG PLM DA . 19.86 25.57 24.79
C27 R16 EA . 10.66 8.00 27.32
C28 R16 EA . 11.05 8.93 28.47
C29 R16 EA . 10.79 10.39 28.08
C30 R16 EA . 11.19 11.31 29.23
C31 R16 EA . 10.70 12.74 28.97
C32 R16 EA . 11.45 13.36 27.81
C33 R16 EA . 11.14 14.86 27.76
C34 R16 EA . 11.90 15.52 26.61
C35 R16 EA . 11.39 16.93 26.36
C36 R16 EA . 12.23 17.61 25.29
C37 R16 EA . 11.65 18.99 25.00
C38 R16 EA . 12.66 19.82 24.20
C39 R16 EA . 13.37 20.85 25.09
C40 R16 EA . 14.10 21.87 24.22
C41 R16 EA . 14.84 22.86 25.11
C42 R16 EA . 15.24 24.09 24.29
C1 PLM FA . 23.40 52.59 -5.22
O1 PLM FA . 23.36 53.53 -4.39
O2 PLM FA . 23.56 52.86 -6.44
C2 PLM FA . 23.25 51.15 -4.77
C3 PLM FA . 21.79 50.72 -4.83
C4 PLM FA . 21.61 49.34 -4.19
C5 PLM FA . 22.24 48.24 -5.04
C6 PLM FA . 21.37 46.98 -5.03
C7 PLM FA . 21.24 46.43 -3.61
C8 PLM FA . 20.90 44.94 -3.62
C9 PLM FA . 19.51 44.70 -4.21
CA PLM FA . 19.11 43.25 -3.96
CB PLM FA . 17.87 42.90 -4.79
CC PLM FA . 17.49 41.44 -4.55
O1 PX2 GA . 7.19 52.23 -7.52
O2 PX2 GA . 5.76 53.05 -9.33
P1 PX2 GA . 7.10 52.44 -9.00
O3 PX2 GA . 8.19 53.37 -9.46
O4 PX2 GA . 7.24 51.00 -9.78
C1 PX2 GA . 8.35 50.75 -10.60
C2 PX2 GA . 8.20 49.38 -11.24
C3 PX2 GA . 6.83 49.23 -11.90
O5 PX2 GA . 6.46 50.32 -12.73
C4 PX2 GA . 7.33 50.71 -13.77
O6 PX2 GA . 7.72 51.83 -13.79
C5 PX2 GA . 7.78 49.74 -14.86
C6 PX2 GA . 6.70 49.64 -15.95
C7 PX2 GA . 5.65 48.59 -15.55
C8 PX2 GA . 5.93 47.27 -16.27
C9 PX2 GA . 5.30 46.13 -15.46
C10 PX2 GA . 5.19 44.86 -16.29
C11 PX2 GA . 3.73 44.38 -16.37
C12 PX2 GA . 3.26 43.85 -15.01
C13 PX2 GA . 2.86 42.38 -15.12
C14 PX2 GA . 4.10 41.49 -15.21
C15 PX2 GA . 3.65 40.03 -15.17
O7 PX2 GA . 9.23 49.16 -12.18
C16 PX2 GA . 9.83 47.88 -12.21
O8 PX2 GA . 10.11 47.29 -11.22
C17 PX2 GA . 10.14 47.23 -13.57
C18 PX2 GA . 9.07 46.21 -13.92
C19 PX2 GA . 9.61 44.79 -13.77
C20 PX2 GA . 8.54 43.82 -14.28
C21 PX2 GA . 9.04 42.37 -14.16
C22 PX2 GA . 8.27 41.49 -15.14
C23 PX2 GA . 8.48 40.02 -14.79
C24 PX2 GA . 7.17 39.43 -14.26
C25 PX2 GA . 7.41 38.05 -13.68
C26 PX2 GA . 6.08 37.29 -13.55
C27 PX2 GA . 5.80 36.47 -14.79
C10 OLC HA . -1.98 20.41 -17.87
C9 OLC HA . -0.92 19.66 -18.20
C11 OLC HA . -2.85 20.34 -16.59
C8 OLC HA . 0.10 18.52 -17.97
C24 OLC HA . 7.32 12.53 -21.40
C12 OLC HA . -2.11 21.02 -15.41
C7 OLC HA . 1.02 18.35 -19.21
C13 OLC HA . -2.81 20.68 -14.08
C6 OLC HA . 1.31 16.84 -19.38
C14 OLC HA . -2.30 21.59 -12.94
C5 OLC HA . 2.28 16.58 -20.57
C4 OLC HA . 3.72 17.05 -20.23
C3 OLC HA . 4.71 16.55 -21.31
C2 OLC HA . 6.09 16.25 -20.66
C21 OLC HA . 8.99 14.34 -22.08
C1 OLC HA . 7.04 15.73 -21.77
C22 OLC HA . 8.75 13.08 -21.23
O19 OLC HA . 6.60 15.53 -22.86
O25 OLC HA . 6.49 13.10 -20.41
O23 OLC HA . 9.64 12.09 -21.64
O20 OLC HA . 8.41 15.49 -21.48
C1 PLM IA . 9.36 19.69 -19.78
O1 PLM IA . 10.51 20.06 -20.12
O2 PLM IA . 8.56 19.23 -20.64
C2 PLM IA . 8.93 19.79 -18.33
C3 PLM IA . 8.53 21.21 -17.99
C4 PLM IA . 7.97 21.24 -16.57
C5 PLM IA . 7.46 22.63 -16.22
C6 PLM IA . 8.61 23.46 -15.67
C7 PLM IA . 8.32 24.95 -15.81
C8 PLM IA . 9.32 25.73 -14.97
C9 PLM IA . 9.04 27.22 -15.06
CA PLM IA . 9.87 27.83 -16.17
CB PLM IA . 9.44 29.27 -16.48
CC PLM IA . 9.87 30.28 -15.41
CD PLM IA . 8.95 31.49 -15.43
CE PLM IA . 7.63 31.19 -14.72
CF PLM IA . 6.47 31.78 -15.51
CG PLM IA . 5.14 31.43 -14.85
C1 PLM JA . 21.30 47.09 13.72
O1 PLM JA . 22.44 47.28 14.19
O2 PLM JA . 20.29 47.11 14.47
C2 PLM JA . 21.12 46.81 12.22
C3 PLM JA . 21.34 45.32 11.94
C4 PLM JA . 20.90 44.99 10.51
C5 PLM JA . 20.89 43.48 10.32
C6 PLM JA . 19.45 42.95 10.23
C7 PLM JA . 18.89 43.17 8.83
C8 PLM JA . 17.39 42.83 8.77
C9 PLM JA . 17.17 41.33 8.72
CA PLM JA . 15.66 41.03 8.68
CB PLM JA . 15.33 39.55 8.52
CC PLM JA . 16.10 38.61 9.46
CD PLM JA . 15.58 37.19 9.32
CE PLM JA . 16.09 36.28 10.45
CF PLM JA . 17.62 36.28 10.54
CG PLM JA . 18.07 35.14 11.46
CL CL KA . 4.97 1.74 -14.54
C1 PIO LA . -6.90 54.65 -10.27
O1 PIO LA . -6.90 53.40 -10.95
P1 PIO LA . -8.27 52.60 -11.40
C2 PIO LA . -7.75 54.60 -9.00
O2 PIO LA . -9.13 54.57 -9.32
C3 PIO LA . -7.50 55.88 -8.19
O3 PIO LA . -8.28 55.81 -7.02
C4 PIO LA . -7.87 57.11 -9.02
O4 PIO LA . -7.53 58.26 -8.31
P4 PIO LA . -8.57 58.80 -7.15
C5 PIO LA . -7.16 57.13 -10.39
O5 PIO LA . -7.68 58.19 -11.15
P5 PIO LA . -6.87 59.63 -11.24
C6 PIO LA . -7.35 55.81 -11.16
O6 PIO LA . -6.55 55.84 -12.31
O11 PIO LA . -9.49 53.44 -11.14
O12 PIO LA . -8.37 51.32 -10.58
O13 PIO LA . -8.16 52.22 -12.99
C1A PIO LA . -8.48 51.42 -15.86
O1A PIO LA . -9.60 51.68 -15.58
C1B PIO LA . -4.42 49.29 -15.71
O1B PIO LA . -3.47 49.83 -16.16
C1C PIO LA . -7.04 51.50 -13.43
C2A PIO LA . -8.13 50.04 -16.39
C2B PIO LA . -4.57 47.77 -15.91
C2C PIO LA . -6.49 52.17 -14.69
O2C PIO LA . -7.48 52.39 -15.67
C3A PIO LA . -9.26 49.54 -17.31
C3B PIO LA . -3.21 47.12 -15.87
C3C PIO LA . -5.32 51.40 -15.31
O3C PIO LA . -5.39 50.02 -15.04
O41 PIO LA . -8.74 57.71 -6.12
O42 PIO LA . -9.90 59.10 -7.79
O43 PIO LA . -8.02 60.04 -6.50
C4A PIO LA . -8.91 48.16 -17.86
C4B PIO LA . -3.34 45.61 -16.10
O51 PIO LA . -5.79 59.73 -10.20
O52 PIO LA . -6.25 59.76 -12.62
O53 PIO LA . -7.85 60.76 -11.04
C5A PIO LA . -9.27 47.07 -16.84
C5B PIO LA . -1.95 44.96 -16.03
C6A PIO LA . -9.24 45.69 -17.50
C6B PIO LA . -2.09 43.44 -16.03
C7A PIO LA . -9.96 44.69 -16.59
C7B PIO LA . -0.74 42.81 -15.70
C8A PIO LA . -9.98 43.32 -17.27
C8B PIO LA . -0.90 41.30 -15.55
CAD PGW MA . -23.98 8.96 -13.21
CAD PGW MA . -25.03 8.43 -13.41
OAE PGW MA . -24.51 10.08 -12.54
OAE PGW MA . -24.69 8.42 -14.76
OAF PGW MA . -23.43 10.12 -15.22
OAF PGW MA . -24.08 9.08 -11.30
P PGW MA . -27.71 10.46 -13.60
P PGW MA . -26.16 11.93 -14.68
C01 PGW MA . -25.42 13.88 -13.58
C01 PGW MA . -24.22 14.33 -11.28
C1 PGW MA . -25.13 13.79 -9.93
C1 PGW MA . -26.02 17.11 -11.91
O01 PGW MA . -25.50 14.24 -11.21
O01 PGW MA . -25.07 16.24 -12.49
C02 PGW MA . -25.56 13.24 -12.20
C02 PGW MA . -25.29 14.87 -12.23
C2 PGW MA . -24.30 14.71 -9.01
C2 PGW MA . -25.67 17.90 -10.64
O02 PGW MA . -25.42 12.71 -9.56
O02 PGW MA . -27.08 17.22 -12.41
C03 PGW MA . -26.89 12.50 -12.13
C03 PGW MA . -25.23 14.11 -13.56
C3 PGW MA . -25.12 15.11 -7.79
C3 PGW MA . -25.73 19.41 -10.92
O03 PGW MA . -24.40 14.88 -13.56
O03 PGW MA . -24.18 15.14 -10.11
C04 PGW MA . -25.70 9.42 -14.97
C04 PGW MA . -24.56 10.82 -12.88
C4 PGW MA . -25.81 16.46 -8.02
C4 PGW MA . -24.48 19.88 -11.67
O04 PGW MA . -25.15 15.89 -15.43
O04 PGW MA . -26.03 14.11 -9.28
C05 PGW MA . -24.23 9.09 -14.72
C05 PGW MA . -24.08 9.38 -12.66
C5 PGW MA . -24.85 17.59 -7.60
C5 PGW MA . -23.57 20.74 -10.78
C06 PGW MA . -24.52 23.48 -3.76
C06 PGW MA . -24.23 26.90 -8.45
C6 PGW MA . -24.96 17.87 -6.09
C6 PGW MA . -24.14 22.15 -10.55
C07 PGW MA . -23.72 22.89 -2.61
C07 PGW MA . -24.49 28.00 -7.42
C7 PGW MA . -25.90 19.06 -5.84
C7 PGW MA . -22.98 23.16 -10.52
C08 PGW MA . -22.30 22.50 -3.04
C08 PGW MA . -25.89 28.60 -7.64
C8 PGW MA . -25.18 20.41 -6.11
C8 PGW MA . -23.46 24.52 -9.96
C09 PGW MA . -21.48 22.15 -1.79
C09 PGW MA . -27.01 27.86 -6.87
C9 PGW MA . -25.16 21.34 -4.86
C9 PGW MA . -22.84 24.83 -8.58
C10 PGW MA . -24.58 22.53 -4.96
C10 PGW MA . -23.19 25.91 -7.89
C11 PGW MA . -20.12 21.56 -2.23
C11 PGW MA . -27.76 26.80 -7.72
O11 PGW MA . -27.21 12.02 -13.41
O11 PGW MA . -26.31 13.20 -13.65
C12 PGW MA . -18.97 22.29 -1.50
C12 PGW MA . -27.56 25.39 -7.16
O12 PGW MA . -26.39 9.46 -13.74
O12 PGW MA . -24.84 11.00 -14.25
C13 PGW MA . -17.68 21.48 -1.65
C13 PGW MA . -28.66 24.47 -7.73
O13 PGW MA . -28.52 10.03 -12.38
O13 PGW MA . -27.41 11.09 -14.64
C14 PGW MA . -16.53 22.22 -0.96
C14 PGW MA . -28.40 23.03 -7.34
O14 PGW MA . -28.56 10.36 -14.83
O14 PGW MA . -25.94 12.46 -16.07
C15 PGW MA . -21.76 25.22 -13.93
C15 PGW MA . -23.79 23.80 -3.76
C16 PGW MA . -20.84 26.40 -13.51
C16 PGW MA . -22.40 23.24 -3.37
C17 PGW MA . -21.63 27.54 -12.87
C17 PGW MA . -22.23 23.27 -1.83
C18 PGW MA . -20.64 28.42 -12.09
C18 PGW MA . -21.36 22.08 -1.37
C19 PGW MA . -24.21 15.52 -14.80
C19 PGW MA . -25.05 14.76 -9.06
C20 PGW MA . -22.77 15.76 -15.33
C20 PGW MA . -24.70 15.19 -7.62
C21 PGW MA . -22.53 17.26 -15.53
C21 PGW MA . -25.70 16.22 -7.08
C22 PGW MA . -22.76 17.98 -14.21
C22 PGW MA . -25.00 17.57 -6.95
C23 PGW MA . -21.93 19.26 -14.14
C23 PGW MA . -25.92 18.63 -6.32
C24 PGW MA . -22.66 20.30 -13.26
C24 PGW MA . -25.11 19.92 -6.10
C25 PGW MA . -21.73 21.49 -12.94
C25 PGW MA . -25.94 20.97 -5.35
C26 PGW MA . -22.35 22.82 -13.48
C26 PGW MA . -25.14 22.30 -5.26
C27 PGW MA . -21.44 23.99 -13.07
C27 PGW MA . -24.84 22.67 -3.79
C28 PGW MA . -21.29 29.77 -11.73
C28 PGW MA . -19.99 22.13 -2.03
C29 PGW MA . -21.65 32.08 -12.59
C29 PGW MA . -17.68 21.17 -1.78
C30 PGW MA . -20.76 30.85 -12.68
C30 PGW MA . -18.92 21.68 -1.02
O1 PX2 NA . -24.02 48.67 -8.63
O2 PX2 NA . -25.09 48.73 -10.84
P1 PX2 NA . -23.80 48.48 -10.10
O3 PX2 NA . -22.76 49.48 -10.58
O4 PX2 NA . -23.26 46.96 -10.42
C1 PX2 NA . -23.26 45.99 -9.41
C2 PX2 NA . -24.66 45.40 -9.22
C3 PX2 NA . -25.35 45.30 -10.57
O5 PX2 NA . -24.46 44.88 -11.56
C4 PX2 NA . -24.59 43.52 -11.93
O6 PX2 NA . -25.58 43.15 -12.46
C5 PX2 NA . -23.43 42.55 -11.69
C6 PX2 NA . -23.95 41.16 -11.35
C7 PX2 NA . -22.77 40.19 -11.38
C8 PX2 NA . -23.03 38.96 -10.49
C9 PX2 NA . -22.54 37.69 -11.21
C10 PX2 NA . -23.53 37.22 -12.28
C11 PX2 NA . -23.01 37.39 -13.72
C12 PX2 NA . -23.68 36.38 -14.65
C13 PX2 NA . -22.83 35.11 -14.69
C14 PX2 NA . -23.62 33.99 -15.39
C15 PX2 NA . -22.63 32.96 -15.94
O7 PX2 NA . -24.55 44.12 -8.67
C16 PX2 NA . -25.63 43.74 -7.86
O8 PX2 NA . -26.63 43.32 -8.36
C17 PX2 NA . -25.55 43.84 -6.33
C18 PX2 NA . -25.28 42.44 -5.76
C19 PX2 NA . -24.32 42.53 -4.57
C20 PX2 NA . -24.00 41.12 -4.06
C21 PX2 NA . -22.76 41.14 -3.17
C22 PX2 NA . -22.18 39.74 -2.99
C23 PX2 NA . -21.28 39.38 -4.18
C24 PX2 NA . -21.35 37.88 -4.46
C25 PX2 NA . -20.48 37.54 -5.66
C26 PX2 NA . -20.79 36.14 -6.16
C27 PX2 NA . -19.87 35.80 -7.33
C1 PLM OA . 2.38 53.03 -14.14
O1 PLM OA . 1.77 54.04 -13.68
O2 PLM OA . 3.22 52.42 -13.42
C2 PLM OA . 2.10 52.57 -15.57
C3 PLM OA . 2.36 51.06 -15.71
C4 PLM OA . 1.41 50.26 -14.82
C5 PLM OA . 1.50 48.78 -15.19
C6 PLM OA . 0.58 47.96 -14.28
C7 PLM OA . 1.35 47.46 -13.07
C8 PLM OA . 0.41 46.93 -11.99
C9 PLM OA . 0.06 45.46 -12.22
CA PLM OA . 1.00 44.59 -11.38
CB PLM OA . 0.71 43.12 -11.62
CC PLM OA . 1.75 42.27 -10.90
CD PLM OA . 1.55 40.79 -11.25
CE PLM OA . 2.70 39.99 -10.66
CF PLM OA . 2.67 38.57 -11.21
CG PLM OA . 3.90 37.80 -10.73
C1 HEX PA . -6.41 43.54 -14.85
C2 HEX PA . -6.97 42.13 -14.91
C3 HEX PA . -5.84 41.12 -14.67
C4 HEX PA . -6.16 39.80 -15.39
C5 HEX PA . -5.04 38.80 -15.15
C6 HEX PA . -5.03 37.77 -16.28
C1 D10 QA . -2.05 31.56 -14.41
C2 D10 QA . -1.31 30.22 -14.43
C3 D10 QA . -2.29 29.09 -14.71
C4 D10 QA . -1.53 27.77 -14.78
C5 D10 QA . -2.51 26.63 -15.02
C6 D10 QA . -1.83 25.26 -14.80
C7 D10 QA . -0.62 25.01 -15.70
C8 D10 QA . -0.98 25.10 -17.19
C9 D10 QA . 0.14 24.53 -18.04
C10 D10 QA . -0.30 24.47 -19.50
C1 D10 RA . -23.91 29.09 -16.40
C2 D10 RA . -23.60 28.04 -17.45
C3 D10 RA . -23.46 26.67 -16.78
C4 D10 RA . -23.47 25.56 -17.83
C5 D10 RA . -23.48 24.19 -17.16
C6 D10 RA . -23.97 23.13 -18.15
C7 D10 RA . -24.07 21.78 -17.44
C8 D10 RA . -24.88 20.82 -18.31
C9 D10 RA . -24.99 19.46 -17.62
C10 D10 RA . -26.41 18.93 -17.77
O1 PX2 SA . -6.96 18.96 -24.07
O2 PX2 SA . -8.44 20.15 -25.74
P1 PX2 SA . -8.38 19.35 -24.45
O3 PX2 SA . -9.33 18.17 -24.45
O4 PX2 SA . -8.90 20.34 -23.29
C1 PX2 SA . -8.17 21.57 -23.05
C2 PX2 SA . -8.82 22.30 -21.89
C3 PX2 SA . -8.02 23.48 -21.39
O5 PX2 SA . -8.66 24.70 -21.80
C4 PX2 SA . -8.23 25.27 -22.92
O6 PX2 SA . -7.74 24.66 -23.83
C5 PX2 SA . -8.43 26.76 -22.89
C6 PX2 SA . -9.04 27.25 -21.62
C7 PX2 SA . -9.05 28.76 -21.53
C8 PX2 SA . -9.40 29.31 -20.17
C9 PX2 SA . -9.02 30.75 -19.98
C10 PX2 SA . -9.32 31.30 -18.61
C11 PX2 SA . -8.83 32.72 -18.41
C12 PX2 SA . -9.34 33.38 -17.16
C13 PX2 SA . -8.86 34.80 -16.98
C14 PX2 SA . -9.60 35.57 -15.92
C15 PX2 SA . -11.06 35.77 -16.21
O7 PX2 SA . -10.14 22.71 -22.29
C16 PX2 SA . -11.15 22.49 -21.43
O8 PX2 SA . -10.98 21.93 -20.38
C17 PX2 SA . -12.49 23.01 -21.89
C18 PX2 SA . -12.43 23.82 -23.14
C19 PX2 SA . -11.86 25.22 -22.91
C20 PX2 SA . -11.83 26.08 -24.14
C21 PX2 SA . -13.00 27.02 -24.26
C22 PX2 SA . -13.11 28.03 -23.15
C23 PX2 SA . -14.23 29.02 -23.33
C24 PX2 SA . -14.16 30.20 -22.39
C25 PX2 SA . -12.88 30.98 -22.49
C26 PX2 SA . -12.74 32.08 -21.46
C27 PX2 SA . -12.78 31.57 -20.04
CL CL TA . -16.48 -0.42 -9.83
C1 D10 UA . -15.40 18.27 18.89
C2 D10 UA . -16.69 17.53 19.20
C3 D10 UA . -17.03 17.62 20.70
C4 D10 UA . -17.62 18.99 21.05
C5 D10 UA . -17.92 19.01 22.55
C6 D10 UA . -18.80 20.21 22.93
C7 D10 UA . -18.12 21.54 22.62
C8 D10 UA . -18.93 22.67 23.25
C9 D10 UA . -18.52 24.01 22.63
C10 D10 UA . -19.21 25.14 23.40
C27 R16 VA . -29.96 8.86 17.00
C28 R16 VA . -29.61 10.32 17.20
C29 R16 VA . -30.18 11.14 16.04
C30 R16 VA . -30.23 12.62 16.40
C31 R16 VA . -28.83 13.22 16.50
C32 R16 VA . -28.97 14.73 16.63
C33 R16 VA . -27.60 15.39 16.82
C34 R16 VA . -27.70 16.88 16.50
C35 R16 VA . -28.65 17.57 17.48
C36 R16 VA . -28.15 18.95 17.87
C37 R16 VA . -28.11 19.90 16.68
C38 R16 VA . -28.28 21.31 17.23
C39 R16 VA . -28.05 22.37 16.16
C40 R16 VA . -28.28 23.75 16.81
C41 R16 VA . -28.04 24.85 15.80
C42 R16 VA . -28.40 26.19 16.43
C1 D10 WA . -33.66 12.30 17.90
C2 D10 WA . -34.76 12.96 17.07
C3 D10 WA . -34.18 14.05 16.16
C4 D10 WA . -33.69 15.25 16.97
C5 D10 WA . -33.55 16.46 16.05
C6 D10 WA . -32.98 17.65 16.83
C7 D10 WA . -33.14 18.92 15.99
C8 D10 WA . -32.39 20.08 16.65
C9 D10 WA . -33.39 21.17 17.04
C10 D10 WA . -32.63 22.33 17.68
C1 PLM XA . -32.15 12.40 -2.08
O1 PLM XA . -32.65 12.71 -3.19
O2 PLM XA . -31.05 11.80 -2.04
C2 PLM XA . -32.87 12.75 -0.78
C3 PLM XA . -33.53 14.13 -0.92
C4 PLM XA . -34.32 14.47 0.35
C5 PLM XA . -33.45 15.23 1.35
C6 PLM XA . -34.34 15.70 2.50
C7 PLM XA . -33.56 15.78 3.82
C8 PLM XA . -32.24 16.56 3.75
C9 PLM XA . -32.36 17.97 3.16
CA PLM XA . -33.16 18.86 4.11
CB PLM XA . -33.17 20.29 3.56
CC PLM XA . -33.96 21.17 4.53
CD PLM XA . -33.94 22.62 4.03
CE PLM XA . -34.68 23.51 5.02
CF PLM XA . -34.28 24.96 4.80
CG PLM XA . -34.97 25.85 5.83
CAD PGW YA . -25.68 3.81 19.35
OAE PGW YA . -24.90 4.77 18.71
OAF PGW YA . -27.11 4.70 17.66
P PGW YA . -29.12 6.56 20.61
C01 PGW YA . -25.63 8.59 21.66
C1 PGW YA . -26.69 11.68 20.12
O01 PGW YA . -26.01 10.45 20.18
C02 PGW YA . -26.66 9.47 20.97
C2 PGW YA . -26.02 12.96 20.64
O02 PGW YA . -27.78 11.74 19.67
C03 PGW YA . -27.57 8.63 20.08
C3 PGW YA . -27.00 13.72 21.55
O03 PGW YA . -24.41 8.62 20.93
C04 PGW YA . -28.12 4.25 19.78
C4 PGW YA . -26.24 14.59 22.54
O04 PGW YA . -23.42 7.51 22.64
C05 PGW YA . -27.08 3.81 18.73
C5 PGW YA . -27.00 15.91 22.77
C6 PGW YA . -26.65 16.50 24.15
C7 PGW YA . -27.57 17.70 24.44
O11 PGW YA . -28.60 8.10 20.86
O12 PGW YA . -27.84 5.58 20.17
O13 PGW YA . -30.16 6.55 19.52
O14 PGW YA . -29.72 6.02 21.88
C19 PGW YA . -23.28 8.17 21.66
C20 PGW YA . -21.85 8.55 21.18
C21 PGW YA . -21.34 9.75 22.01
C22 PGW YA . -22.16 10.99 21.65
C23 PGW YA . -21.50 12.24 22.25
C24 PGW YA . -22.17 13.50 21.68
C25 PGW YA . -21.50 14.77 22.26
C26 PGW YA . -22.60 15.78 22.69
C1 HEX ZA . -25.96 38.32 -1.76
C2 HEX ZA . -25.54 37.35 -0.66
C3 HEX ZA . -26.56 37.39 0.48
C4 HEX ZA . -26.14 36.40 1.57
C5 HEX ZA . -27.28 36.18 2.59
C6 HEX ZA . -27.67 37.48 3.27
C1 PLM AB . -29.43 14.68 -5.60
O1 PLM AB . -28.90 13.61 -5.19
O2 PLM AB . -29.45 14.95 -6.82
C2 PLM AB . -30.08 15.63 -4.60
C3 PLM AB . -29.04 16.60 -4.05
C4 PLM AB . -29.74 17.65 -3.19
C5 PLM AB . -28.74 18.69 -2.67
C6 PLM AB . -29.50 19.86 -2.07
C7 PLM AB . -28.55 20.95 -1.59
C8 PLM AB . -28.02 20.64 -0.19
C9 PLM AB . -28.99 21.13 0.88
CA PLM AB . -28.81 22.61 1.20
CB PLM AB . -29.61 22.99 2.45
CC PLM AB . -29.06 24.23 3.14
CD PLM AB . -29.56 25.51 2.45
CE PLM AB . -30.81 26.03 3.17
CF PLM AB . -31.21 27.37 2.55
CG PLM AB . -32.39 27.94 3.34
C1 HEX BB . -27.47 38.52 23.43
C2 HEX BB . -28.40 39.72 23.26
C3 HEX BB . -28.10 40.42 21.93
C4 HEX BB . -28.85 41.75 21.86
C5 HEX BB . -28.61 42.39 20.50
C6 HEX BB . -29.41 43.69 20.41
N ABU CB . -25.67 -24.60 -9.12
CD ABU CB . -24.49 -24.39 -9.94
CB ABU CB . -24.89 -24.36 -11.41
CG ABU CB . -23.64 -24.38 -12.29
C ABU CB . -24.07 -24.29 -13.75
O ABU CB . -24.21 -23.17 -14.30
OXT ABU CB . -24.28 -25.34 -14.40
CAD PGW DB . 23.74 7.39 1.68
OAE PGW DB . 23.50 6.89 0.37
OAF PGW DB . 25.41 5.69 2.02
P PGW DB . 24.10 9.56 4.57
C01 PGW DB . 24.69 13.78 1.74
C1 PGW DB . 22.70 14.79 3.31
O01 PGW DB . 23.13 13.54 3.55
C02 PGW DB . 24.47 13.19 3.11
C2 PGW DB . 21.36 14.81 2.64
O02 PGW DB . 23.33 15.77 3.62
C03 PGW DB . 24.57 11.68 3.11
C3 PGW DB . 21.40 15.37 1.26
O03 PGW DB . 23.81 13.10 0.82
C04 PGW DB . 25.43 7.52 3.56
C4 PGW DB . 21.92 16.80 1.24
O04 PGW DB . 24.43 12.34 -1.18
C05 PGW DB . 25.15 7.09 2.14
C5 PGW DB . 20.89 17.83 1.62
C06 PGW DB . 18.89 23.22 0.95
C6 PGW DB . 21.38 19.24 1.51
C07 PGW DB . 17.86 24.25 0.66
C7 PGW DB . 20.25 20.28 1.45
C08 PGW DB . 16.69 24.26 1.64
C8 PGW DB . 19.54 20.34 0.13
C09 PGW DB . 15.72 23.13 1.42
C9 PGW DB . 19.88 21.58 -0.66
C10 PGW DB . 19.70 22.80 -0.24
C11 PGW DB . 14.93 22.75 2.66
O11 PGW DB . 24.33 11.15 4.43
C12 PGW DB . 13.90 21.69 2.42
O12 PGW DB . 25.27 8.96 3.66
C13 PGW DB . 14.39 20.51 1.62
O13 PGW DB . 24.34 9.15 6.00
C14 PGW DB . 15.64 19.87 2.17
O14 PGW DB . 22.79 9.25 3.90
C15 PGW DB . 22.84 22.44 -4.54
C16 PGW DB . 22.01 23.57 -4.00
C17 PGW DB . 22.09 24.83 -4.82
C18 PGW DB . 21.09 25.90 -4.43
C19 PGW DB . 24.09 13.24 -0.46
C20 PGW DB . 23.94 14.68 -0.89
C21 PGW DB . 25.22 15.28 -1.37
C22 PGW DB . 24.99 16.56 -2.15
C23 PGW DB . 24.10 17.55 -1.46
C24 PGW DB . 23.96 18.86 -2.19
C25 PGW DB . 23.45 18.72 -3.60
C26 PGW DB . 23.48 20.00 -4.40
C27 PGW DB . 22.71 21.14 -3.79
C28 PGW DB . 21.08 27.10 -5.35
C29 PGW DB . 20.07 29.36 -5.86
C30 PGW DB . 20.16 28.20 -4.90
C1 CLR EB . 24.30 19.73 -12.59
C2 CLR EB . 24.44 18.23 -12.86
C3 CLR EB . 25.07 17.54 -11.67
C4 CLR EB . 24.22 17.77 -10.44
C5 CLR EB . 23.96 19.23 -10.18
C6 CLR EB . 24.18 19.75 -8.98
C7 CLR EB . 23.96 21.19 -8.61
C8 CLR EB . 23.06 21.91 -9.62
C9 CLR EB . 23.51 21.57 -11.05
C10 CLR EB . 23.42 20.04 -11.36
C11 CLR EB . 22.81 22.45 -12.10
C12 CLR EB . 22.83 23.94 -11.78
C13 CLR EB . 22.28 24.26 -10.38
C14 CLR EB . 23.14 23.43 -9.40
C15 CLR EB . 22.80 24.01 -8.03
C16 CLR EB . 22.55 25.50 -8.29
C17 CLR EB . 22.59 25.69 -9.83
C18 CLR EB . 20.78 23.94 -10.30
C19 CLR EB . 21.99 19.58 -11.65
C20 CLR EB . 21.73 26.88 -10.29
C21 CLR EB . 21.63 27.00 -11.82
C22 CLR EB . 22.22 28.21 -9.70
C23 CLR EB . 21.17 29.32 -9.63
C24 CLR EB . 21.77 30.70 -9.47
C25 CLR EB . 20.79 31.86 -9.39
C26 CLR EB . 21.52 33.18 -9.45
C27 CLR EB . 19.93 31.79 -8.15
O1 CLR EB . 25.18 16.14 -11.93
C1 D10 FB . 25.22 24.92 -25.30
C2 D10 FB . 25.21 24.44 -23.85
C3 D10 FB . 24.69 25.56 -22.95
C4 D10 FB . 24.69 25.09 -21.50
C5 D10 FB . 23.83 26.02 -20.62
C6 D10 FB . 24.39 27.44 -20.66
C7 D10 FB . 23.87 28.30 -19.49
C8 D10 FB . 24.64 29.63 -19.50
C9 D10 FB . 24.35 30.50 -18.28
C10 D10 FB . 22.88 30.88 -18.20
CAD PGW GB . 18.65 54.84 -13.65
OAE PGW GB . 18.65 53.66 -14.40
OAF PGW GB . 20.01 56.73 -13.12
P PGW GB . 19.93 54.64 -17.47
C01 PGW GB . 23.04 51.65 -20.07
C1 PGW GB . 19.99 50.67 -19.71
O01 PGW GB . 20.65 51.68 -20.46
C02 PGW GB . 21.71 52.39 -19.84
C2 PGW GB . 20.61 49.28 -19.57
O02 PGW GB . 18.95 50.91 -19.20
C03 PGW GB . 21.46 52.68 -18.36
C3 PGW GB . 19.57 48.20 -19.92
O03 PGW GB . 23.24 50.60 -19.12
C04 PGW GB . 20.64 55.45 -15.04
C4 PGW GB . 20.21 46.81 -19.77
O04 PGW GB . 25.29 50.16 -20.00
C05 PGW GB . 20.06 55.43 -13.62
C5 PGW GB . 19.24 45.86 -19.06
C06 PGW GB . 19.17 39.01 -18.07
C6 PGW GB . 19.76 44.42 -19.16
C07 PGW GB . 19.57 38.80 -19.53
C7 PGW GB . 18.89 43.51 -18.28
C08 PGW GB . 20.65 37.71 -19.64
C8 PGW GB . 19.11 42.02 -18.59
C09 PGW GB . 20.14 36.56 -20.51
C9 PGW GB . 17.87 41.19 -18.17
C10 PGW GB . 17.91 39.87 -17.95
C11 PGW GB . 21.12 35.37 -20.38
O11 PGW GB . 20.16 53.17 -18.18
C12 PGW GB . 20.61 34.19 -21.21
O12 PGW GB . 20.02 54.45 -15.82
C13 PGW GB . 21.79 33.34 -21.70
O13 PGW GB . 21.00 55.61 -17.93
C14 PGW GB . 21.30 32.25 -22.64
O14 PGW GB . 18.57 55.17 -17.85
C15 PGW GB . 22.43 40.96 -23.94
C16 PGW GB . 21.87 39.53 -24.12
C17 PGW GB . 22.84 38.73 -25.02
C18 PGW GB . 22.39 37.26 -25.11
C19 PGW GB . 24.34 49.76 -19.40
C20 PGW GB . 24.31 48.30 -18.90
C21 PGW GB . 24.51 47.32 -20.08
C22 PGW GB . 23.64 46.06 -19.94
C23 PGW GB . 24.42 44.77 -20.28
C24 PGW GB . 23.65 43.53 -19.77
C25 PGW GB . 22.50 43.13 -20.72
C26 PGW GB . 23.03 42.16 -21.80
C27 PGW GB . 21.86 41.66 -22.67
C28 PGW GB . 23.36 36.51 -26.05
C29 PGW GB . 24.35 34.26 -26.51
C30 PGW GB . 23.72 35.16 -25.43
CL CL HB . 25.51 14.23 -10.58
#